data_7KQ3
#
_entry.id   7KQ3
#
_cell.length_a   130.954
_cell.length_b   163.754
_cell.length_c   181.651
_cell.angle_alpha   90.000
_cell.angle_beta   90.000
_cell.angle_gamma   90.000
#
_symmetry.space_group_name_H-M   'P 21 21 21'
#
loop_
_entity.id
_entity.type
_entity.pdbx_description
1 polymer 'Isethionate sulfite-lyase'
2 non-polymer '2-hydroxyethylsulfonic acid'
3 water water
#
_entity_poly.entity_id   1
_entity_poly.type   'polypeptide(L)'
_entity_poly.pdbx_seq_one_letter_code
;MTQVAEIKSPHEQRLEDNIAGKEDIYRESHKRVFKLLERFDGQKPAIDVERALYFTQSMAETVGQPLVLRWAKALMNVAK
NITVMVQDDQLLLGRCGGHDGRYGILYPELDGDFLDIAVRDLPTRPQSPASISPEDAKIVVEQIAPFWKGRTYHEALNKA
LPAEVHKLTYDDPDGLISRFIVNETSSFRSSIQWVHDYEVVLKRGFNGLKQEMEEKLAALDPASPVDQVDKRPFIEATIL
VCDAIVLWAKRHADAARKAAEACADPVRKAELIRMAENAEHVPANPARDFYEAVQSQYFTQMFSRLEQKTGTTISNGRMD
QYFYPFYKKDMEAGILTDEKTLEYLECMWVGMAEFIDMYISPAGGAFNEGYAHWEAVTIGGQTPDGRDATNDLTYLFLKS
KREFPLHYPDLAARIHSRAPERYLWDVAETIKFGSGFPKLCNDEECIPLYVSKGATFEEALDYAVSGCIEIRMPNRDTYT
SGGAYTNFASAVEMALYDGKMKKYGDVQLGIQTGDARKFKSWDEFWNAYVQQHMLLLRTTFIQQYIVIQTRAKHFAQPMG
SVLHALCRKHCIDLHQPQIPEGLNFGYFEFMGLGTVIDSLAAIKKLVFEDKKLTMDQLIDALEANFEGYEDIQQLLRTAP
CYGNDDEYADEIGRELDRMAVSFAAKYGKEMGINNDARYVPFTSHVPFGKVVSATPNGRVAWFPLADGSSPSHGADHNGP
TAILLSNHNTKNYGMRARAARLINVKFTPKCVEGDAGTEKLVQFIRTWCDLKLWHIQFNVINADTLKKAQKDPQKYRNLI
VRIAGYSAYFVDLTPDLQNDLIARTGHDQM
;
_entity_poly.pdbx_strand_id   A,B,C,D
#
# COMPACT_ATOMS: atom_id res chain seq x y z
N GLU A 6 51.54 -42.72 -7.32
CA GLU A 6 52.83 -42.79 -6.66
C GLU A 6 52.70 -42.91 -5.14
N ILE A 7 52.19 -41.87 -4.50
CA ILE A 7 51.98 -41.87 -3.05
C ILE A 7 50.49 -42.01 -2.78
N LYS A 8 50.17 -42.59 -1.63
CA LYS A 8 48.78 -42.83 -1.24
C LYS A 8 48.34 -41.80 -0.22
N SER A 9 47.05 -41.44 -0.30
CA SER A 9 46.46 -40.55 0.68
C SER A 9 46.23 -41.30 1.99
N PRO A 10 46.04 -40.57 3.09
CA PRO A 10 45.70 -41.24 4.35
C PRO A 10 44.52 -42.19 4.23
N HIS A 11 43.50 -41.86 3.42
CA HIS A 11 42.37 -42.75 3.25
C HIS A 11 42.77 -44.03 2.54
N GLU A 12 43.58 -43.92 1.48
CA GLU A 12 44.04 -45.11 0.76
C GLU A 12 44.90 -46.00 1.65
N GLN A 13 45.72 -45.38 2.52
CA GLN A 13 46.55 -46.16 3.44
C GLN A 13 45.69 -46.86 4.50
N ARG A 14 44.69 -46.16 5.03
CA ARG A 14 43.75 -46.79 5.95
C ARG A 14 42.95 -47.89 5.25
N LEU A 15 42.74 -47.75 3.94
CA LEU A 15 42.04 -48.79 3.18
C LEU A 15 42.89 -50.04 3.05
N GLU A 16 44.19 -49.87 2.81
CA GLU A 16 45.08 -51.02 2.67
C GLU A 16 45.26 -51.74 4.00
N ASP A 17 45.34 -50.98 5.11
CA ASP A 17 45.44 -51.61 6.41
C ASP A 17 44.18 -52.40 6.76
N ASN A 18 43.02 -51.87 6.41
CA ASN A 18 41.77 -52.59 6.68
C ASN A 18 41.71 -53.87 5.88
N ILE A 19 42.06 -53.81 4.59
CA ILE A 19 42.04 -54.99 3.73
C ILE A 19 43.05 -56.02 4.21
N ALA A 20 44.22 -55.57 4.65
CA ALA A 20 45.26 -56.47 5.17
C ALA A 20 44.92 -57.04 6.54
N GLY A 21 43.81 -56.66 7.14
CA GLY A 21 43.41 -57.17 8.44
C GLY A 21 43.97 -56.44 9.65
N LYS A 22 44.65 -55.32 9.46
CA LYS A 22 45.19 -54.57 10.59
C LYS A 22 44.10 -53.75 11.28
N GLU A 23 44.31 -53.49 12.56
CA GLU A 23 43.45 -52.57 13.28
C GLU A 23 43.68 -51.15 12.79
N ASP A 24 42.60 -50.39 12.64
CA ASP A 24 42.75 -48.99 12.21
C ASP A 24 43.51 -48.20 13.25
N ILE A 25 44.41 -47.32 12.78
CA ILE A 25 45.30 -46.62 13.69
C ILE A 25 44.55 -45.68 14.63
N TYR A 26 43.32 -45.32 14.29
CA TYR A 26 42.53 -44.42 15.12
C TYR A 26 41.50 -45.14 15.97
N ARG A 27 41.52 -46.48 16.00
CA ARG A 27 40.49 -47.20 16.73
C ARG A 27 40.65 -47.05 18.24
N GLU A 28 41.87 -47.07 18.74
CA GLU A 28 42.08 -47.11 20.18
C GLU A 28 41.63 -45.81 20.86
N SER A 29 41.87 -44.67 20.23
CA SER A 29 41.46 -43.38 20.78
C SER A 29 40.02 -43.00 20.43
N HIS A 30 39.29 -43.88 19.75
CA HIS A 30 37.86 -43.72 19.46
C HIS A 30 37.15 -45.05 19.69
N LYS A 31 37.49 -45.73 20.78
CA LYS A 31 37.13 -47.15 20.92
C LYS A 31 35.62 -47.35 21.01
N ARG A 32 34.92 -46.50 21.75
CA ARG A 32 33.48 -46.70 21.93
C ARG A 32 32.74 -46.59 20.60
N VAL A 33 33.01 -45.52 19.84
CA VAL A 33 32.26 -45.29 18.61
C VAL A 33 32.67 -46.30 17.54
N PHE A 34 33.94 -46.74 17.53
CA PHE A 34 34.33 -47.82 16.64
C PHE A 34 33.54 -49.09 16.94
N LYS A 35 33.37 -49.40 18.22
CA LYS A 35 32.54 -50.53 18.60
C LYS A 35 31.12 -50.37 18.08
N LEU A 36 30.60 -49.14 18.10
CA LEU A 36 29.23 -48.89 17.64
C LEU A 36 29.09 -49.08 16.14
N LEU A 37 29.98 -48.45 15.37
CA LEU A 37 29.81 -48.45 13.91
C LEU A 37 30.15 -49.81 13.31
N GLU A 38 30.97 -50.63 13.99
CA GLU A 38 31.28 -51.95 13.47
C GLU A 38 30.04 -52.84 13.41
N ARG A 39 28.96 -52.49 14.13
CA ARG A 39 27.78 -53.33 14.18
C ARG A 39 26.88 -53.17 12.95
N PHE A 40 27.13 -52.18 12.11
CA PHE A 40 26.23 -51.95 10.97
C PHE A 40 26.96 -51.46 9.73
N ASP A 41 28.28 -51.28 9.76
CA ASP A 41 28.97 -50.65 8.65
C ASP A 41 28.78 -51.45 7.36
N GLY A 42 28.19 -50.81 6.35
CA GLY A 42 27.95 -51.44 5.07
C GLY A 42 26.84 -52.47 5.04
N GLN A 43 25.85 -52.34 5.91
CA GLN A 43 24.69 -53.23 5.94
C GLN A 43 23.55 -52.63 5.14
N LYS A 44 22.91 -53.44 4.31
CA LYS A 44 21.76 -52.97 3.55
C LYS A 44 20.65 -52.50 4.49
N PRO A 45 20.26 -51.24 4.45
CA PRO A 45 19.28 -50.74 5.42
C PRO A 45 17.91 -51.36 5.22
N ALA A 46 17.16 -51.43 6.31
CA ALA A 46 15.83 -52.01 6.33
C ALA A 46 14.76 -50.94 6.43
N ILE A 47 13.64 -51.14 5.74
CA ILE A 47 12.51 -50.24 5.82
C ILE A 47 11.78 -50.49 7.14
N ASP A 48 11.52 -49.41 7.87
CA ASP A 48 10.75 -49.43 9.11
C ASP A 48 9.42 -48.72 8.87
N VAL A 49 8.33 -49.31 9.38
CA VAL A 49 6.99 -48.83 9.07
C VAL A 49 6.33 -48.13 10.25
N GLU A 50 7.02 -48.01 11.38
CA GLU A 50 6.34 -47.57 12.60
C GLU A 50 5.87 -46.13 12.48
N ARG A 51 6.76 -45.22 12.07
CA ARG A 51 6.37 -43.82 11.94
C ARG A 51 5.17 -43.67 11.01
N ALA A 52 5.23 -44.31 9.84
CA ALA A 52 4.16 -44.16 8.86
C ALA A 52 2.85 -44.76 9.37
N LEU A 53 2.93 -45.87 10.11
CA LEU A 53 1.73 -46.53 10.61
C LEU A 53 0.99 -45.64 11.60
N TYR A 54 1.69 -45.16 12.62
CA TYR A 54 1.03 -44.35 13.63
C TYR A 54 0.66 -42.98 13.08
N PHE A 55 1.46 -42.46 12.14
CA PHE A 55 1.08 -41.23 11.45
C PHE A 55 -0.22 -41.44 10.67
N THR A 56 -0.33 -42.57 9.96
CA THR A 56 -1.52 -42.85 9.17
C THR A 56 -2.74 -43.09 10.06
N GLN A 57 -2.54 -43.79 11.19
CA GLN A 57 -3.66 -44.06 12.08
C GLN A 57 -4.33 -42.78 12.55
N SER A 58 -3.54 -41.76 12.84
CA SER A 58 -4.10 -40.48 13.29
C SER A 58 -4.72 -39.72 12.12
N MET A 59 -3.99 -39.59 11.00
CA MET A 59 -4.50 -38.81 9.86
C MET A 59 -5.82 -39.35 9.36
N ALA A 60 -6.03 -40.66 9.41
CA ALA A 60 -7.29 -41.23 8.94
C ALA A 60 -8.48 -40.79 9.78
N GLU A 61 -8.26 -40.41 11.04
CA GLU A 61 -9.33 -40.01 11.93
C GLU A 61 -9.49 -38.49 12.05
N THR A 62 -8.65 -37.71 11.38
CA THR A 62 -8.72 -36.24 11.51
C THR A 62 -8.95 -35.55 10.18
N VAL A 63 -9.37 -36.29 9.14
CA VAL A 63 -9.59 -35.70 7.83
C VAL A 63 -10.54 -34.51 7.94
N GLY A 64 -10.19 -33.42 7.25
CA GLY A 64 -11.01 -32.23 7.20
C GLY A 64 -10.61 -31.14 8.17
N GLN A 65 -9.89 -31.48 9.23
CA GLN A 65 -9.44 -30.53 10.22
C GLN A 65 -8.27 -29.72 9.65
N PRO A 66 -7.90 -28.61 10.30
CA PRO A 66 -6.74 -27.85 9.82
C PRO A 66 -5.50 -28.72 9.76
N LEU A 67 -4.75 -28.58 8.66
CA LEU A 67 -3.68 -29.52 8.35
C LEU A 67 -2.59 -29.51 9.42
N VAL A 68 -2.23 -28.31 9.91
CA VAL A 68 -1.14 -28.23 10.88
C VAL A 68 -1.53 -28.85 12.21
N LEU A 69 -2.82 -28.78 12.58
CA LEU A 69 -3.28 -29.44 13.80
C LEU A 69 -3.30 -30.95 13.61
N ARG A 70 -3.69 -31.43 12.43
CA ARG A 70 -3.62 -32.86 12.13
C ARG A 70 -2.20 -33.37 12.27
N TRP A 71 -1.22 -32.59 11.81
CA TRP A 71 0.17 -33.00 11.88
C TRP A 71 0.61 -33.19 13.34
N ALA A 72 0.25 -32.24 14.20
CA ALA A 72 0.62 -32.33 15.62
C ALA A 72 -0.05 -33.52 16.29
N LYS A 73 -1.36 -33.72 16.04
CA LYS A 73 -2.03 -34.88 16.61
C LYS A 73 -1.41 -36.19 16.12
N ALA A 74 -1.00 -36.23 14.84
CA ALA A 74 -0.38 -37.44 14.32
C ALA A 74 0.99 -37.68 14.94
N LEU A 75 1.77 -36.61 15.12
CA LEU A 75 3.08 -36.75 15.76
C LEU A 75 2.95 -37.17 17.22
N MET A 76 1.90 -36.73 17.90
CA MET A 76 1.66 -37.21 19.27
C MET A 76 1.34 -38.71 19.26
N ASN A 77 0.58 -39.17 18.27
CA ASN A 77 0.33 -40.60 18.15
C ASN A 77 1.62 -41.35 17.85
N VAL A 78 2.51 -40.75 17.06
CA VAL A 78 3.81 -41.35 16.81
C VAL A 78 4.62 -41.40 18.11
N ALA A 79 4.63 -40.29 18.86
CA ALA A 79 5.46 -40.22 20.06
C ALA A 79 5.01 -41.21 21.12
N LYS A 80 3.71 -41.48 21.21
CA LYS A 80 3.21 -42.38 22.24
C LYS A 80 3.48 -43.84 21.93
N ASN A 81 3.57 -44.20 20.64
CA ASN A 81 3.55 -45.60 20.25
C ASN A 81 4.83 -46.11 19.61
N ILE A 82 5.69 -45.23 19.08
CA ILE A 82 6.87 -45.70 18.36
C ILE A 82 7.80 -46.43 19.31
N THR A 83 8.56 -47.37 18.76
CA THR A 83 9.51 -48.12 19.58
C THR A 83 10.58 -47.21 20.13
N VAL A 84 10.79 -47.30 21.44
CA VAL A 84 11.85 -46.59 22.14
C VAL A 84 12.84 -47.65 22.62
N MET A 85 14.12 -47.43 22.35
CA MET A 85 15.13 -48.43 22.70
C MET A 85 16.39 -47.75 23.21
N VAL A 86 17.19 -48.53 23.93
CA VAL A 86 18.51 -48.12 24.40
C VAL A 86 19.52 -49.07 23.79
N GLN A 87 20.37 -48.55 22.90
CA GLN A 87 21.41 -49.37 22.29
C GLN A 87 22.62 -49.46 23.21
N ASP A 88 23.33 -50.58 23.13
CA ASP A 88 24.51 -50.80 23.94
C ASP A 88 25.61 -49.80 23.59
N ASP A 89 26.34 -49.36 24.60
CA ASP A 89 27.50 -48.48 24.48
C ASP A 89 27.13 -47.08 23.99
N GLN A 90 25.86 -46.85 23.65
CA GLN A 90 25.45 -45.52 23.24
C GLN A 90 25.35 -44.59 24.43
N LEU A 91 25.79 -43.36 24.24
CA LEU A 91 25.64 -42.31 25.22
C LEU A 91 24.48 -41.38 24.91
N LEU A 92 23.75 -41.64 23.83
CA LEU A 92 22.66 -40.80 23.40
C LEU A 92 21.40 -41.62 23.23
N LEU A 93 20.26 -40.97 23.46
CA LEU A 93 18.94 -41.54 23.27
C LEU A 93 18.25 -40.84 22.11
N GLY A 94 17.48 -41.60 21.33
CA GLY A 94 16.80 -41.03 20.18
C GLY A 94 16.94 -41.86 18.92
N ARG A 95 15.80 -42.22 18.35
CA ARG A 95 15.78 -43.12 17.20
C ARG A 95 14.40 -43.07 16.58
N CYS A 96 14.34 -43.33 15.28
CA CYS A 96 13.12 -43.17 14.51
C CYS A 96 12.55 -44.48 14.02
N GLY A 97 13.01 -45.60 14.56
CA GLY A 97 12.53 -46.90 14.13
C GLY A 97 12.85 -47.96 15.14
N GLY A 98 12.12 -49.08 15.04
CA GLY A 98 12.35 -50.22 15.90
C GLY A 98 13.42 -51.17 15.40
N HIS A 99 13.80 -51.06 14.13
CA HIS A 99 14.86 -51.92 13.63
C HIS A 99 16.21 -51.48 14.16
N ASP A 100 17.05 -52.45 14.51
CA ASP A 100 18.42 -52.17 14.92
C ASP A 100 19.32 -52.13 13.69
N GLY A 101 20.38 -51.33 13.75
CA GLY A 101 21.23 -51.15 12.59
C GLY A 101 20.75 -50.04 11.67
N ARG A 102 21.07 -50.15 10.39
CA ARG A 102 20.70 -49.13 9.42
C ARG A 102 19.25 -49.29 9.01
N TYR A 103 18.50 -48.19 9.04
CA TYR A 103 17.06 -48.23 8.82
C TYR A 103 16.60 -46.95 8.13
N GLY A 104 15.48 -47.06 7.42
CA GLY A 104 14.82 -45.89 6.87
C GLY A 104 13.33 -45.99 7.11
N ILE A 105 12.66 -44.84 7.05
CA ILE A 105 11.25 -44.75 7.41
C ILE A 105 10.47 -44.25 6.21
N LEU A 106 9.14 -44.26 6.34
CA LEU A 106 8.24 -44.00 5.23
C LEU A 106 7.41 -42.75 5.48
N TYR A 107 7.09 -42.05 4.39
CA TYR A 107 6.32 -40.81 4.42
C TYR A 107 5.18 -40.92 3.42
N PRO A 108 4.11 -41.65 3.75
CA PRO A 108 3.05 -41.88 2.77
C PRO A 108 2.34 -40.61 2.33
N GLU A 109 2.31 -39.56 3.18
CA GLU A 109 1.68 -38.32 2.78
C GLU A 109 2.35 -37.70 1.55
N LEU A 110 3.64 -37.99 1.37
CA LEU A 110 4.42 -37.45 0.26
C LEU A 110 4.27 -38.31 -0.99
N ASP A 111 4.62 -39.60 -0.89
CA ASP A 111 4.73 -40.48 -2.06
C ASP A 111 4.08 -41.83 -1.77
N GLY A 112 2.93 -41.83 -1.11
CA GLY A 112 2.25 -43.08 -0.79
C GLY A 112 1.83 -43.90 -1.98
N ASP A 113 1.66 -43.27 -3.15
CA ASP A 113 1.29 -44.01 -4.35
C ASP A 113 2.44 -44.85 -4.89
N PHE A 114 3.64 -44.72 -4.33
CA PHE A 114 4.78 -45.54 -4.68
C PHE A 114 4.98 -46.73 -3.74
N LEU A 115 4.05 -46.96 -2.80
CA LEU A 115 4.31 -47.95 -1.76
C LEU A 115 4.32 -49.38 -2.30
N ASP A 116 3.36 -49.72 -3.18
CA ASP A 116 3.36 -51.04 -3.80
C ASP A 116 4.59 -51.24 -4.69
N ILE A 117 4.97 -50.20 -5.43
CA ILE A 117 6.19 -50.25 -6.23
C ILE A 117 7.40 -50.55 -5.35
N ALA A 118 7.50 -49.85 -4.21
CA ALA A 118 8.65 -50.02 -3.34
C ALA A 118 8.70 -51.43 -2.76
N VAL A 119 7.55 -52.00 -2.44
CA VAL A 119 7.52 -53.31 -1.78
C VAL A 119 8.15 -54.37 -2.67
N ARG A 120 7.95 -54.28 -3.98
CA ARG A 120 8.51 -55.29 -4.86
C ARG A 120 9.83 -54.88 -5.50
N ASP A 121 10.13 -53.58 -5.59
CA ASP A 121 11.30 -53.12 -6.33
C ASP A 121 12.46 -52.66 -5.45
N LEU A 122 12.20 -52.24 -4.21
CA LEU A 122 13.28 -51.68 -3.40
C LEU A 122 14.38 -52.67 -3.08
N PRO A 123 14.10 -53.93 -2.70
CA PRO A 123 15.21 -54.82 -2.33
C PRO A 123 16.21 -55.09 -3.44
N THR A 124 15.83 -54.99 -4.72
CA THR A 124 16.76 -55.26 -5.81
C THR A 124 16.99 -54.04 -6.70
N ARG A 125 16.64 -52.85 -6.23
CA ARG A 125 16.79 -51.65 -7.04
C ARG A 125 18.27 -51.30 -7.20
N PRO A 126 18.70 -50.90 -8.40
CA PRO A 126 20.13 -50.58 -8.59
C PRO A 126 20.65 -49.47 -7.70
N GLN A 127 19.89 -48.39 -7.54
CA GLN A 127 20.32 -47.27 -6.70
C GLN A 127 19.76 -47.45 -5.28
N SER A 128 20.66 -47.41 -4.30
CA SER A 128 20.32 -47.39 -2.88
C SER A 128 19.20 -48.37 -2.55
N PRO A 129 19.43 -49.67 -2.62
CA PRO A 129 18.36 -50.63 -2.32
C PRO A 129 18.07 -50.70 -0.82
N ALA A 130 16.92 -51.29 -0.50
CA ALA A 130 16.51 -51.46 0.88
C ALA A 130 15.67 -52.73 1.02
N SER A 131 15.90 -53.46 2.11
CA SER A 131 15.13 -54.66 2.38
C SER A 131 13.80 -54.33 3.02
N ILE A 132 12.85 -55.26 2.90
CA ILE A 132 11.57 -55.12 3.58
C ILE A 132 11.04 -56.52 3.95
N SER A 133 10.96 -56.79 5.24
CA SER A 133 10.53 -58.10 5.71
C SER A 133 9.06 -58.34 5.37
N PRO A 134 8.65 -59.60 5.26
CA PRO A 134 7.24 -59.89 4.96
C PRO A 134 6.29 -59.35 6.01
N GLU A 135 6.70 -59.28 7.28
CA GLU A 135 5.84 -58.66 8.28
C GLU A 135 5.69 -57.17 8.02
N ASP A 136 6.78 -56.50 7.65
CA ASP A 136 6.70 -55.07 7.34
C ASP A 136 5.87 -54.81 6.09
N ALA A 137 6.03 -55.67 5.07
CA ALA A 137 5.28 -55.50 3.83
C ALA A 137 3.78 -55.61 4.05
N LYS A 138 3.36 -56.52 4.93
CA LYS A 138 1.93 -56.68 5.21
C LYS A 138 1.35 -55.42 5.84
N ILE A 139 2.05 -54.85 6.83
CA ILE A 139 1.57 -53.61 7.45
C ILE A 139 1.47 -52.50 6.43
N VAL A 140 2.42 -52.44 5.50
CA VAL A 140 2.41 -51.38 4.48
C VAL A 140 1.20 -51.52 3.56
N VAL A 141 1.04 -52.69 2.94
CA VAL A 141 0.00 -52.83 1.91
C VAL A 141 -1.40 -52.96 2.49
N GLU A 142 -1.54 -53.33 3.76
CA GLU A 142 -2.85 -53.53 4.36
C GLU A 142 -3.29 -52.39 5.27
N GLN A 143 -2.36 -51.69 5.92
CA GLN A 143 -2.73 -50.69 6.90
C GLN A 143 -2.23 -49.29 6.59
N ILE A 144 -1.24 -49.13 5.72
CA ILE A 144 -0.69 -47.82 5.37
C ILE A 144 -1.17 -47.37 4.00
N ALA A 145 -0.89 -48.16 2.96
CA ALA A 145 -1.24 -47.75 1.60
C ALA A 145 -2.73 -47.55 1.36
N PRO A 146 -3.65 -48.35 1.90
CA PRO A 146 -5.07 -48.17 1.52
C PRO A 146 -5.62 -46.79 1.80
N PHE A 147 -5.29 -46.20 2.95
CA PHE A 147 -5.84 -44.89 3.29
C PHE A 147 -5.36 -43.81 2.32
N TRP A 148 -4.10 -43.90 1.90
CA TRP A 148 -3.46 -42.81 1.16
C TRP A 148 -3.79 -42.81 -0.34
N LYS A 149 -4.53 -43.79 -0.84
CA LYS A 149 -4.88 -43.77 -2.25
C LYS A 149 -5.77 -42.57 -2.56
N GLY A 150 -5.32 -41.74 -3.49
CA GLY A 150 -6.01 -40.52 -3.84
C GLY A 150 -5.74 -39.35 -2.92
N ARG A 151 -4.81 -39.49 -1.97
CA ARG A 151 -4.60 -38.50 -0.94
C ARG A 151 -3.16 -37.99 -0.87
N THR A 152 -2.23 -38.61 -1.58
CA THR A 152 -0.82 -38.25 -1.48
C THR A 152 -0.54 -36.96 -2.26
N TYR A 153 0.56 -36.32 -1.90
CA TYR A 153 0.95 -35.12 -2.62
C TYR A 153 1.29 -35.42 -4.07
N HIS A 154 2.03 -36.51 -4.32
CA HIS A 154 2.46 -36.82 -5.68
C HIS A 154 1.28 -37.02 -6.62
N GLU A 155 0.21 -37.68 -6.14
CA GLU A 155 -0.98 -37.82 -6.96
C GLU A 155 -1.60 -36.47 -7.28
N ALA A 156 -1.66 -35.57 -6.29
CA ALA A 156 -2.19 -34.24 -6.51
C ALA A 156 -1.35 -33.47 -7.52
N LEU A 157 -0.03 -33.52 -7.37
CA LEU A 157 0.85 -32.87 -8.32
C LEU A 157 0.70 -33.46 -9.72
N ASN A 158 0.55 -34.78 -9.79
CA ASN A 158 0.45 -35.44 -11.09
C ASN A 158 -0.80 -34.99 -11.85
N LYS A 159 -1.94 -34.93 -11.16
CA LYS A 159 -3.18 -34.55 -11.82
C LYS A 159 -3.30 -33.05 -12.04
N ALA A 160 -2.44 -32.23 -11.43
CA ALA A 160 -2.55 -30.78 -11.52
C ALA A 160 -1.67 -30.17 -12.59
N LEU A 161 -0.73 -30.92 -13.16
CA LEU A 161 0.10 -30.34 -14.21
C LEU A 161 -0.65 -30.36 -15.53
N PRO A 162 -0.66 -29.26 -16.28
CA PRO A 162 -1.27 -29.29 -17.62
C PRO A 162 -0.52 -30.23 -18.54
N ALA A 163 -1.16 -30.53 -19.67
CA ALA A 163 -0.64 -31.55 -20.57
C ALA A 163 0.78 -31.22 -21.03
N GLU A 164 0.99 -30.00 -21.53
CA GLU A 164 2.30 -29.64 -22.07
C GLU A 164 3.37 -29.59 -20.99
N VAL A 165 2.99 -29.39 -19.72
CA VAL A 165 3.96 -29.48 -18.63
C VAL A 165 4.13 -30.93 -18.20
N HIS A 166 3.04 -31.70 -18.20
CA HIS A 166 3.13 -33.10 -17.82
C HIS A 166 4.00 -33.89 -18.77
N LYS A 167 3.99 -33.54 -20.07
CA LYS A 167 4.78 -34.31 -21.03
C LYS A 167 6.28 -34.15 -20.80
N LEU A 168 6.70 -33.02 -20.23
CA LEU A 168 8.11 -32.82 -19.92
C LEU A 168 8.48 -33.19 -18.50
N THR A 169 7.49 -33.64 -17.71
CA THR A 169 7.70 -34.02 -16.31
C THR A 169 7.72 -35.53 -16.12
N TYR A 170 6.71 -36.23 -16.62
CA TYR A 170 6.56 -37.65 -16.40
C TYR A 170 6.42 -38.37 -17.75
N ASP A 171 6.71 -39.66 -17.72
CA ASP A 171 6.54 -40.51 -18.89
C ASP A 171 5.22 -41.27 -18.91
N ASP A 172 4.65 -41.56 -17.76
CA ASP A 172 3.42 -42.32 -17.66
C ASP A 172 2.30 -41.46 -17.07
N PRO A 173 1.03 -41.84 -17.28
CA PRO A 173 -0.07 -40.96 -16.82
C PRO A 173 -0.16 -40.84 -15.32
N ASP A 174 0.44 -41.76 -14.58
CA ASP A 174 0.38 -41.74 -13.12
C ASP A 174 1.55 -41.01 -12.49
N GLY A 175 2.50 -40.53 -13.29
CA GLY A 175 3.66 -39.85 -12.74
C GLY A 175 4.62 -40.75 -12.01
N LEU A 176 4.54 -42.06 -12.23
CA LEU A 176 5.39 -43.01 -11.54
C LEU A 176 6.79 -43.07 -12.11
N ILE A 177 6.97 -42.72 -13.38
CA ILE A 177 8.27 -42.71 -14.05
C ILE A 177 8.53 -41.30 -14.55
N SER A 178 9.70 -40.77 -14.20
CA SER A 178 10.09 -39.45 -14.68
C SER A 178 10.68 -39.54 -16.08
N ARG A 179 10.65 -38.41 -16.79
CA ARG A 179 11.34 -38.29 -18.07
C ARG A 179 12.71 -37.62 -17.93
N PHE A 180 13.00 -37.03 -16.77
CA PHE A 180 14.31 -36.41 -16.52
C PHE A 180 14.60 -35.30 -17.52
N ILE A 181 13.57 -34.53 -17.90
CA ILE A 181 13.72 -33.34 -18.72
C ILE A 181 13.50 -32.11 -17.85
N VAL A 182 12.27 -31.88 -17.44
CA VAL A 182 11.96 -30.88 -16.42
C VAL A 182 11.49 -31.64 -15.19
N ASN A 183 12.43 -32.03 -14.33
CA ASN A 183 12.16 -32.95 -13.24
C ASN A 183 11.68 -32.18 -12.02
N GLU A 184 10.47 -32.49 -11.54
CA GLU A 184 10.04 -31.99 -10.25
C GLU A 184 10.72 -32.78 -9.15
N THR A 185 11.08 -32.10 -8.06
CA THR A 185 11.72 -32.75 -6.93
C THR A 185 10.90 -32.67 -5.66
N SER A 186 9.69 -32.13 -5.71
CA SER A 186 8.85 -32.02 -4.53
C SER A 186 8.10 -33.30 -4.21
N SER A 187 8.17 -34.32 -5.07
CA SER A 187 7.44 -35.56 -4.84
C SER A 187 8.27 -36.62 -4.13
N PHE A 188 9.59 -36.47 -4.06
CA PHE A 188 10.41 -37.42 -3.32
C PHE A 188 11.13 -36.77 -2.14
N ARG A 189 10.61 -35.65 -1.65
CA ARG A 189 11.01 -35.12 -0.35
C ARG A 189 9.92 -34.15 0.09
N SER A 190 9.64 -34.13 1.40
CA SER A 190 8.59 -33.26 1.90
C SER A 190 8.89 -31.80 1.60
N SER A 191 10.16 -31.40 1.70
CA SER A 191 10.56 -30.03 1.48
C SER A 191 12.01 -30.02 1.01
N ILE A 192 12.54 -28.83 0.76
CA ILE A 192 13.95 -28.71 0.47
C ILE A 192 14.71 -28.73 1.79
N GLN A 193 16.02 -28.53 1.74
CA GLN A 193 16.83 -28.54 2.95
C GLN A 193 16.33 -27.51 3.96
N TRP A 194 16.69 -27.73 5.22
CA TRP A 194 16.24 -26.84 6.28
C TRP A 194 17.21 -26.94 7.45
N VAL A 195 17.30 -25.85 8.21
CA VAL A 195 18.09 -25.82 9.45
C VAL A 195 17.20 -25.24 10.54
N HIS A 196 16.96 -26.02 11.60
CA HIS A 196 16.22 -25.51 12.74
C HIS A 196 17.06 -24.50 13.52
N ASP A 197 16.37 -23.63 14.26
CA ASP A 197 17.02 -22.77 15.24
C ASP A 197 17.27 -23.59 16.50
N TYR A 198 18.36 -24.37 16.47
CA TYR A 198 18.65 -25.26 17.59
C TYR A 198 19.00 -24.50 18.86
N GLU A 199 19.57 -23.30 18.74
CA GLU A 199 19.99 -22.57 19.94
C GLU A 199 18.80 -22.12 20.78
N VAL A 200 17.62 -21.92 20.16
CA VAL A 200 16.47 -21.53 20.95
C VAL A 200 15.98 -22.71 21.78
N VAL A 201 16.20 -23.94 21.32
CA VAL A 201 15.92 -25.11 22.16
C VAL A 201 16.95 -25.23 23.27
N LEU A 202 18.21 -24.94 22.97
CA LEU A 202 19.25 -25.04 23.98
C LEU A 202 19.07 -23.99 25.07
N LYS A 203 18.58 -22.81 24.72
CA LYS A 203 18.49 -21.71 25.67
C LYS A 203 17.14 -21.61 26.36
N ARG A 204 16.07 -22.06 25.72
CA ARG A 204 14.73 -21.90 26.28
C ARG A 204 13.97 -23.20 26.46
N GLY A 205 14.32 -24.26 25.74
CA GLY A 205 13.62 -25.53 25.83
C GLY A 205 12.21 -25.45 25.27
N PHE A 206 11.63 -26.62 24.94
CA PHE A 206 10.28 -26.62 24.41
C PHE A 206 9.25 -26.20 25.45
N ASN A 207 9.57 -26.31 26.75
CA ASN A 207 8.68 -25.75 27.76
C ASN A 207 8.60 -24.23 27.63
N GLY A 208 9.72 -23.59 27.32
CA GLY A 208 9.69 -22.14 27.12
C GLY A 208 8.91 -21.74 25.88
N LEU A 209 9.11 -22.46 24.77
CA LEU A 209 8.34 -22.18 23.56
C LEU A 209 6.85 -22.43 23.78
N LYS A 210 6.51 -23.56 24.42
CA LYS A 210 5.12 -23.84 24.74
C LYS A 210 4.51 -22.72 25.57
N GLN A 211 5.28 -22.19 26.53
CA GLN A 211 4.79 -21.08 27.34
C GLN A 211 4.52 -19.84 26.47
N GLU A 212 5.42 -19.53 25.53
CA GLU A 212 5.20 -18.41 24.63
C GLU A 212 3.94 -18.59 23.81
N MET A 213 3.70 -19.82 23.34
CA MET A 213 2.52 -20.08 22.53
C MET A 213 1.24 -20.08 23.35
N GLU A 214 1.32 -20.53 24.61
CA GLU A 214 0.15 -20.50 25.48
C GLU A 214 -0.24 -19.06 25.81
N GLU A 215 0.72 -18.15 25.88
CA GLU A 215 0.38 -16.74 26.07
C GLU A 215 -0.31 -16.20 24.82
N LYS A 216 0.11 -16.65 23.64
CA LYS A 216 -0.55 -16.24 22.41
C LYS A 216 -1.95 -16.84 22.31
N LEU A 217 -2.12 -18.08 22.79
CA LEU A 217 -3.43 -18.70 22.76
C LEU A 217 -4.42 -17.97 23.63
N ALA A 218 -3.96 -17.47 24.80
CA ALA A 218 -4.83 -16.77 25.71
C ALA A 218 -5.11 -15.33 25.29
N ALA A 219 -4.30 -14.76 24.39
CA ALA A 219 -4.49 -13.40 23.90
C ALA A 219 -5.41 -13.31 22.69
N LEU A 220 -5.82 -14.44 22.11
CA LEU A 220 -6.71 -14.39 20.95
C LEU A 220 -8.04 -13.77 21.33
N ASP A 221 -8.60 -13.01 20.41
CA ASP A 221 -9.96 -12.51 20.55
C ASP A 221 -10.92 -13.66 20.30
N PRO A 222 -11.70 -14.10 21.30
CA PRO A 222 -12.62 -15.22 21.07
C PRO A 222 -13.68 -14.93 20.03
N ALA A 223 -13.93 -13.66 19.71
CA ALA A 223 -14.93 -13.29 18.70
C ALA A 223 -14.35 -13.13 17.30
N SER A 224 -13.03 -13.03 17.18
CA SER A 224 -12.43 -12.79 15.87
C SER A 224 -12.40 -14.07 15.06
N PRO A 225 -13.06 -14.13 13.90
CA PRO A 225 -12.97 -15.35 13.08
C PRO A 225 -11.56 -15.66 12.60
N VAL A 226 -10.75 -14.63 12.29
CA VAL A 226 -9.38 -14.89 11.89
C VAL A 226 -8.58 -15.50 13.04
N ASP A 227 -8.75 -14.97 14.26
CA ASP A 227 -8.05 -15.53 15.41
C ASP A 227 -8.44 -16.98 15.66
N GLN A 228 -9.73 -17.29 15.54
CA GLN A 228 -10.23 -18.60 15.93
C GLN A 228 -10.15 -19.65 14.84
N VAL A 229 -10.19 -19.25 13.57
CA VAL A 229 -10.18 -20.20 12.45
C VAL A 229 -8.78 -20.37 11.88
N ASP A 230 -8.01 -19.29 11.77
CA ASP A 230 -6.69 -19.35 11.16
C ASP A 230 -5.56 -19.43 12.18
N LYS A 231 -5.62 -18.64 13.25
CA LYS A 231 -4.54 -18.59 14.20
C LYS A 231 -4.64 -19.68 15.25
N ARG A 232 -5.84 -19.92 15.79
CA ARG A 232 -5.98 -20.88 16.89
C ARG A 232 -5.49 -22.27 16.52
N PRO A 233 -5.88 -22.88 15.40
CA PRO A 233 -5.36 -24.23 15.10
C PRO A 233 -3.84 -24.28 15.03
N PHE A 234 -3.19 -23.23 14.53
CA PHE A 234 -1.73 -23.23 14.52
C PHE A 234 -1.18 -23.25 15.93
N ILE A 235 -1.72 -22.38 16.81
CA ILE A 235 -1.21 -22.30 18.18
C ILE A 235 -1.42 -23.62 18.90
N GLU A 236 -2.63 -24.20 18.80
CA GLU A 236 -2.89 -25.49 19.42
C GLU A 236 -1.92 -26.55 18.91
N ALA A 237 -1.59 -26.52 17.61
CA ALA A 237 -0.69 -27.53 17.05
C ALA A 237 0.71 -27.41 17.64
N THR A 238 1.23 -26.18 17.73
CA THR A 238 2.57 -26.00 18.28
C THR A 238 2.62 -26.40 19.76
N ILE A 239 1.57 -26.08 20.51
CA ILE A 239 1.51 -26.49 21.92
C ILE A 239 1.51 -28.01 22.03
N LEU A 240 0.67 -28.67 21.22
CA LEU A 240 0.57 -30.13 21.27
C LEU A 240 1.88 -30.79 20.83
N VAL A 241 2.53 -30.24 19.79
CA VAL A 241 3.79 -30.83 19.34
C VAL A 241 4.91 -30.60 20.34
N CYS A 242 4.85 -29.52 21.12
CA CYS A 242 5.81 -29.36 22.21
C CYS A 242 5.67 -30.49 23.22
N ASP A 243 4.43 -30.77 23.64
CA ASP A 243 4.19 -31.88 24.56
C ASP A 243 4.56 -33.21 23.93
N ALA A 244 4.44 -33.32 22.61
CA ALA A 244 4.73 -34.59 21.94
C ALA A 244 6.20 -34.95 22.06
N ILE A 245 7.10 -34.00 21.78
CA ILE A 245 8.52 -34.33 21.82
C ILE A 245 9.00 -34.53 23.25
N VAL A 246 8.44 -33.79 24.21
CA VAL A 246 8.83 -33.98 25.61
C VAL A 246 8.39 -35.35 26.12
N LEU A 247 7.18 -35.78 25.74
CA LEU A 247 6.72 -37.12 26.07
C LEU A 247 7.61 -38.18 25.42
N TRP A 248 8.04 -37.92 24.18
CA TRP A 248 8.91 -38.86 23.48
C TRP A 248 10.26 -38.99 24.17
N ALA A 249 10.81 -37.88 24.64
CA ALA A 249 12.08 -37.93 25.38
C ALA A 249 11.90 -38.63 26.71
N LYS A 250 10.77 -38.38 27.39
CA LYS A 250 10.53 -39.02 28.69
C LYS A 250 10.44 -40.53 28.54
N ARG A 251 9.86 -41.01 27.44
CA ARG A 251 9.82 -42.46 27.24
C ARG A 251 11.22 -43.03 27.10
N HIS A 252 12.15 -42.27 26.51
CA HIS A 252 13.53 -42.72 26.43
C HIS A 252 14.18 -42.70 27.80
N ALA A 253 13.85 -41.71 28.62
CA ALA A 253 14.35 -41.69 29.99
C ALA A 253 13.83 -42.89 30.78
N ASP A 254 12.54 -43.22 30.63
CA ASP A 254 12.00 -44.40 31.29
C ASP A 254 12.68 -45.67 30.79
N ALA A 255 12.97 -45.74 29.49
CA ALA A 255 13.65 -46.92 28.95
C ALA A 255 15.07 -47.03 29.50
N ALA A 256 15.73 -45.89 29.71
CA ALA A 256 17.09 -45.93 30.24
C ALA A 256 17.11 -46.40 31.69
N ARG A 257 16.08 -46.06 32.46
CA ARG A 257 16.03 -46.51 33.85
C ARG A 257 15.70 -48.01 33.94
N LYS A 258 14.80 -48.49 33.08
CA LYS A 258 14.54 -49.92 33.01
C LYS A 258 15.81 -50.66 32.57
N ALA A 259 16.59 -50.06 31.69
CA ALA A 259 17.86 -50.64 31.29
C ALA A 259 18.85 -50.61 32.44
N ALA A 260 18.82 -49.54 33.24
CA ALA A 260 19.76 -49.43 34.35
C ALA A 260 19.47 -50.47 35.44
N GLU A 261 18.19 -50.73 35.72
CA GLU A 261 17.86 -51.70 36.76
C GLU A 261 18.37 -53.10 36.42
N ALA A 262 18.43 -53.43 35.14
CA ALA A 262 18.83 -54.76 34.69
C ALA A 262 20.31 -54.87 34.34
N CYS A 263 21.11 -53.84 34.60
CA CYS A 263 22.51 -53.83 34.18
C CYS A 263 23.42 -54.20 35.35
N ALA A 264 24.25 -55.23 35.15
CA ALA A 264 25.19 -55.65 36.18
C ALA A 264 26.45 -54.79 36.19
N ASP A 265 26.83 -54.22 35.05
CA ASP A 265 28.01 -53.38 34.95
C ASP A 265 27.79 -52.06 35.68
N PRO A 266 28.52 -51.78 36.76
CA PRO A 266 28.31 -50.50 37.47
C PRO A 266 28.72 -49.29 36.65
N VAL A 267 29.64 -49.45 35.70
CA VAL A 267 30.06 -48.31 34.88
C VAL A 267 28.97 -47.98 33.86
N ARG A 268 28.40 -49.00 33.23
CA ARG A 268 27.32 -48.77 32.29
C ARG A 268 26.05 -48.32 33.00
N LYS A 269 25.81 -48.86 34.20
CA LYS A 269 24.65 -48.44 34.98
C LYS A 269 24.72 -46.94 35.28
N ALA A 270 25.91 -46.44 35.60
CA ALA A 270 26.08 -45.01 35.83
C ALA A 270 25.77 -44.22 34.56
N GLU A 271 26.22 -44.71 33.41
CA GLU A 271 25.93 -44.05 32.14
C GLU A 271 24.43 -44.03 31.86
N LEU A 272 23.75 -45.17 32.07
CA LEU A 272 22.32 -45.24 31.77
C LEU A 272 21.53 -44.29 32.65
N ILE A 273 21.91 -44.16 33.92
CA ILE A 273 21.25 -43.21 34.80
C ILE A 273 21.46 -41.79 34.31
N ARG A 274 22.69 -41.46 33.90
CA ARG A 274 22.97 -40.12 33.39
C ARG A 274 22.17 -39.84 32.11
N MET A 275 22.05 -40.84 31.23
CA MET A 275 21.24 -40.66 30.04
C MET A 275 19.78 -40.43 30.38
N ALA A 276 19.27 -41.15 31.39
CA ALA A 276 17.90 -40.92 31.85
C ALA A 276 17.74 -39.50 32.39
N GLU A 277 18.70 -39.04 33.19
CA GLU A 277 18.66 -37.68 33.69
C GLU A 277 18.63 -36.67 32.54
N ASN A 278 19.37 -36.94 31.46
CA ASN A 278 19.35 -36.06 30.29
C ASN A 278 17.96 -35.95 29.68
N ALA A 279 17.37 -37.10 29.31
CA ALA A 279 16.06 -37.09 28.65
C ALA A 279 14.95 -36.55 29.56
N GLU A 280 15.18 -36.52 30.87
CA GLU A 280 14.19 -35.94 31.77
C GLU A 280 14.33 -34.43 31.89
N HIS A 281 15.47 -33.86 31.52
CA HIS A 281 15.65 -32.42 31.53
C HIS A 281 15.44 -31.80 30.15
N VAL A 282 16.08 -32.36 29.12
CA VAL A 282 16.08 -31.80 27.77
C VAL A 282 15.29 -32.73 26.86
N PRO A 283 14.72 -32.24 25.74
CA PRO A 283 14.73 -30.84 25.29
C PRO A 283 13.63 -29.99 25.92
N ALA A 284 13.00 -30.50 26.98
CA ALA A 284 11.95 -29.74 27.63
C ALA A 284 12.48 -28.45 28.21
N ASN A 285 13.67 -28.49 28.80
CA ASN A 285 14.27 -27.38 29.53
C ASN A 285 15.60 -26.99 28.94
N PRO A 286 16.08 -25.77 29.22
CA PRO A 286 17.39 -25.35 28.70
C PRO A 286 18.49 -26.29 29.17
N ALA A 287 19.43 -26.55 28.28
CA ALA A 287 20.58 -27.39 28.60
C ALA A 287 21.46 -26.73 29.67
N ARG A 288 22.10 -27.57 30.49
CA ARG A 288 22.91 -27.10 31.61
C ARG A 288 24.39 -27.44 31.49
N ASP A 289 24.77 -28.41 30.66
CA ASP A 289 26.16 -28.68 30.36
C ASP A 289 26.26 -29.10 28.89
N PHE A 290 27.49 -29.38 28.45
CA PHE A 290 27.72 -29.77 27.06
C PHE A 290 27.04 -31.09 26.73
N TYR A 291 27.07 -32.05 27.65
CA TYR A 291 26.41 -33.34 27.42
C TYR A 291 24.93 -33.15 27.16
N GLU A 292 24.25 -32.38 28.01
CA GLU A 292 22.83 -32.13 27.80
C GLU A 292 22.56 -31.40 26.50
N ALA A 293 23.47 -30.49 26.11
CA ALA A 293 23.26 -29.73 24.88
C ALA A 293 23.28 -30.64 23.67
N VAL A 294 24.25 -31.56 23.60
CA VAL A 294 24.28 -32.52 22.51
C VAL A 294 23.02 -33.38 22.52
N GLN A 295 22.63 -33.87 23.69
CA GLN A 295 21.43 -34.70 23.77
C GLN A 295 20.17 -33.90 23.41
N SER A 296 20.14 -32.61 23.75
CA SER A 296 18.98 -31.78 23.40
C SER A 296 18.89 -31.57 21.89
N GLN A 297 20.01 -31.16 21.27
CA GLN A 297 20.02 -31.00 19.82
C GLN A 297 19.72 -32.32 19.13
N TYR A 298 20.27 -33.41 19.65
CA TYR A 298 20.08 -34.72 19.02
C TYR A 298 18.61 -35.12 19.03
N PHE A 299 17.92 -34.88 20.15
CA PHE A 299 16.50 -35.18 20.24
C PHE A 299 15.70 -34.41 19.20
N THR A 300 16.03 -33.13 19.00
CA THR A 300 15.26 -32.28 18.11
C THR A 300 15.41 -32.71 16.65
N GLN A 301 16.66 -32.95 16.21
CA GLN A 301 16.85 -33.34 14.81
C GLN A 301 16.29 -34.73 14.53
N MET A 302 16.34 -35.63 15.53
CA MET A 302 15.74 -36.95 15.34
C MET A 302 14.23 -36.87 15.29
N PHE A 303 13.63 -36.06 16.16
CA PHE A 303 12.18 -35.86 16.11
C PHE A 303 11.77 -35.20 14.79
N SER A 304 12.62 -34.32 14.26
CA SER A 304 12.33 -33.67 12.99
C SER A 304 12.17 -34.71 11.88
N ARG A 305 13.00 -35.74 11.89
CA ARG A 305 12.88 -36.79 10.88
C ARG A 305 11.51 -37.46 10.94
N LEU A 306 10.97 -37.63 12.15
CA LEU A 306 9.62 -38.17 12.29
C LEU A 306 8.57 -37.18 11.78
N GLU A 307 8.86 -35.87 11.88
CA GLU A 307 7.90 -34.87 11.46
C GLU A 307 7.73 -34.84 9.94
N GLN A 308 8.85 -34.81 9.21
CA GLN A 308 8.77 -34.72 7.76
C GLN A 308 10.08 -35.19 7.16
N LYS A 309 10.03 -35.50 5.86
CA LYS A 309 11.22 -35.90 5.10
C LYS A 309 11.84 -34.63 4.52
N THR A 310 12.62 -33.96 5.35
CA THR A 310 13.33 -32.76 4.92
C THR A 310 14.35 -33.12 3.84
N GLY A 311 14.41 -32.30 2.80
CA GLY A 311 15.35 -32.50 1.72
C GLY A 311 16.78 -32.65 2.20
N THR A 312 17.47 -33.67 1.69
CA THR A 312 18.85 -34.03 2.05
C THR A 312 18.99 -34.47 3.49
N THR A 313 17.87 -34.69 4.19
CA THR A 313 17.78 -34.94 5.63
C THR A 313 18.08 -33.65 6.40
N ILE A 314 17.37 -33.43 7.50
CA ILE A 314 17.44 -32.17 8.24
C ILE A 314 18.89 -31.85 8.58
N SER A 315 19.30 -30.61 8.31
CA SER A 315 20.65 -30.13 8.59
C SER A 315 20.75 -29.56 10.00
N ASN A 316 21.99 -29.24 10.42
CA ASN A 316 22.27 -29.05 11.83
C ASN A 316 22.77 -27.67 12.21
N GLY A 317 23.18 -26.83 11.29
CA GLY A 317 23.59 -25.50 11.66
C GLY A 317 25.03 -25.40 12.13
N ARG A 318 25.34 -24.25 12.74
CA ARG A 318 26.71 -23.92 13.16
C ARG A 318 26.96 -24.51 14.55
N MET A 319 27.22 -25.83 14.56
CA MET A 319 27.43 -26.51 15.83
C MET A 319 28.64 -25.97 16.58
N ASP A 320 29.73 -25.67 15.85
CA ASP A 320 30.92 -25.17 16.52
C ASP A 320 30.71 -23.80 17.14
N GLN A 321 29.57 -23.17 16.90
CA GLN A 321 29.23 -21.90 17.52
C GLN A 321 28.27 -22.07 18.69
N TYR A 322 27.11 -22.68 18.45
CA TYR A 322 26.09 -22.71 19.52
C TYR A 322 26.37 -23.75 20.59
N PHE A 323 27.25 -24.74 20.33
CA PHE A 323 27.76 -25.60 21.39
C PHE A 323 28.91 -24.98 22.17
N TYR A 324 29.52 -23.93 21.65
CA TYR A 324 30.77 -23.43 22.22
C TYR A 324 30.62 -22.89 23.64
N PRO A 325 29.59 -22.12 24.00
CA PRO A 325 29.47 -21.69 25.40
C PRO A 325 29.42 -22.86 26.37
N PHE A 326 28.76 -23.96 25.99
CA PHE A 326 28.75 -25.15 26.83
C PHE A 326 30.13 -25.79 26.92
N TYR A 327 30.84 -25.86 25.78
CA TYR A 327 32.17 -26.45 25.79
C TYR A 327 33.13 -25.63 26.65
N LYS A 328 33.17 -24.31 26.45
CA LYS A 328 34.10 -23.47 27.20
C LYS A 328 33.81 -23.50 28.69
N LYS A 329 32.53 -23.47 29.08
CA LYS A 329 32.17 -23.51 30.49
C LYS A 329 32.54 -24.84 31.13
N ASP A 330 32.26 -25.96 30.44
CA ASP A 330 32.55 -27.27 31.00
C ASP A 330 34.05 -27.56 31.03
N MET A 331 34.79 -27.14 29.99
CA MET A 331 36.23 -27.31 29.99
C MET A 331 36.87 -26.55 31.14
N GLU A 332 36.48 -25.28 31.32
CA GLU A 332 37.04 -24.46 32.39
C GLU A 332 36.57 -24.94 33.75
N ALA A 333 35.40 -25.58 33.83
CA ALA A 333 34.95 -26.16 35.08
C ALA A 333 35.58 -27.52 35.36
N GLY A 334 36.36 -28.05 34.42
CA GLY A 334 37.01 -29.32 34.66
C GLY A 334 36.10 -30.53 34.64
N ILE A 335 34.89 -30.42 34.09
CA ILE A 335 34.00 -31.55 33.95
C ILE A 335 33.97 -32.09 32.51
N LEU A 336 34.89 -31.64 31.66
CA LEU A 336 34.91 -32.07 30.26
C LEU A 336 36.34 -32.05 29.76
N THR A 337 36.63 -32.92 28.78
CA THR A 337 37.90 -32.93 28.07
C THR A 337 37.64 -33.01 26.57
N ASP A 338 38.67 -32.70 25.80
CA ASP A 338 38.57 -32.84 24.34
C ASP A 338 38.20 -34.26 23.95
N GLU A 339 38.79 -35.24 24.63
CA GLU A 339 38.51 -36.63 24.30
C GLU A 339 37.06 -36.98 24.61
N LYS A 340 36.52 -36.45 25.71
CA LYS A 340 35.12 -36.69 26.03
C LYS A 340 34.21 -35.93 25.07
N THR A 341 34.62 -34.74 24.64
CA THR A 341 33.85 -34.01 23.64
C THR A 341 33.72 -34.83 22.36
N LEU A 342 34.85 -35.37 21.88
CA LEU A 342 34.80 -36.16 20.65
C LEU A 342 33.95 -37.41 20.82
N GLU A 343 33.88 -37.97 22.03
CA GLU A 343 33.04 -39.15 22.23
C GLU A 343 31.56 -38.80 22.15
N TYR A 344 31.17 -37.68 22.77
CA TYR A 344 29.77 -37.23 22.68
C TYR A 344 29.38 -36.92 21.25
N LEU A 345 30.20 -36.11 20.56
CA LEU A 345 29.87 -35.72 19.19
C LEU A 345 29.80 -36.91 18.26
N GLU A 346 30.76 -37.84 18.38
CA GLU A 346 30.79 -38.97 17.46
C GLU A 346 29.72 -40.00 17.77
N CYS A 347 29.22 -40.05 19.01
CA CYS A 347 28.01 -40.83 19.27
C CYS A 347 26.83 -40.27 18.49
N MET A 348 26.83 -38.96 18.26
CA MET A 348 25.80 -38.35 17.42
C MET A 348 26.00 -38.72 15.96
N TRP A 349 27.26 -38.76 15.49
CA TRP A 349 27.48 -39.19 14.11
C TRP A 349 27.03 -40.62 13.90
N VAL A 350 27.34 -41.51 14.86
CA VAL A 350 26.93 -42.89 14.76
C VAL A 350 25.42 -43.00 14.66
N GLY A 351 24.72 -42.27 15.53
CA GLY A 351 23.26 -42.28 15.47
C GLY A 351 22.73 -41.79 14.14
N MET A 352 23.29 -40.69 13.63
CA MET A 352 22.88 -40.18 12.32
C MET A 352 23.21 -41.15 11.21
N ALA A 353 24.34 -41.84 11.31
CA ALA A 353 24.73 -42.78 10.26
C ALA A 353 23.82 -44.00 10.22
N GLU A 354 23.10 -44.28 11.30
CA GLU A 354 22.15 -45.38 11.28
C GLU A 354 20.86 -45.01 10.56
N PHE A 355 20.46 -43.74 10.63
CA PHE A 355 19.26 -43.30 9.93
C PHE A 355 19.59 -43.06 8.45
N ILE A 356 18.96 -43.84 7.59
CA ILE A 356 19.12 -43.71 6.14
C ILE A 356 17.90 -43.01 5.58
N ASP A 357 18.13 -41.93 4.83
CA ASP A 357 17.05 -41.19 4.20
C ASP A 357 16.59 -41.95 2.96
N MET A 358 15.42 -42.60 3.05
CA MET A 358 15.00 -43.51 2.00
C MET A 358 14.10 -42.80 0.99
N TYR A 359 14.45 -42.95 -0.30
CA TYR A 359 13.67 -42.45 -1.42
C TYR A 359 13.06 -43.64 -2.15
N ILE A 360 11.74 -43.80 -2.05
CA ILE A 360 11.12 -45.02 -2.57
C ILE A 360 10.72 -44.95 -4.04
N SER A 361 10.67 -43.76 -4.63
CA SER A 361 10.34 -43.69 -6.04
C SER A 361 11.59 -43.88 -6.90
N PRO A 362 11.42 -44.33 -8.15
CA PRO A 362 12.60 -44.50 -9.01
C PRO A 362 13.37 -43.22 -9.23
N ALA A 363 12.67 -42.10 -9.42
CA ALA A 363 13.37 -40.82 -9.57
C ALA A 363 14.16 -40.45 -8.33
N GLY A 364 13.56 -40.64 -7.15
CA GLY A 364 14.26 -40.31 -5.92
C GLY A 364 15.48 -41.17 -5.68
N GLY A 365 15.41 -42.45 -6.08
CA GLY A 365 16.57 -43.32 -5.97
C GLY A 365 17.69 -42.89 -6.91
N ALA A 366 17.33 -42.49 -8.14
CA ALA A 366 18.35 -42.09 -9.09
C ALA A 366 19.00 -40.77 -8.70
N PHE A 367 18.28 -39.90 -7.99
CA PHE A 367 18.82 -38.62 -7.53
C PHE A 367 19.75 -38.75 -6.34
N ASN A 368 19.69 -39.86 -5.60
CA ASN A 368 20.37 -39.99 -4.31
C ASN A 368 21.09 -41.33 -4.21
N GLU A 369 22.05 -41.54 -5.10
CA GLU A 369 22.79 -42.79 -5.10
C GLU A 369 23.66 -42.92 -3.85
N GLY A 370 24.01 -44.18 -3.53
CA GLY A 370 24.88 -44.45 -2.42
C GLY A 370 24.34 -44.02 -1.07
N TYR A 371 23.02 -44.07 -0.90
CA TYR A 371 22.35 -43.65 0.33
C TYR A 371 22.74 -42.21 0.69
N ALA A 372 22.62 -41.34 -0.31
CA ALA A 372 23.11 -39.97 -0.21
C ALA A 372 22.46 -39.22 0.94
N HIS A 373 23.24 -38.33 1.55
CA HIS A 373 22.79 -37.59 2.72
C HIS A 373 23.60 -36.30 2.81
N TRP A 374 22.93 -35.22 3.20
CA TRP A 374 23.58 -33.92 3.34
C TRP A 374 23.06 -33.21 4.61
N GLU A 375 23.25 -33.85 5.76
CA GLU A 375 22.87 -33.22 7.03
C GLU A 375 24.00 -32.28 7.42
N ALA A 376 23.99 -31.11 6.78
CA ALA A 376 25.12 -30.19 6.86
C ALA A 376 25.41 -29.77 8.29
N VAL A 377 26.68 -29.86 8.67
CA VAL A 377 27.19 -29.33 9.92
C VAL A 377 28.16 -28.21 9.54
N THR A 378 27.87 -26.99 9.99
CA THR A 378 28.63 -25.81 9.58
C THR A 378 29.66 -25.45 10.65
N ILE A 379 30.91 -25.25 10.22
CA ILE A 379 31.97 -24.78 11.09
C ILE A 379 32.65 -23.59 10.42
N GLY A 380 33.34 -22.80 11.25
CA GLY A 380 34.10 -21.67 10.75
C GLY A 380 33.22 -20.51 10.32
N GLY A 381 33.87 -19.54 9.67
CA GLY A 381 33.16 -18.38 9.17
C GLY A 381 33.26 -17.14 10.04
N GLN A 382 32.15 -16.39 10.14
CA GLN A 382 32.14 -15.13 10.87
C GLN A 382 31.06 -15.12 11.95
N THR A 383 31.26 -14.25 12.93
CA THR A 383 30.28 -14.04 13.99
C THR A 383 29.15 -13.14 13.50
N PRO A 384 28.01 -13.13 14.21
CA PRO A 384 26.95 -12.17 13.85
C PRO A 384 27.39 -10.72 13.91
N ASP A 385 28.46 -10.42 14.64
CA ASP A 385 28.99 -9.06 14.72
C ASP A 385 30.06 -8.76 13.66
N GLY A 386 30.56 -9.78 12.96
CA GLY A 386 31.45 -9.57 11.83
C GLY A 386 32.90 -9.96 12.02
N ARG A 387 33.28 -10.53 13.18
CA ARG A 387 34.64 -11.02 13.37
C ARG A 387 34.71 -12.51 13.05
N ASP A 388 35.95 -13.00 12.94
CA ASP A 388 36.16 -14.42 12.66
C ASP A 388 35.66 -15.28 13.82
N ALA A 389 35.07 -16.43 13.46
CA ALA A 389 34.39 -17.28 14.41
C ALA A 389 35.14 -18.58 14.69
N THR A 390 36.40 -18.69 14.26
CA THR A 390 37.17 -19.89 14.55
C THR A 390 37.42 -19.98 16.05
N ASN A 391 37.17 -21.16 16.62
CA ASN A 391 37.43 -21.41 18.03
C ASN A 391 37.90 -22.86 18.18
N ASP A 392 38.05 -23.30 19.43
CA ASP A 392 38.59 -24.64 19.67
C ASP A 392 37.65 -25.73 19.22
N LEU A 393 36.33 -25.48 19.24
CA LEU A 393 35.40 -26.49 18.73
C LEU A 393 35.56 -26.68 17.23
N THR A 394 35.88 -25.60 16.50
CA THR A 394 36.12 -25.70 15.07
C THR A 394 37.18 -26.75 14.74
N TYR A 395 38.32 -26.69 15.45
CA TYR A 395 39.41 -27.62 15.15
C TYR A 395 39.06 -29.04 15.55
N LEU A 396 38.22 -29.21 16.59
CA LEU A 396 37.84 -30.54 17.03
C LEU A 396 36.94 -31.23 16.00
N PHE A 397 36.08 -30.46 15.34
CA PHE A 397 35.24 -31.04 14.29
C PHE A 397 36.09 -31.50 13.10
N LEU A 398 37.12 -30.73 12.74
CA LEU A 398 38.05 -31.16 11.70
C LEU A 398 38.81 -32.40 12.14
N LYS A 399 39.27 -32.43 13.41
CA LYS A 399 39.93 -33.62 13.94
C LYS A 399 38.98 -34.81 13.97
N SER A 400 37.74 -34.60 14.44
CA SER A 400 36.77 -35.69 14.46
C SER A 400 36.53 -36.23 13.05
N LYS A 401 36.44 -35.35 12.05
CA LYS A 401 36.14 -35.79 10.69
C LYS A 401 37.28 -36.58 10.09
N ARG A 402 38.53 -36.21 10.41
CA ARG A 402 39.67 -36.95 9.89
C ARG A 402 39.73 -38.36 10.46
N GLU A 403 39.46 -38.51 11.75
CA GLU A 403 39.70 -39.77 12.44
C GLU A 403 38.47 -40.66 12.49
N PHE A 404 37.27 -40.09 12.53
CA PHE A 404 36.05 -40.89 12.50
C PHE A 404 35.89 -41.47 11.09
N PRO A 405 35.83 -42.80 10.94
CA PRO A 405 35.95 -43.39 9.59
C PRO A 405 34.70 -43.33 8.73
N LEU A 406 33.54 -42.97 9.26
CA LEU A 406 32.37 -42.90 8.41
C LEU A 406 32.34 -41.57 7.66
N HIS A 407 31.56 -41.53 6.57
CA HIS A 407 31.41 -40.26 5.85
C HIS A 407 30.32 -39.42 6.50
N TYR A 408 30.38 -39.31 7.83
CA TYR A 408 29.54 -38.48 8.67
C TYR A 408 30.43 -37.71 9.62
N PRO A 409 30.05 -36.46 9.96
CA PRO A 409 28.88 -35.76 9.43
C PRO A 409 29.18 -35.07 8.10
N ASP A 410 28.15 -34.46 7.49
CA ASP A 410 28.32 -33.68 6.28
C ASP A 410 28.99 -32.37 6.65
N LEU A 411 30.31 -32.41 6.79
CA LEU A 411 31.05 -31.27 7.32
C LEU A 411 31.28 -30.21 6.25
N ALA A 412 30.89 -28.98 6.56
CA ALA A 412 31.05 -27.84 5.66
C ALA A 412 31.78 -26.73 6.39
N ALA A 413 32.87 -26.24 5.79
CA ALA A 413 33.69 -25.19 6.38
C ALA A 413 33.42 -23.89 5.65
N ARG A 414 33.18 -22.83 6.42
CA ARG A 414 32.97 -21.50 5.85
C ARG A 414 34.29 -20.78 5.68
N ILE A 415 34.44 -20.13 4.53
CA ILE A 415 35.64 -19.38 4.19
C ILE A 415 35.26 -17.93 3.93
N HIS A 416 36.05 -17.01 4.48
CA HIS A 416 35.90 -15.60 4.17
C HIS A 416 37.29 -15.02 3.96
N SER A 417 37.31 -13.76 3.52
CA SER A 417 38.56 -13.18 3.05
C SER A 417 39.58 -13.00 4.16
N ARG A 418 39.14 -12.99 5.42
CA ARG A 418 40.01 -12.85 6.58
C ARG A 418 40.07 -14.14 7.41
N ALA A 419 39.92 -15.29 6.78
CA ALA A 419 40.01 -16.57 7.49
C ALA A 419 41.45 -16.79 7.96
N PRO A 420 41.64 -17.20 9.21
CA PRO A 420 43.01 -17.36 9.73
C PRO A 420 43.78 -18.45 8.99
N GLU A 421 45.10 -18.27 8.94
CA GLU A 421 45.95 -19.24 8.24
C GLU A 421 45.98 -20.58 8.95
N ARG A 422 46.01 -20.58 10.29
CA ARG A 422 45.95 -21.84 11.02
C ARG A 422 44.68 -22.61 10.66
N TYR A 423 43.58 -21.88 10.45
CA TYR A 423 42.30 -22.50 10.07
C TYR A 423 42.38 -23.07 8.66
N LEU A 424 42.82 -22.26 7.70
CA LEU A 424 42.92 -22.76 6.33
C LEU A 424 43.89 -23.92 6.23
N TRP A 425 44.96 -23.90 7.03
CA TRP A 425 45.92 -24.99 7.00
C TRP A 425 45.28 -26.29 7.48
N ASP A 426 44.50 -26.24 8.55
CA ASP A 426 43.90 -27.46 9.07
C ASP A 426 42.80 -27.96 8.15
N VAL A 427 42.08 -27.05 7.51
CA VAL A 427 41.10 -27.45 6.49
C VAL A 427 41.80 -28.14 5.33
N ALA A 428 42.89 -27.53 4.85
CA ALA A 428 43.64 -28.11 3.73
C ALA A 428 44.15 -29.50 4.07
N GLU A 429 44.63 -29.70 5.31
CA GLU A 429 45.14 -31.00 5.72
C GLU A 429 44.02 -32.02 5.89
N THR A 430 42.83 -31.57 6.32
CA THR A 430 41.68 -32.48 6.35
C THR A 430 41.27 -32.88 4.94
N ILE A 431 41.32 -31.95 3.98
CA ILE A 431 41.02 -32.29 2.59
C ILE A 431 42.03 -33.30 2.06
N LYS A 432 43.31 -33.12 2.41
CA LYS A 432 44.34 -34.03 1.94
C LYS A 432 44.19 -35.44 2.52
N PHE A 433 43.27 -35.65 3.47
CA PHE A 433 43.05 -36.99 4.00
C PHE A 433 42.48 -37.94 2.95
N GLY A 434 41.75 -37.40 1.97
CA GLY A 434 41.30 -38.18 0.84
C GLY A 434 39.91 -38.77 0.92
N SER A 435 39.05 -38.28 1.83
CA SER A 435 37.67 -38.73 1.91
C SER A 435 36.68 -37.66 1.46
N GLY A 436 37.16 -36.50 1.02
CA GLY A 436 36.30 -35.47 0.46
C GLY A 436 35.82 -34.40 1.41
N PHE A 437 36.32 -34.38 2.65
CA PHE A 437 35.84 -33.46 3.68
C PHE A 437 36.91 -32.43 4.04
N PRO A 438 36.52 -31.19 4.39
CA PRO A 438 35.15 -30.68 4.32
C PRO A 438 34.85 -30.00 2.98
N LYS A 439 33.58 -29.73 2.70
CA LYS A 439 33.24 -28.85 1.59
C LYS A 439 33.29 -27.40 2.02
N LEU A 440 33.61 -26.52 1.08
CA LEU A 440 33.85 -25.12 1.37
C LEU A 440 32.67 -24.28 0.87
N CYS A 441 32.30 -23.28 1.67
CA CYS A 441 31.25 -22.34 1.33
C CYS A 441 31.82 -20.93 1.50
N ASN A 442 31.62 -20.07 0.51
CA ASN A 442 32.28 -18.77 0.45
C ASN A 442 31.35 -17.69 1.01
N ASP A 443 31.70 -17.19 2.20
CA ASP A 443 31.02 -16.03 2.77
C ASP A 443 30.98 -14.88 1.77
N GLU A 444 32.06 -14.72 1.00
CA GLU A 444 32.20 -13.56 0.13
C GLU A 444 31.23 -13.56 -1.04
N GLU A 445 30.67 -14.72 -1.39
CA GLU A 445 29.74 -14.78 -2.50
C GLU A 445 28.29 -14.67 -2.03
N CYS A 446 27.90 -15.46 -1.04
CA CYS A 446 26.49 -15.56 -0.70
C CYS A 446 26.02 -14.48 0.28
N ILE A 447 26.90 -13.94 1.11
CA ILE A 447 26.46 -12.88 2.03
C ILE A 447 26.06 -11.63 1.26
N PRO A 448 26.87 -11.11 0.32
CA PRO A 448 26.39 -9.93 -0.43
C PRO A 448 25.14 -10.21 -1.25
N LEU A 449 24.98 -11.42 -1.78
CA LEU A 449 23.74 -11.76 -2.48
C LEU A 449 22.54 -11.73 -1.54
N TYR A 450 22.71 -12.19 -0.31
CA TYR A 450 21.57 -12.34 0.59
C TYR A 450 21.15 -11.01 1.20
N VAL A 451 22.11 -10.17 1.60
CA VAL A 451 21.74 -8.83 2.06
C VAL A 451 21.13 -8.04 0.92
N SER A 452 21.50 -8.38 -0.31
CA SER A 452 20.87 -7.75 -1.47
C SER A 452 19.42 -8.17 -1.62
N LYS A 453 19.07 -9.37 -1.15
CA LYS A 453 17.72 -9.91 -1.26
C LYS A 453 16.89 -9.72 0.00
N GLY A 454 17.32 -8.83 0.90
CA GLY A 454 16.52 -8.43 2.04
C GLY A 454 17.05 -8.83 3.41
N ALA A 455 18.14 -9.59 3.47
CA ALA A 455 18.66 -10.04 4.75
C ALA A 455 19.49 -8.94 5.41
N THR A 456 19.37 -8.85 6.73
CA THR A 456 20.27 -7.96 7.45
C THR A 456 21.66 -8.59 7.53
N PHE A 457 22.66 -7.74 7.82
CA PHE A 457 24.02 -8.26 7.90
C PHE A 457 24.19 -9.21 9.09
N GLU A 458 23.44 -8.98 10.18
CA GLU A 458 23.51 -9.90 11.30
C GLU A 458 22.98 -11.29 10.93
N GLU A 459 21.86 -11.33 10.19
CA GLU A 459 21.29 -12.62 9.79
C GLU A 459 22.19 -13.34 8.80
N ALA A 460 22.71 -12.62 7.80
CA ALA A 460 23.51 -13.24 6.77
C ALA A 460 24.84 -13.74 7.32
N LEU A 461 25.47 -12.97 8.21
CA LEU A 461 26.77 -13.38 8.75
C LEU A 461 26.66 -14.66 9.57
N ASP A 462 25.50 -14.92 10.17
CA ASP A 462 25.28 -16.11 10.98
C ASP A 462 24.63 -17.25 10.18
N TYR A 463 24.82 -17.29 8.87
CA TYR A 463 24.17 -18.31 8.08
C TYR A 463 24.75 -19.69 8.37
N ALA A 464 23.91 -20.70 8.22
CA ALA A 464 24.30 -22.09 8.34
C ALA A 464 24.15 -22.75 6.98
N VAL A 465 25.14 -23.57 6.62
CA VAL A 465 25.02 -24.37 5.40
C VAL A 465 23.89 -25.37 5.57
N SER A 466 23.14 -25.60 4.50
CA SER A 466 21.98 -26.49 4.54
C SER A 466 21.96 -27.32 3.27
N GLY A 467 21.82 -28.64 3.44
CA GLY A 467 21.79 -29.52 2.27
C GLY A 467 23.15 -29.61 1.62
N CYS A 468 23.17 -29.53 0.29
CA CYS A 468 24.41 -29.68 -0.46
C CYS A 468 25.37 -28.54 -0.14
N ILE A 469 24.99 -27.31 -0.46
CA ILE A 469 25.83 -26.17 -0.15
C ILE A 469 24.95 -24.91 -0.10
N GLU A 470 23.67 -25.11 0.18
CA GLU A 470 22.74 -24.00 0.35
C GLU A 470 22.94 -23.39 1.73
N ILE A 471 22.46 -22.18 1.90
CA ILE A 471 22.59 -21.52 3.19
C ILE A 471 21.20 -21.17 3.72
N ARG A 472 21.09 -21.12 5.04
CA ARG A 472 19.81 -20.84 5.68
C ARG A 472 20.01 -19.85 6.81
N MET A 473 19.00 -19.00 6.99
CA MET A 473 18.91 -18.11 8.13
C MET A 473 17.71 -18.59 8.95
N PRO A 474 17.92 -19.38 10.01
CA PRO A 474 16.83 -20.23 10.53
C PRO A 474 15.65 -19.47 11.12
N ASN A 475 15.71 -18.15 11.25
CA ASN A 475 14.57 -17.37 11.70
C ASN A 475 14.10 -16.37 10.65
N ARG A 476 14.65 -16.41 9.44
CA ARG A 476 14.28 -15.51 8.36
C ARG A 476 13.82 -16.24 7.11
N ASP A 477 14.50 -17.34 6.73
CA ASP A 477 14.06 -18.17 5.61
C ASP A 477 12.65 -18.71 5.87
N THR A 478 11.83 -18.71 4.83
CA THR A 478 10.48 -19.24 4.92
C THR A 478 10.07 -20.10 3.74
N TYR A 479 10.92 -20.27 2.73
CA TYR A 479 10.56 -21.02 1.54
C TYR A 479 11.01 -22.48 1.69
N THR A 480 10.10 -23.39 1.35
CA THR A 480 10.34 -24.80 1.62
C THR A 480 9.97 -25.70 0.44
N SER A 481 9.61 -25.14 -0.71
CA SER A 481 9.10 -25.93 -1.84
C SER A 481 10.23 -26.44 -2.72
N GLY A 482 10.19 -27.74 -3.01
CA GLY A 482 11.19 -28.33 -3.89
C GLY A 482 11.07 -27.78 -5.31
N GLY A 483 12.24 -27.48 -5.90
CA GLY A 483 12.30 -26.84 -7.19
C GLY A 483 12.43 -27.83 -8.34
N ALA A 484 12.44 -27.27 -9.55
CA ALA A 484 12.59 -28.07 -10.76
C ALA A 484 14.06 -28.32 -11.05
N TYR A 485 14.35 -29.49 -11.60
CA TYR A 485 15.67 -29.85 -12.11
C TYR A 485 15.57 -29.98 -13.63
N THR A 486 16.23 -29.07 -14.35
CA THR A 486 16.00 -28.86 -15.78
C THR A 486 17.18 -29.37 -16.59
N ASN A 487 16.89 -30.29 -17.52
CA ASN A 487 17.90 -30.95 -18.34
C ASN A 487 18.15 -30.12 -19.59
N PHE A 488 19.08 -29.17 -19.51
CA PHE A 488 19.41 -28.34 -20.66
C PHE A 488 20.24 -29.10 -21.69
N ALA A 489 20.83 -30.23 -21.32
CA ALA A 489 21.43 -31.10 -22.32
C ALA A 489 20.36 -31.66 -23.26
N SER A 490 19.14 -31.88 -22.76
CA SER A 490 18.06 -32.30 -23.65
C SER A 490 17.66 -31.19 -24.60
N ALA A 491 17.90 -29.93 -24.23
CA ALA A 491 17.66 -28.83 -25.17
C ALA A 491 18.59 -28.90 -26.36
N VAL A 492 19.83 -29.34 -26.16
CA VAL A 492 20.74 -29.55 -27.29
C VAL A 492 20.22 -30.67 -28.18
N GLU A 493 19.79 -31.78 -27.57
CA GLU A 493 19.27 -32.90 -28.36
C GLU A 493 18.01 -32.49 -29.12
N MET A 494 17.12 -31.75 -28.48
CA MET A 494 15.91 -31.30 -29.16
C MET A 494 16.24 -30.34 -30.30
N ALA A 495 17.30 -29.54 -30.16
CA ALA A 495 17.73 -28.66 -31.24
C ALA A 495 18.29 -29.44 -32.42
N LEU A 496 18.73 -30.68 -32.20
CA LEU A 496 19.21 -31.52 -33.29
C LEU A 496 18.07 -32.25 -33.99
N TYR A 497 17.04 -32.66 -33.25
CA TYR A 497 16.04 -33.59 -33.76
C TYR A 497 14.64 -32.99 -33.70
N ASP A 498 14.53 -31.69 -33.95
CA ASP A 498 13.24 -31.04 -34.17
C ASP A 498 12.32 -31.21 -32.96
N GLY A 499 12.85 -30.92 -31.77
CA GLY A 499 12.08 -31.02 -30.56
C GLY A 499 11.78 -32.43 -30.09
N LYS A 500 12.49 -33.42 -30.61
CA LYS A 500 12.32 -34.80 -30.19
C LYS A 500 13.60 -35.31 -29.55
N MET A 501 13.46 -36.39 -28.79
CA MET A 501 14.59 -37.07 -28.17
C MET A 501 14.55 -38.54 -28.55
N LYS A 502 15.73 -39.10 -28.83
CA LYS A 502 15.81 -40.51 -29.23
C LYS A 502 15.15 -41.41 -28.18
N LYS A 503 15.37 -41.09 -26.89
CA LYS A 503 14.82 -41.91 -25.81
C LYS A 503 13.30 -42.01 -25.88
N TYR A 504 12.63 -40.99 -26.42
CA TYR A 504 11.17 -40.93 -26.37
C TYR A 504 10.56 -40.95 -27.76
N GLY A 505 11.30 -41.42 -28.76
CA GLY A 505 10.70 -41.70 -30.05
C GLY A 505 10.14 -40.47 -30.73
N ASP A 506 8.88 -40.57 -31.15
CA ASP A 506 8.25 -39.54 -31.96
C ASP A 506 7.44 -38.55 -31.13
N VAL A 507 7.53 -38.63 -29.80
CA VAL A 507 6.79 -37.72 -28.93
C VAL A 507 7.30 -36.30 -29.12
N GLN A 508 6.40 -35.38 -29.45
CA GLN A 508 6.78 -34.00 -29.67
C GLN A 508 7.01 -33.31 -28.31
N LEU A 509 8.26 -33.32 -27.87
CA LEU A 509 8.60 -32.78 -26.56
C LEU A 509 8.84 -31.27 -26.61
N GLY A 510 9.64 -30.81 -27.56
CA GLY A 510 10.00 -29.42 -27.65
C GLY A 510 9.46 -28.73 -28.88
N ILE A 511 10.00 -27.53 -29.14
CA ILE A 511 9.62 -26.77 -30.33
C ILE A 511 10.07 -27.49 -31.58
N GLN A 512 9.28 -27.37 -32.65
CA GLN A 512 9.65 -27.90 -33.95
C GLN A 512 10.58 -26.89 -34.63
N THR A 513 11.86 -26.95 -34.26
CA THR A 513 12.88 -26.07 -34.78
C THR A 513 13.49 -26.56 -36.09
N GLY A 514 13.02 -27.69 -36.62
CA GLY A 514 13.46 -28.18 -37.90
C GLY A 514 14.58 -29.21 -37.78
N ASP A 515 14.83 -29.89 -38.89
CA ASP A 515 15.91 -30.87 -38.95
C ASP A 515 17.25 -30.15 -38.97
N ALA A 516 18.08 -30.41 -37.96
CA ALA A 516 19.37 -29.74 -37.85
C ALA A 516 20.33 -30.11 -38.97
N ARG A 517 20.07 -31.21 -39.68
CA ARG A 517 20.90 -31.55 -40.84
C ARG A 517 20.82 -30.48 -41.92
N LYS A 518 19.68 -29.80 -42.02
CA LYS A 518 19.43 -28.78 -43.03
C LYS A 518 19.83 -27.37 -42.58
N PHE A 519 20.42 -27.22 -41.40
CA PHE A 519 20.81 -25.89 -40.93
C PHE A 519 22.00 -25.39 -41.73
N LYS A 520 21.98 -24.09 -42.05
CA LYS A 520 22.96 -23.52 -42.95
C LYS A 520 23.96 -22.58 -42.27
N SER A 521 23.67 -22.11 -41.06
CA SER A 521 24.56 -21.19 -40.38
C SER A 521 24.52 -21.46 -38.88
N TRP A 522 25.55 -20.96 -38.19
CA TRP A 522 25.57 -21.03 -36.73
C TRP A 522 24.38 -20.30 -36.14
N ASP A 523 23.98 -19.17 -36.75
CA ASP A 523 22.82 -18.44 -36.27
C ASP A 523 21.59 -19.34 -36.22
N GLU A 524 21.41 -20.17 -37.24
CA GLU A 524 20.20 -20.98 -37.33
C GLU A 524 20.19 -22.08 -36.27
N PHE A 525 21.34 -22.65 -35.93
CA PHE A 525 21.36 -23.66 -34.88
C PHE A 525 21.22 -23.03 -33.50
N TRP A 526 21.92 -21.91 -33.28
CA TRP A 526 21.82 -21.22 -32.00
C TRP A 526 20.39 -20.81 -31.71
N ASN A 527 19.68 -20.30 -32.72
CA ASN A 527 18.28 -19.93 -32.54
C ASN A 527 17.44 -21.16 -32.18
N ALA A 528 17.73 -22.29 -32.81
CA ALA A 528 17.01 -23.52 -32.47
C ALA A 528 17.21 -23.89 -31.02
N TYR A 529 18.45 -23.78 -30.54
CA TYR A 529 18.73 -24.09 -29.14
C TYR A 529 18.05 -23.09 -28.21
N VAL A 530 18.16 -21.80 -28.52
CA VAL A 530 17.57 -20.78 -27.66
C VAL A 530 16.07 -21.03 -27.51
N GLN A 531 15.42 -21.50 -28.57
CA GLN A 531 13.99 -21.78 -28.48
C GLN A 531 13.72 -22.92 -27.50
N GLN A 532 14.49 -24.01 -27.59
CA GLN A 532 14.32 -25.09 -26.62
C GLN A 532 14.80 -24.67 -25.24
N HIS A 533 15.86 -23.85 -25.17
CA HIS A 533 16.33 -23.34 -23.89
C HIS A 533 15.24 -22.55 -23.19
N MET A 534 14.62 -21.59 -23.90
CA MET A 534 13.58 -20.78 -23.28
C MET A 534 12.35 -21.62 -22.97
N LEU A 535 12.05 -22.65 -23.76
CA LEU A 535 10.93 -23.53 -23.45
C LEU A 535 11.13 -24.24 -22.13
N LEU A 536 12.32 -24.78 -21.90
CA LEU A 536 12.59 -25.44 -20.63
C LEU A 536 12.44 -24.46 -19.47
N LEU A 537 12.83 -23.20 -19.68
CA LEU A 537 12.69 -22.19 -18.63
C LEU A 537 11.22 -21.90 -18.36
N ARG A 538 10.41 -21.73 -19.40
CA ARG A 538 8.99 -21.50 -19.21
C ARG A 538 8.32 -22.67 -18.51
N THR A 539 8.64 -23.89 -18.93
CA THR A 539 8.07 -25.06 -18.28
C THR A 539 8.54 -25.17 -16.84
N THR A 540 9.79 -24.81 -16.57
CA THR A 540 10.32 -24.91 -15.21
C THR A 540 9.52 -24.05 -14.24
N PHE A 541 9.29 -22.78 -14.60
CA PHE A 541 8.65 -21.85 -13.68
C PHE A 541 7.15 -22.12 -13.57
N ILE A 542 6.50 -22.52 -14.66
CA ILE A 542 5.09 -22.89 -14.59
C ILE A 542 4.90 -24.10 -13.68
N GLN A 543 5.75 -25.10 -13.84
CA GLN A 543 5.72 -26.26 -12.96
C GLN A 543 5.92 -25.85 -11.51
N GLN A 544 6.87 -24.94 -11.26
CA GLN A 544 7.20 -24.54 -9.90
C GLN A 544 6.03 -23.86 -9.21
N TYR A 545 5.33 -22.98 -9.94
CA TYR A 545 4.21 -22.25 -9.34
C TYR A 545 3.09 -23.21 -8.94
N ILE A 546 2.87 -24.26 -9.73
CA ILE A 546 1.89 -25.28 -9.37
C ILE A 546 2.37 -26.03 -8.13
N VAL A 547 3.67 -26.30 -8.04
CA VAL A 547 4.21 -26.98 -6.86
C VAL A 547 3.97 -26.15 -5.61
N ILE A 548 4.23 -24.84 -5.69
CA ILE A 548 4.01 -23.97 -4.54
C ILE A 548 2.56 -24.05 -4.08
N GLN A 549 1.62 -23.93 -5.01
CA GLN A 549 0.21 -23.96 -4.63
C GLN A 549 -0.21 -25.33 -4.14
N THR A 550 0.35 -26.40 -4.72
CA THR A 550 -0.08 -27.75 -4.32
C THR A 550 0.51 -28.15 -2.98
N ARG A 551 1.77 -27.83 -2.71
CA ARG A 551 2.38 -28.19 -1.43
C ARG A 551 1.63 -27.57 -0.25
N ALA A 552 1.07 -26.38 -0.43
CA ALA A 552 0.36 -25.72 0.66
C ALA A 552 -0.85 -26.53 1.12
N LYS A 553 -1.34 -27.46 0.30
CA LYS A 553 -2.50 -28.27 0.66
C LYS A 553 -2.12 -29.62 1.26
N HIS A 554 -0.84 -29.98 1.30
CA HIS A 554 -0.46 -31.33 1.69
C HIS A 554 0.59 -31.42 2.80
N PHE A 555 1.32 -30.35 3.10
CA PHE A 555 2.41 -30.45 4.07
C PHE A 555 2.24 -29.41 5.17
N ALA A 556 2.52 -29.83 6.40
CA ALA A 556 2.60 -28.95 7.54
C ALA A 556 3.81 -29.38 8.37
N GLN A 557 4.28 -28.47 9.21
CA GLN A 557 5.51 -28.69 9.98
C GLN A 557 5.38 -28.01 11.33
N PRO A 558 4.56 -28.58 12.23
CA PRO A 558 4.34 -27.90 13.53
C PRO A 558 5.62 -27.70 14.34
N MET A 559 6.47 -28.72 14.46
CA MET A 559 7.68 -28.52 15.24
C MET A 559 8.62 -27.54 14.55
N GLY A 560 8.86 -27.71 13.26
CA GLY A 560 9.70 -26.76 12.55
C GLY A 560 9.21 -25.34 12.61
N SER A 561 7.87 -25.16 12.64
CA SER A 561 7.31 -23.81 12.68
C SER A 561 7.50 -23.17 14.05
N VAL A 562 7.30 -23.94 15.13
CA VAL A 562 7.45 -23.38 16.47
C VAL A 562 8.91 -23.03 16.75
N LEU A 563 9.84 -23.55 15.96
CA LEU A 563 11.25 -23.17 16.07
C LEU A 563 11.60 -21.96 15.23
N HIS A 564 10.63 -21.36 14.56
CA HIS A 564 10.84 -20.21 13.69
C HIS A 564 10.16 -18.99 14.32
N ALA A 565 10.95 -17.94 14.58
CA ALA A 565 10.42 -16.77 15.28
C ALA A 565 9.28 -16.11 14.50
N LEU A 566 9.40 -16.07 13.17
CA LEU A 566 8.36 -15.45 12.36
C LEU A 566 7.10 -16.31 12.32
N CYS A 567 7.23 -17.63 12.37
CA CYS A 567 6.05 -18.48 12.43
C CYS A 567 5.36 -18.35 13.79
N ARG A 568 6.14 -18.21 14.87
CA ARG A 568 5.53 -17.96 16.17
C ARG A 568 4.85 -16.59 16.20
N LYS A 569 5.42 -15.61 15.50
CA LYS A 569 4.90 -14.25 15.57
C LYS A 569 3.62 -14.10 14.77
N HIS A 570 3.55 -14.66 13.57
CA HIS A 570 2.37 -14.50 12.74
C HIS A 570 1.47 -15.73 12.76
N CYS A 571 1.89 -16.79 13.45
CA CYS A 571 1.08 -17.98 13.66
C CYS A 571 0.63 -18.59 12.33
N ILE A 572 1.63 -19.01 11.55
CA ILE A 572 1.39 -19.66 10.27
C ILE A 572 2.52 -20.66 10.03
N ASP A 573 2.16 -21.79 9.43
CA ASP A 573 3.09 -22.88 9.19
C ASP A 573 4.07 -22.54 8.05
N LEU A 574 5.27 -23.14 8.10
CA LEU A 574 6.32 -22.82 7.14
C LEU A 574 5.94 -23.19 5.70
N HIS A 575 5.27 -24.32 5.52
CA HIS A 575 4.97 -24.77 4.18
C HIS A 575 3.86 -23.97 3.49
N GLN A 576 3.37 -22.90 4.10
CA GLN A 576 2.49 -21.97 3.39
C GLN A 576 3.33 -21.07 2.49
N PRO A 577 2.76 -20.61 1.37
CA PRO A 577 3.59 -19.88 0.39
C PRO A 577 4.15 -18.56 0.88
N GLN A 578 3.36 -17.75 1.57
CA GLN A 578 3.81 -16.43 2.00
C GLN A 578 3.65 -16.30 3.51
N ILE A 579 4.73 -15.91 4.18
CA ILE A 579 4.76 -15.69 5.62
C ILE A 579 5.24 -14.27 5.86
N PRO A 580 4.52 -13.47 6.65
CA PRO A 580 4.90 -12.06 6.83
C PRO A 580 6.33 -11.90 7.34
N GLU A 581 7.05 -10.94 6.74
CA GLU A 581 8.43 -10.56 7.02
C GLU A 581 9.44 -11.63 6.60
N GLY A 582 8.99 -12.75 6.04
CA GLY A 582 9.92 -13.79 5.64
C GLY A 582 10.59 -13.53 4.32
N LEU A 583 11.71 -14.19 4.11
CA LEU A 583 12.44 -14.17 2.85
C LEU A 583 12.40 -15.56 2.22
N ASN A 584 12.12 -15.61 0.93
CA ASN A 584 11.89 -16.86 0.22
C ASN A 584 12.99 -17.08 -0.81
N PHE A 585 13.87 -18.05 -0.54
CA PHE A 585 15.00 -18.37 -1.42
C PHE A 585 14.73 -19.74 -2.03
N GLY A 586 14.21 -19.74 -3.26
CA GLY A 586 13.97 -20.95 -4.01
C GLY A 586 14.95 -21.11 -5.16
N TYR A 587 14.82 -22.23 -5.87
CA TYR A 587 15.81 -22.59 -6.85
C TYR A 587 15.18 -23.32 -8.03
N PHE A 588 15.83 -23.20 -9.19
CA PHE A 588 15.70 -24.16 -10.27
C PHE A 588 17.10 -24.54 -10.72
N GLU A 589 17.24 -25.76 -11.23
CA GLU A 589 18.55 -26.34 -11.50
C GLU A 589 18.89 -26.30 -12.99
N PHE A 590 20.05 -25.75 -13.30
CA PHE A 590 20.65 -25.83 -14.63
C PHE A 590 21.54 -27.07 -14.65
N MET A 591 21.09 -28.12 -15.31
CA MET A 591 21.81 -29.38 -15.37
C MET A 591 22.54 -29.53 -16.70
N GLY A 592 23.77 -30.01 -16.63
CA GLY A 592 24.55 -30.30 -17.82
C GLY A 592 25.29 -29.13 -18.41
N LEU A 593 25.70 -28.16 -17.59
CA LEU A 593 26.36 -26.95 -18.10
C LEU A 593 27.53 -27.30 -19.00
N GLY A 594 28.48 -28.10 -18.49
CA GLY A 594 29.65 -28.45 -19.26
C GLY A 594 29.32 -29.22 -20.53
N THR A 595 28.34 -30.12 -20.44
CA THR A 595 27.92 -30.86 -21.63
C THR A 595 27.30 -29.93 -22.66
N VAL A 596 26.49 -28.96 -22.20
CA VAL A 596 25.84 -28.06 -23.14
C VAL A 596 26.86 -27.12 -23.78
N ILE A 597 27.75 -26.53 -22.98
CA ILE A 597 28.74 -25.59 -23.51
C ILE A 597 29.58 -26.28 -24.59
N ASP A 598 30.21 -27.41 -24.22
CA ASP A 598 31.13 -28.09 -25.12
C ASP A 598 30.42 -28.58 -26.38
N SER A 599 29.15 -28.97 -26.28
CA SER A 599 28.40 -29.38 -27.47
C SER A 599 28.21 -28.21 -28.42
N LEU A 600 27.77 -27.06 -27.90
CA LEU A 600 27.56 -25.90 -28.76
C LEU A 600 28.88 -25.39 -29.32
N ALA A 601 29.94 -25.42 -28.51
CA ALA A 601 31.24 -24.97 -28.99
C ALA A 601 31.76 -25.85 -30.11
N ALA A 602 31.55 -27.16 -30.00
CA ALA A 602 32.00 -28.06 -31.06
C ALA A 602 31.27 -27.78 -32.36
N ILE A 603 29.98 -27.46 -32.29
CA ILE A 603 29.20 -27.17 -33.49
C ILE A 603 29.63 -25.84 -34.09
N LYS A 604 29.76 -24.81 -33.27
CA LYS A 604 30.15 -23.50 -33.78
C LYS A 604 31.55 -23.53 -34.40
N LYS A 605 32.50 -24.18 -33.73
CA LYS A 605 33.89 -24.20 -34.22
C LYS A 605 34.05 -25.12 -35.43
N LEU A 606 33.71 -26.40 -35.26
CA LEU A 606 34.10 -27.41 -36.24
C LEU A 606 33.17 -27.47 -37.44
N VAL A 607 31.96 -26.94 -37.34
CA VAL A 607 30.99 -26.99 -38.43
C VAL A 607 30.94 -25.68 -39.20
N PHE A 608 30.70 -24.56 -38.52
CA PHE A 608 30.37 -23.32 -39.21
C PHE A 608 31.53 -22.32 -39.29
N GLU A 609 32.56 -22.45 -38.48
CA GLU A 609 33.72 -21.56 -38.60
C GLU A 609 34.88 -22.21 -39.33
N ASP A 610 35.30 -23.39 -38.89
CA ASP A 610 36.40 -24.11 -39.52
C ASP A 610 35.96 -25.05 -40.62
N LYS A 611 34.65 -25.33 -40.74
CA LYS A 611 34.13 -26.23 -41.76
C LYS A 611 34.83 -27.58 -41.75
N LYS A 612 35.22 -28.06 -40.57
CA LYS A 612 35.92 -29.34 -40.52
C LYS A 612 34.97 -30.53 -40.62
N LEU A 613 33.67 -30.34 -40.41
CA LEU A 613 32.71 -31.40 -40.69
C LEU A 613 31.35 -30.78 -40.97
N THR A 614 30.46 -31.60 -41.52
CA THR A 614 29.12 -31.17 -41.87
C THR A 614 28.13 -31.65 -40.82
N MET A 615 26.95 -31.02 -40.82
CA MET A 615 25.88 -31.44 -39.92
C MET A 615 25.48 -32.88 -40.18
N ASP A 616 25.53 -33.32 -41.45
CA ASP A 616 25.22 -34.71 -41.76
C ASP A 616 26.23 -35.64 -41.11
N GLN A 617 27.52 -35.34 -41.25
CA GLN A 617 28.52 -36.16 -40.57
C GLN A 617 28.30 -36.15 -39.07
N LEU A 618 28.02 -34.99 -38.50
CA LEU A 618 27.81 -34.89 -37.07
C LEU A 618 26.64 -35.74 -36.62
N ILE A 619 25.47 -35.52 -37.22
CA ILE A 619 24.28 -36.24 -36.77
C ILE A 619 24.33 -37.71 -37.20
N ASP A 620 25.03 -38.05 -38.29
CA ASP A 620 25.26 -39.46 -38.62
C ASP A 620 26.05 -40.14 -37.51
N ALA A 621 27.07 -39.47 -36.99
CA ALA A 621 27.87 -40.06 -35.91
C ALA A 621 27.06 -40.16 -34.62
N LEU A 622 26.21 -39.17 -34.34
CA LEU A 622 25.42 -39.19 -33.13
C LEU A 622 24.39 -40.32 -33.17
N GLU A 623 23.66 -40.44 -34.28
CA GLU A 623 22.64 -41.47 -34.39
C GLU A 623 23.24 -42.88 -34.44
N ALA A 624 24.52 -43.00 -34.74
CA ALA A 624 25.21 -44.28 -34.70
C ALA A 624 25.90 -44.52 -33.36
N ASN A 625 25.76 -43.58 -32.42
CA ASN A 625 26.48 -43.62 -31.15
C ASN A 625 27.98 -43.78 -31.40
N PHE A 626 28.47 -43.11 -32.44
CA PHE A 626 29.87 -43.06 -32.83
C PHE A 626 30.41 -44.43 -33.25
N GLU A 627 29.54 -45.43 -33.43
CA GLU A 627 30.00 -46.75 -33.85
C GLU A 627 30.28 -46.71 -35.35
N GLY A 628 31.53 -46.94 -35.72
CA GLY A 628 31.94 -46.73 -37.09
C GLY A 628 32.28 -45.29 -37.41
N TYR A 629 32.13 -44.38 -36.45
CA TYR A 629 32.41 -42.96 -36.64
C TYR A 629 33.38 -42.44 -35.60
N GLU A 630 34.28 -43.30 -35.10
CA GLU A 630 35.23 -42.88 -34.08
C GLU A 630 36.12 -41.72 -34.53
N ASP A 631 36.27 -41.53 -35.84
CA ASP A 631 37.03 -40.38 -36.34
C ASP A 631 36.33 -39.07 -36.04
N ILE A 632 35.00 -39.05 -36.14
CA ILE A 632 34.26 -37.82 -35.87
C ILE A 632 34.20 -37.56 -34.37
N GLN A 633 34.01 -38.60 -33.57
CA GLN A 633 34.07 -38.45 -32.11
C GLN A 633 35.41 -37.85 -31.69
N GLN A 634 36.51 -38.39 -32.23
CA GLN A 634 37.82 -37.87 -31.88
C GLN A 634 37.99 -36.44 -32.38
N LEU A 635 37.38 -36.12 -33.52
CA LEU A 635 37.46 -34.75 -34.05
C LEU A 635 36.69 -33.79 -33.17
N LEU A 636 35.52 -34.21 -32.66
CA LEU A 636 34.72 -33.33 -31.81
C LEU A 636 35.46 -32.94 -30.55
N ARG A 637 36.30 -33.83 -30.04
CA ARG A 637 37.01 -33.56 -28.79
C ARG A 637 38.16 -32.56 -28.95
N THR A 638 38.40 -32.04 -30.16
CA THR A 638 39.43 -31.02 -30.36
C THR A 638 38.89 -29.60 -30.26
N ALA A 639 37.59 -29.42 -30.12
CA ALA A 639 37.00 -28.10 -30.02
C ALA A 639 37.21 -27.50 -28.64
N PRO A 640 37.17 -26.17 -28.53
CA PRO A 640 37.34 -25.52 -27.22
C PRO A 640 36.30 -26.03 -26.22
N CYS A 641 36.73 -26.17 -24.97
CA CYS A 641 35.88 -26.74 -23.93
C CYS A 641 35.84 -25.83 -22.71
N TYR A 642 34.77 -25.98 -21.95
CA TYR A 642 34.60 -25.27 -20.69
C TYR A 642 35.56 -25.83 -19.64
N GLY A 643 36.16 -24.95 -18.86
CA GLY A 643 37.09 -25.34 -17.82
C GLY A 643 38.55 -25.21 -18.14
N ASN A 644 38.90 -24.51 -19.22
CA ASN A 644 40.29 -24.31 -19.60
C ASN A 644 40.69 -22.84 -19.63
N ASP A 645 39.87 -21.96 -19.06
CA ASP A 645 40.04 -20.52 -19.21
C ASP A 645 40.08 -20.13 -20.69
N ASP A 646 39.21 -20.76 -21.48
CA ASP A 646 39.14 -20.53 -22.92
C ASP A 646 37.93 -19.64 -23.20
N GLU A 647 38.19 -18.38 -23.56
CA GLU A 647 37.09 -17.43 -23.78
C GLU A 647 36.17 -17.88 -24.90
N TYR A 648 36.66 -18.68 -25.85
CA TYR A 648 35.79 -19.17 -26.91
C TYR A 648 34.66 -20.02 -26.34
N ALA A 649 34.99 -20.90 -25.39
CA ALA A 649 33.96 -21.72 -24.76
C ALA A 649 33.25 -20.97 -23.65
N ASP A 650 33.99 -20.18 -22.87
CA ASP A 650 33.41 -19.55 -21.69
C ASP A 650 32.38 -18.49 -22.05
N GLU A 651 32.54 -17.82 -23.19
CA GLU A 651 31.56 -16.82 -23.60
C GLU A 651 30.22 -17.46 -23.95
N ILE A 652 30.23 -18.71 -24.44
CA ILE A 652 28.98 -19.41 -24.67
C ILE A 652 28.31 -19.74 -23.35
N GLY A 653 29.08 -20.29 -22.40
CA GLY A 653 28.52 -20.57 -21.08
C GLY A 653 28.01 -19.33 -20.38
N ARG A 654 28.73 -18.21 -20.53
CA ARG A 654 28.27 -16.97 -19.92
C ARG A 654 26.91 -16.56 -20.47
N GLU A 655 26.68 -16.77 -21.77
CA GLU A 655 25.39 -16.42 -22.36
C GLU A 655 24.30 -17.40 -21.95
N LEU A 656 24.63 -18.69 -21.84
CA LEU A 656 23.68 -19.65 -21.30
C LEU A 656 23.25 -19.24 -19.90
N ASP A 657 24.22 -18.91 -19.04
CA ASP A 657 23.91 -18.46 -17.69
C ASP A 657 23.09 -17.17 -17.72
N ARG A 658 23.43 -16.23 -18.60
CA ARG A 658 22.70 -14.97 -18.66
C ARG A 658 21.23 -15.19 -19.00
N MET A 659 20.94 -16.16 -19.87
CA MET A 659 19.55 -16.42 -20.21
C MET A 659 18.78 -16.97 -19.01
N ALA A 660 19.40 -17.86 -18.24
CA ALA A 660 18.71 -18.44 -17.10
C ALA A 660 18.56 -17.44 -15.95
N VAL A 661 19.61 -16.67 -15.66
CA VAL A 661 19.55 -15.70 -14.58
C VAL A 661 18.61 -14.55 -14.93
N SER A 662 18.69 -14.06 -16.17
CA SER A 662 17.80 -12.98 -16.59
C SER A 662 16.35 -13.42 -16.54
N PHE A 663 16.07 -14.66 -16.95
CA PHE A 663 14.72 -15.21 -16.86
C PHE A 663 14.27 -15.33 -15.40
N ALA A 664 15.18 -15.79 -14.53
CA ALA A 664 14.84 -15.96 -13.12
C ALA A 664 14.53 -14.63 -12.44
N ALA A 665 15.30 -13.59 -12.76
CA ALA A 665 15.06 -12.27 -12.16
C ALA A 665 13.72 -11.70 -12.58
N LYS A 666 13.25 -12.03 -13.79
CA LYS A 666 12.03 -11.41 -14.28
C LYS A 666 10.78 -12.10 -13.76
N TYR A 667 10.79 -13.43 -13.68
CA TYR A 667 9.57 -14.18 -13.42
C TYR A 667 9.52 -14.81 -12.04
N GLY A 668 10.57 -14.67 -11.22
CA GLY A 668 10.50 -15.16 -9.86
C GLY A 668 9.57 -14.32 -8.99
N LYS A 669 9.66 -12.99 -9.13
CA LYS A 669 8.99 -12.09 -8.20
C LYS A 669 7.47 -12.22 -8.27
N GLU A 670 6.92 -12.55 -9.43
CA GLU A 670 5.47 -12.68 -9.51
C GLU A 670 4.98 -13.94 -8.83
N MET A 671 5.85 -14.90 -8.57
CA MET A 671 5.52 -16.00 -7.66
C MET A 671 5.74 -15.62 -6.20
N GLY A 672 6.24 -14.42 -5.93
CA GLY A 672 6.50 -13.97 -4.58
C GLY A 672 7.71 -14.56 -3.92
N ILE A 673 8.67 -15.06 -4.70
CA ILE A 673 9.87 -15.72 -4.19
C ILE A 673 11.06 -15.33 -5.06
N ASN A 674 12.24 -15.63 -4.55
CA ASN A 674 13.45 -15.71 -5.36
C ASN A 674 13.55 -17.12 -5.93
N ASN A 675 13.42 -17.26 -7.24
CA ASN A 675 13.57 -18.55 -7.90
C ASN A 675 14.83 -18.46 -8.76
N ASP A 676 15.98 -18.67 -8.12
CA ASP A 676 17.26 -18.36 -8.72
C ASP A 676 17.89 -19.58 -9.39
N ALA A 677 18.73 -19.32 -10.38
CA ALA A 677 19.41 -20.37 -11.11
C ALA A 677 20.52 -20.99 -10.26
N ARG A 678 20.50 -22.31 -10.11
CA ARG A 678 21.46 -23.01 -9.27
C ARG A 678 22.06 -24.17 -10.07
N TYR A 679 23.31 -24.49 -9.75
CA TYR A 679 24.02 -25.55 -10.46
C TYR A 679 24.47 -26.64 -9.51
N VAL A 680 23.54 -27.19 -8.74
CA VAL A 680 23.81 -28.21 -7.72
C VAL A 680 23.09 -29.48 -8.11
N PRO A 681 23.80 -30.60 -8.37
CA PRO A 681 23.19 -31.70 -9.13
C PRO A 681 22.58 -32.86 -8.35
N PHE A 682 22.86 -33.00 -7.06
CA PHE A 682 22.61 -34.30 -6.39
C PHE A 682 23.39 -35.34 -7.20
N THR A 683 22.83 -36.50 -7.47
CA THR A 683 23.38 -37.39 -8.48
C THR A 683 22.49 -37.46 -9.73
N SER A 684 21.66 -36.44 -9.94
CA SER A 684 20.74 -36.42 -11.07
C SER A 684 21.44 -36.31 -12.40
N HIS A 685 22.73 -35.95 -12.41
CA HIS A 685 23.45 -35.95 -13.67
C HIS A 685 23.61 -37.35 -14.23
N VAL A 686 23.34 -38.38 -13.45
CA VAL A 686 23.38 -39.75 -13.94
C VAL A 686 22.06 -40.07 -14.66
N PRO A 687 20.89 -39.96 -14.02
CA PRO A 687 19.66 -40.23 -14.78
C PRO A 687 19.41 -39.21 -15.89
N PHE A 688 19.82 -37.94 -15.71
CA PHE A 688 19.67 -36.97 -16.79
C PHE A 688 20.50 -37.38 -18.00
N GLY A 689 21.70 -37.92 -17.76
CA GLY A 689 22.49 -38.43 -18.85
C GLY A 689 21.90 -39.67 -19.50
N LYS A 690 21.24 -40.53 -18.71
CA LYS A 690 20.68 -41.77 -19.25
C LYS A 690 19.54 -41.55 -20.22
N VAL A 691 18.97 -40.34 -20.29
CA VAL A 691 17.91 -40.06 -21.24
C VAL A 691 18.38 -39.23 -22.43
N VAL A 692 19.64 -38.81 -22.44
CA VAL A 692 20.21 -37.99 -23.50
C VAL A 692 21.13 -38.88 -24.34
N SER A 693 20.90 -38.90 -25.66
CA SER A 693 21.70 -39.71 -26.56
C SER A 693 23.07 -39.05 -26.76
N ALA A 694 23.82 -39.52 -27.75
CA ALA A 694 25.16 -39.00 -27.98
C ALA A 694 25.10 -37.51 -28.31
N THR A 695 26.07 -36.76 -27.79
CA THR A 695 26.06 -35.31 -27.87
C THR A 695 27.26 -34.79 -28.65
N PRO A 696 27.16 -33.57 -29.21
CA PRO A 696 28.23 -33.07 -30.10
C PRO A 696 29.59 -32.85 -29.45
N ASN A 697 29.71 -33.03 -28.14
CA ASN A 697 31.01 -32.86 -27.50
C ASN A 697 31.80 -34.16 -27.48
N GLY A 698 31.25 -35.24 -28.05
CA GLY A 698 31.88 -36.53 -28.05
C GLY A 698 31.35 -37.51 -27.02
N ARG A 699 30.48 -37.05 -26.12
CA ARG A 699 29.92 -37.92 -25.10
C ARG A 699 28.97 -38.94 -25.71
N VAL A 700 29.20 -40.21 -25.39
CA VAL A 700 28.39 -41.31 -25.92
C VAL A 700 26.99 -41.26 -25.29
N ALA A 701 26.06 -41.99 -25.89
CA ALA A 701 24.69 -41.98 -25.42
C ALA A 701 24.57 -42.59 -24.03
N TRP A 702 23.66 -42.04 -23.23
CA TRP A 702 23.26 -42.51 -21.90
C TRP A 702 24.35 -42.37 -20.84
N PHE A 703 25.45 -41.70 -21.16
CA PHE A 703 26.52 -41.43 -20.20
C PHE A 703 26.12 -40.24 -19.32
N PRO A 704 26.57 -40.22 -18.06
CA PRO A 704 26.24 -39.09 -17.18
C PRO A 704 26.66 -37.76 -17.78
N LEU A 705 25.90 -36.72 -17.43
CA LEU A 705 26.25 -35.37 -17.84
C LEU A 705 27.40 -34.84 -16.99
N ALA A 706 27.89 -33.66 -17.37
CA ALA A 706 28.87 -32.99 -16.53
C ALA A 706 28.25 -32.64 -15.20
N ASP A 707 28.94 -32.95 -14.11
CA ASP A 707 28.40 -32.77 -12.78
C ASP A 707 28.44 -31.29 -12.38
N GLY A 708 27.30 -30.79 -11.91
CA GLY A 708 27.24 -29.43 -11.39
C GLY A 708 27.79 -28.45 -12.39
N SER A 709 28.63 -27.53 -11.92
CA SER A 709 29.34 -26.60 -12.79
C SER A 709 30.80 -27.02 -13.00
N SER A 710 31.10 -28.30 -12.83
CA SER A 710 32.43 -28.80 -13.11
C SER A 710 32.59 -28.97 -14.61
N PRO A 711 33.83 -29.00 -15.12
CA PRO A 711 34.02 -29.27 -16.54
C PRO A 711 33.56 -30.68 -16.90
N SER A 712 33.20 -30.85 -18.18
CA SER A 712 32.93 -32.18 -18.70
C SER A 712 34.09 -33.12 -18.42
N HIS A 713 33.77 -34.40 -18.27
CA HIS A 713 34.77 -35.42 -17.94
C HIS A 713 35.93 -35.39 -18.94
N GLY A 714 37.13 -35.12 -18.42
CA GLY A 714 38.33 -35.13 -19.22
C GLY A 714 38.50 -33.97 -20.18
N ALA A 715 37.74 -32.89 -20.00
CA ALA A 715 37.84 -31.75 -20.90
C ALA A 715 38.77 -30.66 -20.41
N ASP A 716 39.28 -30.77 -19.17
CA ASP A 716 40.13 -29.74 -18.57
C ASP A 716 41.60 -30.10 -18.78
N HIS A 717 42.21 -29.50 -19.79
CA HIS A 717 43.60 -29.76 -20.18
C HIS A 717 44.55 -28.63 -19.78
N ASN A 718 44.11 -27.67 -18.95
CA ASN A 718 44.93 -26.52 -18.62
C ASN A 718 45.14 -26.34 -17.12
N GLY A 719 45.03 -27.41 -16.34
CA GLY A 719 45.32 -27.33 -14.93
C GLY A 719 44.09 -27.01 -14.10
N PRO A 720 44.21 -27.13 -12.78
CA PRO A 720 43.05 -26.95 -11.91
C PRO A 720 42.62 -25.50 -11.75
N THR A 721 43.58 -24.57 -11.76
CA THR A 721 43.21 -23.17 -11.58
C THR A 721 42.32 -22.66 -12.71
N ALA A 722 42.51 -23.18 -13.92
CA ALA A 722 41.67 -22.77 -15.04
C ALA A 722 40.20 -23.11 -14.79
N ILE A 723 39.93 -24.17 -14.01
CA ILE A 723 38.54 -24.49 -13.66
C ILE A 723 37.91 -23.34 -12.88
N LEU A 724 38.69 -22.73 -11.97
CA LEU A 724 38.18 -21.60 -11.20
C LEU A 724 37.88 -20.41 -12.09
N LEU A 725 38.77 -20.12 -13.06
CA LEU A 725 38.57 -18.97 -13.93
C LEU A 725 37.39 -19.17 -14.87
N SER A 726 37.17 -20.38 -15.36
CA SER A 726 36.03 -20.64 -16.24
C SER A 726 34.72 -20.47 -15.49
N ASN A 727 34.66 -20.95 -14.25
CA ASN A 727 33.48 -20.73 -13.43
C ASN A 727 33.22 -19.24 -13.28
N HIS A 728 34.27 -18.46 -13.02
CA HIS A 728 34.09 -17.02 -12.89
C HIS A 728 33.67 -16.39 -14.21
N ASN A 729 34.25 -16.86 -15.33
CA ASN A 729 33.98 -16.26 -16.63
C ASN A 729 32.62 -16.62 -17.21
N THR A 730 31.95 -17.62 -16.66
CA THR A 730 30.62 -18.04 -17.13
C THR A 730 29.50 -17.57 -16.22
N LYS A 731 29.81 -16.73 -15.23
CA LYS A 731 28.81 -16.12 -14.36
C LYS A 731 28.51 -14.68 -14.80
N ASN A 732 27.42 -14.14 -14.26
CA ASN A 732 26.96 -12.78 -14.58
C ASN A 732 26.79 -12.01 -13.26
N TYR A 733 27.90 -11.50 -12.75
CA TYR A 733 27.91 -10.80 -11.46
C TYR A 733 27.13 -9.50 -11.48
N GLY A 734 26.70 -9.03 -12.65
CA GLY A 734 25.84 -7.86 -12.71
C GLY A 734 24.40 -8.10 -12.31
N MET A 735 23.99 -9.36 -12.21
CA MET A 735 22.66 -9.70 -11.76
C MET A 735 22.75 -10.54 -10.50
N ARG A 736 21.61 -10.73 -9.84
CA ARG A 736 21.60 -11.44 -8.57
C ARG A 736 20.76 -12.70 -8.57
N ALA A 737 19.96 -12.94 -9.62
CA ALA A 737 19.08 -14.09 -9.64
C ALA A 737 19.84 -15.41 -9.81
N ARG A 738 20.85 -15.63 -8.96
CA ARG A 738 21.64 -16.85 -8.98
C ARG A 738 21.79 -17.40 -7.56
N ALA A 739 22.16 -18.68 -7.48
CA ALA A 739 22.50 -19.30 -6.22
C ALA A 739 23.81 -20.06 -6.35
N ALA A 740 23.92 -21.19 -5.65
CA ALA A 740 25.19 -21.90 -5.59
C ALA A 740 25.53 -22.59 -6.91
N ARG A 741 26.83 -22.84 -7.11
CA ARG A 741 27.35 -23.71 -8.14
C ARG A 741 28.24 -24.74 -7.47
N LEU A 742 28.01 -26.02 -7.77
CA LEU A 742 28.82 -27.09 -7.21
C LEU A 742 30.04 -27.31 -8.10
N ILE A 743 31.23 -27.24 -7.52
CA ILE A 743 32.48 -27.49 -8.23
C ILE A 743 33.14 -28.71 -7.63
N ASN A 744 33.45 -29.69 -8.47
CA ASN A 744 34.22 -30.86 -8.08
C ASN A 744 35.58 -30.79 -8.75
N VAL A 745 36.64 -30.87 -7.96
CA VAL A 745 38.01 -30.94 -8.47
C VAL A 745 38.70 -32.13 -7.82
N LYS A 746 39.42 -32.90 -8.62
CA LYS A 746 40.14 -34.07 -8.12
C LYS A 746 41.63 -33.87 -8.28
N PHE A 747 42.37 -34.07 -7.19
CA PHE A 747 43.82 -34.04 -7.20
C PHE A 747 44.36 -35.44 -6.93
N THR A 748 45.54 -35.72 -7.48
CA THR A 748 46.26 -36.90 -7.00
C THR A 748 46.95 -36.56 -5.67
N PRO A 749 47.19 -37.56 -4.82
CA PRO A 749 47.91 -37.27 -3.57
C PRO A 749 49.29 -36.67 -3.80
N LYS A 750 49.99 -37.06 -4.86
CA LYS A 750 51.31 -36.49 -5.13
C LYS A 750 51.21 -35.01 -5.51
N CYS A 751 50.10 -34.61 -6.14
CA CYS A 751 49.91 -33.22 -6.51
C CYS A 751 49.97 -32.31 -5.29
N VAL A 752 49.48 -32.79 -4.14
CA VAL A 752 49.36 -31.99 -2.93
C VAL A 752 50.24 -32.54 -1.81
N GLU A 753 51.37 -33.15 -2.17
CA GLU A 753 52.20 -33.84 -1.18
C GLU A 753 52.91 -32.86 -0.26
N GLY A 754 53.02 -33.23 1.02
CA GLY A 754 53.87 -32.52 1.96
C GLY A 754 53.38 -31.12 2.30
N ASP A 755 54.20 -30.43 3.09
CA ASP A 755 53.89 -29.05 3.47
C ASP A 755 53.84 -28.13 2.25
N ALA A 756 54.69 -28.37 1.25
CA ALA A 756 54.61 -27.60 0.02
C ALA A 756 53.29 -27.80 -0.69
N GLY A 757 52.73 -29.01 -0.62
CA GLY A 757 51.44 -29.25 -1.25
C GLY A 757 50.30 -28.59 -0.50
N THR A 758 50.34 -28.66 0.83
CA THR A 758 49.30 -28.02 1.63
C THR A 758 49.27 -26.52 1.39
N GLU A 759 50.47 -25.91 1.23
CA GLU A 759 50.55 -24.49 0.94
C GLU A 759 49.92 -24.18 -0.41
N LYS A 760 50.14 -25.04 -1.40
CA LYS A 760 49.53 -24.81 -2.72
C LYS A 760 48.02 -24.90 -2.64
N LEU A 761 47.51 -25.84 -1.83
CA LEU A 761 46.06 -25.98 -1.68
C LEU A 761 45.45 -24.79 -0.94
N VAL A 762 46.17 -24.24 0.03
CA VAL A 762 45.69 -23.05 0.74
C VAL A 762 45.59 -21.86 -0.19
N GLN A 763 46.64 -21.62 -0.99
CA GLN A 763 46.58 -20.53 -1.97
C GLN A 763 45.52 -20.78 -3.02
N PHE A 764 45.28 -22.06 -3.36
CA PHE A 764 44.20 -22.39 -4.28
C PHE A 764 42.85 -22.04 -3.68
N ILE A 765 42.67 -22.32 -2.39
CA ILE A 765 41.42 -21.97 -1.73
C ILE A 765 41.26 -20.46 -1.61
N ARG A 766 42.36 -19.74 -1.37
CA ARG A 766 42.29 -18.29 -1.29
C ARG A 766 41.91 -17.69 -2.64
N THR A 767 42.42 -18.27 -3.73
CA THR A 767 42.02 -17.81 -5.06
C THR A 767 40.55 -18.13 -5.33
N TRP A 768 40.11 -19.35 -4.97
CA TRP A 768 38.68 -19.68 -5.07
C TRP A 768 37.84 -18.69 -4.28
N CYS A 769 38.35 -18.20 -3.15
CA CYS A 769 37.58 -17.26 -2.34
C CYS A 769 37.53 -15.87 -2.99
N ASP A 770 38.67 -15.37 -3.47
CA ASP A 770 38.69 -14.04 -4.08
C ASP A 770 37.80 -13.96 -5.32
N LEU A 771 37.63 -15.07 -6.02
CA LEU A 771 36.81 -15.12 -7.23
C LEU A 771 35.32 -15.17 -6.93
N LYS A 772 34.93 -15.13 -5.64
CA LYS A 772 33.53 -15.16 -5.22
C LYS A 772 32.80 -16.40 -5.73
N LEU A 773 33.49 -17.52 -5.78
CA LEU A 773 32.86 -18.78 -6.14
C LEU A 773 32.24 -19.39 -4.88
N TRP A 774 31.00 -19.86 -5.02
CA TRP A 774 30.19 -20.26 -3.87
C TRP A 774 30.76 -21.48 -3.16
N HIS A 775 31.15 -22.50 -3.92
CA HIS A 775 31.45 -23.81 -3.35
C HIS A 775 32.63 -24.43 -4.08
N ILE A 776 33.31 -25.34 -3.40
CA ILE A 776 34.31 -26.22 -4.02
C ILE A 776 34.50 -27.45 -3.14
N GLN A 777 34.87 -28.56 -3.76
CA GLN A 777 35.08 -29.86 -3.14
C GLN A 777 36.33 -30.51 -3.72
N PHE A 778 36.89 -31.47 -2.99
CA PHE A 778 38.09 -32.13 -3.47
C PHE A 778 38.06 -33.63 -3.23
N ASN A 779 38.42 -34.40 -4.26
CA ASN A 779 38.92 -35.75 -4.11
C ASN A 779 40.44 -35.72 -4.17
N VAL A 780 41.08 -36.48 -3.29
CA VAL A 780 42.53 -36.64 -3.29
C VAL A 780 42.78 -38.14 -3.34
N ILE A 781 42.98 -38.69 -4.54
CA ILE A 781 42.97 -40.12 -4.75
C ILE A 781 43.69 -40.43 -6.06
N ASN A 782 44.20 -41.65 -6.17
CA ASN A 782 44.80 -42.13 -7.41
C ASN A 782 43.73 -42.85 -8.23
N ALA A 783 43.81 -42.72 -9.56
CA ALA A 783 42.83 -43.35 -10.43
C ALA A 783 42.82 -44.86 -10.28
N ASP A 784 43.98 -45.48 -10.01
CA ASP A 784 44.03 -46.92 -9.90
C ASP A 784 43.23 -47.43 -8.71
N THR A 785 43.09 -46.61 -7.66
CA THR A 785 42.25 -47.02 -6.53
C THR A 785 40.82 -47.26 -6.99
N LEU A 786 40.30 -46.38 -7.84
CA LEU A 786 38.94 -46.54 -8.34
C LEU A 786 38.83 -47.74 -9.27
N LYS A 787 39.82 -47.95 -10.14
CA LYS A 787 39.76 -49.08 -11.06
C LYS A 787 39.84 -50.41 -10.31
N LYS A 788 40.68 -50.47 -9.27
CA LYS A 788 40.70 -51.69 -8.46
C LYS A 788 39.41 -51.89 -7.69
N ALA A 789 38.77 -50.81 -7.25
CA ALA A 789 37.50 -50.94 -6.52
C ALA A 789 36.37 -51.38 -7.44
N GLN A 790 36.41 -50.96 -8.71
CA GLN A 790 35.41 -51.39 -9.67
C GLN A 790 35.51 -52.88 -9.97
N LYS A 791 36.74 -53.40 -10.10
CA LYS A 791 36.90 -54.80 -10.46
C LYS A 791 36.66 -55.73 -9.28
N ASP A 792 37.13 -55.37 -8.09
CA ASP A 792 36.98 -56.18 -6.88
C ASP A 792 36.27 -55.34 -5.83
N PRO A 793 34.95 -55.18 -5.96
CA PRO A 793 34.24 -54.28 -5.03
C PRO A 793 34.14 -54.80 -3.61
N GLN A 794 34.14 -56.11 -3.38
CA GLN A 794 34.05 -56.62 -2.02
C GLN A 794 35.33 -56.36 -1.24
N LYS A 795 36.49 -56.45 -1.91
CA LYS A 795 37.74 -56.17 -1.22
C LYS A 795 37.86 -54.70 -0.86
N TYR A 796 37.34 -53.81 -1.70
CA TYR A 796 37.48 -52.36 -1.49
C TYR A 796 36.18 -51.71 -1.01
N ARG A 797 35.35 -52.47 -0.29
CA ARG A 797 34.01 -51.99 0.07
C ARG A 797 34.02 -50.80 1.03
N ASN A 798 35.16 -50.45 1.62
CA ASN A 798 35.26 -49.28 2.50
C ASN A 798 35.83 -48.04 1.81
N LEU A 799 35.94 -48.04 0.49
CA LEU A 799 36.46 -46.87 -0.21
C LEU A 799 35.40 -45.77 -0.25
N ILE A 800 35.82 -44.55 0.11
CA ILE A 800 34.92 -43.40 0.21
C ILE A 800 35.38 -42.32 -0.76
N VAL A 801 34.45 -41.83 -1.57
CA VAL A 801 34.74 -40.83 -2.59
C VAL A 801 33.73 -39.69 -2.49
N ARG A 802 34.18 -38.49 -2.85
CA ARG A 802 33.31 -37.31 -2.86
C ARG A 802 32.55 -37.26 -4.16
N ILE A 803 31.22 -37.22 -4.07
CA ILE A 803 30.37 -37.33 -5.25
C ILE A 803 29.79 -35.98 -5.62
N ALA A 804 28.86 -35.47 -4.80
CA ALA A 804 28.19 -34.21 -5.10
C ALA A 804 27.58 -33.67 -3.81
N GLY A 805 28.36 -32.89 -3.07
CA GLY A 805 27.92 -32.42 -1.78
C GLY A 805 28.12 -33.41 -0.66
N TYR A 806 28.42 -34.66 -0.96
CA TYR A 806 28.48 -35.72 0.04
C TYR A 806 29.48 -36.76 -0.41
N SER A 807 29.94 -37.55 0.56
CA SER A 807 30.80 -38.69 0.28
C SER A 807 30.00 -39.97 0.50
N ALA A 808 30.38 -41.03 -0.22
CA ALA A 808 29.69 -42.29 -0.12
C ALA A 808 30.66 -43.42 -0.40
N TYR A 809 30.20 -44.64 -0.17
CA TYR A 809 30.98 -45.84 -0.49
C TYR A 809 30.91 -46.10 -1.98
N PHE A 810 32.09 -46.17 -2.62
CA PHE A 810 32.19 -46.29 -4.07
C PHE A 810 31.49 -47.53 -4.60
N VAL A 811 31.52 -48.63 -3.84
CA VAL A 811 30.91 -49.85 -4.35
C VAL A 811 29.39 -49.79 -4.30
N ASP A 812 28.81 -48.87 -3.53
CA ASP A 812 27.36 -48.71 -3.52
C ASP A 812 26.84 -47.97 -4.75
N LEU A 813 27.72 -47.45 -5.60
CA LEU A 813 27.32 -46.62 -6.72
C LEU A 813 27.09 -47.47 -7.96
N THR A 814 26.13 -47.06 -8.79
CA THR A 814 25.92 -47.76 -10.05
C THR A 814 27.14 -47.61 -10.94
N PRO A 815 27.30 -48.49 -11.92
CA PRO A 815 28.42 -48.33 -12.86
C PRO A 815 28.44 -46.97 -13.53
N ASP A 816 27.28 -46.43 -13.90
CA ASP A 816 27.24 -45.12 -14.56
C ASP A 816 27.87 -44.05 -13.68
N LEU A 817 27.48 -44.01 -12.40
CA LEU A 817 28.04 -43.00 -11.50
C LEU A 817 29.50 -43.28 -11.18
N GLN A 818 29.89 -44.55 -11.12
CA GLN A 818 31.30 -44.87 -10.98
C GLN A 818 32.09 -44.38 -12.19
N ASN A 819 31.52 -44.50 -13.39
CA ASN A 819 32.19 -43.98 -14.58
C ASN A 819 32.34 -42.48 -14.53
N ASP A 820 31.35 -41.79 -13.96
CA ASP A 820 31.49 -40.35 -13.73
C ASP A 820 32.70 -40.07 -12.84
N LEU A 821 32.80 -40.79 -11.72
CA LEU A 821 33.93 -40.60 -10.81
C LEU A 821 35.26 -40.91 -11.49
N ILE A 822 35.34 -41.99 -12.25
CA ILE A 822 36.60 -42.39 -12.87
C ILE A 822 36.99 -41.40 -13.97
N ALA A 823 36.02 -40.92 -14.74
CA ALA A 823 36.30 -40.02 -15.86
C ALA A 823 36.66 -38.60 -15.44
N ARG A 824 36.42 -38.21 -14.19
CA ARG A 824 36.82 -36.88 -13.74
C ARG A 824 38.34 -36.77 -13.75
N THR A 825 38.85 -35.65 -14.27
CA THR A 825 40.30 -35.46 -14.38
C THR A 825 40.95 -35.43 -13.00
N GLY A 826 41.96 -36.27 -12.82
CA GLY A 826 42.80 -36.24 -11.63
C GLY A 826 44.07 -35.44 -11.88
N HIS A 827 44.14 -34.23 -11.37
CA HIS A 827 45.26 -33.33 -11.65
C HIS A 827 46.49 -33.73 -10.83
N ASP A 828 47.61 -33.99 -11.53
CA ASP A 828 48.85 -34.37 -10.86
C ASP A 828 49.72 -33.17 -10.47
N GLN A 829 49.48 -31.99 -11.03
CA GLN A 829 50.26 -30.81 -10.68
C GLN A 829 49.34 -29.60 -10.64
N MET A 830 49.76 -28.60 -9.87
CA MET A 830 49.03 -27.34 -9.80
C MET A 830 49.88 -26.19 -10.34
N GLU B 6 66.78 10.56 5.34
CA GLU B 6 67.46 9.48 4.64
C GLU B 6 67.38 9.66 3.13
N ILE B 7 66.37 9.06 2.51
CA ILE B 7 66.16 9.15 1.06
C ILE B 7 64.96 10.06 0.81
N LYS B 8 64.96 10.73 -0.34
CA LYS B 8 63.91 11.67 -0.69
C LYS B 8 62.93 11.02 -1.68
N SER B 9 61.67 11.41 -1.55
CA SER B 9 60.66 10.98 -2.50
C SER B 9 60.84 11.74 -3.81
N PRO B 10 60.27 11.24 -4.90
CA PRO B 10 60.31 12.01 -6.16
C PRO B 10 59.77 13.43 -6.01
N HIS B 11 58.69 13.61 -5.23
CA HIS B 11 58.18 14.96 -5.04
C HIS B 11 59.18 15.83 -4.29
N GLU B 12 59.83 15.28 -3.27
CA GLU B 12 60.86 16.04 -2.56
C GLU B 12 62.02 16.37 -3.49
N GLN B 13 62.37 15.45 -4.39
CA GLN B 13 63.47 15.70 -5.32
C GLN B 13 63.10 16.77 -6.34
N ARG B 14 61.86 16.73 -6.87
CA ARG B 14 61.40 17.78 -7.77
C ARG B 14 61.32 19.13 -7.08
N LEU B 15 61.03 19.12 -5.78
CA LEU B 15 61.01 20.36 -5.00
C LEU B 15 62.41 20.91 -4.83
N GLU B 16 63.40 20.03 -4.64
CA GLU B 16 64.78 20.46 -4.50
C GLU B 16 65.30 21.07 -5.79
N ASP B 17 64.96 20.49 -6.94
CA ASP B 17 65.33 21.08 -8.22
C ASP B 17 64.66 22.43 -8.41
N ASN B 18 63.40 22.55 -7.95
CA ASN B 18 62.69 23.81 -8.06
C ASN B 18 63.36 24.89 -7.19
N ILE B 19 63.73 24.54 -5.96
CA ILE B 19 64.39 25.51 -5.09
C ILE B 19 65.74 25.93 -5.67
N ALA B 20 66.47 24.99 -6.25
CA ALA B 20 67.77 25.29 -6.87
C ALA B 20 67.64 26.02 -8.20
N GLY B 21 66.43 26.29 -8.68
CA GLY B 21 66.25 26.98 -9.94
C GLY B 21 66.26 26.09 -11.16
N LYS B 22 66.27 24.77 -10.99
CA LYS B 22 66.27 23.87 -12.13
C LYS B 22 64.87 23.73 -12.72
N GLU B 23 64.84 23.42 -14.01
CA GLU B 23 63.59 23.09 -14.69
C GLU B 23 63.07 21.74 -14.23
N ASP B 24 61.75 21.62 -14.09
CA ASP B 24 61.17 20.34 -13.71
C ASP B 24 61.44 19.31 -14.80
N ILE B 25 61.80 18.08 -14.38
CA ILE B 25 62.25 17.07 -15.33
C ILE B 25 61.15 16.66 -16.29
N TYR B 26 59.89 16.93 -15.97
CA TYR B 26 58.78 16.53 -16.81
C TYR B 26 58.24 17.67 -17.66
N ARG B 27 58.93 18.82 -17.69
CA ARG B 27 58.38 19.98 -18.39
C ARG B 27 58.40 19.78 -19.91
N GLU B 28 59.46 19.19 -20.46
CA GLU B 28 59.56 19.11 -21.92
C GLU B 28 58.51 18.18 -22.52
N SER B 29 58.20 17.07 -21.85
CA SER B 29 57.18 16.17 -22.37
C SER B 29 55.78 16.58 -21.95
N HIS B 30 55.63 17.71 -21.27
CA HIS B 30 54.34 18.31 -20.94
C HIS B 30 54.41 19.82 -21.16
N LYS B 31 55.01 20.24 -22.27
CA LYS B 31 55.41 21.63 -22.42
C LYS B 31 54.20 22.56 -22.47
N ARG B 32 53.14 22.17 -23.15
CA ARG B 32 51.97 23.04 -23.29
C ARG B 32 51.33 23.32 -21.94
N VAL B 33 51.05 22.26 -21.15
CA VAL B 33 50.34 22.47 -19.90
C VAL B 33 51.24 23.13 -18.86
N PHE B 34 52.54 22.87 -18.89
CA PHE B 34 53.46 23.63 -18.04
C PHE B 34 53.41 25.11 -18.38
N LYS B 35 53.42 25.43 -19.67
CA LYS B 35 53.29 26.82 -20.09
C LYS B 35 52.00 27.44 -19.56
N LEU B 36 50.92 26.66 -19.53
CA LEU B 36 49.63 27.18 -19.08
C LEU B 36 49.61 27.45 -17.59
N LEU B 37 50.06 26.46 -16.78
CA LEU B 37 49.93 26.59 -15.34
C LEU B 37 50.93 27.58 -14.74
N GLU B 38 52.06 27.81 -15.41
CA GLU B 38 53.03 28.77 -14.90
C GLU B 38 52.50 30.20 -14.87
N ARG B 39 51.40 30.47 -15.57
CA ARG B 39 50.84 31.81 -15.57
C ARG B 39 49.99 32.10 -14.34
N PHE B 40 49.68 31.09 -13.53
CA PHE B 40 48.80 31.32 -12.38
C PHE B 40 49.14 30.47 -11.16
N ASP B 41 50.15 29.59 -11.22
CA ASP B 41 50.41 28.69 -10.11
C ASP B 41 50.74 29.48 -8.85
N GLY B 42 49.96 29.25 -7.80
CA GLY B 42 50.15 29.93 -6.53
C GLY B 42 49.74 31.38 -6.52
N GLN B 43 48.77 31.76 -7.36
CA GLN B 43 48.23 33.11 -7.38
C GLN B 43 46.99 33.18 -6.49
N LYS B 44 46.91 34.22 -5.66
CA LYS B 44 45.73 34.38 -4.82
C LYS B 44 44.51 34.54 -5.71
N PRO B 45 43.52 33.65 -5.62
CA PRO B 45 42.39 33.72 -6.55
C PRO B 45 41.55 34.98 -6.33
N ALA B 46 40.92 35.43 -7.41
CA ALA B 46 40.08 36.62 -7.39
C ALA B 46 38.61 36.22 -7.48
N ILE B 47 37.77 36.97 -6.77
CA ILE B 47 36.32 36.74 -6.83
C ILE B 47 35.80 37.29 -8.15
N ASP B 48 35.02 36.47 -8.86
CA ASP B 48 34.35 36.88 -10.09
C ASP B 48 32.85 36.95 -9.80
N VAL B 49 32.21 38.02 -10.26
CA VAL B 49 30.83 38.33 -9.88
C VAL B 49 29.84 38.09 -11.00
N GLU B 50 30.29 37.62 -12.17
CA GLU B 50 29.43 37.58 -13.34
C GLU B 50 28.30 36.57 -13.18
N ARG B 51 28.64 35.34 -12.79
CA ARG B 51 27.61 34.31 -12.59
C ARG B 51 26.54 34.80 -11.61
N ALA B 52 26.98 35.32 -10.47
CA ALA B 52 26.03 35.76 -9.46
C ALA B 52 25.21 36.95 -9.94
N LEU B 53 25.84 37.86 -10.70
CA LEU B 53 25.13 39.05 -11.18
C LEU B 53 23.99 38.68 -12.12
N TYR B 54 24.29 37.91 -13.17
CA TYR B 54 23.26 37.58 -14.14
C TYR B 54 22.24 36.58 -13.58
N PHE B 55 22.67 35.72 -12.65
CA PHE B 55 21.74 34.86 -11.94
C PHE B 55 20.75 35.69 -11.14
N THR B 56 21.24 36.71 -10.43
CA THR B 56 20.39 37.57 -9.61
C THR B 56 19.42 38.37 -10.49
N GLN B 57 19.90 38.86 -11.64
CA GLN B 57 19.03 39.64 -12.51
C GLN B 57 17.80 38.85 -12.93
N SER B 58 17.98 37.57 -13.25
CA SER B 58 16.85 36.75 -13.67
C SER B 58 15.95 36.40 -12.49
N MET B 59 16.55 35.92 -11.39
CA MET B 59 15.76 35.50 -10.22
C MET B 59 14.93 36.65 -9.66
N ALA B 60 15.45 37.88 -9.72
CA ALA B 60 14.73 39.01 -9.15
C ALA B 60 13.42 39.30 -9.89
N GLU B 61 13.32 38.93 -11.16
CA GLU B 61 12.11 39.16 -11.94
C GLU B 61 11.23 37.93 -12.07
N THR B 62 11.61 36.80 -11.49
CA THR B 62 10.82 35.57 -11.59
C THR B 62 10.33 35.08 -10.23
N VAL B 63 10.41 35.93 -9.19
CA VAL B 63 9.98 35.55 -7.85
C VAL B 63 8.55 35.04 -7.89
N GLY B 64 8.31 33.89 -7.23
CA GLY B 64 7.00 33.29 -7.16
C GLY B 64 6.75 32.18 -8.15
N GLN B 65 7.52 32.13 -9.23
CA GLN B 65 7.40 31.08 -10.24
C GLN B 65 8.01 29.78 -9.71
N PRO B 66 7.73 28.65 -10.36
CA PRO B 66 8.32 27.38 -9.90
C PRO B 66 9.83 27.45 -9.85
N LEU B 67 10.40 26.91 -8.77
CA LEU B 67 11.82 27.12 -8.49
C LEU B 67 12.70 26.56 -9.59
N VAL B 68 12.34 25.39 -10.14
CA VAL B 68 13.18 24.79 -11.17
C VAL B 68 13.10 25.58 -12.47
N LEU B 69 11.94 26.17 -12.77
CA LEU B 69 11.84 26.99 -13.99
C LEU B 69 12.58 28.30 -13.81
N ARG B 70 12.54 28.89 -12.61
CA ARG B 70 13.33 30.08 -12.34
C ARG B 70 14.82 29.81 -12.53
N TRP B 71 15.29 28.65 -12.06
CA TRP B 71 16.70 28.30 -12.21
C TRP B 71 17.09 28.22 -13.67
N ALA B 72 16.26 27.58 -14.50
CA ALA B 72 16.59 27.43 -15.91
C ALA B 72 16.65 28.78 -16.60
N LYS B 73 15.65 29.64 -16.36
CA LYS B 73 15.67 30.98 -16.94
C LYS B 73 16.90 31.74 -16.50
N ALA B 74 17.34 31.55 -15.25
CA ALA B 74 18.52 32.25 -14.77
C ALA B 74 19.78 31.73 -15.45
N LEU B 75 19.88 30.41 -15.64
CA LEU B 75 21.04 29.88 -16.33
C LEU B 75 21.06 30.32 -17.78
N MET B 76 19.89 30.51 -18.38
CA MET B 76 19.84 31.08 -19.72
C MET B 76 20.36 32.50 -19.71
N ASN B 77 20.03 33.27 -18.67
CA ASN B 77 20.54 34.62 -18.57
C ASN B 77 22.06 34.63 -18.37
N VAL B 78 22.58 33.69 -17.59
CA VAL B 78 24.03 33.58 -17.43
C VAL B 78 24.70 33.23 -18.75
N ALA B 79 24.15 32.24 -19.47
CA ALA B 79 24.79 31.76 -20.68
C ALA B 79 24.85 32.83 -21.76
N LYS B 80 23.85 33.71 -21.79
CA LYS B 80 23.80 34.75 -22.81
C LYS B 80 24.75 35.90 -22.49
N ASN B 81 25.05 36.15 -21.21
CA ASN B 81 25.73 37.36 -20.80
C ASN B 81 27.12 37.18 -20.21
N ILE B 82 27.46 35.99 -19.71
CA ILE B 82 28.75 35.82 -19.04
C ILE B 82 29.90 36.02 -20.03
N THR B 83 31.03 36.47 -19.52
CA THR B 83 32.21 36.66 -20.35
C THR B 83 32.69 35.34 -20.94
N VAL B 84 32.89 35.33 -22.26
CA VAL B 84 33.43 34.18 -22.98
C VAL B 84 34.81 34.56 -23.49
N MET B 85 35.79 33.69 -23.29
CA MET B 85 37.16 34.01 -23.67
C MET B 85 37.86 32.78 -24.24
N VAL B 86 38.94 33.03 -24.96
CA VAL B 86 39.84 31.99 -25.44
C VAL B 86 41.20 32.27 -24.84
N GLN B 87 41.66 31.39 -23.96
CA GLN B 87 42.97 31.55 -23.36
C GLN B 87 44.03 31.04 -24.32
N ASP B 88 45.19 31.67 -24.29
CA ASP B 88 46.27 31.26 -25.19
C ASP B 88 46.75 29.86 -24.83
N ASP B 89 47.11 29.09 -25.87
CA ASP B 89 47.67 27.74 -25.75
C ASP B 89 46.68 26.70 -25.26
N GLN B 90 45.47 27.09 -24.88
CA GLN B 90 44.48 26.13 -24.44
C GLN B 90 43.90 25.38 -25.64
N LEU B 91 43.63 24.10 -25.44
CA LEU B 91 42.95 23.28 -26.43
C LEU B 91 41.47 23.09 -26.11
N LEU B 92 41.00 23.65 -25.00
CA LEU B 92 39.63 23.48 -24.56
C LEU B 92 39.01 24.85 -24.29
N LEU B 93 37.69 24.93 -24.48
CA LEU B 93 36.91 26.12 -24.22
C LEU B 93 36.00 25.87 -23.02
N GLY B 94 35.79 26.90 -22.23
CA GLY B 94 34.92 26.76 -21.07
C GLY B 94 35.51 27.34 -19.80
N ARG B 95 34.78 28.24 -19.17
CA ARG B 95 35.27 28.98 -18.00
C ARG B 95 34.07 29.63 -17.33
N CYS B 96 34.17 29.86 -16.03
CA CYS B 96 33.05 30.38 -15.26
C CYS B 96 33.26 31.80 -14.77
N GLY B 97 34.23 32.52 -15.33
CA GLY B 97 34.48 33.88 -14.89
C GLY B 97 35.25 34.64 -15.95
N GLY B 98 35.20 35.96 -15.83
CA GLY B 98 35.92 36.83 -16.74
C GLY B 98 37.36 37.11 -16.35
N HIS B 99 37.70 36.83 -15.09
CA HIS B 99 39.06 37.04 -14.62
C HIS B 99 40.03 36.00 -15.17
N ASP B 100 41.23 36.44 -15.49
CA ASP B 100 42.31 35.55 -15.90
C ASP B 100 43.06 35.07 -14.66
N GLY B 101 43.60 33.86 -14.74
CA GLY B 101 44.22 33.25 -13.58
C GLY B 101 43.22 32.47 -12.76
N ARG B 102 43.54 32.28 -11.48
CA ARG B 102 42.65 31.53 -10.60
C ARG B 102 41.53 32.42 -10.06
N TYR B 103 40.31 31.89 -10.10
CA TYR B 103 39.11 32.65 -9.80
C TYR B 103 38.10 31.76 -9.10
N GLY B 104 37.19 32.40 -8.35
CA GLY B 104 36.05 31.72 -7.78
C GLY B 104 34.81 32.55 -7.98
N ILE B 105 33.66 31.89 -7.89
CA ILE B 105 32.38 32.53 -8.18
C ILE B 105 31.49 32.47 -6.95
N LEU B 106 30.34 33.15 -7.02
CA LEU B 106 29.47 33.38 -5.89
C LEU B 106 28.10 32.75 -6.12
N TYR B 107 27.48 32.31 -5.03
CA TYR B 107 26.17 31.65 -5.07
C TYR B 107 25.28 32.32 -4.04
N PRO B 108 24.75 33.50 -4.34
CA PRO B 108 23.98 34.25 -3.33
C PRO B 108 22.73 33.52 -2.86
N GLU B 109 22.16 32.65 -3.70
CA GLU B 109 21.00 31.88 -3.28
C GLU B 109 21.31 31.00 -2.07
N LEU B 110 22.59 30.62 -1.91
CA LEU B 110 23.02 29.76 -0.82
C LEU B 110 23.34 30.57 0.44
N ASP B 111 24.30 31.49 0.33
CA ASP B 111 24.86 32.20 1.48
C ASP B 111 25.04 33.68 1.17
N GLY B 112 24.05 34.29 0.51
CA GLY B 112 24.16 35.70 0.15
C GLY B 112 24.26 36.62 1.36
N ASP B 113 23.78 36.19 2.51
CA ASP B 113 23.85 37.00 3.72
C ASP B 113 25.27 37.09 4.28
N PHE B 114 26.24 36.34 3.72
CA PHE B 114 27.63 36.49 4.10
C PHE B 114 28.40 37.41 3.17
N LEU B 115 27.75 37.98 2.15
CA LEU B 115 28.48 38.71 1.11
C LEU B 115 29.07 40.01 1.62
N ASP B 116 28.30 40.76 2.41
CA ASP B 116 28.83 42.00 2.96
C ASP B 116 30.05 41.72 3.84
N ILE B 117 29.97 40.67 4.65
CA ILE B 117 31.13 40.22 5.43
C ILE B 117 32.26 39.79 4.51
N ALA B 118 31.94 39.04 3.45
CA ALA B 118 32.97 38.50 2.58
C ALA B 118 33.76 39.60 1.89
N VAL B 119 33.10 40.70 1.53
CA VAL B 119 33.76 41.77 0.80
C VAL B 119 34.90 42.36 1.62
N ARG B 120 34.73 42.43 2.95
CA ARG B 120 35.72 43.02 3.83
C ARG B 120 36.64 42.02 4.51
N ASP B 121 36.25 40.75 4.63
CA ASP B 121 37.02 39.79 5.40
C ASP B 121 37.78 38.77 4.57
N LEU B 122 37.36 38.52 3.32
CA LEU B 122 37.97 37.43 2.54
C LEU B 122 39.44 37.66 2.21
N PRO B 123 39.87 38.84 1.76
CA PRO B 123 41.29 38.97 1.35
C PRO B 123 42.29 38.72 2.46
N THR B 124 41.90 38.84 3.73
CA THR B 124 42.83 38.62 4.84
C THR B 124 42.40 37.44 5.71
N ARG B 125 41.53 36.56 5.21
CA ARG B 125 41.07 35.44 6.00
C ARG B 125 42.19 34.41 6.16
N PRO B 126 42.35 33.82 7.36
CA PRO B 126 43.44 32.83 7.54
C PRO B 126 43.34 31.63 6.61
N GLN B 127 42.15 31.06 6.45
CA GLN B 127 41.94 29.92 5.57
C GLN B 127 41.49 30.42 4.20
N SER B 128 42.19 29.98 3.14
CA SER B 128 41.84 30.16 1.74
C SER B 128 41.34 31.57 1.43
N PRO B 129 42.20 32.58 1.48
CA PRO B 129 41.78 33.95 1.17
C PRO B 129 41.56 34.13 -0.33
N ALA B 130 40.90 35.24 -0.67
CA ALA B 130 40.65 35.57 -2.06
C ALA B 130 40.62 37.08 -2.22
N SER B 131 41.16 37.58 -3.33
CA SER B 131 41.14 39.00 -3.58
C SER B 131 39.77 39.44 -4.10
N ILE B 132 39.49 40.73 -3.94
CA ILE B 132 38.25 41.33 -4.44
C ILE B 132 38.51 42.78 -4.87
N SER B 133 38.41 43.04 -6.17
CA SER B 133 38.66 44.40 -6.65
C SER B 133 37.55 45.33 -6.16
N PRO B 134 37.85 46.63 -6.04
CA PRO B 134 36.80 47.58 -5.60
C PRO B 134 35.59 47.63 -6.53
N GLU B 135 35.78 47.43 -7.84
CA GLU B 135 34.65 47.42 -8.77
C GLU B 135 33.76 46.22 -8.54
N ASP B 136 34.36 45.05 -8.32
CA ASP B 136 33.59 43.83 -8.04
C ASP B 136 32.88 43.94 -6.69
N ALA B 137 33.54 44.55 -5.70
CA ALA B 137 32.91 44.73 -4.40
C ALA B 137 31.66 45.60 -4.51
N LYS B 138 31.71 46.64 -5.34
CA LYS B 138 30.55 47.51 -5.52
C LYS B 138 29.40 46.72 -6.14
N ILE B 139 29.67 45.92 -7.17
CA ILE B 139 28.62 45.13 -7.80
C ILE B 139 28.01 44.16 -6.79
N VAL B 140 28.84 43.60 -5.90
CA VAL B 140 28.34 42.64 -4.94
C VAL B 140 27.35 43.30 -3.99
N VAL B 141 27.77 44.36 -3.31
CA VAL B 141 26.93 44.93 -2.26
C VAL B 141 25.78 45.78 -2.78
N GLU B 142 25.85 46.24 -4.03
CA GLU B 142 24.82 47.13 -4.57
C GLU B 142 23.87 46.45 -5.53
N GLN B 143 24.32 45.42 -6.24
CA GLN B 143 23.53 44.79 -7.29
C GLN B 143 23.20 43.33 -7.03
N ILE B 144 23.94 42.66 -6.14
CA ILE B 144 23.73 41.25 -5.81
C ILE B 144 23.11 41.09 -4.43
N ALA B 145 23.77 41.63 -3.40
CA ALA B 145 23.31 41.43 -2.02
C ALA B 145 21.93 41.98 -1.72
N PRO B 146 21.51 43.16 -2.21
CA PRO B 146 20.21 43.70 -1.77
C PRO B 146 19.02 42.79 -2.04
N PHE B 147 18.97 42.14 -3.20
CA PHE B 147 17.82 41.31 -3.52
C PHE B 147 17.69 40.11 -2.59
N TRP B 148 18.81 39.49 -2.24
CA TRP B 148 18.77 38.22 -1.53
C TRP B 148 18.54 38.37 -0.04
N LYS B 149 18.50 39.59 0.48
CA LYS B 149 18.26 39.80 1.90
C LYS B 149 16.88 39.28 2.26
N GLY B 150 16.85 38.34 3.19
CA GLY B 150 15.64 37.65 3.56
C GLY B 150 15.26 36.52 2.62
N ARG B 151 16.11 36.19 1.65
CA ARG B 151 15.79 35.18 0.64
C ARG B 151 16.78 34.03 0.53
N THR B 152 17.93 34.11 1.20
CA THR B 152 18.93 33.05 1.06
C THR B 152 18.54 31.82 1.87
N TYR B 153 19.13 30.68 1.50
CA TYR B 153 18.87 29.43 2.23
C TYR B 153 19.39 29.50 3.65
N HIS B 154 20.58 30.06 3.85
CA HIS B 154 21.14 30.12 5.20
C HIS B 154 20.26 30.92 6.14
N GLU B 155 19.67 32.02 5.66
CA GLU B 155 18.74 32.79 6.47
C GLU B 155 17.53 31.96 6.85
N ALA B 156 16.97 31.21 5.90
CA ALA B 156 15.82 30.37 6.19
C ALA B 156 16.19 29.28 7.20
N LEU B 157 17.32 28.61 6.97
CA LEU B 157 17.75 27.57 7.89
C LEU B 157 18.00 28.14 9.29
N ASN B 158 18.56 29.35 9.37
CA ASN B 158 18.85 29.93 10.67
C ASN B 158 17.57 30.16 11.45
N LYS B 159 16.54 30.67 10.80
CA LYS B 159 15.29 30.96 11.48
C LYS B 159 14.46 29.70 11.72
N ALA B 160 14.83 28.57 11.11
CA ALA B 160 14.03 27.35 11.19
C ALA B 160 14.48 26.40 12.28
N LEU B 161 15.65 26.61 12.87
CA LEU B 161 16.12 25.72 13.94
C LEU B 161 15.47 26.09 15.27
N PRO B 162 14.98 25.12 16.03
CA PRO B 162 14.49 25.44 17.38
C PRO B 162 15.63 25.87 18.27
N ALA B 163 15.28 26.47 19.40
CA ALA B 163 16.27 27.08 20.28
C ALA B 163 17.31 26.07 20.73
N GLU B 164 16.87 24.92 21.24
CA GLU B 164 17.82 23.93 21.76
C GLU B 164 18.69 23.34 20.66
N VAL B 165 18.22 23.33 19.41
CA VAL B 165 19.07 22.88 18.31
C VAL B 165 19.95 24.01 17.81
N HIS B 166 19.39 25.24 17.75
CA HIS B 166 20.17 26.40 17.32
C HIS B 166 21.34 26.65 18.26
N LYS B 167 21.19 26.30 19.54
CA LYS B 167 22.22 26.54 20.54
C LYS B 167 23.48 25.71 20.28
N LEU B 168 23.34 24.55 19.65
CA LEU B 168 24.49 23.71 19.33
C LEU B 168 24.97 23.89 17.90
N THR B 169 24.33 24.77 17.12
CA THR B 169 24.70 25.00 15.72
C THR B 169 25.47 26.29 15.52
N TYR B 170 24.95 27.40 16.04
CA TYR B 170 25.52 28.72 15.83
C TYR B 170 25.80 29.39 17.17
N ASP B 171 26.69 30.38 17.14
CA ASP B 171 27.00 31.16 18.34
C ASP B 171 26.20 32.45 18.41
N ASP B 172 25.80 33.01 17.27
CA ASP B 172 25.09 34.27 17.17
C ASP B 172 23.70 34.07 16.59
N PRO B 173 22.78 35.02 16.79
CA PRO B 173 21.39 34.82 16.31
C PRO B 173 21.25 34.79 14.79
N ASP B 174 22.22 35.29 14.03
CA ASP B 174 22.11 35.29 12.59
C ASP B 174 22.75 34.07 11.93
N GLY B 175 23.35 33.17 12.72
CA GLY B 175 23.99 32.01 12.14
C GLY B 175 25.26 32.29 11.37
N LEU B 176 25.86 33.46 11.57
CA LEU B 176 27.09 33.81 10.86
C LEU B 176 28.32 33.13 11.44
N ILE B 177 28.28 32.76 12.71
CA ILE B 177 29.40 32.10 13.38
C ILE B 177 28.91 30.75 13.90
N SER B 178 29.63 29.69 13.56
CA SER B 178 29.28 28.38 14.05
C SER B 178 29.90 28.15 15.43
N ARG B 179 29.34 27.19 16.16
CA ARG B 179 29.94 26.73 17.40
C ARG B 179 30.78 25.47 17.21
N PHE B 180 30.69 24.82 16.05
CA PHE B 180 31.48 23.62 15.74
C PHE B 180 31.22 22.51 16.75
N ILE B 181 29.96 22.37 17.16
CA ILE B 181 29.52 21.28 18.02
C ILE B 181 28.70 20.32 17.16
N VAL B 182 27.50 20.76 16.76
CA VAL B 182 26.73 20.07 15.72
C VAL B 182 26.65 21.00 14.52
N ASN B 183 27.63 20.89 13.63
CA ASN B 183 27.81 21.84 12.55
C ASN B 183 26.96 21.43 11.36
N GLU B 184 26.05 22.29 10.94
CA GLU B 184 25.35 22.08 9.68
C GLU B 184 26.29 22.42 8.53
N THR B 185 26.19 21.66 7.45
CA THR B 185 27.05 21.88 6.29
C THR B 185 26.27 22.26 5.03
N SER B 186 24.96 22.46 5.15
CA SER B 186 24.15 22.84 4.00
C SER B 186 24.23 24.32 3.68
N SER B 187 24.84 25.12 4.55
CA SER B 187 24.89 26.56 4.36
C SER B 187 26.13 27.04 3.61
N PHE B 188 27.14 26.19 3.44
CA PHE B 188 28.29 26.57 2.63
C PHE B 188 28.50 25.65 1.43
N ARG B 189 27.43 24.99 0.98
CA ARG B 189 27.42 24.33 -0.32
C ARG B 189 25.97 24.04 -0.71
N SER B 190 25.69 24.14 -2.01
CA SER B 190 24.32 23.92 -2.49
C SER B 190 23.84 22.51 -2.17
N SER B 191 24.74 21.53 -2.29
CA SER B 191 24.40 20.13 -2.08
C SER B 191 25.67 19.42 -1.66
N ILE B 192 25.55 18.11 -1.42
CA ILE B 192 26.73 17.29 -1.17
C ILE B 192 27.37 16.96 -2.51
N GLN B 193 28.39 16.10 -2.50
CA GLN B 193 29.09 15.73 -3.72
C GLN B 193 28.12 15.15 -4.75
N TRP B 194 28.53 15.20 -6.01
CA TRP B 194 27.65 14.70 -7.06
C TRP B 194 28.46 14.31 -8.28
N VAL B 195 27.95 13.32 -9.01
CA VAL B 195 28.52 12.87 -10.27
C VAL B 195 27.41 12.84 -11.32
N HIS B 196 27.54 13.66 -12.36
CA HIS B 196 26.61 13.61 -13.47
C HIS B 196 26.82 12.34 -14.27
N ASP B 197 25.77 11.91 -14.96
CA ASP B 197 25.92 10.84 -15.94
C ASP B 197 26.47 11.45 -17.22
N TYR B 198 27.79 11.64 -17.24
CA TYR B 198 28.42 12.28 -18.39
C TYR B 198 28.28 11.42 -19.64
N GLU B 199 28.17 10.10 -19.48
CA GLU B 199 28.13 9.22 -20.64
C GLU B 199 26.88 9.43 -21.48
N VAL B 200 25.78 9.86 -20.86
CA VAL B 200 24.58 10.11 -21.67
C VAL B 200 24.77 11.37 -22.51
N VAL B 201 25.58 12.32 -22.05
CA VAL B 201 25.91 13.47 -22.88
C VAL B 201 26.81 13.05 -24.02
N LEU B 202 27.75 12.15 -23.76
CA LEU B 202 28.65 11.67 -24.81
C LEU B 202 27.91 10.85 -25.85
N LYS B 203 26.89 10.10 -25.45
CA LYS B 203 26.24 9.18 -26.37
C LYS B 203 25.00 9.77 -27.03
N ARG B 204 24.32 10.71 -26.38
CA ARG B 204 23.08 11.28 -26.90
C ARG B 204 23.11 12.79 -27.05
N GLY B 205 23.96 13.50 -26.30
CA GLY B 205 24.01 14.94 -26.39
C GLY B 205 22.77 15.61 -25.81
N PHE B 206 22.88 16.90 -25.52
CA PHE B 206 21.74 17.62 -24.97
C PHE B 206 20.59 17.76 -25.96
N ASN B 207 20.86 17.70 -27.27
CA ASN B 207 19.77 17.65 -28.23
C ASN B 207 18.94 16.38 -28.06
N GLY B 208 19.60 15.25 -27.82
CA GLY B 208 18.87 14.01 -27.62
C GLY B 208 18.04 14.05 -26.35
N LEU B 209 18.60 14.61 -25.27
CA LEU B 209 17.83 14.80 -24.05
C LEU B 209 16.66 15.76 -24.27
N LYS B 210 16.94 16.89 -24.93
CA LYS B 210 15.87 17.86 -25.20
C LYS B 210 14.74 17.23 -25.99
N GLN B 211 15.07 16.38 -26.97
CA GLN B 211 14.05 15.68 -27.74
C GLN B 211 13.23 14.76 -26.85
N GLU B 212 13.89 14.05 -25.93
CA GLU B 212 13.17 13.18 -25.00
C GLU B 212 12.22 13.98 -24.12
N MET B 213 12.66 15.14 -23.64
CA MET B 213 11.81 15.95 -22.77
C MET B 213 10.68 16.62 -23.54
N GLU B 214 10.91 17.00 -24.80
CA GLU B 214 9.85 17.59 -25.60
C GLU B 214 8.75 16.59 -25.91
N GLU B 215 9.11 15.30 -26.05
CA GLU B 215 8.07 14.28 -26.21
C GLU B 215 7.25 14.12 -24.94
N LYS B 216 7.89 14.28 -23.77
CA LYS B 216 7.14 14.23 -22.51
C LYS B 216 6.24 15.44 -22.36
N LEU B 217 6.69 16.61 -22.83
CA LEU B 217 5.84 17.80 -22.79
C LEU B 217 4.60 17.64 -23.68
N ALA B 218 4.77 16.97 -24.83
CA ALA B 218 3.66 16.74 -25.74
C ALA B 218 2.73 15.62 -25.29
N ALA B 219 3.17 14.77 -24.38
CA ALA B 219 2.32 13.70 -23.85
C ALA B 219 1.50 14.14 -22.64
N LEU B 220 1.71 15.36 -22.13
CA LEU B 220 0.98 15.82 -20.96
C LEU B 220 -0.51 15.96 -21.25
N ASP B 221 -1.31 15.61 -20.26
CA ASP B 221 -2.75 15.85 -20.32
C ASP B 221 -3.02 17.34 -20.12
N PRO B 222 -3.57 18.05 -21.11
CA PRO B 222 -3.82 19.48 -20.93
C PRO B 222 -4.81 19.80 -19.83
N ALA B 223 -5.64 18.82 -19.43
CA ALA B 223 -6.63 19.01 -18.39
C ALA B 223 -6.14 18.60 -17.01
N SER B 224 -5.03 17.88 -16.93
CA SER B 224 -4.55 17.35 -15.66
C SER B 224 -3.87 18.44 -14.84
N PRO B 225 -4.40 18.78 -13.66
CA PRO B 225 -3.68 19.77 -12.83
C PRO B 225 -2.32 19.29 -12.37
N VAL B 226 -2.16 17.99 -12.07
CA VAL B 226 -0.84 17.49 -11.69
C VAL B 226 0.14 17.61 -12.85
N ASP B 227 -0.29 17.25 -14.07
CA ASP B 227 0.58 17.38 -15.23
C ASP B 227 0.95 18.83 -15.49
N GLN B 228 -0.01 19.75 -15.34
CA GLN B 228 0.22 21.13 -15.75
C GLN B 228 0.92 21.95 -14.68
N VAL B 229 0.75 21.59 -13.40
CA VAL B 229 1.31 22.36 -12.30
C VAL B 229 2.62 21.74 -11.81
N ASP B 230 2.70 20.41 -11.72
CA ASP B 230 3.87 19.76 -11.15
C ASP B 230 4.86 19.27 -12.18
N LYS B 231 4.40 18.65 -13.28
CA LYS B 231 5.34 18.15 -14.27
C LYS B 231 5.75 19.20 -15.30
N ARG B 232 4.81 20.02 -15.77
CA ARG B 232 5.11 20.96 -16.85
C ARG B 232 6.25 21.93 -16.52
N PRO B 233 6.30 22.58 -15.35
CA PRO B 233 7.43 23.48 -15.11
C PRO B 233 8.79 22.79 -15.15
N PHE B 234 8.87 21.56 -14.66
CA PHE B 234 10.13 20.81 -14.73
C PHE B 234 10.50 20.51 -16.17
N ILE B 235 9.54 20.03 -16.96
CA ILE B 235 9.83 19.68 -18.35
C ILE B 235 10.29 20.91 -19.12
N GLU B 236 9.57 22.02 -18.97
CA GLU B 236 9.97 23.26 -19.62
C GLU B 236 11.36 23.69 -19.18
N ALA B 237 11.68 23.50 -17.90
CA ALA B 237 12.99 23.90 -17.36
C ALA B 237 14.11 23.08 -17.96
N THR B 238 13.93 21.76 -18.06
CA THR B 238 14.98 20.91 -18.63
C THR B 238 15.22 21.25 -20.10
N ILE B 239 14.15 21.56 -20.84
CA ILE B 239 14.29 21.98 -22.24
C ILE B 239 15.08 23.27 -22.31
N LEU B 240 14.74 24.23 -21.46
CA LEU B 240 15.41 25.53 -21.50
C LEU B 240 16.89 25.41 -21.13
N VAL B 241 17.23 24.58 -20.14
CA VAL B 241 18.62 24.46 -19.73
C VAL B 241 19.43 23.72 -20.79
N CYS B 242 18.79 22.86 -21.57
CA CYS B 242 19.46 22.26 -22.73
C CYS B 242 19.84 23.33 -23.74
N ASP B 243 18.89 24.23 -24.04
CA ASP B 243 19.20 25.34 -24.93
C ASP B 243 20.25 26.25 -24.33
N ALA B 244 20.29 26.35 -23.00
CA ALA B 244 21.22 27.26 -22.34
C ALA B 244 22.66 26.82 -22.55
N ILE B 245 22.95 25.53 -22.30
CA ILE B 245 24.35 25.10 -22.37
C ILE B 245 24.82 25.04 -23.82
N VAL B 246 23.92 24.70 -24.76
CA VAL B 246 24.31 24.72 -26.17
C VAL B 246 24.56 26.15 -26.63
N LEU B 247 23.72 27.09 -26.20
CA LEU B 247 23.96 28.50 -26.49
C LEU B 247 25.27 28.97 -25.87
N TRP B 248 25.58 28.49 -24.66
CA TRP B 248 26.83 28.86 -24.01
C TRP B 248 28.03 28.32 -24.77
N ALA B 249 27.93 27.06 -25.24
CA ALA B 249 29.02 26.48 -26.03
C ALA B 249 29.16 27.16 -27.38
N LYS B 250 28.03 27.52 -28.00
CA LYS B 250 28.06 28.19 -29.30
C LYS B 250 28.78 29.53 -29.20
N ARG B 251 28.57 30.26 -28.10
CA ARG B 251 29.27 31.52 -27.90
C ARG B 251 30.78 31.30 -27.80
N HIS B 252 31.21 30.16 -27.24
CA HIS B 252 32.63 29.86 -27.19
C HIS B 252 33.17 29.55 -28.58
N ALA B 253 32.38 28.89 -29.42
CA ALA B 253 32.80 28.67 -30.81
C ALA B 253 32.95 30.00 -31.54
N ASP B 254 32.02 30.93 -31.32
CA ASP B 254 32.11 32.24 -31.94
C ASP B 254 33.39 32.95 -31.54
N ALA B 255 33.77 32.84 -30.27
CA ALA B 255 35.00 33.48 -29.79
C ALA B 255 36.24 32.84 -30.40
N ALA B 256 36.21 31.52 -30.61
CA ALA B 256 37.39 30.84 -31.16
C ALA B 256 37.63 31.22 -32.62
N ARG B 257 36.56 31.43 -33.38
CA ARG B 257 36.72 31.80 -34.78
C ARG B 257 37.20 33.25 -34.89
N LYS B 258 36.71 34.13 -34.02
CA LYS B 258 37.23 35.49 -33.98
C LYS B 258 38.70 35.50 -33.59
N ALA B 259 39.09 34.59 -32.69
CA ALA B 259 40.51 34.49 -32.32
C ALA B 259 41.35 33.98 -33.49
N ALA B 260 40.78 33.08 -34.31
CA ALA B 260 41.52 32.55 -35.45
C ALA B 260 41.76 33.63 -36.51
N GLU B 261 40.77 34.49 -36.75
CA GLU B 261 40.92 35.54 -37.75
C GLU B 261 42.05 36.51 -37.40
N ALA B 262 42.29 36.73 -36.11
CA ALA B 262 43.33 37.64 -35.66
C ALA B 262 44.66 36.95 -35.41
N CYS B 263 44.78 35.66 -35.73
CA CYS B 263 45.97 34.88 -35.43
C CYS B 263 46.83 34.78 -36.68
N ALA B 264 48.09 35.21 -36.57
CA ALA B 264 49.01 35.08 -37.69
C ALA B 264 49.65 33.69 -37.73
N ASP B 265 49.80 33.05 -36.58
CA ASP B 265 50.41 31.73 -36.49
C ASP B 265 49.49 30.69 -37.12
N PRO B 266 49.88 30.07 -38.24
CA PRO B 266 49.02 29.05 -38.85
C PRO B 266 48.84 27.81 -37.97
N VAL B 267 49.78 27.52 -37.08
CA VAL B 267 49.64 26.35 -36.22
C VAL B 267 48.58 26.60 -35.15
N ARG B 268 48.61 27.78 -34.54
CA ARG B 268 47.59 28.11 -33.55
C ARG B 268 46.23 28.33 -34.23
N LYS B 269 46.23 28.91 -35.43
CA LYS B 269 44.98 29.14 -36.15
C LYS B 269 44.25 27.81 -36.38
N ALA B 270 44.97 26.77 -36.77
CA ALA B 270 44.35 25.47 -36.96
C ALA B 270 43.75 24.96 -35.66
N GLU B 271 44.46 25.15 -34.55
CA GLU B 271 43.96 24.71 -33.25
C GLU B 271 42.65 25.40 -32.90
N LEU B 272 42.60 26.72 -33.11
CA LEU B 272 41.40 27.48 -32.77
C LEU B 272 40.21 27.05 -33.62
N ILE B 273 40.42 26.77 -34.91
CA ILE B 273 39.33 26.32 -35.76
C ILE B 273 38.79 24.98 -35.28
N ARG B 274 39.69 24.05 -34.94
CA ARG B 274 39.25 22.76 -34.44
C ARG B 274 38.48 22.90 -33.13
N MET B 275 38.92 23.81 -32.25
CA MET B 275 38.18 24.07 -31.02
C MET B 275 36.79 24.61 -31.31
N ALA B 276 36.68 25.53 -32.29
CA ALA B 276 35.37 26.05 -32.68
C ALA B 276 34.50 24.94 -33.26
N GLU B 277 35.08 24.09 -34.11
CA GLU B 277 34.35 22.96 -34.66
C GLU B 277 33.87 22.03 -33.55
N ASN B 278 34.71 21.81 -32.52
CA ASN B 278 34.29 21.00 -31.38
C ASN B 278 33.10 21.63 -30.68
N ALA B 279 33.22 22.91 -30.30
CA ALA B 279 32.16 23.57 -29.56
C ALA B 279 30.88 23.71 -30.38
N GLU B 280 30.97 23.60 -31.71
CA GLU B 280 29.78 23.66 -32.53
C GLU B 280 29.07 22.31 -32.61
N HIS B 281 29.77 21.22 -32.28
CA HIS B 281 29.18 19.89 -32.25
C HIS B 281 28.74 19.47 -30.85
N VAL B 282 29.62 19.59 -29.86
CA VAL B 282 29.36 19.09 -28.52
C VAL B 282 29.21 20.26 -27.55
N PRO B 283 28.50 20.10 -26.43
CA PRO B 283 27.79 18.90 -25.98
C PRO B 283 26.39 18.77 -26.58
N ALA B 284 26.08 19.56 -27.61
CA ALA B 284 24.76 19.48 -28.22
C ALA B 284 24.52 18.10 -28.84
N ASN B 285 25.53 17.55 -29.49
CA ASN B 285 25.41 16.30 -30.22
C ASN B 285 26.43 15.30 -29.71
N PRO B 286 26.21 14.00 -29.95
CA PRO B 286 27.15 12.99 -29.45
C PRO B 286 28.57 13.22 -29.97
N ALA B 287 29.54 13.01 -29.07
CA ALA B 287 30.93 13.15 -29.45
C ALA B 287 31.32 12.09 -30.47
N ARG B 288 32.26 12.45 -31.34
CA ARG B 288 32.68 11.59 -32.44
C ARG B 288 34.12 11.12 -32.37
N ASP B 289 34.98 11.79 -31.59
CA ASP B 289 36.33 11.31 -31.34
C ASP B 289 36.69 11.65 -29.91
N PHE B 290 37.91 11.26 -29.50
CA PHE B 290 38.34 11.47 -28.13
C PHE B 290 38.42 12.95 -27.78
N TYR B 291 38.89 13.77 -28.72
CA TYR B 291 38.97 15.20 -28.48
C TYR B 291 37.59 15.79 -28.17
N GLU B 292 36.59 15.47 -29.00
CA GLU B 292 35.25 15.96 -28.75
C GLU B 292 34.68 15.43 -27.44
N ALA B 293 35.03 14.20 -27.05
CA ALA B 293 34.52 13.64 -25.81
C ALA B 293 35.03 14.42 -24.61
N VAL B 294 36.32 14.73 -24.59
CA VAL B 294 36.87 15.56 -23.51
C VAL B 294 36.23 16.94 -23.50
N GLN B 295 36.10 17.55 -24.68
CA GLN B 295 35.50 18.87 -24.76
C GLN B 295 34.02 18.85 -24.39
N SER B 296 33.31 17.76 -24.71
CA SER B 296 31.91 17.65 -24.32
C SER B 296 31.77 17.53 -22.82
N GLN B 297 32.53 16.62 -22.21
CA GLN B 297 32.49 16.46 -20.76
C GLN B 297 32.90 17.74 -20.06
N TYR B 298 33.94 18.41 -20.59
CA TYR B 298 34.44 19.63 -19.96
C TYR B 298 33.39 20.72 -19.96
N PHE B 299 32.66 20.87 -21.08
CA PHE B 299 31.57 21.84 -21.15
C PHE B 299 30.51 21.53 -20.09
N THR B 300 30.20 20.25 -19.88
CA THR B 300 29.14 19.88 -18.97
C THR B 300 29.49 20.20 -17.53
N GLN B 301 30.69 19.79 -17.09
CA GLN B 301 31.10 20.01 -15.70
C GLN B 301 31.35 21.48 -15.41
N MET B 302 31.85 22.24 -16.40
CA MET B 302 32.03 23.67 -16.19
C MET B 302 30.69 24.39 -16.10
N PHE B 303 29.73 24.02 -16.94
CA PHE B 303 28.39 24.60 -16.83
C PHE B 303 27.74 24.20 -15.52
N SER B 304 28.05 23.01 -15.01
CA SER B 304 27.49 22.56 -13.73
C SER B 304 27.87 23.50 -12.62
N ARG B 305 29.12 24.00 -12.61
CA ARG B 305 29.55 24.94 -11.58
C ARG B 305 28.71 26.21 -11.61
N LEU B 306 28.33 26.66 -12.82
CA LEU B 306 27.46 27.83 -12.92
C LEU B 306 26.07 27.53 -12.37
N GLU B 307 25.64 26.27 -12.46
CA GLU B 307 24.31 25.90 -11.97
C GLU B 307 24.23 25.95 -10.45
N GLN B 308 25.20 25.34 -9.76
CA GLN B 308 25.16 25.27 -8.31
C GLN B 308 26.55 25.00 -7.76
N LYS B 309 26.70 25.26 -6.46
CA LYS B 309 27.96 24.99 -5.75
C LYS B 309 27.89 23.58 -5.19
N THR B 310 28.19 22.61 -6.05
CA THR B 310 28.20 21.22 -5.63
C THR B 310 29.28 21.01 -4.58
N GLY B 311 28.94 20.28 -3.52
CA GLY B 311 29.89 19.98 -2.47
C GLY B 311 31.16 19.36 -3.01
N THR B 312 32.31 19.86 -2.55
CA THR B 312 33.64 19.43 -2.98
C THR B 312 33.91 19.70 -4.45
N THR B 313 33.05 20.49 -5.11
CA THR B 313 33.07 20.74 -6.55
C THR B 313 32.65 19.49 -7.31
N ILE B 314 31.89 19.68 -8.40
CA ILE B 314 31.28 18.56 -9.12
C ILE B 314 32.33 17.54 -9.50
N SER B 315 32.05 16.26 -9.23
CA SER B 315 32.97 15.19 -9.56
C SER B 315 32.72 14.69 -10.98
N ASN B 316 33.61 13.81 -11.46
CA ASN B 316 33.73 13.55 -12.88
C ASN B 316 33.42 12.12 -13.30
N GLY B 317 33.34 11.18 -12.38
CA GLY B 317 32.98 9.82 -12.73
C GLY B 317 34.15 9.00 -13.24
N ARG B 318 33.81 7.84 -13.82
CA ARG B 318 34.81 6.86 -14.24
C ARG B 318 35.33 7.24 -15.62
N MET B 319 36.20 8.26 -15.64
CA MET B 319 36.74 8.75 -16.89
C MET B 319 37.50 7.67 -17.65
N ASP B 320 38.26 6.83 -16.94
CA ASP B 320 39.00 5.78 -17.62
C ASP B 320 38.09 4.72 -18.23
N GLN B 321 36.77 4.82 -18.00
CA GLN B 321 35.80 3.90 -18.61
C GLN B 321 35.06 4.53 -19.77
N TYR B 322 34.38 5.66 -19.54
CA TYR B 322 33.53 6.19 -20.61
C TYR B 322 34.32 6.93 -21.69
N PHE B 323 35.56 7.31 -21.43
CA PHE B 323 36.43 7.82 -22.49
C PHE B 323 37.10 6.70 -23.29
N TYR B 324 37.11 5.47 -22.75
CA TYR B 324 37.91 4.42 -23.37
C TYR B 324 37.43 4.03 -24.76
N PRO B 325 36.13 3.85 -25.03
CA PRO B 325 35.73 3.56 -26.42
C PRO B 325 36.19 4.62 -27.41
N PHE B 326 36.16 5.90 -27.02
CA PHE B 326 36.69 6.94 -27.88
C PHE B 326 38.21 6.80 -28.02
N TYR B 327 38.89 6.50 -26.90
CA TYR B 327 40.34 6.36 -26.92
C TYR B 327 40.78 5.19 -27.80
N LYS B 328 40.18 4.01 -27.59
CA LYS B 328 40.58 2.83 -28.35
C LYS B 328 40.30 3.00 -29.84
N LYS B 329 39.15 3.60 -30.18
CA LYS B 329 38.81 3.80 -31.58
C LYS B 329 39.79 4.75 -32.26
N ASP B 330 40.14 5.86 -31.59
CA ASP B 330 41.03 6.82 -32.21
C ASP B 330 42.47 6.31 -32.26
N MET B 331 42.91 5.60 -31.22
CA MET B 331 44.26 5.04 -31.24
C MET B 331 44.43 4.03 -32.37
N GLU B 332 43.46 3.12 -32.51
CA GLU B 332 43.56 2.10 -33.56
C GLU B 332 43.36 2.69 -34.96
N ALA B 333 42.65 3.81 -35.05
CA ALA B 333 42.53 4.53 -36.31
C ALA B 333 43.74 5.39 -36.61
N GLY B 334 44.69 5.47 -35.68
CA GLY B 334 45.89 6.25 -35.92
C GLY B 334 45.71 7.75 -35.88
N ILE B 335 44.60 8.25 -35.31
CA ILE B 335 44.38 9.69 -35.21
C ILE B 335 44.66 10.21 -33.81
N LEU B 336 45.29 9.39 -32.96
CA LEU B 336 45.56 9.76 -31.58
C LEU B 336 46.84 9.07 -31.14
N THR B 337 47.54 9.68 -30.18
CA THR B 337 48.70 9.08 -29.54
C THR B 337 48.54 9.23 -28.04
N ASP B 338 49.32 8.45 -27.28
CA ASP B 338 49.28 8.57 -25.83
C ASP B 338 49.68 9.98 -25.39
N GLU B 339 50.70 10.56 -26.02
CA GLU B 339 51.16 11.88 -25.64
C GLU B 339 50.09 12.93 -25.92
N LYS B 340 49.35 12.78 -27.02
CA LYS B 340 48.25 13.69 -27.32
C LYS B 340 47.08 13.46 -26.38
N THR B 341 46.86 12.21 -25.95
CA THR B 341 45.84 11.93 -24.96
C THR B 341 46.14 12.70 -23.66
N LEU B 342 47.38 12.62 -23.18
CA LEU B 342 47.76 13.33 -21.97
C LEU B 342 47.67 14.83 -22.15
N GLU B 343 47.88 15.33 -23.37
CA GLU B 343 47.78 16.76 -23.60
C GLU B 343 46.34 17.23 -23.50
N TYR B 344 45.40 16.45 -24.03
CA TYR B 344 43.98 16.80 -23.90
C TYR B 344 43.55 16.76 -22.43
N LEU B 345 43.84 15.64 -21.74
CA LEU B 345 43.40 15.48 -20.36
C LEU B 345 44.03 16.54 -19.45
N GLU B 346 45.32 16.81 -19.63
CA GLU B 346 45.96 17.75 -18.72
C GLU B 346 45.56 19.18 -19.02
N CYS B 347 45.14 19.49 -20.24
CA CYS B 347 44.51 20.79 -20.48
C CYS B 347 43.23 20.92 -19.67
N MET B 348 42.55 19.80 -19.42
CA MET B 348 41.38 19.83 -18.56
C MET B 348 41.78 20.02 -17.09
N TRP B 349 42.87 19.38 -16.66
CA TRP B 349 43.33 19.58 -15.28
C TRP B 349 43.73 21.03 -15.05
N VAL B 350 44.42 21.63 -16.01
CA VAL B 350 44.80 23.04 -15.89
C VAL B 350 43.56 23.91 -15.77
N GLY B 351 42.58 23.68 -16.65
CA GLY B 351 41.36 24.46 -16.59
C GLY B 351 40.63 24.31 -15.27
N MET B 352 40.53 23.07 -14.78
CA MET B 352 39.91 22.84 -13.47
C MET B 352 40.71 23.50 -12.36
N ALA B 353 42.04 23.51 -12.48
CA ALA B 353 42.87 24.12 -11.44
C ALA B 353 42.72 25.64 -11.39
N GLU B 354 42.23 26.26 -12.46
CA GLU B 354 41.98 27.69 -12.45
C GLU B 354 40.70 28.03 -11.68
N PHE B 355 39.72 27.14 -11.68
CA PHE B 355 38.50 27.35 -10.93
C PHE B 355 38.72 26.99 -9.46
N ILE B 356 38.60 27.98 -8.59
CA ILE B 356 38.71 27.77 -7.15
C ILE B 356 37.31 27.73 -6.56
N ASP B 357 37.01 26.68 -5.80
CA ASP B 357 35.73 26.56 -5.11
C ASP B 357 35.77 27.45 -3.88
N MET B 358 35.07 28.59 -3.92
CA MET B 358 35.16 29.58 -2.88
C MET B 358 34.06 29.40 -1.85
N TYR B 359 34.46 29.33 -0.58
CA TYR B 359 33.55 29.28 0.55
C TYR B 359 33.66 30.62 1.28
N ILE B 360 32.61 31.44 1.20
CA ILE B 360 32.69 32.79 1.72
C ILE B 360 32.34 32.90 3.20
N SER B 361 31.68 31.84 3.80
CA SER B 361 31.41 31.95 5.24
C SER B 361 32.61 31.49 6.05
N PRO B 362 32.75 31.97 7.29
CA PRO B 362 33.89 31.52 8.12
C PRO B 362 33.89 30.02 8.37
N ALA B 363 32.73 29.42 8.61
CA ALA B 363 32.68 27.97 8.78
C ALA B 363 33.12 27.24 7.52
N GLY B 364 32.65 27.70 6.35
CA GLY B 364 33.05 27.08 5.11
C GLY B 364 34.53 27.21 4.84
N GLY B 365 35.12 28.34 5.25
CA GLY B 365 36.56 28.48 5.14
C GLY B 365 37.33 27.52 6.04
N ALA B 366 36.84 27.32 7.28
CA ALA B 366 37.54 26.44 8.20
C ALA B 366 37.43 24.97 7.78
N PHE B 367 36.37 24.61 7.07
CA PHE B 367 36.20 23.25 6.59
C PHE B 367 37.04 22.93 5.36
N ASN B 368 37.51 23.95 4.63
CA ASN B 368 38.12 23.73 3.31
C ASN B 368 39.41 24.54 3.18
N GLU B 369 40.38 24.24 4.03
CA GLU B 369 41.66 24.94 3.99
C GLU B 369 42.41 24.61 2.71
N GLY B 370 43.33 25.51 2.36
CA GLY B 370 44.20 25.30 1.22
C GLY B 370 43.48 25.20 -0.11
N TYR B 371 42.36 25.90 -0.27
CA TYR B 371 41.56 25.88 -1.49
C TYR B 371 41.16 24.45 -1.85
N ALA B 372 40.64 23.74 -0.85
CA ALA B 372 40.38 22.31 -0.96
C ALA B 372 39.38 22.01 -2.06
N HIS B 373 39.57 20.86 -2.71
CA HIS B 373 38.79 20.47 -3.87
C HIS B 373 38.79 18.95 -3.96
N TRP B 374 37.64 18.38 -4.33
CA TRP B 374 37.51 16.94 -4.48
C TRP B 374 36.66 16.62 -5.71
N GLU B 375 37.10 17.09 -6.88
CA GLU B 375 36.43 16.76 -8.14
C GLU B 375 36.90 15.36 -8.55
N ALA B 376 36.30 14.35 -7.92
CA ALA B 376 36.81 12.99 -8.00
C ALA B 376 36.86 12.46 -9.44
N VAL B 377 38.00 11.90 -9.81
CA VAL B 377 38.17 11.19 -11.07
C VAL B 377 38.44 9.73 -10.74
N THR B 378 37.55 8.84 -11.19
CA THR B 378 37.61 7.44 -10.82
C THR B 378 38.29 6.62 -11.91
N ILE B 379 39.27 5.82 -11.51
CA ILE B 379 39.95 4.88 -12.39
C ILE B 379 39.91 3.50 -11.74
N GLY B 380 40.10 2.48 -12.56
CA GLY B 380 40.16 1.13 -12.04
C GLY B 380 38.81 0.59 -11.57
N GLY B 381 38.89 -0.54 -10.88
CA GLY B 381 37.71 -1.18 -10.34
C GLY B 381 37.17 -2.32 -11.15
N GLN B 382 35.84 -2.43 -11.21
CA GLN B 382 35.16 -3.51 -11.89
C GLN B 382 34.20 -2.95 -12.94
N THR B 383 33.89 -3.78 -13.92
CA THR B 383 32.92 -3.42 -14.93
C THR B 383 31.50 -3.63 -14.41
N PRO B 384 30.51 -3.04 -15.06
CA PRO B 384 29.11 -3.34 -14.68
C PRO B 384 28.75 -4.81 -14.83
N ASP B 385 29.48 -5.58 -15.64
CA ASP B 385 29.20 -7.01 -15.76
C ASP B 385 29.98 -7.85 -14.75
N GLY B 386 30.92 -7.25 -14.02
CA GLY B 386 31.60 -7.94 -12.93
C GLY B 386 33.04 -8.32 -13.19
N ARG B 387 33.61 -7.96 -14.34
CA ARG B 387 35.00 -8.25 -14.60
C ARG B 387 35.87 -7.05 -14.21
N ASP B 388 37.18 -7.26 -14.12
CA ASP B 388 38.10 -6.18 -13.81
C ASP B 388 38.11 -5.15 -14.94
N ALA B 389 38.21 -3.87 -14.57
CA ALA B 389 38.03 -2.78 -15.52
C ALA B 389 39.32 -2.03 -15.86
N THR B 390 40.48 -2.55 -15.48
CA THR B 390 41.73 -1.90 -15.83
C THR B 390 41.96 -1.93 -17.34
N ASN B 391 42.32 -0.80 -17.91
CA ASN B 391 42.60 -0.69 -19.35
C ASN B 391 43.75 0.28 -19.55
N ASP B 392 44.03 0.60 -20.81
CA ASP B 392 45.17 1.46 -21.12
C ASP B 392 44.97 2.88 -20.63
N LEU B 393 43.72 3.36 -20.58
CA LEU B 393 43.47 4.68 -20.04
C LEU B 393 43.76 4.73 -18.54
N THR B 394 43.49 3.63 -17.83
CA THR B 394 43.78 3.57 -16.39
C THR B 394 45.23 3.95 -16.11
N TYR B 395 46.16 3.32 -16.84
CA TYR B 395 47.58 3.57 -16.59
C TYR B 395 47.98 4.97 -17.03
N LEU B 396 47.30 5.54 -18.03
CA LEU B 396 47.60 6.90 -18.47
C LEU B 396 47.23 7.92 -17.40
N PHE B 397 46.14 7.68 -16.67
CA PHE B 397 45.76 8.61 -15.61
C PHE B 397 46.79 8.60 -14.48
N LEU B 398 47.28 7.41 -14.12
CA LEU B 398 48.33 7.32 -13.11
C LEU B 398 49.62 7.98 -13.57
N LYS B 399 49.99 7.76 -14.84
CA LYS B 399 51.18 8.42 -15.38
C LYS B 399 51.00 9.94 -15.37
N SER B 400 49.82 10.42 -15.80
CA SER B 400 49.58 11.85 -15.82
C SER B 400 49.70 12.45 -14.42
N LYS B 401 49.14 11.77 -13.42
CA LYS B 401 49.14 12.32 -12.07
C LYS B 401 50.55 12.39 -11.49
N ARG B 402 51.41 11.43 -11.84
CA ARG B 402 52.78 11.47 -11.37
C ARG B 402 53.53 12.66 -11.96
N GLU B 403 53.34 12.91 -13.25
CA GLU B 403 54.16 13.87 -13.97
C GLU B 403 53.54 15.26 -14.03
N PHE B 404 52.21 15.36 -14.03
CA PHE B 404 51.56 16.66 -13.98
C PHE B 404 51.80 17.27 -12.60
N PRO B 405 52.38 18.46 -12.50
CA PRO B 405 52.87 18.94 -11.20
C PRO B 405 51.79 19.47 -10.26
N LEU B 406 50.58 19.73 -10.74
CA LEU B 406 49.55 20.25 -9.84
C LEU B 406 48.88 19.12 -9.07
N HIS B 407 48.25 19.47 -7.95
CA HIS B 407 47.51 18.45 -7.20
C HIS B 407 46.12 18.28 -7.81
N TYR B 408 46.08 18.17 -9.13
CA TYR B 408 44.89 17.90 -9.93
C TYR B 408 45.20 16.78 -10.92
N PRO B 409 44.22 15.93 -11.23
CA PRO B 409 42.87 15.95 -10.66
C PRO B 409 42.78 15.17 -9.34
N ASP B 410 41.62 15.18 -8.71
CA ASP B 410 41.37 14.39 -7.50
C ASP B 410 41.25 12.93 -7.90
N LEU B 411 42.39 12.28 -8.07
CA LEU B 411 42.46 10.93 -8.60
C LEU B 411 42.13 9.91 -7.51
N ALA B 412 41.16 9.04 -7.80
CA ALA B 412 40.73 7.99 -6.89
C ALA B 412 40.80 6.66 -7.60
N ALA B 413 41.50 5.70 -7.00
CA ALA B 413 41.66 4.37 -7.58
C ALA B 413 40.76 3.38 -6.85
N ARG B 414 39.99 2.61 -7.62
CA ARG B 414 39.14 1.58 -7.03
C ARG B 414 39.91 0.28 -6.89
N ILE B 415 39.73 -0.36 -5.73
CA ILE B 415 40.41 -1.62 -5.40
C ILE B 415 39.34 -2.68 -5.15
N HIS B 416 39.56 -3.87 -5.70
CA HIS B 416 38.73 -5.02 -5.39
C HIS B 416 39.63 -6.24 -5.22
N SER B 417 39.01 -7.36 -4.84
CA SER B 417 39.78 -8.54 -4.44
C SER B 417 40.54 -9.17 -5.59
N ARG B 418 40.14 -8.89 -6.83
CA ARG B 418 40.80 -9.43 -8.01
C ARG B 418 41.49 -8.34 -8.83
N ALA B 419 41.99 -7.32 -8.14
CA ALA B 419 42.74 -6.28 -8.83
C ALA B 419 44.04 -6.85 -9.35
N PRO B 420 44.39 -6.60 -10.61
CA PRO B 420 45.61 -7.20 -11.18
C PRO B 420 46.86 -6.70 -10.46
N GLU B 421 47.91 -7.52 -10.47
CA GLU B 421 49.16 -7.12 -9.83
C GLU B 421 49.81 -5.95 -10.57
N ARG B 422 49.76 -5.95 -11.90
CA ARG B 422 50.27 -4.82 -12.66
C ARG B 422 49.57 -3.52 -12.25
N TYR B 423 48.27 -3.60 -11.97
CA TYR B 423 47.51 -2.42 -11.57
C TYR B 423 47.92 -1.96 -10.17
N LEU B 424 47.92 -2.87 -9.20
CA LEU B 424 48.30 -2.50 -7.84
C LEU B 424 49.74 -2.00 -7.79
N TRP B 425 50.62 -2.59 -8.60
CA TRP B 425 52.01 -2.15 -8.61
C TRP B 425 52.12 -0.70 -9.07
N ASP B 426 51.40 -0.33 -10.13
CA ASP B 426 51.49 1.03 -10.64
C ASP B 426 50.84 2.04 -9.70
N VAL B 427 49.75 1.66 -9.03
CA VAL B 427 49.17 2.54 -8.02
C VAL B 427 50.16 2.77 -6.89
N ALA B 428 50.78 1.68 -6.39
CA ALA B 428 51.76 1.82 -5.31
C ALA B 428 52.93 2.71 -5.73
N GLU B 429 53.40 2.57 -6.97
CA GLU B 429 54.50 3.42 -7.41
C GLU B 429 54.05 4.86 -7.59
N THR B 430 52.80 5.08 -7.99
CA THR B 430 52.26 6.44 -8.05
C THR B 430 52.18 7.05 -6.66
N ILE B 431 51.79 6.25 -5.67
CA ILE B 431 51.74 6.71 -4.28
C ILE B 431 53.13 7.08 -3.79
N LYS B 432 54.14 6.28 -4.16
CA LYS B 432 55.51 6.53 -3.74
C LYS B 432 56.11 7.80 -4.34
N PHE B 433 55.42 8.45 -5.28
CA PHE B 433 55.91 9.72 -5.80
C PHE B 433 55.90 10.78 -4.72
N GLY B 434 54.99 10.67 -3.74
CA GLY B 434 55.00 11.52 -2.58
C GLY B 434 54.09 12.72 -2.59
N SER B 435 53.10 12.77 -3.48
CA SER B 435 52.13 13.87 -3.49
C SER B 435 50.77 13.43 -2.98
N GLY B 436 50.61 12.18 -2.55
CA GLY B 436 49.39 11.73 -1.92
C GLY B 436 48.38 11.06 -2.82
N PHE B 437 48.72 10.80 -4.08
CA PHE B 437 47.79 10.25 -5.04
C PHE B 437 48.19 8.83 -5.45
N PRO B 438 47.20 7.96 -5.73
CA PRO B 438 45.78 8.25 -5.56
C PRO B 438 45.25 7.80 -4.20
N LYS B 439 44.03 8.25 -3.87
CA LYS B 439 43.32 7.67 -2.75
C LYS B 439 42.63 6.39 -3.20
N LEU B 440 42.46 5.45 -2.28
CA LEU B 440 41.95 4.13 -2.61
C LEU B 440 40.52 3.98 -2.09
N CYS B 441 39.68 3.33 -2.88
CA CYS B 441 38.29 3.07 -2.53
C CYS B 441 38.04 1.57 -2.69
N ASN B 442 37.41 0.96 -1.68
CA ASN B 442 37.29 -0.50 -1.62
C ASN B 442 35.93 -0.96 -2.15
N ASP B 443 35.95 -1.56 -3.34
CA ASP B 443 34.75 -2.21 -3.88
C ASP B 443 34.17 -3.21 -2.89
N GLU B 444 35.04 -3.94 -2.17
CA GLU B 444 34.62 -5.05 -1.33
C GLU B 444 33.86 -4.57 -0.10
N GLU B 445 33.97 -3.30 0.26
CA GLU B 445 33.26 -2.75 1.40
C GLU B 445 31.94 -2.10 1.01
N CYS B 446 31.97 -1.21 0.02
CA CYS B 446 30.80 -0.38 -0.26
C CYS B 446 29.80 -1.04 -1.19
N ILE B 447 30.23 -1.97 -2.05
CA ILE B 447 29.28 -2.62 -2.94
C ILE B 447 28.30 -3.48 -2.12
N PRO B 448 28.75 -4.33 -1.20
CA PRO B 448 27.76 -5.07 -0.40
C PRO B 448 26.88 -4.16 0.44
N LEU B 449 27.42 -3.05 0.96
CA LEU B 449 26.59 -2.10 1.68
C LEU B 449 25.52 -1.52 0.77
N TYR B 450 25.86 -1.23 -0.48
CA TYR B 450 24.93 -0.53 -1.35
C TYR B 450 23.84 -1.46 -1.91
N VAL B 451 24.21 -2.67 -2.33
CA VAL B 451 23.18 -3.62 -2.75
C VAL B 451 22.30 -3.98 -1.56
N SER B 452 22.84 -3.87 -0.35
CA SER B 452 22.03 -4.08 0.85
C SER B 452 20.98 -3.00 1.01
N LYS B 453 21.25 -1.80 0.50
CA LYS B 453 20.34 -0.67 0.65
C LYS B 453 19.48 -0.44 -0.58
N GLY B 454 19.39 -1.44 -1.48
CA GLY B 454 18.46 -1.37 -2.59
C GLY B 454 19.09 -1.29 -3.95
N ALA B 455 20.42 -1.19 -4.05
CA ALA B 455 21.07 -1.02 -5.34
C ALA B 455 21.19 -2.36 -6.07
N THR B 456 21.03 -2.33 -7.39
CA THR B 456 21.31 -3.52 -8.16
C THR B 456 22.82 -3.71 -8.25
N PHE B 457 23.22 -4.95 -8.58
CA PHE B 457 24.65 -5.23 -8.70
C PHE B 457 25.27 -4.49 -9.89
N GLU B 458 24.50 -4.30 -10.97
CA GLU B 458 25.00 -3.53 -12.08
C GLU B 458 25.25 -2.08 -11.67
N GLU B 459 24.30 -1.48 -10.94
CA GLU B 459 24.44 -0.10 -10.49
C GLU B 459 25.59 0.05 -9.51
N ALA B 460 25.71 -0.87 -8.56
CA ALA B 460 26.75 -0.75 -7.55
C ALA B 460 28.13 -1.00 -8.14
N LEU B 461 28.24 -1.99 -9.04
CA LEU B 461 29.55 -2.30 -9.63
C LEU B 461 30.09 -1.16 -10.47
N ASP B 462 29.21 -0.34 -11.05
CA ASP B 462 29.60 0.80 -11.87
C ASP B 462 29.69 2.10 -11.08
N TYR B 463 29.96 2.02 -9.78
CA TYR B 463 29.97 3.22 -8.96
C TYR B 463 31.17 4.10 -9.31
N ALA B 464 30.99 5.40 -9.11
CA ALA B 464 32.03 6.39 -9.26
C ALA B 464 32.34 7.01 -7.90
N VAL B 465 33.63 7.23 -7.62
CA VAL B 465 34.00 7.98 -6.43
C VAL B 465 33.51 9.41 -6.59
N SER B 466 32.99 9.98 -5.49
CA SER B 466 32.45 11.33 -5.54
C SER B 466 32.86 12.08 -4.28
N GLY B 467 33.42 13.27 -4.44
CA GLY B 467 33.85 14.03 -3.28
C GLY B 467 35.08 13.41 -2.63
N CYS B 468 35.06 13.35 -1.30
CA CYS B 468 36.22 12.85 -0.57
C CYS B 468 36.47 11.38 -0.88
N ILE B 469 35.52 10.51 -0.54
CA ILE B 469 35.64 9.09 -0.85
C ILE B 469 34.26 8.46 -0.87
N GLU B 470 33.26 9.28 -1.16
CA GLU B 470 31.89 8.79 -1.31
C GLU B 470 31.71 8.17 -2.69
N ILE B 471 30.68 7.37 -2.84
CA ILE B 471 30.39 6.74 -4.12
C ILE B 471 28.99 7.12 -4.57
N ARG B 472 28.79 7.14 -5.89
CA ARG B 472 27.52 7.55 -6.49
C ARG B 472 27.14 6.63 -7.64
N MET B 473 25.83 6.44 -7.80
CA MET B 473 25.24 5.76 -8.95
C MET B 473 24.42 6.79 -9.72
N PRO B 474 24.96 7.37 -10.80
CA PRO B 474 24.45 8.67 -11.29
C PRO B 474 23.02 8.66 -11.82
N ASN B 475 22.38 7.50 -11.97
CA ASN B 475 20.98 7.45 -12.35
C ASN B 475 20.13 6.78 -11.28
N ARG B 476 20.70 6.52 -10.11
CA ARG B 476 19.94 5.91 -9.02
C ARG B 476 19.96 6.75 -7.76
N ASP B 477 21.12 7.31 -7.42
CA ASP B 477 21.23 8.22 -6.28
C ASP B 477 20.30 9.41 -6.48
N THR B 478 19.61 9.80 -5.40
CA THR B 478 18.72 10.95 -5.46
C THR B 478 18.87 11.87 -4.26
N TYR B 479 19.74 11.56 -3.30
CA TYR B 479 19.88 12.37 -2.09
C TYR B 479 21.00 13.38 -2.26
N THR B 480 20.72 14.63 -1.87
CA THR B 480 21.65 15.73 -2.13
C THR B 480 21.85 16.68 -0.96
N SER B 481 21.26 16.42 0.21
CA SER B 481 21.27 17.38 1.32
C SER B 481 22.53 17.25 2.15
N GLY B 482 23.16 18.39 2.42
CA GLY B 482 24.35 18.38 3.27
C GLY B 482 24.02 17.95 4.68
N GLY B 483 24.88 17.09 5.24
CA GLY B 483 24.66 16.50 6.53
C GLY B 483 25.34 17.25 7.67
N ALA B 484 25.11 16.76 8.88
CA ALA B 484 25.69 17.34 10.08
C ALA B 484 27.10 16.80 10.31
N TYR B 485 27.96 17.66 10.87
CA TYR B 485 29.28 17.27 11.36
C TYR B 485 29.27 17.44 12.88
N THR B 486 29.36 16.34 13.60
CA THR B 486 29.07 16.33 15.03
C THR B 486 30.37 16.12 15.82
N ASN B 487 30.64 17.04 16.74
CA ASN B 487 31.88 17.07 17.51
C ASN B 487 31.70 16.21 18.76
N PHE B 488 32.03 14.92 18.63
CA PHE B 488 31.93 14.04 19.79
C PHE B 488 33.07 14.24 20.78
N ALA B 489 34.14 14.94 20.40
CA ALA B 489 35.12 15.36 21.39
C ALA B 489 34.52 16.37 22.37
N SER B 490 33.57 17.18 21.90
CA SER B 490 32.89 18.10 22.81
C SER B 490 31.97 17.36 23.79
N ALA B 491 31.52 16.15 23.43
CA ALA B 491 30.76 15.37 24.39
C ALA B 491 31.62 14.96 25.58
N VAL B 492 32.91 14.68 25.34
CA VAL B 492 33.82 14.41 26.45
C VAL B 492 33.96 15.64 27.32
N GLU B 493 34.12 16.82 26.71
CA GLU B 493 34.28 18.04 27.49
C GLU B 493 33.00 18.31 28.29
N MET B 494 31.85 18.13 27.68
CA MET B 494 30.59 18.32 28.38
C MET B 494 30.42 17.32 29.51
N ALA B 495 30.94 16.10 29.34
CA ALA B 495 30.90 15.11 30.42
C ALA B 495 31.81 15.48 31.58
N LEU B 496 32.81 16.33 31.35
CA LEU B 496 33.67 16.80 32.43
C LEU B 496 33.08 17.99 33.18
N TYR B 497 32.38 18.88 32.48
CA TYR B 497 32.00 20.17 33.03
C TYR B 497 30.50 20.38 33.01
N ASP B 498 29.73 19.31 33.27
CA ASP B 498 28.29 19.42 33.50
C ASP B 498 27.58 20.02 32.28
N GLY B 499 27.89 19.48 31.11
CA GLY B 499 27.26 19.96 29.90
C GLY B 499 27.70 21.33 29.45
N LYS B 500 28.83 21.83 29.94
CA LYS B 500 29.36 23.12 29.54
C LYS B 500 30.70 22.92 28.84
N MET B 501 31.10 23.95 28.09
CA MET B 501 32.40 23.98 27.43
C MET B 501 33.10 25.27 27.81
N LYS B 502 34.40 25.16 28.08
CA LYS B 502 35.18 26.32 28.49
C LYS B 502 35.07 27.45 27.48
N LYS B 503 35.05 27.11 26.19
CA LYS B 503 35.00 28.11 25.14
C LYS B 503 33.75 28.98 25.24
N TYR B 504 32.67 28.45 25.81
CA TYR B 504 31.38 29.16 25.81
C TYR B 504 30.89 29.50 27.21
N GLY B 505 31.78 29.52 28.21
CA GLY B 505 31.41 30.03 29.52
C GLY B 505 30.34 29.19 30.19
N ASP B 506 29.29 29.87 30.64
CA ASP B 506 28.20 29.25 31.39
C ASP B 506 27.02 28.84 30.52
N VAL B 507 27.16 28.89 29.19
CA VAL B 507 26.05 28.47 28.34
C VAL B 507 25.83 26.97 28.55
N GLN B 508 24.59 26.61 28.92
CA GLN B 508 24.22 25.22 29.17
C GLN B 508 24.00 24.52 27.83
N LEU B 509 25.05 23.91 27.31
CA LEU B 509 24.98 23.27 25.99
C LEU B 509 24.40 21.87 26.05
N GLY B 510 24.89 21.04 26.97
CA GLY B 510 24.51 19.66 27.06
C GLY B 510 23.72 19.33 28.31
N ILE B 511 23.59 18.03 28.56
CA ILE B 511 22.88 17.55 29.75
C ILE B 511 23.66 17.95 31.00
N GLN B 512 22.92 18.24 32.07
CA GLN B 512 23.54 18.54 33.37
C GLN B 512 23.92 17.23 34.04
N THR B 513 25.07 16.69 33.63
CA THR B 513 25.53 15.41 34.13
C THR B 513 26.31 15.53 35.44
N GLY B 514 26.48 16.74 35.96
CA GLY B 514 27.13 16.92 37.25
C GLY B 514 28.61 17.24 37.12
N ASP B 515 29.18 17.65 38.25
CA ASP B 515 30.62 17.92 38.32
C ASP B 515 31.38 16.60 38.26
N ALA B 516 32.20 16.43 37.23
CA ALA B 516 32.94 15.19 37.08
C ALA B 516 34.01 14.99 38.15
N ARG B 517 34.40 16.06 38.86
CA ARG B 517 35.35 15.89 39.96
C ARG B 517 34.79 14.97 41.03
N LYS B 518 33.47 14.97 41.21
CA LYS B 518 32.82 14.18 42.25
C LYS B 518 32.41 12.78 41.77
N PHE B 519 32.79 12.39 40.56
CA PHE B 519 32.39 11.07 40.07
C PHE B 519 33.14 9.98 40.82
N LYS B 520 32.43 8.89 41.09
CA LYS B 520 32.90 7.85 42.01
C LYS B 520 33.32 6.57 41.32
N SER B 521 32.91 6.34 40.08
CA SER B 521 33.23 5.10 39.39
C SER B 521 33.33 5.37 37.89
N TRP B 522 33.94 4.42 37.18
CA TRP B 522 33.96 4.49 35.73
C TRP B 522 32.54 4.53 35.16
N ASP B 523 31.63 3.76 35.76
CA ASP B 523 30.24 3.75 35.31
C ASP B 523 29.67 5.16 35.30
N GLU B 524 30.00 5.94 36.32
CA GLU B 524 29.42 7.27 36.47
C GLU B 524 29.91 8.23 35.39
N PHE B 525 31.17 8.11 34.96
CA PHE B 525 31.63 8.98 33.88
C PHE B 525 31.12 8.49 32.53
N TRP B 526 31.15 7.18 32.31
CA TRP B 526 30.66 6.63 31.06
C TRP B 526 29.20 6.99 30.84
N ASN B 527 28.37 6.90 31.88
CA ASN B 527 26.98 7.31 31.75
C ASN B 527 26.87 8.80 31.43
N ALA B 528 27.69 9.62 32.06
CA ALA B 528 27.69 11.04 31.75
C ALA B 528 28.08 11.26 30.29
N TYR B 529 29.09 10.55 29.81
CA TYR B 529 29.47 10.68 28.41
C TYR B 529 28.34 10.21 27.49
N VAL B 530 27.77 9.05 27.78
CA VAL B 530 26.69 8.53 26.94
C VAL B 530 25.55 9.53 26.88
N GLN B 531 25.31 10.27 27.96
CA GLN B 531 24.26 11.29 27.96
C GLN B 531 24.56 12.37 26.94
N GLN B 532 25.80 12.88 26.94
CA GLN B 532 26.18 13.89 25.95
C GLN B 532 26.27 13.29 24.56
N HIS B 533 26.72 12.04 24.47
CA HIS B 533 26.81 11.35 23.18
C HIS B 533 25.44 11.27 22.51
N MET B 534 24.44 10.75 23.24
CA MET B 534 23.11 10.61 22.67
C MET B 534 22.47 11.96 22.40
N LEU B 535 22.79 12.97 23.21
CA LEU B 535 22.25 14.30 22.96
C LEU B 535 22.72 14.81 21.61
N LEU B 536 24.02 14.67 21.32
CA LEU B 536 24.53 15.09 20.02
C LEU B 536 23.86 14.32 18.89
N LEU B 537 23.58 13.03 19.10
CA LEU B 537 22.90 12.24 18.08
C LEU B 537 21.48 12.73 17.85
N ARG B 538 20.74 13.01 18.94
CA ARG B 538 19.39 13.54 18.78
C ARG B 538 19.40 14.88 18.07
N THR B 539 20.29 15.78 18.48
CA THR B 539 20.37 17.07 17.82
C THR B 539 20.77 16.91 16.35
N THR B 540 21.66 15.96 16.07
CA THR B 540 22.11 15.77 14.69
C THR B 540 20.96 15.41 13.76
N PHE B 541 20.14 14.44 14.15
CA PHE B 541 19.07 13.99 13.26
C PHE B 541 17.93 14.99 13.21
N ILE B 542 17.65 15.68 14.32
CA ILE B 542 16.63 16.72 14.32
C ILE B 542 17.04 17.85 13.39
N GLN B 543 18.31 18.28 13.49
CA GLN B 543 18.82 19.31 12.59
C GLN B 543 18.74 18.86 11.13
N GLN B 544 19.10 17.60 10.85
CA GLN B 544 19.15 17.14 9.47
C GLN B 544 17.77 17.16 8.83
N TYR B 545 16.75 16.73 9.58
CA TYR B 545 15.40 16.66 9.03
C TYR B 545 14.90 18.06 8.65
N ILE B 546 15.27 19.08 9.42
CA ILE B 546 14.92 20.45 9.07
C ILE B 546 15.64 20.87 7.80
N VAL B 547 16.91 20.47 7.66
CA VAL B 547 17.66 20.81 6.45
C VAL B 547 16.99 20.25 5.21
N ILE B 548 16.57 18.98 5.28
CA ILE B 548 15.90 18.36 4.14
C ILE B 548 14.68 19.16 3.72
N GLN B 549 13.86 19.56 4.70
CA GLN B 549 12.64 20.29 4.37
C GLN B 549 12.95 21.69 3.85
N THR B 550 13.97 22.34 4.41
CA THR B 550 14.27 23.71 4.02
C THR B 550 14.97 23.76 2.66
N ARG B 551 15.91 22.85 2.41
CA ARG B 551 16.59 22.83 1.11
C ARG B 551 15.61 22.64 -0.04
N ALA B 552 14.55 21.86 0.18
CA ALA B 552 13.57 21.64 -0.87
C ALA B 552 12.88 22.92 -1.32
N LYS B 553 12.95 23.99 -0.52
CA LYS B 553 12.33 25.27 -0.86
C LYS B 553 13.31 26.27 -1.46
N HIS B 554 14.60 25.95 -1.54
CA HIS B 554 15.60 26.94 -1.91
C HIS B 554 16.53 26.55 -3.04
N PHE B 555 16.62 25.27 -3.40
CA PHE B 555 17.59 24.82 -4.39
C PHE B 555 16.92 24.05 -5.51
N ALA B 556 17.39 24.27 -6.73
CA ALA B 556 16.99 23.47 -7.88
C ALA B 556 18.22 23.20 -8.73
N GLN B 557 18.12 22.19 -9.59
CA GLN B 557 19.25 21.73 -10.39
C GLN B 557 18.73 21.23 -11.73
N PRO B 558 18.30 22.14 -12.61
CA PRO B 558 17.70 21.68 -13.88
C PRO B 558 18.65 20.85 -14.73
N MET B 559 19.90 21.27 -14.89
CA MET B 559 20.82 20.48 -15.72
C MET B 559 21.15 19.14 -15.08
N GLY B 560 21.49 19.15 -13.78
CA GLY B 560 21.76 17.89 -13.10
C GLY B 560 20.58 16.93 -13.14
N SER B 561 19.36 17.47 -13.14
CA SER B 561 18.19 16.61 -13.18
C SER B 561 18.00 15.98 -14.56
N VAL B 562 18.19 16.76 -15.63
CA VAL B 562 17.99 16.20 -16.96
C VAL B 562 19.06 15.16 -17.28
N LEU B 563 20.16 15.15 -16.52
CA LEU B 563 21.16 14.11 -16.66
C LEU B 563 20.85 12.88 -15.82
N HIS B 564 19.71 12.87 -15.12
CA HIS B 564 19.31 11.79 -14.24
C HIS B 564 18.08 11.09 -14.82
N ALA B 565 18.20 9.79 -15.08
CA ALA B 565 17.11 9.06 -15.74
C ALA B 565 15.83 9.08 -14.91
N LEU B 566 15.94 9.00 -13.58
CA LEU B 566 14.75 9.01 -12.75
C LEU B 566 14.09 10.39 -12.72
N CYS B 567 14.89 11.46 -12.80
CA CYS B 567 14.31 12.79 -12.87
C CYS B 567 13.61 13.01 -14.21
N ARG B 568 14.18 12.47 -15.29
CA ARG B 568 13.49 12.55 -16.58
C ARG B 568 12.20 11.74 -16.56
N LYS B 569 12.20 10.59 -15.87
CA LYS B 569 11.05 9.71 -15.90
C LYS B 569 9.89 10.25 -15.09
N HIS B 570 10.16 10.77 -13.90
CA HIS B 570 9.12 11.25 -13.01
C HIS B 570 8.96 12.77 -13.01
N CYS B 571 9.81 13.48 -13.75
CA CYS B 571 9.69 14.92 -13.93
C CYS B 571 9.71 15.64 -12.58
N ILE B 572 10.83 15.50 -11.89
CA ILE B 572 10.99 16.08 -10.57
C ILE B 572 12.47 16.42 -10.35
N ASP B 573 12.71 17.54 -9.70
CA ASP B 573 14.08 18.03 -9.49
C ASP B 573 14.81 17.18 -8.45
N LEU B 574 16.14 17.15 -8.57
CA LEU B 574 16.95 16.30 -7.69
C LEU B 574 16.85 16.73 -6.24
N HIS B 575 16.85 18.05 -5.98
CA HIS B 575 16.85 18.58 -4.62
C HIS B 575 15.51 18.47 -3.90
N GLN B 576 14.53 17.78 -4.47
CA GLN B 576 13.32 17.43 -3.73
C GLN B 576 13.59 16.26 -2.81
N PRO B 577 12.86 16.15 -1.69
CA PRO B 577 13.20 15.14 -0.68
C PRO B 577 13.05 13.71 -1.17
N GLN B 578 11.97 13.38 -1.87
CA GLN B 578 11.69 12.02 -2.31
C GLN B 578 11.46 12.01 -3.82
N ILE B 579 12.17 11.13 -4.52
CA ILE B 579 12.02 10.95 -5.95
C ILE B 579 11.67 9.50 -6.19
N PRO B 580 10.58 9.21 -6.90
CA PRO B 580 10.15 7.81 -7.06
C PRO B 580 11.26 6.94 -7.65
N GLU B 581 11.42 5.76 -7.06
CA GLU B 581 12.42 4.75 -7.42
C GLU B 581 13.85 5.15 -7.07
N GLY B 582 14.07 6.32 -6.48
CA GLY B 582 15.40 6.73 -6.12
C GLY B 582 15.90 6.10 -4.83
N LEU B 583 17.22 6.11 -4.68
CA LEU B 583 17.88 5.65 -3.46
C LEU B 583 18.56 6.84 -2.79
N ASN B 584 18.44 6.91 -1.46
CA ASN B 584 18.87 8.08 -0.70
C ASN B 584 20.00 7.68 0.25
N PHE B 585 21.21 8.17 -0.03
CA PHE B 585 22.39 7.92 0.79
C PHE B 585 22.86 9.23 1.40
N GLY B 586 22.47 9.47 2.65
CA GLY B 586 22.90 10.62 3.42
C GLY B 586 23.88 10.23 4.50
N TYR B 587 24.35 11.25 5.22
CA TYR B 587 25.44 11.06 6.17
C TYR B 587 25.28 11.99 7.36
N PHE B 588 25.82 11.57 8.49
CA PHE B 588 26.22 12.46 9.57
C PHE B 588 27.63 12.08 9.98
N GLU B 589 28.39 13.05 10.46
CA GLU B 589 29.81 12.84 10.66
C GLU B 589 30.13 12.64 12.14
N PHE B 590 30.82 11.54 12.43
CA PHE B 590 31.41 11.30 13.74
C PHE B 590 32.81 11.90 13.70
N MET B 591 32.99 13.02 14.38
CA MET B 591 34.25 13.73 14.40
C MET B 591 35.00 13.49 15.70
N GLY B 592 36.30 13.28 15.59
CA GLY B 592 37.14 13.15 16.77
C GLY B 592 37.21 11.76 17.37
N LEU B 593 37.03 10.72 16.56
CA LEU B 593 36.99 9.35 17.06
C LEU B 593 38.20 9.01 17.91
N GLY B 594 39.40 9.20 17.36
CA GLY B 594 40.60 8.86 18.11
C GLY B 594 40.76 9.68 19.37
N THR B 595 40.39 10.95 19.32
CA THR B 595 40.46 11.79 20.50
C THR B 595 39.51 11.30 21.58
N VAL B 596 38.31 10.90 21.19
CA VAL B 596 37.33 10.43 22.16
C VAL B 596 37.76 9.10 22.76
N ILE B 597 38.20 8.16 21.93
CA ILE B 597 38.66 6.86 22.41
C ILE B 597 39.77 7.03 23.44
N ASP B 598 40.85 7.71 23.04
CA ASP B 598 42.00 7.86 23.93
C ASP B 598 41.64 8.62 25.20
N SER B 599 40.74 9.58 25.11
CA SER B 599 40.32 10.30 26.31
C SER B 599 39.60 9.37 27.28
N LEU B 600 38.62 8.60 26.79
CA LEU B 600 37.88 7.70 27.67
C LEU B 600 38.77 6.58 28.20
N ALA B 601 39.69 6.07 27.36
CA ALA B 601 40.57 5.00 27.82
C ALA B 601 41.49 5.47 28.94
N ALA B 602 42.00 6.70 28.84
CA ALA B 602 42.89 7.21 29.88
C ALA B 602 42.15 7.34 31.20
N ILE B 603 40.88 7.76 31.14
CA ILE B 603 40.10 7.89 32.37
C ILE B 603 39.82 6.52 32.97
N LYS B 604 39.38 5.57 32.14
CA LYS B 604 39.08 4.23 32.63
C LYS B 604 40.32 3.58 33.24
N LYS B 605 41.46 3.68 32.54
CA LYS B 605 42.68 3.03 33.01
C LYS B 605 43.27 3.75 34.21
N LEU B 606 43.59 5.04 34.04
CA LEU B 606 44.45 5.73 35.00
C LEU B 606 43.73 6.27 36.23
N VAL B 607 42.42 6.43 36.20
CA VAL B 607 41.69 6.97 37.34
C VAL B 607 40.98 5.87 38.13
N PHE B 608 40.18 5.04 37.46
CA PHE B 608 39.29 4.13 38.15
C PHE B 608 39.78 2.69 38.19
N GLU B 609 40.72 2.31 37.33
CA GLU B 609 41.26 0.95 37.34
C GLU B 609 42.60 0.84 38.06
N ASP B 610 43.59 1.66 37.66
CA ASP B 610 44.91 1.65 38.28
C ASP B 610 45.06 2.67 39.41
N LYS B 611 44.10 3.57 39.57
CA LYS B 611 44.12 4.57 40.63
C LYS B 611 45.40 5.43 40.58
N LYS B 612 45.94 5.67 39.39
CA LYS B 612 47.19 6.42 39.26
C LYS B 612 46.99 7.94 39.33
N LEU B 613 45.76 8.43 39.16
CA LEU B 613 45.46 9.82 39.44
C LEU B 613 44.00 9.93 39.76
N THR B 614 43.62 11.07 40.35
CA THR B 614 42.25 11.32 40.74
C THR B 614 41.59 12.24 39.73
N MET B 615 40.26 12.27 39.77
CA MET B 615 39.53 13.19 38.89
C MET B 615 39.92 14.64 39.17
N ASP B 616 40.22 14.95 40.43
CA ASP B 616 40.64 16.30 40.78
C ASP B 616 41.97 16.65 40.12
N GLN B 617 42.95 15.74 40.17
CA GLN B 617 44.21 15.99 39.47
C GLN B 617 43.99 16.15 37.97
N LEU B 618 43.15 15.30 37.40
CA LEU B 618 42.90 15.35 35.96
C LEU B 618 42.31 16.69 35.56
N ILE B 619 41.20 17.07 36.18
CA ILE B 619 40.53 18.30 35.76
C ILE B 619 41.33 19.54 36.17
N ASP B 620 42.15 19.44 37.23
CA ASP B 620 43.08 20.51 37.52
C ASP B 620 44.08 20.73 36.40
N ALA B 621 44.62 19.63 35.85
CA ALA B 621 45.59 19.76 34.77
C ALA B 621 44.95 20.26 33.50
N LEU B 622 43.71 19.84 33.22
CA LEU B 622 43.02 20.27 32.00
C LEU B 622 42.70 21.75 32.06
N GLU B 623 42.15 22.23 33.18
CA GLU B 623 41.81 23.64 33.31
C GLU B 623 43.03 24.54 33.34
N ALA B 624 44.21 23.96 33.61
CA ALA B 624 45.46 24.68 33.54
C ALA B 624 46.16 24.55 32.19
N ASN B 625 45.52 23.86 31.23
CA ASN B 625 46.12 23.55 29.94
C ASN B 625 47.48 22.87 30.11
N PHE B 626 47.55 22.00 31.12
CA PHE B 626 48.73 21.21 31.48
C PHE B 626 49.90 22.07 31.89
N GLU B 627 49.69 23.36 32.11
CA GLU B 627 50.79 24.25 32.46
C GLU B 627 51.11 24.12 33.95
N GLY B 628 52.31 23.65 34.25
CA GLY B 628 52.63 23.25 35.60
C GLY B 628 52.21 21.84 35.95
N TYR B 629 51.54 21.15 35.03
CA TYR B 629 51.06 19.79 35.22
C TYR B 629 51.59 18.86 34.13
N GLU B 630 52.77 19.16 33.59
CA GLU B 630 53.33 18.32 32.54
C GLU B 630 53.54 16.88 33.01
N ASP B 631 53.64 16.65 34.32
CA ASP B 631 53.72 15.30 34.85
C ASP B 631 52.41 14.56 34.65
N ILE B 632 51.28 15.24 34.79
CA ILE B 632 49.99 14.60 34.59
C ILE B 632 49.73 14.40 33.10
N GLN B 633 50.08 15.39 32.28
CA GLN B 633 49.99 15.20 30.83
C GLN B 633 50.81 13.99 30.39
N GLN B 634 52.03 13.87 30.91
CA GLN B 634 52.89 12.75 30.54
C GLN B 634 52.30 11.41 30.98
N LEU B 635 51.61 11.39 32.12
CA LEU B 635 51.00 10.15 32.60
C LEU B 635 49.83 9.74 31.71
N LEU B 636 49.06 10.71 31.24
CA LEU B 636 47.92 10.43 30.39
C LEU B 636 48.33 9.72 29.10
N ARG B 637 49.51 10.06 28.57
CA ARG B 637 49.97 9.48 27.31
C ARG B 637 50.44 8.04 27.44
N THR B 638 50.41 7.48 28.65
CA THR B 638 50.77 6.07 28.85
C THR B 638 49.58 5.13 28.81
N ALA B 639 48.36 5.64 28.73
CA ALA B 639 47.19 4.79 28.67
C ALA B 639 46.99 4.21 27.27
N PRO B 640 46.29 3.07 27.16
CA PRO B 640 46.05 2.47 25.84
C PRO B 640 45.36 3.44 24.88
N CYS B 641 45.73 3.34 23.61
CA CYS B 641 45.26 4.26 22.59
C CYS B 641 44.68 3.53 21.39
N TYR B 642 43.83 4.25 20.67
CA TYR B 642 43.28 3.76 19.41
C TYR B 642 44.35 3.77 18.33
N GLY B 643 44.37 2.72 17.52
CA GLY B 643 45.34 2.62 16.45
C GLY B 643 46.52 1.72 16.74
N ASN B 644 46.47 0.91 17.81
CA ASN B 644 47.55 0.02 18.18
C ASN B 644 47.14 -1.45 18.18
N ASP B 645 45.98 -1.79 17.62
CA ASP B 645 45.40 -3.12 17.77
C ASP B 645 45.28 -3.50 19.24
N ASP B 646 44.90 -2.52 20.06
CA ASP B 646 44.78 -2.69 21.50
C ASP B 646 43.30 -2.85 21.86
N GLU B 647 42.90 -4.07 22.19
CA GLU B 647 41.49 -4.34 22.45
C GLU B 647 40.95 -3.49 23.60
N TYR B 648 41.81 -3.08 24.52
CA TYR B 648 41.36 -2.23 25.62
C TYR B 648 40.78 -0.92 25.10
N ALA B 649 41.45 -0.31 24.12
CA ALA B 649 40.94 0.93 23.53
C ALA B 649 39.92 0.64 22.44
N ASP B 650 40.15 -0.40 21.64
CA ASP B 650 39.30 -0.64 20.48
C ASP B 650 37.88 -1.02 20.88
N GLU B 651 37.71 -1.71 22.01
CA GLU B 651 36.37 -2.07 22.45
C GLU B 651 35.56 -0.84 22.82
N ILE B 652 36.24 0.22 23.29
CA ILE B 652 35.57 1.49 23.56
C ILE B 652 35.12 2.13 22.25
N GLY B 653 36.04 2.21 21.28
CA GLY B 653 35.66 2.74 19.98
C GLY B 653 34.55 1.93 19.33
N ARG B 654 34.59 0.61 19.48
CA ARG B 654 33.53 -0.22 18.91
C ARG B 654 32.19 0.13 19.51
N GLU B 655 32.15 0.46 20.81
CA GLU B 655 30.87 0.81 21.42
C GLU B 655 30.42 2.20 20.99
N LEU B 656 31.35 3.14 20.86
CA LEU B 656 31.02 4.46 20.33
C LEU B 656 30.41 4.34 18.94
N ASP B 657 31.05 3.57 18.07
CA ASP B 657 30.53 3.33 16.73
C ASP B 657 29.18 2.64 16.78
N ARG B 658 29.03 1.63 17.63
CA ARG B 658 27.76 0.90 17.68
C ARG B 658 26.61 1.81 18.07
N MET B 659 26.86 2.77 18.97
CA MET B 659 25.80 3.70 19.35
C MET B 659 25.39 4.59 18.18
N ALA B 660 26.37 5.06 17.40
CA ALA B 660 26.06 5.94 16.27
C ALA B 660 25.37 5.17 15.15
N VAL B 661 25.87 3.97 14.84
CA VAL B 661 25.26 3.18 13.77
C VAL B 661 23.88 2.69 14.19
N SER B 662 23.73 2.27 15.45
CA SER B 662 22.43 1.81 15.92
C SER B 662 21.41 2.93 15.90
N PHE B 663 21.81 4.12 16.32
CA PHE B 663 20.91 5.27 16.26
C PHE B 663 20.56 5.60 14.82
N ALA B 664 21.55 5.52 13.92
CA ALA B 664 21.30 5.78 12.50
C ALA B 664 20.35 4.76 11.90
N ALA B 665 20.50 3.49 12.29
CA ALA B 665 19.61 2.45 11.77
C ALA B 665 18.18 2.65 12.23
N LYS B 666 17.98 3.22 13.41
CA LYS B 666 16.64 3.34 13.97
C LYS B 666 15.90 4.56 13.43
N TYR B 667 16.57 5.70 13.32
CA TYR B 667 15.89 6.97 13.06
C TYR B 667 16.14 7.54 11.67
N GLY B 668 16.92 6.86 10.83
CA GLY B 668 17.06 7.31 9.45
C GLY B 668 15.81 7.09 8.62
N LYS B 669 15.17 5.92 8.78
CA LYS B 669 14.10 5.53 7.88
C LYS B 669 12.88 6.44 8.00
N GLU B 670 12.64 7.05 9.17
CA GLU B 670 11.46 7.89 9.27
C GLU B 670 11.65 9.21 8.52
N MET B 671 12.89 9.60 8.25
CA MET B 671 13.18 10.68 7.32
C MET B 671 13.18 10.23 5.87
N GLY B 672 12.98 8.95 5.63
CA GLY B 672 12.94 8.44 4.28
C GLY B 672 14.29 8.35 3.60
N ILE B 673 15.39 8.31 4.36
CA ILE B 673 16.73 8.26 3.79
C ILE B 673 17.60 7.34 4.64
N ASN B 674 18.75 6.96 4.06
CA ASN B 674 19.86 6.42 4.83
C ASN B 674 20.70 7.59 5.33
N ASN B 675 20.72 7.79 6.64
CA ASN B 675 21.56 8.81 7.26
C ASN B 675 22.61 8.09 8.09
N ASP B 676 23.68 7.68 7.43
CA ASP B 676 24.60 6.72 8.00
C ASP B 676 25.80 7.40 8.66
N ALA B 677 26.40 6.70 9.61
CA ALA B 677 27.56 7.23 10.32
C ALA B 677 28.78 7.21 9.41
N ARG B 678 29.42 8.37 9.26
CA ARG B 678 30.57 8.53 8.39
C ARG B 678 31.69 9.22 9.14
N TYR B 679 32.93 8.89 8.78
CA TYR B 679 34.10 9.44 9.46
C TYR B 679 35.01 10.17 8.47
N VAL B 680 34.45 11.11 7.72
CA VAL B 680 35.16 11.86 6.70
C VAL B 680 35.18 13.32 7.13
N PRO B 681 36.35 13.90 7.38
CA PRO B 681 36.40 15.13 8.19
C PRO B 681 36.45 16.42 7.40
N PHE B 682 36.69 16.38 6.09
CA PHE B 682 37.14 17.58 5.36
C PHE B 682 38.41 18.05 6.09
N THR B 683 38.56 19.35 6.34
CA THR B 683 39.53 19.81 7.31
C THR B 683 38.85 20.33 8.57
N SER B 684 37.62 19.89 8.82
CA SER B 684 36.84 20.34 9.97
C SER B 684 37.41 19.88 11.31
N HIS B 685 38.33 18.93 11.32
CA HIS B 685 38.95 18.56 12.60
C HIS B 685 39.81 19.68 13.16
N VAL B 686 40.09 20.71 12.38
CA VAL B 686 40.83 21.88 12.85
C VAL B 686 39.90 22.83 13.60
N PRO B 687 38.80 23.33 13.00
CA PRO B 687 37.90 24.19 13.80
C PRO B 687 37.22 23.46 14.94
N PHE B 688 36.91 22.17 14.78
CA PHE B 688 36.33 21.40 15.89
C PHE B 688 37.30 21.32 17.05
N GLY B 689 38.60 21.16 16.75
CA GLY B 689 39.59 21.16 17.80
C GLY B 689 39.77 22.52 18.46
N LYS B 690 39.65 23.61 17.69
CA LYS B 690 39.86 24.92 18.27
C LYS B 690 38.78 25.32 19.26
N VAL B 691 37.67 24.59 19.34
CA VAL B 691 36.63 24.90 20.31
C VAL B 691 36.62 23.93 21.49
N VAL B 692 37.47 22.90 21.47
CA VAL B 692 37.56 21.92 22.55
C VAL B 692 38.82 22.18 23.34
N SER B 693 38.67 22.36 24.65
CA SER B 693 39.81 22.63 25.51
C SER B 693 40.60 21.34 25.72
N ALA B 694 41.54 21.36 26.67
CA ALA B 694 42.41 20.22 26.88
C ALA B 694 41.61 18.98 27.25
N THR B 695 42.01 17.83 26.71
CA THR B 695 41.27 16.58 26.84
C THR B 695 42.07 15.53 27.59
N PRO B 696 41.40 14.51 28.18
CA PRO B 696 42.11 13.54 29.02
C PRO B 696 43.14 12.67 28.33
N ASN B 697 43.29 12.80 27.01
CA ASN B 697 44.29 12.01 26.31
C ASN B 697 45.64 12.73 26.21
N GLY B 698 45.76 13.92 26.79
CA GLY B 698 46.98 14.68 26.72
C GLY B 698 46.99 15.79 25.69
N ARG B 699 45.95 15.85 24.85
CA ARG B 699 45.88 16.89 23.83
C ARG B 699 45.65 18.26 24.47
N VAL B 700 46.51 19.21 24.12
CA VAL B 700 46.37 20.56 24.67
C VAL B 700 45.12 21.21 24.11
N ALA B 701 44.72 22.31 24.75
CA ALA B 701 43.51 23.02 24.36
C ALA B 701 43.67 23.60 22.95
N TRP B 702 42.56 23.60 22.21
CA TRP B 702 42.42 24.21 20.90
C TRP B 702 43.26 23.53 19.82
N PHE B 703 43.88 22.41 20.13
CA PHE B 703 44.63 21.66 19.12
C PHE B 703 43.66 20.86 18.25
N PRO B 704 43.99 20.64 16.98
CA PRO B 704 43.12 19.85 16.11
C PRO B 704 42.79 18.47 16.71
N LEU B 705 41.61 17.96 16.36
CA LEU B 705 41.22 16.61 16.72
C LEU B 705 41.92 15.61 15.80
N ALA B 706 41.74 14.32 16.11
CA ALA B 706 42.21 13.27 15.23
C ALA B 706 41.46 13.31 13.90
N ASP B 707 42.20 13.23 12.80
CA ASP B 707 41.61 13.34 11.48
C ASP B 707 40.89 12.05 11.09
N GLY B 708 39.64 12.17 10.64
CA GLY B 708 38.90 11.01 10.18
C GLY B 708 38.88 9.90 11.21
N SER B 709 39.11 8.68 10.76
CA SER B 709 39.28 7.52 11.62
C SER B 709 40.74 7.13 11.79
N SER B 710 41.65 8.08 11.62
CA SER B 710 43.07 7.85 11.82
C SER B 710 43.38 7.86 13.32
N PRO B 711 44.53 7.31 13.71
CA PRO B 711 44.92 7.40 15.12
C PRO B 711 45.15 8.84 15.52
N SER B 712 45.00 9.12 16.82
CA SER B 712 45.43 10.40 17.35
C SER B 712 46.90 10.62 17.06
N HIS B 713 47.28 11.90 16.94
CA HIS B 713 48.65 12.25 16.59
C HIS B 713 49.66 11.62 17.53
N GLY B 714 50.54 10.79 16.97
CA GLY B 714 51.60 10.16 17.73
C GLY B 714 51.16 9.09 18.70
N ALA B 715 49.93 8.60 18.58
CA ALA B 715 49.43 7.58 19.49
C ALA B 715 49.61 6.17 18.96
N ASP B 716 50.06 6.01 17.71
CA ASP B 716 50.21 4.69 17.08
C ASP B 716 51.66 4.25 17.24
N HIS B 717 51.91 3.36 18.21
CA HIS B 717 53.24 2.86 18.51
C HIS B 717 53.46 1.41 18.07
N ASN B 718 52.56 0.84 17.26
CA ASN B 718 52.65 -0.57 16.88
C ASN B 718 52.71 -0.77 15.37
N GLY B 719 53.14 0.24 14.62
CA GLY B 719 53.31 0.07 13.20
C GLY B 719 52.08 0.44 12.40
N PRO B 720 52.23 0.48 11.08
CA PRO B 720 51.10 0.91 10.23
C PRO B 720 50.01 -0.13 10.09
N THR B 721 50.35 -1.43 10.12
CA THR B 721 49.32 -2.45 9.99
C THR B 721 48.36 -2.44 11.17
N ALA B 722 48.87 -2.11 12.37
CA ALA B 722 47.98 -2.04 13.54
C ALA B 722 46.90 -0.99 13.36
N ILE B 723 47.19 0.07 12.60
CA ILE B 723 46.16 1.07 12.31
C ILE B 723 45.00 0.46 11.56
N LEU B 724 45.29 -0.45 10.61
CA LEU B 724 44.23 -1.12 9.88
C LEU B 724 43.38 -2.00 10.79
N LEU B 725 44.04 -2.75 11.69
CA LEU B 725 43.32 -3.65 12.57
C LEU B 725 42.47 -2.90 13.58
N SER B 726 42.95 -1.75 14.06
CA SER B 726 42.13 -0.96 14.98
C SER B 726 40.88 -0.44 14.28
N ASN B 727 41.02 0.00 13.03
CA ASN B 727 39.85 0.42 12.26
C ASN B 727 38.86 -0.72 12.13
N HIS B 728 39.34 -1.92 11.83
CA HIS B 728 38.46 -3.07 11.70
C HIS B 728 37.79 -3.39 13.04
N ASN B 729 38.53 -3.30 14.13
CA ASN B 729 38.00 -3.71 15.44
C ASN B 729 37.02 -2.72 16.03
N THR B 730 36.93 -1.49 15.52
CA THR B 730 36.00 -0.51 16.05
C THR B 730 34.77 -0.34 15.17
N LYS B 731 34.61 -1.17 14.13
CA LYS B 731 33.41 -1.16 13.30
C LYS B 731 32.46 -2.27 13.75
N ASN B 732 31.21 -2.18 13.28
CA ASN B 732 30.15 -3.13 13.64
C ASN B 732 29.57 -3.67 12.33
N TYR B 733 30.27 -4.65 11.74
CA TYR B 733 29.88 -5.17 10.44
C TYR B 733 28.55 -5.90 10.46
N GLY B 734 27.98 -6.14 11.64
CA GLY B 734 26.66 -6.74 11.75
C GLY B 734 25.52 -5.79 11.39
N MET B 735 25.80 -4.51 11.22
CA MET B 735 24.83 -3.51 10.80
C MET B 735 25.26 -2.87 9.50
N ARG B 736 24.36 -2.09 8.91
CA ARG B 736 24.65 -1.44 7.63
C ARG B 736 24.61 0.08 7.68
N ALA B 737 24.12 0.69 8.76
CA ALA B 737 23.96 2.15 8.80
C ALA B 737 25.30 2.86 8.96
N ARG B 738 26.27 2.54 8.10
CA ARG B 738 27.57 3.17 8.12
C ARG B 738 27.97 3.56 6.72
N ALA B 739 28.91 4.50 6.62
CA ALA B 739 29.48 4.86 5.35
C ALA B 739 30.99 4.88 5.47
N ALA B 740 31.65 5.77 4.73
CA ALA B 740 33.10 5.73 4.63
C ALA B 740 33.78 6.13 5.94
N ARG B 741 35.02 5.68 6.08
CA ARG B 741 35.94 6.15 7.10
C ARG B 741 37.20 6.62 6.40
N LEU B 742 37.67 7.83 6.73
CA LEU B 742 38.89 8.34 6.15
C LEU B 742 40.09 7.90 6.99
N ILE B 743 41.04 7.22 6.34
CA ILE B 743 42.28 6.77 6.98
C ILE B 743 43.45 7.49 6.34
N ASN B 744 44.26 8.15 7.16
CA ASN B 744 45.50 8.77 6.73
C ASN B 744 46.67 8.00 7.35
N VAL B 745 47.59 7.54 6.51
CA VAL B 745 48.82 6.89 6.95
C VAL B 745 49.99 7.59 6.28
N LYS B 746 51.03 7.86 7.07
CA LYS B 746 52.23 8.53 6.57
C LYS B 746 53.41 7.59 6.65
N PHE B 747 54.13 7.44 5.54
CA PHE B 747 55.36 6.67 5.48
C PHE B 747 56.53 7.59 5.19
N THR B 748 57.71 7.22 5.69
CA THR B 748 58.93 7.84 5.20
C THR B 748 59.29 7.22 3.86
N PRO B 749 60.00 7.96 3.00
CA PRO B 749 60.42 7.37 1.71
C PRO B 749 61.29 6.14 1.86
N LYS B 750 62.13 6.07 2.90
CA LYS B 750 62.96 4.89 3.12
C LYS B 750 62.12 3.68 3.49
N CYS B 751 60.98 3.90 4.15
CA CYS B 751 60.11 2.80 4.54
C CYS B 751 59.67 1.97 3.35
N VAL B 752 59.43 2.61 2.20
CA VAL B 752 58.91 1.92 1.01
C VAL B 752 59.91 2.00 -0.13
N GLU B 753 61.20 2.00 0.19
CA GLU B 753 62.22 2.19 -0.83
C GLU B 753 62.33 0.97 -1.74
N GLY B 754 62.56 1.23 -3.03
CA GLY B 754 62.89 0.18 -3.98
C GLY B 754 61.72 -0.75 -4.24
N ASP B 755 62.00 -1.76 -5.07
CA ASP B 755 60.99 -2.77 -5.40
C ASP B 755 60.55 -3.54 -4.15
N ALA B 756 61.47 -3.76 -3.22
CA ALA B 756 61.10 -4.41 -1.96
C ALA B 756 60.10 -3.57 -1.20
N GLY B 757 60.22 -2.24 -1.28
CA GLY B 757 59.25 -1.37 -0.63
C GLY B 757 57.93 -1.35 -1.36
N THR B 758 57.96 -1.34 -2.69
CA THR B 758 56.72 -1.36 -3.45
C THR B 758 55.94 -2.64 -3.17
N GLU B 759 56.64 -3.77 -3.04
CA GLU B 759 55.96 -5.03 -2.78
C GLU B 759 55.25 -5.02 -1.44
N LYS B 760 55.89 -4.46 -0.41
CA LYS B 760 55.22 -4.36 0.89
C LYS B 760 54.01 -3.43 0.81
N LEU B 761 54.11 -2.35 0.04
CA LEU B 761 52.99 -1.44 -0.07
C LEU B 761 51.80 -2.10 -0.76
N VAL B 762 52.05 -2.93 -1.76
CA VAL B 762 50.97 -3.67 -2.41
C VAL B 762 50.32 -4.65 -1.42
N GLN B 763 51.16 -5.39 -0.68
CA GLN B 763 50.64 -6.30 0.33
C GLN B 763 49.86 -5.56 1.41
N PHE B 764 50.27 -4.33 1.72
CA PHE B 764 49.51 -3.49 2.65
C PHE B 764 48.14 -3.16 2.09
N ILE B 765 48.09 -2.82 0.80
CA ILE B 765 46.81 -2.47 0.19
C ILE B 765 45.91 -3.70 0.09
N ARG B 766 46.50 -4.87 -0.17
CA ARG B 766 45.70 -6.08 -0.23
C ARG B 766 45.14 -6.43 1.14
N THR B 767 45.94 -6.20 2.20
CA THR B 767 45.45 -6.42 3.56
C THR B 767 44.36 -5.42 3.92
N TRP B 768 44.56 -4.15 3.56
CA TRP B 768 43.52 -3.15 3.74
C TRP B 768 42.23 -3.54 3.03
N CYS B 769 42.36 -4.18 1.87
CA CYS B 769 41.19 -4.61 1.10
C CYS B 769 40.48 -5.78 1.76
N ASP B 770 41.24 -6.79 2.22
CA ASP B 770 40.61 -7.95 2.84
C ASP B 770 39.83 -7.58 4.10
N LEU B 771 40.27 -6.54 4.80
CA LEU B 771 39.63 -6.06 6.01
C LEU B 771 38.36 -5.26 5.75
N LYS B 772 37.96 -5.10 4.49
CA LYS B 772 36.74 -4.38 4.12
C LYS B 772 36.75 -2.94 4.64
N LEU B 773 37.92 -2.31 4.61
CA LEU B 773 38.06 -0.91 4.99
C LEU B 773 37.75 -0.04 3.77
N TRP B 774 36.95 1.01 3.97
CA TRP B 774 36.40 1.77 2.86
C TRP B 774 37.49 2.53 2.10
N HIS B 775 38.40 3.19 2.82
CA HIS B 775 39.30 4.17 2.22
C HIS B 775 40.66 4.11 2.87
N ILE B 776 41.69 4.55 2.14
CA ILE B 776 43.01 4.81 2.73
C ILE B 776 43.79 5.77 1.84
N GLN B 777 44.68 6.55 2.45
CA GLN B 777 45.50 7.54 1.77
C GLN B 777 46.91 7.49 2.33
N PHE B 778 47.86 7.96 1.54
CA PHE B 778 49.24 7.89 1.98
C PHE B 778 49.97 9.19 1.69
N ASN B 779 50.69 9.67 2.70
CA ASN B 779 51.80 10.59 2.53
C ASN B 779 53.08 9.78 2.53
N VAL B 780 54.00 10.13 1.64
CA VAL B 780 55.33 9.54 1.61
C VAL B 780 56.31 10.71 1.65
N ILE B 781 56.78 11.06 2.84
CA ILE B 781 57.53 12.30 3.03
C ILE B 781 58.34 12.17 4.32
N ASN B 782 59.41 12.95 4.41
CA ASN B 782 60.21 13.02 5.62
C ASN B 782 59.69 14.13 6.54
N ALA B 783 59.78 13.89 7.85
CA ALA B 783 59.32 14.89 8.81
C ALA B 783 60.07 16.20 8.65
N ASP B 784 61.34 16.13 8.28
CA ASP B 784 62.16 17.32 8.17
C ASP B 784 61.64 18.25 7.07
N THR B 785 61.06 17.69 6.01
CA THR B 785 60.49 18.51 4.95
C THR B 785 59.34 19.37 5.47
N LEU B 786 58.47 18.80 6.30
CA LEU B 786 57.33 19.55 6.83
C LEU B 786 57.78 20.65 7.79
N LYS B 787 58.75 20.36 8.66
CA LYS B 787 59.20 21.34 9.63
C LYS B 787 59.89 22.51 8.94
N LYS B 788 60.70 22.22 7.92
CA LYS B 788 61.37 23.30 7.20
C LYS B 788 60.37 24.15 6.44
N ALA B 789 59.30 23.53 5.92
CA ALA B 789 58.29 24.30 5.21
C ALA B 789 57.49 25.17 6.16
N GLN B 790 57.31 24.74 7.41
CA GLN B 790 56.66 25.59 8.40
C GLN B 790 57.49 26.82 8.69
N LYS B 791 58.80 26.65 8.85
CA LYS B 791 59.66 27.76 9.23
C LYS B 791 59.96 28.67 8.05
N ASP B 792 60.18 28.12 6.85
CA ASP B 792 60.50 28.91 5.67
C ASP B 792 59.45 28.66 4.60
N PRO B 793 58.27 29.26 4.73
CA PRO B 793 57.22 29.05 3.72
C PRO B 793 57.56 29.65 2.37
N GLN B 794 58.44 30.65 2.34
CA GLN B 794 58.82 31.28 1.08
C GLN B 794 59.63 30.32 0.20
N LYS B 795 60.53 29.55 0.81
CA LYS B 795 61.37 28.62 0.05
C LYS B 795 60.57 27.43 -0.48
N TYR B 796 59.61 26.93 0.30
CA TYR B 796 58.94 25.67 0.02
C TYR B 796 57.52 25.85 -0.52
N ARG B 797 57.24 26.96 -1.21
CA ARG B 797 55.85 27.24 -1.56
C ARG B 797 55.26 26.23 -2.54
N ASN B 798 56.07 25.35 -3.11
CA ASN B 798 55.60 24.32 -4.02
C ASN B 798 55.42 22.95 -3.35
N LEU B 799 55.47 22.88 -2.02
CA LEU B 799 55.30 21.62 -1.32
C LEU B 799 53.83 21.21 -1.29
N ILE B 800 53.55 19.96 -1.67
CA ILE B 800 52.21 19.42 -1.76
C ILE B 800 52.10 18.24 -0.81
N VAL B 801 51.08 18.25 0.04
CA VAL B 801 50.87 17.20 1.03
C VAL B 801 49.42 16.74 0.99
N ARG B 802 49.22 15.46 1.33
CA ARG B 802 47.87 14.88 1.38
C ARG B 802 47.24 15.18 2.74
N ILE B 803 46.08 15.82 2.71
CA ILE B 803 45.44 16.33 3.94
C ILE B 803 44.27 15.43 4.34
N ALA B 804 43.18 15.48 3.57
CA ALA B 804 41.98 14.70 3.91
C ALA B 804 41.12 14.57 2.65
N GLY B 805 41.36 13.52 1.87
CA GLY B 805 40.71 13.34 0.59
C GLY B 805 41.34 14.09 -0.55
N TYR B 806 42.24 15.02 -0.26
CA TYR B 806 42.81 15.91 -1.28
C TYR B 806 44.21 16.33 -0.87
N SER B 807 44.97 16.79 -1.85
CA SER B 807 46.29 17.38 -1.61
C SER B 807 46.23 18.88 -1.82
N ALA B 808 47.09 19.61 -1.12
CA ALA B 808 47.12 21.06 -1.20
C ALA B 808 48.54 21.54 -0.95
N TYR B 809 48.76 22.83 -1.18
CA TYR B 809 50.06 23.43 -0.88
C TYR B 809 50.20 23.63 0.62
N PHE B 810 51.26 23.04 1.19
CA PHE B 810 51.45 23.05 2.64
C PHE B 810 51.53 24.46 3.19
N VAL B 811 52.10 25.40 2.42
CA VAL B 811 52.26 26.76 2.91
C VAL B 811 50.93 27.51 2.90
N ASP B 812 49.92 27.00 2.20
CA ASP B 812 48.59 27.62 2.21
C ASP B 812 47.80 27.32 3.46
N LEU B 813 48.29 26.41 4.31
CA LEU B 813 47.54 25.93 5.45
C LEU B 813 47.82 26.78 6.68
N THR B 814 46.80 26.91 7.54
CA THR B 814 46.98 27.59 8.80
C THR B 814 47.96 26.81 9.67
N PRO B 815 48.59 27.46 10.64
CA PRO B 815 49.49 26.73 11.56
C PRO B 815 48.83 25.54 12.23
N ASP B 816 47.57 25.63 12.65
CA ASP B 816 46.91 24.50 13.29
C ASP B 816 46.90 23.28 12.37
N LEU B 817 46.53 23.48 11.10
CA LEU B 817 46.47 22.36 10.17
C LEU B 817 47.87 21.84 9.82
N GLN B 818 48.86 22.74 9.74
CA GLN B 818 50.22 22.30 9.50
C GLN B 818 50.73 21.42 10.64
N ASN B 819 50.38 21.78 11.88
CA ASN B 819 50.78 20.97 13.04
C ASN B 819 50.14 19.59 13.02
N ASP B 820 48.89 19.50 12.55
CA ASP B 820 48.27 18.19 12.35
C ASP B 820 49.09 17.33 11.40
N LEU B 821 49.46 17.90 10.24
CA LEU B 821 50.27 17.16 9.29
C LEU B 821 51.61 16.76 9.90
N ILE B 822 52.23 17.66 10.67
CA ILE B 822 53.51 17.37 11.29
C ILE B 822 53.36 16.34 12.40
N ALA B 823 52.30 16.44 13.20
CA ALA B 823 52.13 15.55 14.34
C ALA B 823 51.72 14.14 13.95
N ARG B 824 51.29 13.92 12.70
CA ARG B 824 50.99 12.57 12.25
C ARG B 824 52.26 11.72 12.21
N THR B 825 52.15 10.50 12.71
CA THR B 825 53.29 9.59 12.76
C THR B 825 53.79 9.23 11.37
N GLY B 826 55.09 9.42 11.14
CA GLY B 826 55.74 8.94 9.93
C GLY B 826 56.38 7.60 10.16
N HIS B 827 55.75 6.53 9.67
CA HIS B 827 56.22 5.17 9.95
C HIS B 827 57.43 4.86 9.07
N ASP B 828 58.56 4.52 9.71
CA ASP B 828 59.78 4.23 8.98
C ASP B 828 59.91 2.78 8.54
N GLN B 829 59.13 1.86 9.09
CA GLN B 829 59.19 0.47 8.64
C GLN B 829 57.79 -0.13 8.68
N MET B 830 57.57 -1.16 7.87
CA MET B 830 56.29 -1.85 7.82
C MET B 830 56.40 -3.28 8.31
N GLU C 6 -54.71 42.29 -2.19
CA GLU C 6 -53.32 42.67 -1.87
C GLU C 6 -53.01 42.81 -0.36
N ILE C 7 -52.33 41.78 0.18
CA ILE C 7 -51.98 41.69 1.59
C ILE C 7 -50.48 41.90 1.80
N LYS C 8 -50.12 42.41 2.97
CA LYS C 8 -48.74 42.68 3.33
C LYS C 8 -48.22 41.60 4.28
N SER C 9 -46.94 41.29 4.15
CA SER C 9 -46.30 40.31 5.02
C SER C 9 -46.08 40.89 6.41
N PRO C 10 -45.85 40.04 7.42
CA PRO C 10 -45.48 40.56 8.74
C PRO C 10 -44.29 41.50 8.72
N HIS C 11 -43.29 41.23 7.87
CA HIS C 11 -42.16 42.15 7.79
C HIS C 11 -42.58 43.50 7.22
N GLU C 12 -43.43 43.50 6.19
CA GLU C 12 -43.93 44.76 5.64
C GLU C 12 -44.78 45.51 6.65
N GLN C 13 -45.54 44.78 7.47
CA GLN C 13 -46.35 45.43 8.50
C GLN C 13 -45.48 46.06 9.57
N ARG C 14 -44.41 45.37 9.97
CA ARG C 14 -43.47 45.96 10.92
C ARG C 14 -42.78 47.19 10.33
N LEU C 15 -42.64 47.23 9.00
CA LEU C 15 -42.09 48.41 8.35
C LEU C 15 -43.08 49.57 8.41
N GLU C 16 -44.37 49.28 8.24
CA GLU C 16 -45.37 50.33 8.31
C GLU C 16 -45.49 50.90 9.71
N ASP C 17 -45.45 50.04 10.73
CA ASP C 17 -45.47 50.55 12.10
C ASP C 17 -44.21 51.37 12.38
N ASN C 18 -43.07 50.93 11.84
CA ASN C 18 -41.83 51.68 12.01
C ASN C 18 -41.91 53.03 11.30
N ILE C 19 -42.38 53.04 10.05
CA ILE C 19 -42.50 54.29 9.31
C ILE C 19 -43.51 55.21 9.98
N ALA C 20 -44.63 54.65 10.45
CA ALA C 20 -45.64 55.46 11.12
C ALA C 20 -45.21 55.95 12.49
N GLY C 21 -44.01 55.59 12.95
CA GLY C 21 -43.55 56.04 14.25
C GLY C 21 -43.99 55.20 15.42
N LYS C 22 -44.66 54.07 15.17
CA LYS C 22 -45.13 53.21 16.25
C LYS C 22 -44.00 52.37 16.80
N GLU C 23 -44.15 51.95 18.06
CA GLU C 23 -43.24 51.00 18.65
C GLU C 23 -43.43 49.63 18.00
N ASP C 24 -42.33 48.91 17.78
CA ASP C 24 -42.42 47.57 17.23
C ASP C 24 -43.18 46.66 18.18
N ILE C 25 -44.00 45.77 17.62
CA ILE C 25 -44.89 44.98 18.44
C ILE C 25 -44.15 44.01 19.36
N TYR C 26 -42.91 43.63 19.03
CA TYR C 26 -42.15 42.69 19.85
C TYR C 26 -41.11 43.37 20.73
N ARG C 27 -41.11 44.70 20.80
CA ARG C 27 -40.06 45.38 21.54
C ARG C 27 -40.17 45.12 23.04
N GLU C 28 -41.39 45.13 23.58
CA GLU C 28 -41.57 45.04 25.02
C GLU C 28 -41.17 43.67 25.57
N SER C 29 -41.50 42.60 24.84
CA SER C 29 -41.14 41.26 25.29
C SER C 29 -39.73 40.85 24.85
N HIS C 30 -38.97 41.76 24.24
CA HIS C 30 -37.56 41.59 23.95
C HIS C 30 -36.81 42.88 24.26
N LYS C 31 -37.13 43.48 25.41
CA LYS C 31 -36.75 44.88 25.64
C LYS C 31 -35.24 45.06 25.70
N ARG C 32 -34.53 44.13 26.34
CA ARG C 32 -33.09 44.29 26.51
C ARG C 32 -32.37 44.29 25.18
N VAL C 33 -32.65 43.30 24.32
CA VAL C 33 -31.89 43.20 23.07
C VAL C 33 -32.30 44.30 22.10
N PHE C 34 -33.56 44.75 22.16
CA PHE C 34 -33.95 45.92 21.38
C PHE C 34 -33.18 47.17 21.81
N LYS C 35 -33.03 47.36 23.13
CA LYS C 35 -32.20 48.46 23.62
C LYS C 35 -30.79 48.36 23.10
N LEU C 36 -30.26 47.14 23.00
CA LEU C 36 -28.88 46.93 22.54
C LEU C 36 -28.73 47.25 21.05
N LEU C 37 -29.64 46.74 20.22
CA LEU C 37 -29.49 46.89 18.77
C LEU C 37 -29.81 48.30 18.31
N GLU C 38 -30.62 49.04 19.07
CA GLU C 38 -30.92 50.42 18.69
C GLU C 38 -29.69 51.31 18.73
N ARG C 39 -28.63 50.88 19.42
CA ARG C 39 -27.41 51.67 19.52
C ARG C 39 -26.51 51.54 18.30
N PHE C 40 -26.81 50.64 17.38
CA PHE C 40 -25.95 50.47 16.22
C PHE C 40 -26.69 50.09 14.94
N ASP C 41 -28.02 49.89 14.98
CA ASP C 41 -28.73 49.35 13.81
C ASP C 41 -28.56 50.28 12.62
N GLY C 42 -27.98 49.73 11.54
CA GLY C 42 -27.78 50.50 10.33
C GLY C 42 -26.69 51.55 10.42
N GLN C 43 -25.69 51.35 11.27
CA GLN C 43 -24.56 52.27 11.36
C GLN C 43 -23.45 51.74 10.47
N LYS C 44 -22.87 52.62 9.66
CA LYS C 44 -21.78 52.20 8.77
C LYS C 44 -20.60 51.70 9.61
N PRO C 45 -20.15 50.46 9.41
CA PRO C 45 -19.13 49.90 10.30
C PRO C 45 -17.80 50.62 10.20
N ALA C 46 -17.06 50.58 11.29
CA ALA C 46 -15.76 51.20 11.39
C ALA C 46 -14.70 50.11 11.34
N ILE C 47 -13.59 50.40 10.66
CA ILE C 47 -12.48 49.46 10.62
C ILE C 47 -11.75 49.51 11.95
N ASP C 48 -11.52 48.34 12.54
CA ASP C 48 -10.77 48.20 13.78
C ASP C 48 -9.44 47.52 13.47
N VAL C 49 -8.36 48.07 14.03
CA VAL C 49 -7.01 47.66 13.66
C VAL C 49 -6.31 46.84 14.73
N GLU C 50 -6.96 46.57 15.86
CA GLU C 50 -6.24 45.97 16.98
C GLU C 50 -5.79 44.55 16.68
N ARG C 51 -6.70 43.70 16.17
CA ARG C 51 -6.32 42.34 15.84
C ARG C 51 -5.14 42.32 14.88
N ALA C 52 -5.23 43.09 13.80
CA ALA C 52 -4.16 43.10 12.80
C ALA C 52 -2.87 43.66 13.37
N LEU C 53 -2.96 44.69 14.21
CA LEU C 53 -1.75 45.31 14.75
C LEU C 53 -0.96 44.33 15.61
N TYR C 54 -1.61 43.72 16.60
CA TYR C 54 -0.91 42.79 17.49
C TYR C 54 -0.56 41.49 16.79
N PHE C 55 -1.37 41.06 15.82
CA PHE C 55 -1.00 39.91 15.01
C PHE C 55 0.29 40.16 14.25
N THR C 56 0.40 41.33 13.64
CA THR C 56 1.61 41.68 12.87
C THR C 56 2.83 41.79 13.78
N GLN C 57 2.66 42.38 14.98
CA GLN C 57 3.81 42.53 15.87
C GLN C 57 4.42 41.18 16.22
N SER C 58 3.59 40.17 16.47
CA SER C 58 4.11 38.86 16.80
C SER C 58 4.70 38.16 15.57
N MET C 59 3.96 38.16 14.46
CA MET C 59 4.42 37.49 13.24
C MET C 59 5.74 38.08 12.76
N ALA C 60 5.93 39.39 12.95
CA ALA C 60 7.16 40.04 12.50
C ALA C 60 8.39 39.53 13.22
N GLU C 61 8.25 38.97 14.42
CA GLU C 61 9.37 38.48 15.21
C GLU C 61 9.59 36.99 15.11
N THR C 62 8.71 36.26 14.41
CA THR C 62 8.79 34.80 14.35
C THR C 62 9.01 34.27 12.94
N VAL C 63 9.41 35.14 12.01
CA VAL C 63 9.61 34.74 10.62
C VAL C 63 10.53 33.54 10.55
N GLY C 64 10.14 32.53 9.77
CA GLY C 64 10.94 31.36 9.57
C GLY C 64 10.57 30.17 10.45
N GLN C 65 9.87 30.40 11.56
CA GLN C 65 9.45 29.34 12.44
C GLN C 65 8.27 28.57 11.86
N PRO C 66 7.93 27.41 12.42
CA PRO C 66 6.76 26.68 11.93
C PRO C 66 5.51 27.54 11.98
N LEU C 67 4.74 27.51 10.90
CA LEU C 67 3.66 28.49 10.71
C LEU C 67 2.59 28.35 11.77
N VAL C 68 2.24 27.12 12.15
CA VAL C 68 1.16 26.94 13.11
C VAL C 68 1.60 27.45 14.50
N LEU C 69 2.88 27.33 14.82
CA LEU C 69 3.36 27.88 16.07
C LEU C 69 3.40 29.40 16.05
N ARG C 70 3.78 29.99 14.91
CA ARG C 70 3.73 31.43 14.78
C ARG C 70 2.30 31.94 15.00
N TRP C 71 1.32 31.25 14.42
CA TRP C 71 -0.07 31.67 14.57
C TRP C 71 -0.47 31.67 16.04
N ALA C 72 -0.10 30.62 16.78
CA ALA C 72 -0.46 30.55 18.19
C ALA C 72 0.20 31.67 18.98
N LYS C 73 1.50 31.90 18.75
CA LYS C 73 2.17 33.01 19.41
C LYS C 73 1.49 34.33 19.06
N ALA C 74 1.03 34.47 17.81
CA ALA C 74 0.37 35.71 17.43
C ALA C 74 -0.97 35.85 18.13
N LEU C 75 -1.73 34.76 18.23
CA LEU C 75 -3.01 34.84 18.93
C LEU C 75 -2.83 35.13 20.41
N MET C 76 -1.74 34.63 21.01
CA MET C 76 -1.46 34.99 22.40
C MET C 76 -1.16 36.47 22.54
N ASN C 77 -0.44 37.05 21.58
CA ASN C 77 -0.20 38.50 21.63
C ASN C 77 -1.50 39.28 21.46
N VAL C 78 -2.40 38.81 20.58
CA VAL C 78 -3.70 39.45 20.45
C VAL C 78 -4.49 39.34 21.74
N ALA C 79 -4.48 38.14 22.36
CA ALA C 79 -5.27 37.92 23.55
C ALA C 79 -4.81 38.77 24.72
N LYS C 80 -3.52 39.06 24.82
CA LYS C 80 -3.00 39.84 25.93
C LYS C 80 -3.29 41.33 25.78
N ASN C 81 -3.41 41.83 24.54
CA ASN C 81 -3.37 43.26 24.29
C ASN C 81 -4.65 43.87 23.74
N ILE C 82 -5.54 43.07 23.12
CA ILE C 82 -6.70 43.65 22.47
C ILE C 82 -7.60 44.30 23.51
N THR C 83 -8.35 45.32 23.07
CA THR C 83 -9.27 46.01 23.97
C THR C 83 -10.35 45.06 24.46
N VAL C 84 -10.53 45.03 25.78
CA VAL C 84 -11.57 44.24 26.43
C VAL C 84 -12.58 45.21 27.05
N MET C 85 -13.87 44.97 26.80
CA MET C 85 -14.87 45.91 27.25
C MET C 85 -16.11 45.17 27.75
N VAL C 86 -16.89 45.87 28.57
CA VAL C 86 -18.17 45.39 29.07
C VAL C 86 -19.22 46.39 28.59
N GLN C 87 -20.12 45.96 27.71
CA GLN C 87 -21.16 46.82 27.18
C GLN C 87 -22.37 46.89 28.10
N ASP C 88 -23.07 48.03 28.04
CA ASP C 88 -24.28 48.20 28.83
C ASP C 88 -25.34 47.21 28.39
N ASP C 89 -26.08 46.68 29.35
CA ASP C 89 -27.24 45.82 29.14
C ASP C 89 -26.90 44.48 28.49
N GLN C 90 -25.65 44.27 28.11
CA GLN C 90 -25.25 42.99 27.55
C GLN C 90 -25.18 41.92 28.64
N LEU C 91 -25.58 40.71 28.28
CA LEU C 91 -25.45 39.55 29.14
C LEU C 91 -24.28 38.66 28.77
N LEU C 92 -23.55 38.99 27.70
CA LEU C 92 -22.46 38.18 27.22
C LEU C 92 -21.19 39.01 27.08
N LEU C 93 -20.05 38.36 27.21
CA LEU C 93 -18.75 38.98 27.04
C LEU C 93 -18.06 38.43 25.80
N GLY C 94 -17.32 39.28 25.10
CA GLY C 94 -16.64 38.85 23.90
C GLY C 94 -16.81 39.79 22.72
N ARG C 95 -15.69 40.24 22.17
CA ARG C 95 -15.68 41.25 21.12
C ARG C 95 -14.30 41.26 20.48
N CYS C 96 -14.25 41.64 19.21
CA CYS C 96 -13.02 41.59 18.42
C CYS C 96 -12.47 42.96 18.06
N GLY C 97 -12.94 44.02 18.72
CA GLY C 97 -12.42 45.34 18.44
C GLY C 97 -12.73 46.29 19.57
N GLY C 98 -11.97 47.38 19.61
CA GLY C 98 -12.18 48.39 20.61
C GLY C 98 -13.25 49.41 20.27
N HIS C 99 -13.65 49.47 19.00
CA HIS C 99 -14.70 50.38 18.58
C HIS C 99 -16.06 49.90 19.10
N ASP C 100 -16.87 50.85 19.52
CA ASP C 100 -18.25 50.55 19.87
C ASP C 100 -19.12 50.67 18.62
N GLY C 101 -20.20 49.91 18.60
CA GLY C 101 -21.03 49.83 17.42
C GLY C 101 -20.54 48.75 16.47
N ARG C 102 -20.89 48.94 15.20
CA ARG C 102 -20.57 47.96 14.16
C ARG C 102 -19.13 48.15 13.70
N TYR C 103 -18.38 47.05 13.62
CA TYR C 103 -16.95 47.12 13.37
C TYR C 103 -16.52 45.93 12.53
N GLY C 104 -15.40 46.10 11.82
CA GLY C 104 -14.76 45.02 11.12
C GLY C 104 -13.26 45.05 11.38
N ILE C 105 -12.62 43.92 11.14
CA ILE C 105 -11.20 43.77 11.45
C ILE C 105 -10.44 43.39 10.18
N LEU C 106 -9.11 43.38 10.28
CA LEU C 106 -8.22 43.23 9.14
C LEU C 106 -7.38 41.97 9.27
N TYR C 107 -7.08 41.37 8.13
CA TYR C 107 -6.30 40.13 8.06
C TYR C 107 -5.17 40.34 7.06
N PRO C 108 -4.12 41.04 7.46
CA PRO C 108 -3.05 41.38 6.50
C PRO C 108 -2.33 40.18 5.93
N GLU C 109 -2.32 39.05 6.66
CA GLU C 109 -1.70 37.85 6.14
C GLU C 109 -2.37 37.38 4.86
N LEU C 110 -3.65 37.71 4.69
CA LEU C 110 -4.41 37.29 3.52
C LEU C 110 -4.24 38.26 2.36
N ASP C 111 -4.62 39.52 2.58
CA ASP C 111 -4.70 40.52 1.51
C ASP C 111 -4.13 41.86 2.00
N GLY C 112 -3.00 41.81 2.70
CA GLY C 112 -2.38 43.02 3.19
C GLY C 112 -1.94 43.97 2.09
N ASP C 113 -1.71 43.46 0.87
CA ASP C 113 -1.33 44.32 -0.23
C ASP C 113 -2.48 45.19 -0.74
N PHE C 114 -3.70 44.98 -0.25
CA PHE C 114 -4.84 45.82 -0.57
C PHE C 114 -5.07 46.92 0.45
N LEU C 115 -4.17 47.06 1.44
CA LEU C 115 -4.43 47.95 2.56
C LEU C 115 -4.39 49.42 2.13
N ASP C 116 -3.43 49.80 1.29
CA ASP C 116 -3.40 51.18 0.80
C ASP C 116 -4.64 51.48 -0.02
N ILE C 117 -5.07 50.55 -0.86
CA ILE C 117 -6.32 50.68 -1.60
C ILE C 117 -7.50 50.80 -0.64
N ALA C 118 -7.49 49.98 0.41
CA ALA C 118 -8.60 50.00 1.37
C ALA C 118 -8.67 51.34 2.11
N VAL C 119 -7.50 51.93 2.40
CA VAL C 119 -7.47 53.18 3.16
C VAL C 119 -8.17 54.31 2.41
N ARG C 120 -8.05 54.33 1.07
CA ARG C 120 -8.65 55.41 0.30
C ARG C 120 -10.00 55.06 -0.32
N ASP C 121 -10.31 53.78 -0.52
CA ASP C 121 -11.51 53.39 -1.24
C ASP C 121 -12.63 52.83 -0.37
N LEU C 122 -12.32 52.30 0.82
CA LEU C 122 -13.35 51.62 1.60
C LEU C 122 -14.47 52.54 2.08
N PRO C 123 -14.23 53.74 2.60
CA PRO C 123 -15.36 54.55 3.11
C PRO C 123 -16.37 54.95 2.05
N THR C 124 -15.98 55.05 0.78
CA THR C 124 -16.90 55.47 -0.27
C THR C 124 -17.13 54.40 -1.33
N ARG C 125 -16.81 53.15 -1.02
CA ARG C 125 -16.98 52.06 -1.99
C ARG C 125 -18.47 51.74 -2.16
N PRO C 126 -18.92 51.48 -3.39
CA PRO C 126 -20.36 51.19 -3.58
C PRO C 126 -20.84 49.99 -2.79
N GLN C 127 -20.09 48.90 -2.78
CA GLN C 127 -20.45 47.69 -2.03
C GLN C 127 -19.83 47.75 -0.65
N SER C 128 -20.68 47.57 0.37
CA SER C 128 -20.29 47.41 1.78
C SER C 128 -19.20 48.38 2.20
N PRO C 129 -19.48 49.68 2.29
CA PRO C 129 -18.46 50.63 2.72
C PRO C 129 -18.21 50.53 4.22
N ALA C 130 -17.07 51.08 4.63
CA ALA C 130 -16.71 51.10 6.04
C ALA C 130 -15.85 52.33 6.31
N SER C 131 -16.08 52.96 7.45
CA SER C 131 -15.28 54.11 7.82
C SER C 131 -13.93 53.69 8.36
N ILE C 132 -12.97 54.61 8.29
CA ILE C 132 -11.65 54.41 8.88
C ILE C 132 -11.11 55.77 9.32
N SER C 133 -10.93 55.94 10.63
CA SER C 133 -10.48 57.20 11.16
C SER C 133 -9.05 57.51 10.70
N PRO C 134 -8.69 58.79 10.67
CA PRO C 134 -7.30 59.14 10.30
C PRO C 134 -6.27 58.54 11.24
N GLU C 135 -6.59 58.40 12.53
CA GLU C 135 -5.65 57.74 13.43
C GLU C 135 -5.51 56.26 13.10
N ASP C 136 -6.62 55.58 12.81
CA ASP C 136 -6.55 54.18 12.41
C ASP C 136 -5.84 54.01 11.08
N ALA C 137 -6.08 54.93 10.14
CA ALA C 137 -5.43 54.86 8.84
C ALA C 137 -3.92 54.96 8.97
N LYS C 138 -3.44 55.82 9.88
CA LYS C 138 -2.00 55.98 10.07
C LYS C 138 -1.37 54.69 10.57
N ILE C 139 -2.01 54.05 11.55
CA ILE C 139 -1.51 52.78 12.09
C ILE C 139 -1.46 51.72 11.01
N VAL C 140 -2.43 51.74 10.09
CA VAL C 140 -2.45 50.76 9.00
C VAL C 140 -1.23 50.94 8.10
N VAL C 141 -1.04 52.15 7.58
CA VAL C 141 0.02 52.36 6.58
C VAL C 141 1.40 52.46 7.22
N GLU C 142 1.49 52.70 8.54
CA GLU C 142 2.80 52.84 9.17
C GLU C 142 3.24 51.61 9.94
N GLN C 143 2.31 50.82 10.48
CA GLN C 143 2.70 49.70 11.33
C GLN C 143 2.22 48.33 10.88
N ILE C 144 1.23 48.25 9.99
CA ILE C 144 0.70 46.97 9.52
C ILE C 144 1.15 46.67 8.09
N ALA C 145 0.86 47.57 7.16
CA ALA C 145 1.21 47.31 5.75
C ALA C 145 2.70 47.13 5.51
N PRO C 146 3.62 47.88 6.13
CA PRO C 146 5.04 47.74 5.75
C PRO C 146 5.61 46.33 5.93
N PHE C 147 5.31 45.65 7.04
CA PHE C 147 5.89 44.32 7.24
C PHE C 147 5.38 43.34 6.20
N TRP C 148 4.10 43.45 5.83
CA TRP C 148 3.47 42.45 4.99
C TRP C 148 3.77 42.62 3.51
N LYS C 149 4.51 43.66 3.12
CA LYS C 149 4.85 43.86 1.72
C LYS C 149 5.71 42.71 1.24
N GLY C 150 5.22 41.99 0.22
CA GLY C 150 5.92 40.83 -0.27
C GLY C 150 5.69 39.55 0.52
N ARG C 151 4.75 39.55 1.47
CA ARG C 151 4.53 38.38 2.31
C ARG C 151 3.10 37.89 2.33
N THR C 152 2.16 38.61 1.72
CA THR C 152 0.77 38.20 1.80
C THR C 152 0.51 37.01 0.88
N TYR C 153 -0.57 36.28 1.19
CA TYR C 153 -0.96 35.16 0.35
C TYR C 153 -1.33 35.64 -1.05
N HIS C 154 -2.06 36.75 -1.15
CA HIS C 154 -2.49 37.22 -2.46
C HIS C 154 -1.31 37.52 -3.36
N GLU C 155 -0.24 38.09 -2.80
CA GLU C 155 0.96 38.33 -3.59
C GLU C 155 1.57 37.02 -4.07
N ALA C 156 1.63 36.02 -3.20
CA ALA C 156 2.18 34.72 -3.60
C ALA C 156 1.32 34.08 -4.68
N LEU C 157 0.00 34.08 -4.50
CA LEU C 157 -0.89 33.51 -5.49
C LEU C 157 -0.77 34.24 -6.82
N ASN C 158 -0.64 35.57 -6.77
CA ASN C 158 -0.52 36.36 -7.99
C ASN C 158 0.72 35.99 -8.78
N LYS C 159 1.86 35.83 -8.12
CA LYS C 159 3.10 35.49 -8.80
C LYS C 159 3.21 34.02 -9.17
N ALA C 160 2.34 33.16 -8.64
CA ALA C 160 2.46 31.72 -8.86
C ALA C 160 1.59 31.21 -10.00
N LEU C 161 0.68 32.01 -10.52
CA LEU C 161 -0.18 31.56 -11.61
C LEU C 161 0.57 31.65 -12.94
N PRO C 162 0.46 30.63 -13.80
CA PRO C 162 1.04 30.74 -15.14
C PRO C 162 0.32 31.79 -15.96
N ALA C 163 0.98 32.20 -17.06
CA ALA C 163 0.49 33.34 -17.84
C ALA C 163 -0.93 33.11 -18.35
N GLU C 164 -1.16 31.96 -18.98
CA GLU C 164 -2.47 31.68 -19.56
C GLU C 164 -3.54 31.50 -18.50
N VAL C 165 -3.17 31.12 -17.28
CA VAL C 165 -4.14 31.08 -16.19
C VAL C 165 -4.31 32.45 -15.56
N HIS C 166 -3.22 33.22 -15.47
CA HIS C 166 -3.29 34.57 -14.93
C HIS C 166 -4.17 35.47 -15.78
N LYS C 167 -4.21 35.28 -17.10
CA LYS C 167 -5.01 36.16 -17.93
C LYS C 167 -6.50 35.99 -17.69
N LEU C 168 -6.93 34.80 -17.25
CA LEU C 168 -8.35 34.58 -16.97
C LEU C 168 -8.71 34.83 -15.52
N THR C 169 -7.75 35.23 -14.70
CA THR C 169 -7.99 35.53 -13.29
C THR C 169 -8.01 37.02 -12.99
N TYR C 170 -6.99 37.76 -13.43
CA TYR C 170 -6.83 39.16 -13.07
C TYR C 170 -6.72 40.02 -14.32
N ASP C 171 -7.01 41.30 -14.15
CA ASP C 171 -6.89 42.27 -15.23
C ASP C 171 -5.56 43.01 -15.21
N ASP C 172 -4.93 43.15 -14.05
CA ASP C 172 -3.68 43.87 -13.90
C ASP C 172 -2.59 42.92 -13.41
N PRO C 173 -1.31 43.27 -13.63
CA PRO C 173 -0.22 42.37 -13.22
C PRO C 173 -0.09 42.18 -11.72
N ASP C 174 -0.66 43.06 -10.90
CA ASP C 174 -0.58 42.92 -9.45
C ASP C 174 -1.76 42.16 -8.87
N GLY C 175 -2.70 41.72 -9.70
CA GLY C 175 -3.84 40.97 -9.21
C GLY C 175 -4.81 41.77 -8.38
N LEU C 176 -4.74 43.10 -8.44
CA LEU C 176 -5.62 43.92 -7.63
C LEU C 176 -7.03 43.99 -8.18
N ILE C 177 -7.21 43.78 -9.47
CA ILE C 177 -8.51 43.82 -10.14
C ILE C 177 -8.77 42.47 -10.79
N SER C 178 -9.94 41.90 -10.53
CA SER C 178 -10.31 40.64 -11.14
C SER C 178 -10.91 40.86 -12.53
N ARG C 179 -10.88 39.80 -13.34
CA ARG C 179 -11.60 39.80 -14.62
C ARG C 179 -12.95 39.12 -14.53
N PHE C 180 -13.23 38.42 -13.42
CA PHE C 180 -14.52 37.78 -13.18
C PHE C 180 -14.85 36.76 -14.27
N ILE C 181 -13.82 36.03 -14.73
CA ILE C 181 -13.99 34.93 -15.67
C ILE C 181 -13.75 33.61 -14.93
N VAL C 182 -12.49 33.35 -14.55
CA VAL C 182 -12.17 32.26 -13.64
C VAL C 182 -11.67 32.89 -12.35
N ASN C 183 -12.60 33.21 -11.46
CA ASN C 183 -12.30 34.01 -10.28
C ASN C 183 -11.85 33.11 -9.14
N GLU C 184 -10.63 33.33 -8.67
CA GLU C 184 -10.19 32.72 -7.43
C GLU C 184 -10.83 33.45 -6.26
N THR C 185 -11.21 32.70 -5.22
CA THR C 185 -11.82 33.27 -4.03
C THR C 185 -10.97 33.05 -2.79
N SER C 186 -9.76 32.52 -2.93
CA SER C 186 -8.90 32.29 -1.77
C SER C 186 -8.16 33.54 -1.32
N SER C 187 -8.25 34.63 -2.09
CA SER C 187 -7.51 35.84 -1.75
C SER C 187 -8.33 36.84 -0.93
N PHE C 188 -9.66 36.68 -0.83
CA PHE C 188 -10.44 37.56 0.03
C PHE C 188 -11.15 36.81 1.16
N ARG C 189 -10.62 35.67 1.56
CA ARG C 189 -11.00 35.02 2.80
C ARG C 189 -9.92 34.00 3.13
N SER C 190 -9.62 33.85 4.43
CA SER C 190 -8.56 32.94 4.84
C SER C 190 -8.84 31.51 4.40
N SER C 191 -10.11 31.11 4.45
CA SER C 191 -10.51 29.75 4.11
C SER C 191 -11.96 29.79 3.65
N ILE C 192 -12.51 28.64 3.31
CA ILE C 192 -13.93 28.57 3.03
C ILE C 192 -14.68 28.49 4.35
N GLN C 193 -15.99 28.29 4.28
CA GLN C 193 -16.80 28.19 5.49
C GLN C 193 -16.29 27.07 6.39
N TRP C 194 -16.63 27.17 7.67
CA TRP C 194 -16.16 26.19 8.64
C TRP C 194 -17.10 26.17 9.83
N VAL C 195 -17.18 25.00 10.46
CA VAL C 195 -17.95 24.81 11.69
C VAL C 195 -17.02 24.13 12.70
N HIS C 196 -16.77 24.80 13.82
CA HIS C 196 -16.01 24.20 14.90
C HIS C 196 -16.83 23.12 15.61
N ASP C 197 -16.12 22.21 16.27
CA ASP C 197 -16.75 21.24 17.17
C ASP C 197 -16.99 21.92 18.51
N TYR C 198 -18.09 22.68 18.57
CA TYR C 198 -18.39 23.43 19.79
C TYR C 198 -18.77 22.51 20.95
N GLU C 199 -19.32 21.33 20.64
CA GLU C 199 -19.78 20.45 21.71
C GLU C 199 -18.63 19.92 22.55
N VAL C 200 -17.44 19.77 21.97
CA VAL C 200 -16.31 19.30 22.76
C VAL C 200 -15.84 20.38 23.72
N VAL C 201 -16.01 21.66 23.38
CA VAL C 201 -15.70 22.71 24.33
C VAL C 201 -16.72 22.72 25.45
N LEU C 202 -17.99 22.48 25.12
CA LEU C 202 -19.03 22.45 26.14
C LEU C 202 -18.85 21.27 27.09
N LYS C 203 -18.33 20.15 26.59
CA LYS C 203 -18.23 18.95 27.41
C LYS C 203 -16.88 18.80 28.09
N ARG C 204 -15.79 19.31 27.49
CA ARG C 204 -14.48 19.16 28.09
C ARG C 204 -13.73 20.46 28.31
N GLY C 205 -14.05 21.54 27.60
CA GLY C 205 -13.35 22.78 27.77
C GLY C 205 -11.90 22.76 27.31
N PHE C 206 -11.33 23.95 27.09
CA PHE C 206 -9.95 24.02 26.63
C PHE C 206 -8.96 23.52 27.69
N ASN C 207 -9.36 23.48 28.96
CA ASN C 207 -8.52 22.81 29.95
C ASN C 207 -8.41 21.32 29.64
N GLY C 208 -9.52 20.70 29.25
CA GLY C 208 -9.49 19.30 28.89
C GLY C 208 -8.71 19.04 27.61
N LEU C 209 -8.89 19.91 26.61
CA LEU C 209 -8.12 19.76 25.38
C LEU C 209 -6.63 19.96 25.62
N LYS C 210 -6.27 21.00 26.37
CA LYS C 210 -4.86 21.27 26.64
C LYS C 210 -4.19 20.07 27.32
N GLN C 211 -4.87 19.43 28.27
CA GLN C 211 -4.30 18.26 28.92
C GLN C 211 -4.04 17.14 27.93
N GLU C 212 -5.00 16.90 27.02
CA GLU C 212 -4.84 15.87 25.99
C GLU C 212 -3.63 16.14 25.12
N MET C 213 -3.40 17.41 24.78
CA MET C 213 -2.23 17.71 23.97
C MET C 213 -0.94 17.61 24.76
N GLU C 214 -0.98 17.94 26.06
CA GLU C 214 0.21 17.80 26.88
C GLU C 214 0.59 16.34 27.08
N GLU C 215 -0.40 15.43 27.10
CA GLU C 215 -0.08 14.02 27.18
C GLU C 215 0.56 13.53 25.89
N LYS C 216 0.12 14.06 24.74
CA LYS C 216 0.79 13.71 23.48
C LYS C 216 2.19 14.29 23.43
N LEU C 217 2.37 15.49 23.98
CA LEU C 217 3.71 16.09 24.01
C LEU C 217 4.65 15.27 24.86
N ALA C 218 4.17 14.71 25.97
CA ALA C 218 5.03 13.88 26.81
C ALA C 218 5.26 12.49 26.24
N ALA C 219 4.41 12.05 25.31
CA ALA C 219 4.57 10.74 24.70
C ALA C 219 5.50 10.77 23.49
N LEU C 220 5.91 11.95 23.04
CA LEU C 220 6.79 12.05 21.89
C LEU C 220 8.13 11.39 22.18
N ASP C 221 8.69 10.75 21.17
CA ASP C 221 10.04 10.23 21.25
C ASP C 221 11.01 11.40 21.15
N PRO C 222 11.77 11.71 22.20
CA PRO C 222 12.69 12.85 22.10
C PRO C 222 13.77 12.66 21.06
N ALA C 223 14.02 11.43 20.62
CA ALA C 223 15.03 11.16 19.61
C ALA C 223 14.46 11.11 18.19
N SER C 224 13.14 11.01 18.04
CA SER C 224 12.53 10.86 16.73
C SER C 224 12.50 12.20 16.00
N PRO C 225 13.17 12.34 14.85
CA PRO C 225 13.12 13.61 14.12
C PRO C 225 11.73 13.99 13.63
N VAL C 226 10.90 13.02 13.24
CA VAL C 226 9.54 13.34 12.84
C VAL C 226 8.74 13.90 14.02
N ASP C 227 8.89 13.30 15.20
CA ASP C 227 8.20 13.79 16.39
C ASP C 227 8.59 15.22 16.71
N GLN C 228 9.88 15.54 16.58
CA GLN C 228 10.39 16.82 17.06
C GLN C 228 10.24 17.96 16.06
N VAL C 229 10.25 17.66 14.76
CA VAL C 229 10.21 18.69 13.73
C VAL C 229 8.80 18.91 13.20
N ASP C 230 8.02 17.83 13.02
CA ASP C 230 6.69 17.92 12.44
C ASP C 230 5.57 17.94 13.47
N LYS C 231 5.66 17.08 14.49
CA LYS C 231 4.59 16.96 15.49
C LYS C 231 4.70 17.96 16.63
N ARG C 232 5.91 18.15 17.17
CA ARG C 232 6.06 18.99 18.37
C ARG C 232 5.60 20.43 18.16
N PRO C 233 6.00 21.15 17.11
CA PRO C 233 5.51 22.53 16.98
C PRO C 233 4.00 22.64 16.92
N PHE C 234 3.32 21.68 16.28
CA PHE C 234 1.86 21.70 16.27
C PHE C 234 1.31 21.52 17.67
N ILE C 235 1.83 20.53 18.41
CA ILE C 235 1.33 20.30 19.76
C ILE C 235 1.57 21.52 20.63
N GLU C 236 2.78 22.10 20.55
CA GLU C 236 3.05 23.32 21.30
C GLU C 236 2.08 24.43 20.90
N ALA C 237 1.77 24.53 19.61
CA ALA C 237 0.87 25.57 19.15
C ALA C 237 -0.53 25.39 19.73
N THR C 238 -1.05 24.16 19.72
CA THR C 238 -2.39 23.90 20.23
C THR C 238 -2.47 24.16 21.73
N ILE C 239 -1.43 23.82 22.48
CA ILE C 239 -1.42 24.09 23.92
C ILE C 239 -1.45 25.60 24.16
N LEU C 240 -0.62 26.34 23.44
CA LEU C 240 -0.55 27.79 23.65
C LEU C 240 -1.87 28.46 23.28
N VAL C 241 -2.52 28.02 22.20
CA VAL C 241 -3.77 28.66 21.81
C VAL C 241 -4.88 28.34 22.81
N CYS C 242 -4.75 27.22 23.52
CA CYS C 242 -5.65 26.98 24.65
C CYS C 242 -5.47 28.04 25.72
N ASP C 243 -4.22 28.30 26.10
CA ASP C 243 -3.96 29.35 27.08
C ASP C 243 -4.38 30.72 26.57
N ALA C 244 -4.30 30.95 25.26
CA ALA C 244 -4.62 32.27 24.74
C ALA C 244 -6.09 32.60 24.94
N ILE C 245 -6.99 31.68 24.57
CA ILE C 245 -8.41 31.98 24.65
C ILE C 245 -8.89 32.01 26.10
N VAL C 246 -8.29 31.17 26.96
CA VAL C 246 -8.64 31.21 28.38
C VAL C 246 -8.17 32.51 29.01
N LEU C 247 -6.96 32.95 28.67
CA LEU C 247 -6.47 34.23 29.15
C LEU C 247 -7.35 35.37 28.66
N TRP C 248 -7.81 35.26 27.41
CA TRP C 248 -8.67 36.29 26.82
C TRP C 248 -10.02 36.35 27.52
N ALA C 249 -10.62 35.18 27.83
CA ALA C 249 -11.88 35.18 28.57
C ALA C 249 -11.67 35.70 29.99
N LYS C 250 -10.54 35.33 30.60
CA LYS C 250 -10.25 35.78 31.95
C LYS C 250 -10.14 37.30 32.02
N ARG C 251 -9.60 37.92 30.97
CA ARG C 251 -9.53 39.38 30.94
C ARG C 251 -10.91 40.01 30.91
N HIS C 252 -11.87 39.34 30.29
CA HIS C 252 -13.24 39.85 30.31
C HIS C 252 -13.87 39.70 31.69
N ALA C 253 -13.57 38.61 32.38
CA ALA C 253 -14.06 38.44 33.75
C ALA C 253 -13.51 39.53 34.66
N ASP C 254 -12.23 39.86 34.52
CA ASP C 254 -11.65 40.96 35.29
C ASP C 254 -12.34 42.27 34.96
N ALA C 255 -12.68 42.48 33.69
CA ALA C 255 -13.36 43.71 33.30
C ALA C 255 -14.76 43.77 33.89
N ALA C 256 -15.45 42.63 33.96
CA ALA C 256 -16.80 42.62 34.52
C ALA C 256 -16.80 42.88 36.01
N ARG C 257 -15.77 42.40 36.73
CA ARG C 257 -15.74 42.61 38.18
C ARG C 257 -15.41 44.05 38.53
N LYS C 258 -14.50 44.68 37.78
CA LYS C 258 -14.25 46.10 37.99
C LYS C 258 -15.49 46.93 37.67
N ALA C 259 -16.25 46.53 36.65
CA ALA C 259 -17.50 47.22 36.36
C ALA C 259 -18.53 47.00 37.46
N ALA C 260 -18.54 45.79 38.04
CA ALA C 260 -19.51 45.48 39.10
C ALA C 260 -19.22 46.29 40.36
N GLU C 261 -17.94 46.47 40.71
CA GLU C 261 -17.60 47.28 41.87
C GLU C 261 -18.01 48.73 41.69
N ALA C 262 -18.02 49.21 40.45
CA ALA C 262 -18.36 50.59 40.14
C ALA C 262 -19.84 50.81 39.84
N CYS C 263 -20.69 49.81 40.01
CA CYS C 263 -22.10 49.90 39.66
C CYS C 263 -22.96 50.18 40.89
N ALA C 264 -23.75 51.25 40.84
CA ALA C 264 -24.67 51.58 41.92
C ALA C 264 -25.97 50.78 41.82
N ASP C 265 -26.37 50.40 40.62
CA ASP C 265 -27.56 49.61 40.37
C ASP C 265 -27.37 48.18 40.87
N PRO C 266 -28.09 47.74 41.90
CA PRO C 266 -27.88 46.37 42.39
C PRO C 266 -28.31 45.30 41.40
N VAL C 267 -29.24 45.60 40.49
CA VAL C 267 -29.68 44.59 39.53
C VAL C 267 -28.62 44.35 38.45
N ARG C 268 -28.03 45.42 37.93
CA ARG C 268 -26.93 45.27 36.97
C ARG C 268 -25.67 44.74 37.64
N LYS C 269 -25.43 45.14 38.90
CA LYS C 269 -24.27 44.64 39.62
C LYS C 269 -24.31 43.12 39.74
N ALA C 270 -25.51 42.56 40.00
CA ALA C 270 -25.65 41.11 40.04
C ALA C 270 -25.37 40.50 38.67
N GLU C 271 -25.86 41.14 37.60
CA GLU C 271 -25.63 40.64 36.25
C GLU C 271 -24.15 40.61 35.91
N LEU C 272 -23.43 41.67 36.25
CA LEU C 272 -22.01 41.71 35.95
C LEU C 272 -21.24 40.64 36.70
N ILE C 273 -21.61 40.39 37.97
CA ILE C 273 -20.97 39.34 38.75
C ILE C 273 -21.16 37.99 38.10
N ARG C 274 -22.40 37.70 37.66
CA ARG C 274 -22.67 36.43 36.99
C ARG C 274 -21.90 36.31 35.69
N MET C 275 -21.80 37.41 34.94
CA MET C 275 -21.01 37.38 33.70
C MET C 275 -19.55 37.08 33.99
N ALA C 276 -19.00 37.69 35.05
CA ALA C 276 -17.62 37.41 35.42
C ALA C 276 -17.44 35.94 35.80
N GLU C 277 -18.38 35.39 36.57
CA GLU C 277 -18.31 33.97 36.91
C GLU C 277 -18.33 33.11 35.67
N ASN C 278 -19.16 33.47 34.68
CA ASN C 278 -19.22 32.72 33.43
C ASN C 278 -17.87 32.72 32.72
N ALA C 279 -17.30 33.91 32.50
CA ALA C 279 -16.02 34.01 31.82
C ALA C 279 -14.88 33.37 32.62
N GLU C 280 -15.06 33.17 33.93
CA GLU C 280 -14.06 32.47 34.72
C GLU C 280 -14.19 30.96 34.63
N HIS C 281 -15.36 30.46 34.25
CA HIS C 281 -15.56 29.02 34.08
C HIS C 281 -15.36 28.56 32.64
N VAL C 282 -15.99 29.24 31.68
CA VAL C 282 -15.98 28.79 30.30
C VAL C 282 -15.21 29.80 29.47
N PRO C 283 -14.62 29.39 28.32
CA PRO C 283 -14.60 28.05 27.76
C PRO C 283 -13.52 27.12 28.33
N ALA C 284 -12.87 27.52 29.43
CA ALA C 284 -11.80 26.69 29.98
C ALA C 284 -12.32 25.34 30.44
N ASN C 285 -13.49 25.32 31.08
CA ASN C 285 -14.03 24.13 31.72
C ASN C 285 -15.38 23.77 31.12
N PRO C 286 -15.83 22.53 31.31
CA PRO C 286 -17.14 22.14 30.78
C PRO C 286 -18.24 23.04 31.32
N ALA C 287 -19.17 23.41 30.43
CA ALA C 287 -20.31 24.23 30.81
C ALA C 287 -21.22 23.46 31.76
N ARG C 288 -21.86 24.20 32.67
CA ARG C 288 -22.73 23.57 33.67
C ARG C 288 -24.19 23.98 33.59
N ASP C 289 -24.52 25.09 32.94
CA ASP C 289 -25.92 25.44 32.69
C ASP C 289 -26.02 26.08 31.30
N PHE C 290 -27.24 26.44 30.92
CA PHE C 290 -27.45 26.99 29.58
C PHE C 290 -26.73 28.32 29.41
N TYR C 291 -26.78 29.18 30.43
CA TYR C 291 -26.12 30.47 30.37
C TYR C 291 -24.62 30.30 30.12
N GLU C 292 -23.97 29.41 30.87
CA GLU C 292 -22.54 29.17 30.66
C GLU C 292 -22.28 28.58 29.28
N ALA C 293 -23.18 27.74 28.77
CA ALA C 293 -22.96 27.13 27.46
C ALA C 293 -22.99 28.18 26.35
N VAL C 294 -23.96 29.10 26.40
CA VAL C 294 -24.00 30.17 25.41
C VAL C 294 -22.75 31.01 25.48
N GLN C 295 -22.32 31.36 26.70
CA GLN C 295 -21.10 32.15 26.85
C GLN C 295 -19.88 31.37 26.38
N SER C 296 -19.89 30.05 26.57
CA SER C 296 -18.77 29.22 26.13
C SER C 296 -18.68 29.20 24.61
N GLN C 297 -19.81 28.91 23.94
CA GLN C 297 -19.82 28.92 22.48
C GLN C 297 -19.49 30.31 21.95
N TYR C 298 -20.03 31.35 22.59
CA TYR C 298 -19.81 32.72 22.10
C TYR C 298 -18.33 33.09 22.18
N PHE C 299 -17.67 32.75 23.30
CA PHE C 299 -16.24 33.01 23.40
C PHE C 299 -15.48 32.30 22.29
N THR C 300 -15.87 31.07 21.97
CA THR C 300 -15.14 30.29 20.98
C THR C 300 -15.27 30.88 19.59
N GLN C 301 -16.50 31.22 19.18
CA GLN C 301 -16.68 31.75 17.83
C GLN C 301 -16.10 33.15 17.68
N MET C 302 -16.15 33.96 18.73
CA MET C 302 -15.54 35.29 18.67
C MET C 302 -14.03 35.20 18.61
N PHE C 303 -13.43 34.28 19.37
CA PHE C 303 -11.99 34.08 19.27
C PHE C 303 -11.61 33.55 17.90
N SER C 304 -12.48 32.73 17.30
CA SER C 304 -12.23 32.22 15.95
C SER C 304 -12.05 33.37 14.96
N ARG C 305 -12.87 34.42 15.09
CA ARG C 305 -12.73 35.55 14.19
C ARG C 305 -11.36 36.19 14.31
N LEU C 306 -10.81 36.25 15.52
CA LEU C 306 -9.45 36.76 15.70
C LEU C 306 -8.42 35.83 15.07
N GLU C 307 -8.70 34.54 15.02
CA GLU C 307 -7.74 33.57 14.51
C GLU C 307 -7.59 33.69 12.99
N GLN C 308 -8.70 33.75 12.26
CA GLN C 308 -8.65 33.79 10.80
C GLN C 308 -9.96 34.36 10.27
N LYS C 309 -9.93 34.73 8.99
CA LYS C 309 -11.13 35.20 8.29
C LYS C 309 -11.77 33.99 7.61
N THR C 310 -12.54 33.24 8.40
CA THR C 310 -13.26 32.10 7.87
C THR C 310 -14.28 32.57 6.83
N GLY C 311 -14.36 31.85 5.72
CA GLY C 311 -15.31 32.16 4.68
C GLY C 311 -16.72 32.25 5.23
N THR C 312 -17.43 33.30 4.85
CA THR C 312 -18.79 33.62 5.28
C THR C 312 -18.89 33.89 6.78
N THR C 313 -17.74 34.03 7.46
CA THR C 313 -17.63 34.14 8.92
C THR C 313 -17.93 32.79 9.56
N ILE C 314 -17.21 32.47 10.63
CA ILE C 314 -17.29 31.14 11.26
C ILE C 314 -18.73 30.81 11.59
N SER C 315 -19.16 29.60 11.19
CA SER C 315 -20.50 29.12 11.45
C SER C 315 -20.56 28.42 12.80
N ASN C 316 -21.79 28.08 13.23
CA ASN C 316 -22.04 27.77 14.63
C ASN C 316 -22.53 26.35 14.93
N GLY C 317 -22.94 25.58 13.92
CA GLY C 317 -23.33 24.22 14.17
C GLY C 317 -24.78 24.06 14.64
N ARG C 318 -25.07 22.86 15.17
CA ARG C 318 -26.42 22.49 15.57
C ARG C 318 -26.69 22.98 16.99
N MET C 319 -26.93 24.29 17.10
CA MET C 319 -27.15 24.88 18.42
C MET C 319 -28.37 24.28 19.11
N ASP C 320 -29.45 24.03 18.36
CA ASP C 320 -30.64 23.45 18.97
C ASP C 320 -30.40 22.03 19.46
N GLN C 321 -29.27 21.42 19.13
CA GLN C 321 -28.93 20.09 19.61
C GLN C 321 -27.96 20.16 20.78
N TYR C 322 -26.80 20.78 20.60
CA TYR C 322 -25.81 20.72 21.67
C TYR C 322 -26.13 21.68 22.82
N PHE C 323 -27.00 22.68 22.60
CA PHE C 323 -27.52 23.46 23.72
C PHE C 323 -28.67 22.77 24.43
N TYR C 324 -29.29 21.77 23.79
CA TYR C 324 -30.54 21.23 24.32
C TYR C 324 -30.38 20.51 25.66
N PRO C 325 -29.35 19.68 25.90
CA PRO C 325 -29.22 19.08 27.25
C PRO C 325 -29.14 20.11 28.36
N PHE C 326 -28.43 21.21 28.14
CA PHE C 326 -28.38 22.28 29.14
C PHE C 326 -29.74 22.92 29.33
N TYR C 327 -30.47 23.13 28.24
CA TYR C 327 -31.80 23.74 28.32
C TYR C 327 -32.76 22.84 29.10
N LYS C 328 -32.80 21.55 28.77
CA LYS C 328 -33.75 20.66 29.43
C LYS C 328 -33.46 20.54 30.92
N LYS C 329 -32.17 20.45 31.31
CA LYS C 329 -31.84 20.33 32.72
C LYS C 329 -32.18 21.61 33.48
N ASP C 330 -31.88 22.77 32.89
CA ASP C 330 -32.15 24.03 33.59
C ASP C 330 -33.64 24.32 33.68
N MET C 331 -34.40 24.01 32.63
CA MET C 331 -35.85 24.19 32.68
C MET C 331 -36.46 23.32 33.77
N GLU C 332 -36.06 22.05 33.82
CA GLU C 332 -36.61 21.14 34.82
C GLU C 332 -36.16 21.48 36.23
N ALA C 333 -35.03 22.14 36.39
CA ALA C 333 -34.58 22.59 37.71
C ALA C 333 -35.22 23.90 38.14
N GLY C 334 -36.00 24.54 37.26
CA GLY C 334 -36.64 25.79 37.63
C GLY C 334 -35.71 26.99 37.70
N ILE C 335 -34.53 26.91 37.10
CA ILE C 335 -33.60 28.04 37.08
C ILE C 335 -33.60 28.74 35.73
N LEU C 336 -34.55 28.44 34.86
CA LEU C 336 -34.57 28.99 33.52
C LEU C 336 -36.01 29.10 33.02
N THR C 337 -36.24 30.05 32.13
CA THR C 337 -37.52 30.18 31.45
C THR C 337 -37.26 30.35 29.95
N ASP C 338 -38.31 30.15 29.15
CA ASP C 338 -38.19 30.39 27.72
C ASP C 338 -37.81 31.83 27.44
N GLU C 339 -38.39 32.76 28.19
CA GLU C 339 -38.11 34.18 28.00
C GLU C 339 -36.66 34.50 28.32
N LYS C 340 -36.10 33.85 29.34
CA LYS C 340 -34.69 34.05 29.63
C LYS C 340 -33.81 33.38 28.58
N THR C 341 -34.25 32.23 28.05
CA THR C 341 -33.52 31.57 26.97
C THR C 341 -33.39 32.50 25.76
N LEU C 342 -34.50 33.12 25.35
CA LEU C 342 -34.44 34.03 24.22
C LEU C 342 -33.57 35.23 24.51
N GLU C 343 -33.50 35.64 25.78
CA GLU C 343 -32.66 36.78 26.12
C GLU C 343 -31.18 36.44 25.97
N TYR C 344 -30.79 35.22 26.38
CA TYR C 344 -29.41 34.78 26.19
C TYR C 344 -29.08 34.65 24.71
N LEU C 345 -29.92 33.94 23.96
CA LEU C 345 -29.65 33.70 22.54
C LEU C 345 -29.61 35.01 21.76
N GLU C 346 -30.54 35.92 22.05
CA GLU C 346 -30.59 37.16 21.29
C GLU C 346 -29.49 38.13 21.70
N CYS C 347 -28.97 38.03 22.92
CA CYS C 347 -27.74 38.74 23.26
C CYS C 347 -26.57 38.27 22.41
N MET C 348 -26.60 37.00 21.99
CA MET C 348 -25.58 36.48 21.09
C MET C 348 -25.76 37.02 19.67
N TRP C 349 -27.00 37.09 19.18
CA TRP C 349 -27.22 37.65 17.85
C TRP C 349 -26.77 39.11 17.79
N VAL C 350 -27.06 39.87 18.84
CA VAL C 350 -26.65 41.27 18.90
C VAL C 350 -25.13 41.38 18.74
N GLY C 351 -24.39 40.56 19.50
CA GLY C 351 -22.94 40.58 19.39
C GLY C 351 -22.45 40.18 18.01
N MET C 352 -23.03 39.14 17.43
CA MET C 352 -22.67 38.76 16.08
C MET C 352 -23.04 39.86 15.09
N ALA C 353 -24.16 40.56 15.33
CA ALA C 353 -24.57 41.64 14.44
C ALA C 353 -23.66 42.84 14.53
N GLU C 354 -22.90 43.00 15.62
CA GLU C 354 -21.95 44.10 15.70
C GLU C 354 -20.68 43.81 14.91
N PHE C 355 -20.29 42.55 14.80
CA PHE C 355 -19.12 42.18 14.02
C PHE C 355 -19.52 42.11 12.55
N ILE C 356 -18.93 42.97 11.73
CA ILE C 356 -19.14 42.96 10.28
C ILE C 356 -17.91 42.32 9.64
N ASP C 357 -18.15 41.32 8.80
CA ASP C 357 -17.07 40.66 8.07
C ASP C 357 -16.65 41.52 6.88
N MET C 358 -15.50 42.17 6.99
CA MET C 358 -15.07 43.16 6.02
C MET C 358 -14.17 42.55 4.95
N TYR C 359 -14.51 42.83 3.69
CA TYR C 359 -13.72 42.43 2.53
C TYR C 359 -13.08 43.69 1.95
N ILE C 360 -11.76 43.82 2.07
CA ILE C 360 -11.09 45.07 1.71
C ILE C 360 -10.70 45.15 0.24
N SER C 361 -10.71 43.99 -0.51
CA SER C 361 -10.41 44.04 -1.94
C SER C 361 -11.66 44.33 -2.75
N PRO C 362 -11.51 44.92 -3.95
CA PRO C 362 -12.70 45.16 -4.79
C PRO C 362 -13.44 43.89 -5.17
N ALA C 363 -12.71 42.81 -5.49
CA ALA C 363 -13.38 41.56 -5.82
C ALA C 363 -14.16 41.03 -4.62
N GLY C 364 -13.56 41.05 -3.43
CA GLY C 364 -14.26 40.58 -2.25
C GLY C 364 -15.46 41.44 -1.89
N GLY C 365 -15.37 42.75 -2.13
CA GLY C 365 -16.51 43.60 -1.89
C GLY C 365 -17.66 43.30 -2.83
N ALA C 366 -17.35 43.03 -4.10
CA ALA C 366 -18.41 42.76 -5.07
C ALA C 366 -19.10 41.43 -4.81
N PHE C 367 -18.38 40.48 -4.21
CA PHE C 367 -18.96 39.17 -3.87
C PHE C 367 -19.86 39.22 -2.66
N ASN C 368 -19.76 40.24 -1.80
CA ASN C 368 -20.42 40.23 -0.50
C ASN C 368 -21.13 41.57 -0.25
N GLU C 369 -22.10 41.88 -1.09
CA GLU C 369 -22.85 43.13 -0.95
C GLU C 369 -23.70 43.12 0.31
N GLY C 370 -24.04 44.33 0.76
CA GLY C 370 -24.92 44.50 1.91
C GLY C 370 -24.35 43.94 3.19
N TYR C 371 -23.03 43.98 3.36
CA TYR C 371 -22.35 43.43 4.55
C TYR C 371 -22.68 41.95 4.74
N ALA C 372 -22.52 41.18 3.67
CA ALA C 372 -22.99 39.80 3.63
C ALA C 372 -22.34 38.95 4.72
N HIS C 373 -23.12 38.00 5.22
CA HIS C 373 -22.70 37.15 6.33
C HIS C 373 -23.51 35.86 6.27
N TRP C 374 -22.86 34.74 6.58
CA TRP C 374 -23.50 33.43 6.62
C TRP C 374 -22.97 32.62 7.81
N GLU C 375 -23.13 33.17 9.03
CA GLU C 375 -22.74 32.44 10.24
C GLU C 375 -23.82 31.42 10.57
N ALA C 376 -23.80 30.32 9.83
CA ALA C 376 -24.92 29.39 9.81
C ALA C 376 -25.25 28.85 11.19
N VAL C 377 -26.53 28.90 11.56
CA VAL C 377 -27.07 28.26 12.75
C VAL C 377 -28.03 27.16 12.31
N THR C 378 -27.73 25.92 12.66
CA THR C 378 -28.47 24.77 12.18
C THR C 378 -29.48 24.30 13.22
N ILE C 379 -30.73 24.14 12.80
CA ILE C 379 -31.78 23.56 13.64
C ILE C 379 -32.46 22.46 12.85
N GLY C 380 -33.10 21.55 13.58
CA GLY C 380 -33.83 20.47 12.97
C GLY C 380 -32.94 19.40 12.37
N GLY C 381 -33.58 18.50 11.63
CA GLY C 381 -32.89 17.41 10.98
C GLY C 381 -33.01 16.10 11.74
N GLN C 382 -31.94 15.31 11.75
CA GLN C 382 -31.95 14.02 12.40
C GLN C 382 -30.87 13.93 13.46
N THR C 383 -31.06 13.02 14.41
CA THR C 383 -30.07 12.76 15.44
C THR C 383 -28.97 11.87 14.87
N PRO C 384 -27.81 11.81 15.53
CA PRO C 384 -26.77 10.87 15.08
C PRO C 384 -27.23 9.42 15.05
N ASP C 385 -28.30 9.07 15.77
CA ASP C 385 -28.82 7.71 15.75
C ASP C 385 -29.87 7.48 14.67
N GLY C 386 -30.36 8.54 14.01
CA GLY C 386 -31.27 8.38 12.90
C GLY C 386 -32.71 8.76 13.18
N ARG C 387 -33.02 9.29 14.36
CA ARG C 387 -34.36 9.73 14.69
C ARG C 387 -34.50 11.22 14.39
N ASP C 388 -35.75 11.69 14.35
CA ASP C 388 -35.97 13.11 14.15
C ASP C 388 -35.46 13.88 15.36
N ALA C 389 -34.83 15.02 15.10
CA ALA C 389 -34.10 15.76 16.13
C ALA C 389 -34.83 17.01 16.59
N THR C 390 -36.10 17.17 16.25
CA THR C 390 -36.86 18.32 16.68
C THR C 390 -37.04 18.29 18.20
N ASN C 391 -36.80 19.43 18.85
CA ASN C 391 -37.00 19.57 20.28
C ASN C 391 -37.53 20.97 20.56
N ASP C 392 -37.69 21.29 21.84
CA ASP C 392 -38.26 22.59 22.20
C ASP C 392 -37.33 23.74 21.83
N LEU C 393 -36.03 23.51 21.80
CA LEU C 393 -35.11 24.54 21.35
C LEU C 393 -35.29 24.82 19.87
N THR C 394 -35.62 23.80 19.07
CA THR C 394 -35.87 24.00 17.65
C THR C 394 -36.95 25.07 17.46
N TYR C 395 -38.06 24.93 18.17
CA TYR C 395 -39.15 25.88 18.01
C TYR C 395 -38.80 27.25 18.57
N LEU C 396 -37.94 27.30 19.59
CA LEU C 396 -37.54 28.57 20.16
C LEU C 396 -36.65 29.37 19.20
N PHE C 397 -35.81 28.69 18.43
CA PHE C 397 -35.01 29.38 17.43
C PHE C 397 -35.88 29.97 16.32
N LEU C 398 -36.91 29.24 15.89
CA LEU C 398 -37.84 29.81 14.92
C LEU C 398 -38.57 31.01 15.51
N LYS C 399 -38.98 30.91 16.77
CA LYS C 399 -39.62 32.06 17.42
C LYS C 399 -38.66 33.23 17.50
N SER C 400 -37.41 32.98 17.88
CA SER C 400 -36.44 34.07 17.98
C SER C 400 -36.21 34.75 16.63
N LYS C 401 -36.15 33.97 15.54
CA LYS C 401 -35.86 34.57 14.24
C LYS C 401 -37.01 35.45 13.76
N ARG C 402 -38.26 35.07 14.07
CA ARG C 402 -39.40 35.89 13.66
C ARG C 402 -39.42 37.23 14.37
N GLU C 403 -39.15 37.22 15.68
CA GLU C 403 -39.38 38.39 16.51
C GLU C 403 -38.16 39.29 16.66
N PHE C 404 -36.96 38.73 16.63
CA PHE C 404 -35.75 39.54 16.66
C PHE C 404 -35.63 40.26 15.33
N PRO C 405 -35.56 41.59 15.32
CA PRO C 405 -35.75 42.34 14.06
C PRO C 405 -34.56 42.35 13.11
N LEU C 406 -33.37 41.92 13.53
CA LEU C 406 -32.22 41.90 12.65
C LEU C 406 -32.26 40.64 11.77
N HIS C 407 -31.50 40.67 10.67
CA HIS C 407 -31.39 39.48 9.83
C HIS C 407 -30.29 38.55 10.34
N TYR C 408 -30.32 38.32 11.65
CA TYR C 408 -29.47 37.39 12.39
C TYR C 408 -30.35 36.54 13.29
N PRO C 409 -29.96 35.28 13.55
CA PRO C 409 -28.77 34.64 13.00
C PRO C 409 -29.03 34.05 11.62
N ASP C 410 -27.98 33.55 10.97
CA ASP C 410 -28.11 32.89 9.67
C ASP C 410 -28.76 31.53 9.90
N LEU C 411 -30.09 31.55 10.03
CA LEU C 411 -30.85 30.37 10.43
C LEU C 411 -31.06 29.44 9.24
N ALA C 412 -30.67 28.17 9.42
CA ALA C 412 -30.83 27.14 8.40
C ALA C 412 -31.56 25.95 9.01
N ALA C 413 -32.63 25.52 8.36
CA ALA C 413 -33.44 24.40 8.84
C ALA C 413 -33.14 23.16 8.00
N ARG C 414 -32.88 22.05 8.67
CA ARG C 414 -32.65 20.78 7.99
C ARG C 414 -33.98 20.07 7.79
N ILE C 415 -34.16 19.50 6.61
CA ILE C 415 -35.38 18.80 6.23
C ILE C 415 -35.02 17.37 5.85
N HIS C 416 -35.79 16.42 6.35
CA HIS C 416 -35.68 15.03 5.94
C HIS C 416 -37.08 14.46 5.72
N SER C 417 -37.15 13.24 5.20
CA SER C 417 -38.43 12.72 4.73
C SER C 417 -39.42 12.46 5.85
N ARG C 418 -38.98 12.33 7.09
CA ARG C 418 -39.87 12.10 8.23
C ARG C 418 -39.93 13.29 9.18
N ALA C 419 -39.76 14.49 8.66
CA ALA C 419 -39.89 15.67 9.50
C ALA C 419 -41.34 15.84 9.93
N PRO C 420 -41.60 16.07 11.22
CA PRO C 420 -43.00 16.18 11.67
C PRO C 420 -43.72 17.36 11.04
N GLU C 421 -45.05 17.24 10.94
CA GLU C 421 -45.85 18.29 10.32
C GLU C 421 -45.84 19.56 11.16
N ARG C 422 -45.89 19.44 12.49
CA ARG C 422 -45.77 20.60 13.37
C ARG C 422 -44.47 21.36 13.11
N TYR C 423 -43.39 20.63 12.83
CA TYR C 423 -42.10 21.27 12.55
C TYR C 423 -42.13 22.02 11.22
N LEU C 424 -42.57 21.35 10.15
CA LEU C 424 -42.64 22.00 8.85
C LEU C 424 -43.59 23.18 8.87
N TRP C 425 -44.69 23.06 9.61
CA TRP C 425 -45.67 24.14 9.70
C TRP C 425 -45.04 25.41 10.26
N ASP C 426 -44.25 25.27 11.34
CA ASP C 426 -43.63 26.43 11.95
C ASP C 426 -42.54 27.01 11.06
N VAL C 427 -41.82 26.15 10.32
CA VAL C 427 -40.86 26.65 9.35
C VAL C 427 -41.58 27.48 8.30
N ALA C 428 -42.67 26.95 7.76
CA ALA C 428 -43.45 27.67 6.75
C ALA C 428 -43.97 28.99 7.30
N GLU C 429 -44.44 29.01 8.55
CA GLU C 429 -44.92 30.26 9.11
C GLU C 429 -43.78 31.23 9.39
N THR C 430 -42.58 30.72 9.68
CA THR C 430 -41.42 31.61 9.80
C THR C 430 -41.06 32.20 8.44
N ILE C 431 -41.16 31.39 7.38
CA ILE C 431 -40.90 31.87 6.03
C ILE C 431 -41.91 32.94 5.63
N LYS C 432 -43.17 32.75 6.03
CA LYS C 432 -44.23 33.69 5.69
C LYS C 432 -44.05 35.05 6.34
N PHE C 433 -43.10 35.21 7.26
CA PHE C 433 -42.84 36.52 7.84
C PHE C 433 -42.30 37.50 6.82
N GLY C 434 -41.58 37.00 5.81
CA GLY C 434 -41.14 37.82 4.70
C GLY C 434 -39.76 38.39 4.81
N SER C 435 -38.92 37.88 5.72
CA SER C 435 -37.54 38.33 5.84
C SER C 435 -36.53 37.29 5.36
N GLY C 436 -36.99 36.17 4.82
CA GLY C 436 -36.12 35.20 4.21
C GLY C 436 -35.66 34.05 5.10
N PHE C 437 -36.20 33.92 6.29
CA PHE C 437 -35.72 32.87 7.17
C PHE C 437 -36.79 31.81 7.42
N PRO C 438 -36.39 30.54 7.59
CA PRO C 438 -35.00 30.09 7.40
C PRO C 438 -34.75 29.55 5.99
N LYS C 439 -33.48 29.36 5.66
CA LYS C 439 -33.13 28.61 4.46
C LYS C 439 -33.17 27.11 4.78
N LEU C 440 -33.48 26.32 3.76
CA LEU C 440 -33.72 24.90 3.95
C LEU C 440 -32.58 24.06 3.37
N CYS C 441 -32.20 23.01 4.10
CA CYS C 441 -31.16 22.08 3.67
C CYS C 441 -31.72 20.67 3.73
N ASN C 442 -31.53 19.90 2.65
CA ASN C 442 -32.21 18.63 2.47
C ASN C 442 -31.31 17.47 2.90
N ASP C 443 -31.66 16.82 4.02
CA ASP C 443 -30.98 15.59 4.44
C ASP C 443 -30.98 14.54 3.33
N GLU C 444 -32.07 14.45 2.57
CA GLU C 444 -32.21 13.36 1.62
C GLU C 444 -31.25 13.46 0.44
N GLU C 445 -30.67 14.63 0.21
CA GLU C 445 -29.72 14.82 -0.88
C GLU C 445 -28.26 14.68 -0.45
N CYS C 446 -27.85 15.40 0.59
CA CYS C 446 -26.44 15.48 0.91
C CYS C 446 -25.93 14.34 1.77
N ILE C 447 -26.77 13.73 2.58
CA ILE C 447 -26.31 12.61 3.41
C ILE C 447 -25.91 11.44 2.52
N PRO C 448 -26.70 11.01 1.54
CA PRO C 448 -26.22 9.93 0.67
C PRO C 448 -24.97 10.32 -0.11
N LEU C 449 -24.86 11.58 -0.57
CA LEU C 449 -23.65 12.01 -1.25
C LEU C 449 -22.44 11.91 -0.32
N TYR C 450 -22.61 12.24 0.96
CA TYR C 450 -21.47 12.28 1.86
C TYR C 450 -21.07 10.89 2.35
N VAL C 451 -22.02 10.03 2.69
CA VAL C 451 -21.64 8.66 3.02
C VAL C 451 -21.06 7.96 1.80
N SER C 452 -21.44 8.40 0.60
CA SER C 452 -20.85 7.86 -0.63
C SER C 452 -19.39 8.26 -0.76
N LYS C 453 -19.00 9.42 -0.24
CA LYS C 453 -17.65 9.94 -0.38
C LYS C 453 -16.79 9.62 0.83
N GLY C 454 -17.20 8.66 1.66
CA GLY C 454 -16.39 8.13 2.74
C GLY C 454 -16.90 8.40 4.15
N ALA C 455 -17.98 9.16 4.31
CA ALA C 455 -18.47 9.50 5.64
C ALA C 455 -19.29 8.36 6.24
N THR C 456 -19.16 8.16 7.55
CA THR C 456 -20.02 7.23 8.23
C THR C 456 -21.41 7.82 8.40
N PHE C 457 -22.39 6.95 8.64
CA PHE C 457 -23.76 7.43 8.80
C PHE C 457 -23.93 8.28 10.05
N GLU C 458 -23.19 7.98 11.12
CA GLU C 458 -23.27 8.80 12.33
C GLU C 458 -22.73 10.20 12.09
N GLU C 459 -21.60 10.32 11.38
CA GLU C 459 -21.03 11.63 11.09
C GLU C 459 -21.92 12.43 10.13
N ALA C 460 -22.41 11.78 9.07
CA ALA C 460 -23.20 12.52 8.08
C ALA C 460 -24.55 12.95 8.64
N LEU C 461 -25.20 12.09 9.44
CA LEU C 461 -26.50 12.45 9.99
C LEU C 461 -26.38 13.64 10.94
N ASP C 462 -25.23 13.83 11.57
CA ASP C 462 -25.00 14.94 12.48
C ASP C 462 -24.36 16.14 11.78
N TYR C 463 -24.59 16.30 10.48
CA TYR C 463 -23.95 17.40 9.77
C TYR C 463 -24.53 18.73 10.22
N ALA C 464 -23.71 19.78 10.08
CA ALA C 464 -24.12 21.15 10.33
C ALA C 464 -24.06 21.94 9.03
N VAL C 465 -25.04 22.81 8.81
CA VAL C 465 -24.96 23.74 7.69
C VAL C 465 -23.81 24.70 7.94
N SER C 466 -23.07 25.03 6.89
CA SER C 466 -21.89 25.89 6.99
C SER C 466 -21.88 26.85 5.81
N GLY C 467 -21.75 28.14 6.10
CA GLY C 467 -21.74 29.14 5.03
C GLY C 467 -23.11 29.30 4.41
N CYS C 468 -23.14 29.37 3.08
CA CYS C 468 -24.39 29.59 2.37
C CYS C 468 -25.34 28.42 2.57
N ILE C 469 -24.94 27.22 2.15
CA ILE C 469 -25.77 26.05 2.40
C ILE C 469 -24.90 24.81 2.32
N GLU C 470 -23.60 24.99 2.55
CA GLU C 470 -22.69 23.86 2.58
C GLU C 470 -22.87 23.12 3.90
N ILE C 471 -22.39 21.89 3.95
CA ILE C 471 -22.50 21.10 5.17
C ILE C 471 -21.11 20.67 5.60
N ARG C 472 -20.94 20.48 6.90
CA ARG C 472 -19.66 20.12 7.49
C ARG C 472 -19.84 19.03 8.52
N MET C 473 -18.84 18.18 8.64
CA MET C 473 -18.72 17.20 9.71
C MET C 473 -17.52 17.60 10.55
N PRO C 474 -17.70 18.30 11.66
CA PRO C 474 -16.58 19.06 12.26
C PRO C 474 -15.39 18.23 12.76
N ASN C 475 -15.47 16.90 12.75
CA ASN C 475 -14.30 16.09 13.10
C ASN C 475 -13.83 15.20 11.96
N ARG C 476 -14.40 15.36 10.77
CA ARG C 476 -14.02 14.60 9.59
C ARG C 476 -13.60 15.47 8.41
N ASP C 477 -14.32 16.56 8.16
CA ASP C 477 -13.92 17.50 7.12
C ASP C 477 -12.51 18.02 7.37
N THR C 478 -11.71 18.10 6.31
CA THR C 478 -10.36 18.61 6.43
C THR C 478 -9.93 19.57 5.33
N TYR C 479 -10.81 19.88 4.37
CA TYR C 479 -10.47 20.76 3.26
C TYR C 479 -10.91 22.20 3.57
N THR C 480 -10.03 23.17 3.29
CA THR C 480 -10.30 24.55 3.67
C THR C 480 -9.97 25.55 2.58
N SER C 481 -9.63 25.12 1.37
CA SER C 481 -9.13 26.02 0.33
C SER C 481 -10.27 26.66 -0.45
N GLY C 482 -10.19 27.97 -0.63
CA GLY C 482 -11.20 28.66 -1.42
C GLY C 482 -11.16 28.24 -2.87
N GLY C 483 -12.33 27.99 -3.43
CA GLY C 483 -12.43 27.45 -4.78
C GLY C 483 -12.59 28.53 -5.84
N ALA C 484 -12.58 28.07 -7.09
CA ALA C 484 -12.73 28.98 -8.21
C ALA C 484 -14.21 29.26 -8.49
N TYR C 485 -14.49 30.48 -8.91
CA TYR C 485 -15.80 30.90 -9.39
C TYR C 485 -15.69 31.16 -10.89
N THR C 486 -16.37 30.34 -11.68
CA THR C 486 -16.16 30.28 -13.13
C THR C 486 -17.36 30.85 -13.86
N ASN C 487 -17.11 31.84 -14.72
CA ASN C 487 -18.16 32.56 -15.43
C ASN C 487 -18.45 31.82 -16.75
N PHE C 488 -19.36 30.86 -16.69
CA PHE C 488 -19.71 30.12 -17.91
C PHE C 488 -20.57 30.93 -18.87
N ALA C 489 -21.17 32.03 -18.39
CA ALA C 489 -21.82 32.95 -19.32
C ALA C 489 -20.80 33.63 -20.23
N SER C 490 -19.58 33.84 -19.74
CA SER C 490 -18.53 34.37 -20.59
C SER C 490 -18.10 33.38 -21.66
N ALA C 491 -18.30 32.09 -21.42
CA ALA C 491 -18.02 31.09 -22.45
C ALA C 491 -18.96 31.26 -23.64
N VAL C 492 -20.20 31.67 -23.39
CA VAL C 492 -21.11 31.98 -24.49
C VAL C 492 -20.60 33.17 -25.29
N GLU C 493 -20.18 34.22 -24.59
CA GLU C 493 -19.68 35.41 -25.28
C GLU C 493 -18.41 35.10 -26.07
N MET C 494 -17.50 34.33 -25.49
CA MET C 494 -16.29 33.95 -26.21
C MET C 494 -16.61 33.08 -27.42
N ALA C 495 -17.64 32.24 -27.31
CA ALA C 495 -18.06 31.43 -28.45
C ALA C 495 -18.69 32.28 -29.55
N LEU C 496 -19.17 33.48 -29.22
CA LEU C 496 -19.70 34.37 -30.24
C LEU C 496 -18.61 35.20 -30.89
N TYR C 497 -17.58 35.57 -30.14
CA TYR C 497 -16.61 36.56 -30.59
C TYR C 497 -15.19 36.00 -30.62
N ASP C 498 -15.04 34.74 -31.02
CA ASP C 498 -13.72 34.17 -31.32
C ASP C 498 -12.81 34.22 -30.10
N GLY C 499 -13.32 33.76 -28.96
CA GLY C 499 -12.51 33.73 -27.75
C GLY C 499 -12.25 35.09 -27.15
N LYS C 500 -12.99 36.11 -27.55
CA LYS C 500 -12.83 37.46 -27.03
C LYS C 500 -14.09 37.89 -26.29
N MET C 501 -13.95 38.91 -25.45
CA MET C 501 -15.08 39.51 -24.76
C MET C 501 -15.06 41.00 -25.00
N LYS C 502 -16.24 41.59 -25.23
CA LYS C 502 -16.34 43.02 -25.51
C LYS C 502 -15.69 43.85 -24.40
N LYS C 503 -15.86 43.43 -23.14
CA LYS C 503 -15.33 44.20 -22.03
C LYS C 503 -13.82 44.37 -22.11
N TYR C 504 -13.11 43.42 -22.73
CA TYR C 504 -11.65 43.41 -22.69
C TYR C 504 -11.02 43.58 -24.07
N GLY C 505 -11.78 44.10 -25.04
CA GLY C 505 -11.18 44.49 -26.30
C GLY C 505 -10.59 43.33 -27.07
N ASP C 506 -9.33 43.47 -27.47
CA ASP C 506 -8.66 42.51 -28.33
C ASP C 506 -7.87 41.46 -27.56
N VAL C 507 -8.02 41.41 -26.24
CA VAL C 507 -7.31 40.41 -25.45
C VAL C 507 -7.84 39.02 -25.81
N GLN C 508 -6.95 38.14 -26.24
CA GLN C 508 -7.31 36.77 -26.62
C GLN C 508 -7.48 35.94 -25.35
N LEU C 509 -8.71 35.85 -24.87
CA LEU C 509 -8.97 35.16 -23.61
C LEU C 509 -9.13 33.66 -23.81
N GLY C 510 -9.95 33.25 -24.77
CA GLY C 510 -10.27 31.86 -24.98
C GLY C 510 -9.73 31.32 -26.29
N ILE C 511 -10.27 30.14 -26.66
CA ILE C 511 -9.91 29.51 -27.93
C ILE C 511 -10.42 30.35 -29.09
N GLN C 512 -9.67 30.36 -30.19
CA GLN C 512 -10.11 31.03 -31.41
C GLN C 512 -11.07 30.10 -32.14
N THR C 513 -12.34 30.15 -31.73
CA THR C 513 -13.39 29.31 -32.28
C THR C 513 -14.02 29.91 -33.54
N GLY C 514 -13.55 31.08 -33.98
CA GLY C 514 -14.01 31.65 -35.23
C GLY C 514 -15.12 32.66 -35.04
N ASP C 515 -15.38 33.40 -36.11
CA ASP C 515 -16.46 34.38 -36.13
C ASP C 515 -17.80 33.65 -36.16
N ALA C 516 -18.61 33.85 -35.11
CA ALA C 516 -19.90 33.19 -35.06
C ALA C 516 -20.85 33.67 -36.14
N ARG C 517 -20.58 34.84 -36.74
CA ARG C 517 -21.42 35.30 -37.84
C ARG C 517 -21.35 34.34 -39.03
N LYS C 518 -20.22 33.66 -39.20
CA LYS C 518 -20.01 32.71 -40.29
C LYS C 518 -20.42 31.29 -39.93
N PHE C 519 -20.97 31.07 -38.73
CA PHE C 519 -21.36 29.72 -38.33
C PHE C 519 -22.61 29.29 -39.10
N LYS C 520 -22.62 28.01 -39.50
CA LYS C 520 -23.63 27.50 -40.41
C LYS C 520 -24.62 26.53 -39.78
N SER C 521 -24.30 25.93 -38.64
CA SER C 521 -25.22 24.96 -38.04
C SER C 521 -25.13 25.05 -36.51
N TRP C 522 -26.14 24.47 -35.85
CA TRP C 522 -26.10 24.37 -34.40
C TRP C 522 -24.87 23.60 -33.95
N ASP C 523 -24.51 22.55 -34.70
CA ASP C 523 -23.32 21.76 -34.36
C ASP C 523 -22.07 22.63 -34.30
N GLU C 524 -21.92 23.58 -35.23
CA GLU C 524 -20.68 24.36 -35.25
C GLU C 524 -20.62 25.33 -34.08
N PHE C 525 -21.75 25.90 -33.67
CA PHE C 525 -21.75 26.81 -32.53
C PHE C 525 -21.64 26.07 -31.21
N TRP C 526 -22.34 24.94 -31.09
CA TRP C 526 -22.22 24.13 -29.90
C TRP C 526 -20.78 23.67 -29.68
N ASN C 527 -20.09 23.30 -30.76
CA ASN C 527 -18.69 22.92 -30.63
C ASN C 527 -17.84 24.07 -30.13
N ALA C 528 -18.11 25.29 -30.61
CA ALA C 528 -17.37 26.46 -30.15
C ALA C 528 -17.58 26.70 -28.66
N TYR C 529 -18.82 26.60 -28.19
CA TYR C 529 -19.08 26.83 -26.76
C TYR C 529 -18.40 25.77 -25.90
N VAL C 530 -18.54 24.51 -26.28
CA VAL C 530 -17.96 23.43 -25.48
C VAL C 530 -16.46 23.62 -25.32
N GLN C 531 -15.80 24.13 -26.36
CA GLN C 531 -14.36 24.38 -26.25
C GLN C 531 -14.06 25.46 -25.22
N GLN C 532 -14.80 26.56 -25.25
CA GLN C 532 -14.59 27.57 -24.21
C GLN C 532 -15.03 27.04 -22.85
N HIS C 533 -16.05 26.21 -22.82
CA HIS C 533 -16.50 25.55 -21.59
C HIS C 533 -15.37 24.72 -20.98
N MET C 534 -14.75 23.86 -21.80
CA MET C 534 -13.66 23.02 -21.31
C MET C 534 -12.42 23.83 -20.93
N LEU C 535 -12.17 24.95 -21.60
CA LEU C 535 -11.07 25.81 -21.22
C LEU C 535 -11.26 26.34 -19.80
N LEU C 536 -12.47 26.81 -19.51
CA LEU C 536 -12.77 27.29 -18.16
C LEU C 536 -12.62 26.18 -17.13
N LEU C 537 -13.01 24.95 -17.48
CA LEU C 537 -12.86 23.84 -16.56
C LEU C 537 -11.39 23.51 -16.32
N ARG C 538 -10.60 23.46 -17.40
CA ARG C 538 -9.16 23.23 -17.24
C ARG C 538 -8.51 24.36 -16.47
N THR C 539 -8.86 25.61 -16.78
CA THR C 539 -8.28 26.74 -16.05
C THR C 539 -8.69 26.69 -14.58
N THR C 540 -9.92 26.27 -14.31
CA THR C 540 -10.40 26.21 -12.94
C THR C 540 -9.59 25.22 -12.11
N PHE C 541 -9.40 24.00 -12.61
CA PHE C 541 -8.74 22.98 -11.81
C PHE C 541 -7.25 23.22 -11.70
N ILE C 542 -6.63 23.74 -12.75
CA ILE C 542 -5.22 24.11 -12.68
C ILE C 542 -5.01 25.20 -11.64
N GLN C 543 -5.88 26.22 -11.67
CA GLN C 543 -5.82 27.28 -10.68
C GLN C 543 -5.99 26.73 -9.27
N GLN C 544 -6.95 25.82 -9.09
CA GLN C 544 -7.25 25.31 -7.75
C GLN C 544 -6.05 24.58 -7.16
N TYR C 545 -5.36 23.77 -7.97
CA TYR C 545 -4.23 23.00 -7.46
C TYR C 545 -3.12 23.93 -6.98
N ILE C 546 -2.91 25.06 -7.67
CA ILE C 546 -1.95 26.05 -7.23
C ILE C 546 -2.42 26.70 -5.94
N VAL C 547 -3.72 26.97 -5.84
CA VAL C 547 -4.27 27.55 -4.62
C VAL C 547 -4.05 26.61 -3.44
N ILE C 548 -4.30 25.32 -3.63
CA ILE C 548 -4.10 24.36 -2.56
C ILE C 548 -2.66 24.40 -2.07
N GLN C 549 -1.71 24.38 -3.01
CA GLN C 549 -0.29 24.35 -2.65
C GLN C 549 0.16 25.65 -2.02
N THR C 550 -0.37 26.78 -2.49
CA THR C 550 0.08 28.07 -1.98
C THR C 550 -0.50 28.35 -0.60
N ARG C 551 -1.78 28.00 -0.37
CA ARG C 551 -2.39 28.22 0.93
C ARG C 551 -1.65 27.50 2.05
N ALA C 552 -1.11 26.32 1.76
CA ALA C 552 -0.38 25.57 2.77
C ALA C 552 0.84 26.33 3.28
N LYS C 553 1.30 27.35 2.55
CA LYS C 553 2.46 28.13 2.95
C LYS C 553 2.10 29.40 3.69
N HIS C 554 0.81 29.75 3.80
CA HIS C 554 0.43 31.04 4.35
C HIS C 554 -0.60 31.01 5.47
N PHE C 555 -1.31 29.91 5.67
CA PHE C 555 -2.39 29.92 6.64
C PHE C 555 -2.22 28.78 7.64
N ALA C 556 -2.53 29.07 8.90
CA ALA C 556 -2.63 28.07 9.95
C ALA C 556 -3.84 28.39 10.81
N GLN C 557 -4.30 27.38 11.56
CA GLN C 557 -5.52 27.49 12.34
C GLN C 557 -5.36 26.66 13.61
N PRO C 558 -4.53 27.13 14.55
CA PRO C 558 -4.27 26.33 15.77
C PRO C 558 -5.50 26.04 16.61
N MET C 559 -6.34 27.04 16.87
CA MET C 559 -7.56 26.77 17.65
C MET C 559 -8.51 25.88 16.87
N GLY C 560 -8.75 26.22 15.60
CA GLY C 560 -9.59 25.39 14.76
C GLY C 560 -9.09 23.98 14.63
N SER C 561 -7.77 23.78 14.67
CA SER C 561 -7.21 22.45 14.58
C SER C 561 -7.39 21.67 15.88
N VAL C 562 -7.16 22.32 17.03
CA VAL C 562 -7.27 21.61 18.30
C VAL C 562 -8.71 21.22 18.59
N LEU C 563 -9.68 21.84 17.91
CA LEU C 563 -11.07 21.44 18.02
C LEU C 563 -11.44 20.31 17.06
N HIS C 564 -10.45 19.79 16.32
CA HIS C 564 -10.66 18.74 15.33
C HIS C 564 -9.98 17.47 15.83
N ALA C 565 -10.76 16.40 15.99
CA ALA C 565 -10.21 15.16 16.55
C ALA C 565 -9.10 14.58 15.67
N LEU C 566 -9.23 14.70 14.35
CA LEU C 566 -8.20 14.17 13.47
C LEU C 566 -6.92 15.01 13.53
N CYS C 567 -7.05 16.32 13.74
CA CYS C 567 -5.87 17.15 13.89
C CYS C 567 -5.17 16.86 15.21
N ARG C 568 -5.95 16.60 16.27
CA ARG C 568 -5.31 16.21 17.52
C ARG C 568 -4.61 14.87 17.40
N LYS C 569 -5.18 13.94 16.63
CA LYS C 569 -4.64 12.58 16.57
C LYS C 569 -3.36 12.50 15.75
N HIS C 570 -3.32 13.18 14.59
CA HIS C 570 -2.17 13.11 13.70
C HIS C 570 -1.27 14.35 13.79
N CYS C 571 -1.66 15.34 14.60
CA CYS C 571 -0.84 16.52 14.88
C CYS C 571 -0.47 17.29 13.61
N ILE C 572 -1.50 17.79 12.93
CA ILE C 572 -1.27 18.56 11.70
C ILE C 572 -2.38 19.58 11.55
N ASP C 573 -2.03 20.76 11.03
CA ASP C 573 -2.96 21.87 10.92
C ASP C 573 -3.97 21.64 9.79
N LEU C 574 -5.16 22.24 9.95
CA LEU C 574 -6.25 22.01 9.00
C LEU C 574 -5.91 22.48 7.60
N HIS C 575 -5.23 23.63 7.48
CA HIS C 575 -4.95 24.24 6.17
C HIS C 575 -3.85 23.51 5.39
N GLN C 576 -3.41 22.38 5.92
CA GLN C 576 -2.53 21.51 5.17
C GLN C 576 -3.34 20.72 4.14
N PRO C 577 -2.72 20.36 3.01
CA PRO C 577 -3.52 19.77 1.90
C PRO C 577 -4.08 18.41 2.25
N GLN C 578 -3.30 17.54 2.89
CA GLN C 578 -3.74 16.19 3.21
C GLN C 578 -3.58 15.94 4.70
N ILE C 579 -4.65 15.47 5.33
CA ILE C 579 -4.67 15.13 6.74
C ILE C 579 -5.15 13.69 6.86
N PRO C 580 -4.42 12.81 7.54
CA PRO C 580 -4.81 11.39 7.57
C PRO C 580 -6.22 11.18 8.10
N GLU C 581 -6.96 10.30 7.43
CA GLU C 581 -8.33 9.90 7.73
C GLU C 581 -9.34 11.01 7.48
N GLY C 582 -8.91 12.17 6.99
CA GLY C 582 -9.83 13.23 6.72
C GLY C 582 -10.53 13.06 5.39
N LEU C 583 -11.68 13.72 5.26
CA LEU C 583 -12.41 13.79 4.01
C LEU C 583 -12.40 15.22 3.50
N ASN C 584 -12.13 15.38 2.21
CA ASN C 584 -11.89 16.68 1.61
C ASN C 584 -13.02 16.99 0.63
N PHE C 585 -13.85 17.97 0.98
CA PHE C 585 -14.99 18.40 0.17
C PHE C 585 -14.71 19.81 -0.31
N GLY C 586 -14.22 19.93 -1.54
CA GLY C 586 -13.98 21.21 -2.18
C GLY C 586 -14.99 21.50 -3.26
N TYR C 587 -14.85 22.68 -3.86
CA TYR C 587 -15.87 23.18 -4.77
C TYR C 587 -15.26 24.01 -5.89
N PHE C 588 -15.92 24.00 -7.05
CA PHE C 588 -15.80 25.06 -8.04
C PHE C 588 -17.21 25.48 -8.43
N GLU C 589 -17.36 26.73 -8.82
CA GLU C 589 -18.68 27.31 -9.01
C GLU C 589 -19.04 27.40 -10.49
N PHE C 590 -20.20 26.85 -10.84
CA PHE C 590 -20.82 27.07 -12.14
C PHE C 590 -21.73 28.30 -12.01
N MET C 591 -21.30 29.41 -12.61
CA MET C 591 -22.04 30.67 -12.54
C MET C 591 -22.76 30.92 -13.86
N GLY C 592 -24.00 31.40 -13.76
CA GLY C 592 -24.79 31.81 -14.91
C GLY C 592 -25.56 30.70 -15.58
N LEU C 593 -25.96 29.66 -14.84
CA LEU C 593 -26.62 28.50 -15.43
C LEU C 593 -27.83 28.91 -16.28
N GLY C 594 -28.77 29.64 -15.69
CA GLY C 594 -29.97 30.04 -16.42
C GLY C 594 -29.65 30.91 -17.62
N THR C 595 -28.68 31.82 -17.48
CA THR C 595 -28.29 32.67 -18.60
C THR C 595 -27.67 31.85 -19.72
N VAL C 596 -26.88 30.84 -19.38
CA VAL C 596 -26.23 30.02 -20.39
C VAL C 596 -27.26 29.17 -21.12
N ILE C 597 -28.14 28.50 -20.36
CA ILE C 597 -29.16 27.65 -20.97
C ILE C 597 -30.02 28.46 -21.94
N ASP C 598 -30.60 29.55 -21.44
CA ASP C 598 -31.51 30.34 -22.26
C ASP C 598 -30.82 30.92 -23.49
N SER C 599 -29.54 31.29 -23.37
CA SER C 599 -28.81 31.79 -24.54
C SER C 599 -28.62 30.69 -25.56
N LEU C 600 -28.15 29.52 -25.13
CA LEU C 600 -27.92 28.42 -26.07
C LEU C 600 -29.23 27.93 -26.68
N ALA C 601 -30.30 27.89 -25.88
CA ALA C 601 -31.59 27.46 -26.41
C ALA C 601 -32.10 28.44 -27.46
N ALA C 602 -31.91 29.74 -27.22
CA ALA C 602 -32.37 30.76 -28.16
C ALA C 602 -31.67 30.64 -29.51
N ILE C 603 -30.37 30.33 -29.51
CA ILE C 603 -29.65 30.18 -30.77
C ILE C 603 -30.11 28.92 -31.51
N LYS C 604 -30.20 27.80 -30.79
CA LYS C 604 -30.64 26.57 -31.43
C LYS C 604 -32.06 26.68 -31.96
N LYS C 605 -32.97 27.27 -31.17
CA LYS C 605 -34.37 27.38 -31.55
C LYS C 605 -34.56 28.40 -32.66
N LEU C 606 -34.20 29.66 -32.38
CA LEU C 606 -34.65 30.76 -33.23
C LEU C 606 -33.76 30.98 -34.46
N VAL C 607 -32.55 30.44 -34.46
CA VAL C 607 -31.62 30.62 -35.57
C VAL C 607 -31.60 29.40 -36.48
N PHE C 608 -31.33 28.21 -35.94
CA PHE C 608 -31.05 27.04 -36.77
C PHE C 608 -32.23 26.08 -36.89
N GLU C 609 -33.22 26.16 -36.01
CA GLU C 609 -34.39 25.30 -36.10
C GLU C 609 -35.59 25.99 -36.75
N ASP C 610 -35.98 27.17 -36.26
CA ASP C 610 -37.09 27.90 -36.86
C ASP C 610 -36.64 28.84 -37.97
N LYS C 611 -35.33 29.10 -38.06
CA LYS C 611 -34.74 29.93 -39.11
C LYS C 611 -35.39 31.31 -39.19
N LYS C 612 -35.80 31.84 -38.04
CA LYS C 612 -36.43 33.16 -38.00
C LYS C 612 -35.44 34.30 -38.04
N LEU C 613 -34.15 34.04 -37.77
CA LEU C 613 -33.12 35.05 -37.97
C LEU C 613 -31.78 34.35 -38.12
N THR C 614 -30.81 35.12 -38.62
CA THR C 614 -29.46 34.63 -38.89
C THR C 614 -28.50 35.06 -37.78
N MET C 615 -27.33 34.41 -37.76
CA MET C 615 -26.30 34.82 -36.81
C MET C 615 -25.89 36.28 -37.04
N ASP C 616 -25.88 36.73 -38.29
CA ASP C 616 -25.60 38.14 -38.56
C ASP C 616 -26.65 39.03 -37.94
N GLN C 617 -27.92 38.69 -38.12
CA GLN C 617 -29.01 39.46 -37.52
C GLN C 617 -28.93 39.45 -36.01
N LEU C 618 -28.66 38.28 -35.40
CA LEU C 618 -28.57 38.18 -33.95
C LEU C 618 -27.42 39.02 -33.40
N ILE C 619 -26.21 38.80 -33.93
CA ILE C 619 -25.03 39.47 -33.39
C ILE C 619 -25.07 40.96 -33.70
N ASP C 620 -25.80 41.36 -34.75
CA ASP C 620 -26.03 42.79 -35.00
C ASP C 620 -26.80 43.40 -33.83
N ALA C 621 -27.82 42.70 -33.34
CA ALA C 621 -28.60 43.20 -32.20
C ALA C 621 -27.79 43.14 -30.92
N LEU C 622 -26.97 42.11 -30.75
CA LEU C 622 -26.17 41.97 -29.53
C LEU C 622 -25.12 43.07 -29.43
N GLU C 623 -24.38 43.30 -30.52
CA GLU C 623 -23.35 44.33 -30.51
C GLU C 623 -23.93 45.73 -30.41
N ALA C 624 -25.22 45.88 -30.71
CA ALA C 624 -25.92 47.15 -30.54
C ALA C 624 -26.59 47.28 -29.17
N ASN C 625 -26.43 46.28 -28.30
CA ASN C 625 -27.13 46.23 -27.01
C ASN C 625 -28.64 46.39 -27.18
N PHE C 626 -29.16 45.80 -28.26
CA PHE C 626 -30.59 45.76 -28.59
C PHE C 626 -31.22 47.13 -28.84
N GLU C 627 -30.43 48.20 -28.95
CA GLU C 627 -31.02 49.51 -29.19
C GLU C 627 -31.29 49.66 -30.68
N GLY C 628 -32.55 49.85 -31.04
CA GLY C 628 -32.99 49.73 -32.41
C GLY C 628 -33.31 48.32 -32.84
N TYR C 629 -33.13 47.35 -31.95
CA TYR C 629 -33.42 45.94 -32.22
C TYR C 629 -34.37 45.38 -31.16
N GLU C 630 -35.20 46.25 -30.57
CA GLU C 630 -36.12 45.80 -29.52
C GLU C 630 -37.09 44.75 -30.01
N ASP C 631 -37.33 44.67 -31.33
CA ASP C 631 -38.15 43.59 -31.86
C ASP C 631 -37.43 42.25 -31.76
N ILE C 632 -36.10 42.26 -31.95
CA ILE C 632 -35.33 41.03 -31.88
C ILE C 632 -35.18 40.58 -30.42
N GLN C 633 -34.96 41.54 -29.50
CA GLN C 633 -34.92 41.20 -28.09
C GLN C 633 -36.21 40.52 -27.65
N GLN C 634 -37.35 41.04 -28.09
CA GLN C 634 -38.62 40.40 -27.78
C GLN C 634 -38.74 39.03 -28.43
N LEU C 635 -38.16 38.87 -29.62
CA LEU C 635 -38.21 37.58 -30.30
C LEU C 635 -37.34 36.54 -29.60
N LEU C 636 -36.16 36.96 -29.12
CA LEU C 636 -35.27 36.02 -28.44
C LEU C 636 -35.88 35.48 -27.15
N ARG C 637 -36.67 36.29 -26.45
CA ARG C 637 -37.27 35.90 -25.18
C ARG C 637 -38.44 34.93 -25.35
N THR C 638 -38.78 34.55 -26.58
CA THR C 638 -39.83 33.57 -26.84
C THR C 638 -39.29 32.14 -26.94
N ALA C 639 -37.97 31.96 -26.89
CA ALA C 639 -37.41 30.63 -26.98
C ALA C 639 -37.58 29.92 -25.64
N PRO C 640 -37.58 28.58 -25.63
CA PRO C 640 -37.72 27.86 -24.37
C PRO C 640 -36.63 28.22 -23.39
N CYS C 641 -37.00 28.31 -22.11
CA CYS C 641 -36.11 28.79 -21.08
C CYS C 641 -36.06 27.80 -19.91
N TYR C 642 -34.97 27.87 -19.17
CA TYR C 642 -34.79 27.06 -17.98
C TYR C 642 -35.73 27.51 -16.86
N GLY C 643 -36.33 26.55 -16.17
CA GLY C 643 -37.24 26.84 -15.09
C GLY C 643 -38.71 26.72 -15.44
N ASN C 644 -39.05 26.16 -16.59
CA ASN C 644 -40.44 26.00 -17.01
C ASN C 644 -40.82 24.54 -17.17
N ASP C 645 -40.01 23.62 -16.67
CA ASP C 645 -40.17 22.19 -16.92
C ASP C 645 -40.24 21.93 -18.43
N ASP C 646 -39.40 22.63 -19.19
CA ASP C 646 -39.36 22.53 -20.64
C ASP C 646 -38.17 21.67 -21.03
N GLU C 647 -38.43 20.44 -21.47
CA GLU C 647 -37.36 19.49 -21.76
C GLU C 647 -36.41 20.04 -22.83
N TYR C 648 -36.91 20.92 -23.70
CA TYR C 648 -36.04 21.53 -24.70
C TYR C 648 -34.93 22.34 -24.04
N ALA C 649 -35.28 23.13 -23.02
CA ALA C 649 -34.26 23.90 -22.31
C ALA C 649 -33.54 23.05 -21.28
N ASP C 650 -34.27 22.18 -20.58
CA ASP C 650 -33.66 21.45 -19.47
C ASP C 650 -32.65 20.41 -19.96
N GLU C 651 -32.84 19.85 -21.16
CA GLU C 651 -31.87 18.87 -21.65
C GLU C 651 -30.53 19.53 -21.97
N ILE C 652 -30.54 20.79 -22.37
CA ILE C 652 -29.28 21.51 -22.61
C ILE C 652 -28.55 21.73 -21.29
N GLY C 653 -29.26 22.25 -20.29
CA GLY C 653 -28.65 22.45 -18.98
C GLY C 653 -28.14 21.16 -18.37
N ARG C 654 -28.87 20.06 -18.58
CA ARG C 654 -28.43 18.77 -18.08
C ARG C 654 -27.08 18.38 -18.67
N GLU C 655 -26.85 18.68 -19.95
CA GLU C 655 -25.57 18.36 -20.56
C GLU C 655 -24.47 19.29 -20.06
N LEU C 656 -24.80 20.57 -19.84
CA LEU C 656 -23.85 21.49 -19.23
C LEU C 656 -23.41 20.98 -17.87
N ASP C 657 -24.38 20.63 -17.01
CA ASP C 657 -24.06 20.09 -15.70
C ASP C 657 -23.27 18.80 -15.83
N ARG C 658 -23.64 17.95 -16.78
CA ARG C 658 -22.93 16.68 -16.97
C ARG C 658 -21.47 16.92 -17.35
N MET C 659 -21.19 17.96 -18.14
CA MET C 659 -19.81 18.24 -18.49
C MET C 659 -18.99 18.65 -17.28
N ALA C 660 -19.57 19.48 -16.41
CA ALA C 660 -18.84 19.94 -15.23
C ALA C 660 -18.70 18.82 -14.20
N VAL C 661 -19.78 18.07 -13.95
CA VAL C 661 -19.71 16.99 -12.96
C VAL C 661 -18.79 15.88 -13.45
N SER C 662 -18.87 15.52 -14.73
CA SER C 662 -18.00 14.48 -15.26
C SER C 662 -16.53 14.90 -15.20
N PHE C 663 -16.26 16.17 -15.51
CA PHE C 663 -14.89 16.67 -15.40
C PHE C 663 -14.43 16.66 -13.94
N ALA C 664 -15.31 17.03 -13.02
CA ALA C 664 -14.96 17.03 -11.60
C ALA C 664 -14.67 15.63 -11.08
N ALA C 665 -15.44 14.64 -11.53
CA ALA C 665 -15.20 13.27 -11.09
C ALA C 665 -13.86 12.74 -11.60
N LYS C 666 -13.41 13.22 -12.76
CA LYS C 666 -12.18 12.67 -13.36
C LYS C 666 -10.92 13.31 -12.77
N TYR C 667 -10.93 14.62 -12.57
CA TYR C 667 -9.71 15.33 -12.22
C TYR C 667 -9.67 15.84 -10.78
N GLY C 668 -10.71 15.59 -9.99
CA GLY C 668 -10.63 15.94 -8.59
C GLY C 668 -9.68 15.05 -7.83
N LYS C 669 -9.71 13.74 -8.09
CA LYS C 669 -8.97 12.78 -7.29
C LYS C 669 -7.45 12.96 -7.41
N GLU C 670 -6.94 13.43 -8.55
CA GLU C 670 -5.49 13.61 -8.64
C GLU C 670 -5.01 14.80 -7.83
N MET C 671 -5.90 15.72 -7.45
CA MET C 671 -5.57 16.71 -6.45
C MET C 671 -5.76 16.19 -5.03
N GLY C 672 -6.27 14.97 -4.88
CA GLY C 672 -6.50 14.38 -3.58
C GLY C 672 -7.70 14.90 -2.83
N ILE C 673 -8.67 15.48 -3.53
CA ILE C 673 -9.85 16.07 -2.91
C ILE C 673 -11.07 15.80 -3.80
N ASN C 674 -12.25 16.02 -3.23
CA ASN C 674 -13.47 16.19 -4.00
C ASN C 674 -13.58 17.65 -4.41
N ASN C 675 -13.52 17.93 -5.70
CA ASN C 675 -13.68 19.29 -6.21
C ASN C 675 -14.95 19.33 -7.06
N ASP C 676 -16.09 19.50 -6.40
CA ASP C 676 -17.38 19.24 -7.01
C ASP C 676 -18.02 20.51 -7.59
N ALA C 677 -18.90 20.29 -8.55
CA ALA C 677 -19.62 21.39 -9.20
C ALA C 677 -20.70 21.94 -8.26
N ARG C 678 -20.66 23.24 -8.03
CA ARG C 678 -21.58 23.89 -7.11
C ARG C 678 -22.21 25.11 -7.77
N TYR C 679 -23.45 25.41 -7.38
CA TYR C 679 -24.18 26.52 -7.94
C TYR C 679 -24.60 27.51 -6.86
N VAL C 680 -23.62 27.97 -6.09
CA VAL C 680 -23.85 28.89 -4.98
C VAL C 680 -23.11 30.19 -5.29
N PRO C 681 -23.80 31.31 -5.46
CA PRO C 681 -23.20 32.46 -6.17
C PRO C 681 -22.57 33.55 -5.31
N PHE C 682 -22.79 33.55 -4.00
CA PHE C 682 -22.55 34.76 -3.18
C PHE C 682 -23.40 35.86 -3.83
N THR C 683 -22.87 37.07 -4.00
CA THR C 683 -23.48 38.03 -4.91
C THR C 683 -22.63 38.22 -6.16
N SER C 684 -21.80 37.23 -6.51
CA SER C 684 -20.94 37.32 -7.67
C SER C 684 -21.70 37.34 -8.99
N HIS C 685 -22.99 36.99 -9.01
CA HIS C 685 -23.74 37.11 -10.24
C HIS C 685 -23.90 38.56 -10.67
N VAL C 686 -23.60 39.51 -9.81
CA VAL C 686 -23.63 40.93 -10.16
C VAL C 686 -22.31 41.27 -10.87
N PRO C 687 -21.13 41.09 -10.26
CA PRO C 687 -19.91 41.41 -11.02
C PRO C 687 -19.69 40.51 -12.22
N PHE C 688 -20.09 39.23 -12.16
CA PHE C 688 -19.96 38.37 -13.33
C PHE C 688 -20.82 38.89 -14.48
N GLY C 689 -22.00 39.43 -14.17
CA GLY C 689 -22.81 40.04 -15.19
C GLY C 689 -22.23 41.34 -15.73
N LYS C 690 -21.56 42.11 -14.86
CA LYS C 690 -21.04 43.40 -15.28
C LYS C 690 -19.91 43.30 -16.31
N VAL C 691 -19.34 42.11 -16.51
CA VAL C 691 -18.31 41.91 -17.52
C VAL C 691 -18.83 41.18 -18.73
N VAL C 692 -20.08 40.77 -18.74
CA VAL C 692 -20.68 40.06 -19.87
C VAL C 692 -21.64 41.00 -20.57
N SER C 693 -21.44 41.17 -21.88
CA SER C 693 -22.27 42.06 -22.69
C SER C 693 -23.60 41.39 -22.97
N ALA C 694 -24.38 41.97 -23.89
CA ALA C 694 -25.71 41.44 -24.19
C ALA C 694 -25.63 40.02 -24.72
N THR C 695 -26.56 39.18 -24.28
CA THR C 695 -26.54 37.76 -24.52
C THR C 695 -27.77 37.32 -25.32
N PRO C 696 -27.70 36.17 -26.02
CA PRO C 696 -28.78 35.77 -26.93
C PRO C 696 -30.13 35.48 -26.29
N ASN C 697 -30.23 35.53 -24.97
CA ASN C 697 -31.51 35.30 -24.32
C ASN C 697 -32.32 36.57 -24.10
N GLY C 698 -31.80 37.73 -24.54
CA GLY C 698 -32.47 38.99 -24.37
C GLY C 698 -31.96 39.84 -23.23
N ARG C 699 -31.06 39.31 -22.40
CA ARG C 699 -30.50 40.08 -21.30
C ARG C 699 -29.58 41.16 -21.84
N VAL C 700 -29.78 42.39 -21.39
CA VAL C 700 -28.97 43.53 -21.83
C VAL C 700 -27.55 43.39 -21.28
N ALA C 701 -26.63 44.18 -21.83
CA ALA C 701 -25.24 44.13 -21.40
C ALA C 701 -25.08 44.59 -19.96
N TRP C 702 -24.14 43.98 -19.26
CA TRP C 702 -23.71 44.34 -17.91
C TRP C 702 -24.77 44.07 -16.84
N PHE C 703 -25.88 43.42 -17.20
CA PHE C 703 -26.90 43.06 -16.22
C PHE C 703 -26.48 41.80 -15.47
N PRO C 704 -26.83 41.69 -14.19
CA PRO C 704 -26.45 40.47 -13.42
C PRO C 704 -26.93 39.20 -14.10
N LEU C 705 -26.17 38.13 -13.90
CA LEU C 705 -26.53 36.82 -14.40
C LEU C 705 -27.65 36.21 -13.54
N ALA C 706 -28.16 35.07 -13.98
CA ALA C 706 -29.11 34.32 -13.18
C ALA C 706 -28.45 33.86 -11.88
N ASP C 707 -29.14 34.07 -10.76
CA ASP C 707 -28.58 33.75 -9.45
C ASP C 707 -28.64 32.25 -9.17
N GLY C 708 -27.51 31.69 -8.76
CA GLY C 708 -27.46 30.28 -8.40
C GLY C 708 -27.98 29.39 -9.51
N SER C 709 -28.79 28.41 -9.15
CA SER C 709 -29.48 27.56 -10.11
C SER C 709 -30.94 27.97 -10.30
N SER C 710 -31.25 29.23 -10.00
CA SER C 710 -32.57 29.78 -10.24
C SER C 710 -32.73 30.12 -11.71
N PRO C 711 -33.96 30.26 -12.19
CA PRO C 711 -34.17 30.69 -13.58
C PRO C 711 -33.69 32.11 -13.80
N SER C 712 -33.37 32.41 -15.06
CA SER C 712 -33.11 33.79 -15.45
C SER C 712 -34.30 34.67 -15.09
N HIS C 713 -34.01 35.94 -14.82
CA HIS C 713 -35.00 36.90 -14.36
C HIS C 713 -36.17 36.97 -15.33
N GLY C 714 -37.37 36.64 -14.83
CA GLY C 714 -38.55 36.71 -15.66
C GLY C 714 -38.67 35.64 -16.72
N ALA C 715 -37.89 34.57 -16.62
CA ALA C 715 -37.95 33.49 -17.60
C ALA C 715 -38.84 32.34 -17.14
N ASP C 716 -39.31 32.34 -15.89
CA ASP C 716 -40.13 31.27 -15.34
C ASP C 716 -41.60 31.69 -15.48
N HIS C 717 -42.25 31.19 -16.53
CA HIS C 717 -43.64 31.53 -16.81
C HIS C 717 -44.59 30.37 -16.57
N ASN C 718 -44.14 29.29 -15.93
CA ASN C 718 -44.95 28.09 -15.75
C ASN C 718 -45.13 27.71 -14.29
N GLY C 719 -45.03 28.67 -13.38
CA GLY C 719 -45.27 28.45 -11.97
C GLY C 719 -44.02 28.09 -11.18
N PRO C 720 -44.13 28.11 -9.85
CA PRO C 720 -42.94 27.86 -9.01
C PRO C 720 -42.52 26.40 -8.95
N THR C 721 -43.49 25.47 -9.00
CA THR C 721 -43.14 24.06 -8.94
C THR C 721 -42.33 23.65 -10.16
N ALA C 722 -42.57 24.28 -11.32
CA ALA C 722 -41.77 23.99 -12.50
C ALA C 722 -40.30 24.32 -12.26
N ILE C 723 -40.02 25.32 -11.42
CA ILE C 723 -38.64 25.63 -11.07
C ILE C 723 -37.99 24.44 -10.38
N LEU C 724 -38.74 23.77 -9.50
CA LEU C 724 -38.22 22.60 -8.81
C LEU C 724 -37.92 21.47 -9.79
N LEU C 725 -38.83 21.25 -10.75
CA LEU C 725 -38.64 20.18 -11.71
C LEU C 725 -37.49 20.46 -12.66
N SER C 726 -37.29 21.72 -13.03
CA SER C 726 -36.17 22.07 -13.90
C SER C 726 -34.82 21.82 -13.23
N ASN C 727 -34.72 22.15 -11.93
CA ASN C 727 -33.49 21.84 -11.19
C ASN C 727 -33.23 20.33 -11.19
N HIS C 728 -34.26 19.54 -10.95
CA HIS C 728 -34.11 18.09 -10.99
C HIS C 728 -33.78 17.60 -12.40
N ASN C 729 -34.41 18.19 -13.41
CA ASN C 729 -34.22 17.71 -14.78
C ASN C 729 -32.87 18.09 -15.36
N THR C 730 -32.16 19.04 -14.74
CA THR C 730 -30.83 19.44 -15.22
C THR C 730 -29.70 18.88 -14.35
N LYS C 731 -30.00 18.01 -13.40
CA LYS C 731 -28.98 17.36 -12.59
C LYS C 731 -28.68 15.96 -13.13
N ASN C 732 -27.56 15.41 -12.68
CA ASN C 732 -27.06 14.11 -13.14
C ASN C 732 -26.84 13.22 -11.92
N TYR C 733 -27.92 12.65 -11.40
CA TYR C 733 -27.86 11.85 -10.18
C TYR C 733 -27.06 10.56 -10.35
N GLY C 734 -26.70 10.19 -11.58
CA GLY C 734 -25.85 9.03 -11.80
C GLY C 734 -24.40 9.25 -11.43
N MET C 735 -23.99 10.49 -11.21
CA MET C 735 -22.65 10.81 -10.73
C MET C 735 -22.77 11.52 -9.39
N ARG C 736 -21.63 11.66 -8.71
CA ARG C 736 -21.62 12.24 -7.38
C ARG C 736 -20.76 13.50 -7.25
N ALA C 737 -19.94 13.83 -8.26
CA ALA C 737 -19.03 14.95 -8.15
C ALA C 737 -19.78 16.28 -8.23
N ARG C 738 -20.80 16.44 -7.39
CA ARG C 738 -21.60 17.64 -7.31
C ARG C 738 -21.76 18.05 -5.86
N ALA C 739 -22.12 19.32 -5.67
CA ALA C 739 -22.45 19.83 -4.34
C ALA C 739 -23.76 20.58 -4.42
N ALA C 740 -23.90 21.64 -3.60
CA ALA C 740 -25.17 22.32 -3.45
C ALA C 740 -25.54 23.13 -4.69
N ARG C 741 -26.84 23.39 -4.82
CA ARG C 741 -27.38 24.35 -5.77
C ARG C 741 -28.25 25.34 -5.00
N LEU C 742 -28.03 26.63 -5.21
CA LEU C 742 -28.82 27.66 -4.55
C LEU C 742 -30.07 27.99 -5.38
N ILE C 743 -31.23 27.89 -4.77
CA ILE C 743 -32.50 28.22 -5.41
C ILE C 743 -33.15 29.38 -4.68
N ASN C 744 -33.50 30.43 -5.42
CA ASN C 744 -34.24 31.58 -4.91
C ASN C 744 -35.64 31.55 -5.53
N VAL C 745 -36.67 31.56 -4.68
CA VAL C 745 -38.06 31.63 -5.12
C VAL C 745 -38.74 32.77 -4.36
N LYS C 746 -39.52 33.57 -5.07
CA LYS C 746 -40.23 34.69 -4.47
C LYS C 746 -41.73 34.48 -4.59
N PHE C 747 -42.43 34.63 -3.47
CA PHE C 747 -43.88 34.59 -3.42
C PHE C 747 -44.43 35.96 -3.02
N THR C 748 -45.64 36.26 -3.49
CA THR C 748 -46.33 37.39 -2.90
C THR C 748 -46.94 36.97 -1.56
N PRO C 749 -47.12 37.91 -0.64
CA PRO C 749 -47.77 37.55 0.63
C PRO C 749 -49.17 36.97 0.43
N LYS C 750 -49.90 37.42 -0.59
CA LYS C 750 -51.23 36.87 -0.85
C LYS C 750 -51.14 35.41 -1.30
N CYS C 751 -50.07 35.04 -2.00
CA CYS C 751 -49.93 33.67 -2.48
C CYS C 751 -49.94 32.66 -1.33
N VAL C 752 -49.38 33.03 -0.19
CA VAL C 752 -49.23 32.09 0.92
C VAL C 752 -50.03 32.56 2.12
N GLU C 753 -51.15 33.24 1.88
CA GLU C 753 -51.96 33.80 2.94
C GLU C 753 -52.69 32.72 3.74
N GLY C 754 -52.78 32.91 5.05
CA GLY C 754 -53.62 32.07 5.89
C GLY C 754 -53.14 30.63 5.98
N ASP C 755 -53.93 29.83 6.70
CA ASP C 755 -53.59 28.41 6.86
C ASP C 755 -53.56 27.69 5.53
N ALA C 756 -54.42 28.09 4.58
CA ALA C 756 -54.35 27.53 3.24
C ALA C 756 -53.00 27.83 2.58
N GLY C 757 -52.43 29.00 2.87
CA GLY C 757 -51.13 29.33 2.32
C GLY C 757 -50.00 28.54 2.95
N THR C 758 -50.07 28.33 4.28
CA THR C 758 -49.04 27.53 4.94
C THR C 758 -49.07 26.09 4.41
N GLU C 759 -50.27 25.56 4.14
CA GLU C 759 -50.37 24.21 3.61
C GLU C 759 -49.67 24.08 2.27
N LYS C 760 -49.86 25.08 1.39
CA LYS C 760 -49.19 25.04 0.10
C LYS C 760 -47.68 25.14 0.26
N LEU C 761 -47.21 25.97 1.19
CA LEU C 761 -45.78 26.11 1.40
C LEU C 761 -45.17 24.85 2.00
N VAL C 762 -45.90 24.19 2.93
CA VAL C 762 -45.44 22.93 3.49
C VAL C 762 -45.40 21.86 2.41
N GLN C 763 -46.46 21.78 1.61
CA GLN C 763 -46.52 20.81 0.51
C GLN C 763 -45.46 21.11 -0.55
N PHE C 764 -45.13 22.38 -0.76
CA PHE C 764 -44.04 22.74 -1.66
C PHE C 764 -42.69 22.26 -1.14
N ILE C 765 -42.47 22.38 0.17
CA ILE C 765 -41.21 21.93 0.77
C ILE C 765 -41.09 20.41 0.69
N ARG C 766 -42.22 19.70 0.86
CA ARG C 766 -42.19 18.25 0.77
C ARG C 766 -41.84 17.77 -0.63
N THR C 767 -42.34 18.46 -1.66
CA THR C 767 -41.97 18.12 -3.02
C THR C 767 -40.50 18.43 -3.29
N TRP C 768 -40.03 19.60 -2.84
CA TRP C 768 -38.62 19.94 -2.95
C TRP C 768 -37.75 18.90 -2.27
N CYS C 769 -38.22 18.34 -1.15
CA CYS C 769 -37.42 17.36 -0.43
C CYS C 769 -37.37 16.04 -1.19
N ASP C 770 -38.52 15.58 -1.69
CA ASP C 770 -38.57 14.32 -2.44
C ASP C 770 -37.76 14.38 -3.73
N LEU C 771 -37.62 15.56 -4.33
CA LEU C 771 -36.85 15.72 -5.55
C LEU C 771 -35.34 15.70 -5.31
N LYS C 772 -34.90 15.50 -4.07
CA LYS C 772 -33.48 15.46 -3.71
C LYS C 772 -32.77 16.75 -4.10
N LEU C 773 -33.47 17.87 -3.96
CA LEU C 773 -32.87 19.18 -4.19
C LEU C 773 -32.22 19.65 -2.90
N TRP C 774 -30.99 20.17 -3.02
CA TRP C 774 -30.15 20.46 -1.86
C TRP C 774 -30.72 21.60 -1.02
N HIS C 775 -31.12 22.70 -1.66
CA HIS C 775 -31.39 23.94 -0.97
C HIS C 775 -32.59 24.64 -1.58
N ILE C 776 -33.26 25.48 -0.77
CA ILE C 776 -34.25 26.41 -1.30
C ILE C 776 -34.48 27.52 -0.28
N GLN C 777 -34.83 28.70 -0.78
CA GLN C 777 -35.06 29.91 0.00
C GLN C 777 -36.27 30.63 -0.55
N PHE C 778 -36.87 31.48 0.28
CA PHE C 778 -38.07 32.17 -0.16
C PHE C 778 -38.05 33.64 0.27
N ASN C 779 -38.39 34.51 -0.69
CA ASN C 779 -38.86 35.86 -0.40
C ASN C 779 -40.38 35.85 -0.40
N VAL C 780 -40.96 36.55 0.56
CA VAL C 780 -42.42 36.75 0.63
C VAL C 780 -42.61 38.26 0.72
N ILE C 781 -42.83 38.89 -0.43
CA ILE C 781 -42.81 40.35 -0.50
C ILE C 781 -43.56 40.79 -1.75
N ASN C 782 -44.05 42.02 -1.74
CA ASN C 782 -44.69 42.59 -2.91
C ASN C 782 -43.74 43.45 -3.73
N ALA C 783 -43.95 43.45 -5.04
CA ALA C 783 -43.10 44.23 -5.94
C ALA C 783 -43.08 45.72 -5.59
N ASP C 784 -44.19 46.25 -5.09
CA ASP C 784 -44.24 47.68 -4.78
C ASP C 784 -43.31 48.06 -3.63
N THR C 785 -43.09 47.13 -2.69
CA THR C 785 -42.22 47.40 -1.55
C THR C 785 -40.79 47.69 -2.02
N LEU C 786 -40.29 46.91 -2.98
CA LEU C 786 -38.94 47.12 -3.49
C LEU C 786 -38.84 48.43 -4.27
N LYS C 787 -39.82 48.71 -5.12
CA LYS C 787 -39.77 49.94 -5.91
C LYS C 787 -39.93 51.17 -5.02
N LYS C 788 -40.79 51.09 -4.00
CA LYS C 788 -40.92 52.22 -3.07
C LYS C 788 -39.64 52.42 -2.26
N ALA C 789 -38.94 51.33 -1.93
CA ALA C 789 -37.69 51.45 -1.19
C ALA C 789 -36.59 52.04 -2.06
N GLN C 790 -36.63 51.77 -3.37
CA GLN C 790 -35.64 52.36 -4.28
C GLN C 790 -35.80 53.87 -4.34
N LYS C 791 -37.04 54.37 -4.39
CA LYS C 791 -37.27 55.79 -4.53
C LYS C 791 -37.06 56.54 -3.22
N ASP C 792 -37.52 55.96 -2.11
CA ASP C 792 -37.41 56.57 -0.78
C ASP C 792 -36.62 55.61 0.11
N PRO C 793 -35.29 55.54 -0.06
CA PRO C 793 -34.53 54.57 0.73
C PRO C 793 -34.43 54.89 2.21
N GLN C 794 -34.49 56.17 2.61
CA GLN C 794 -34.37 56.46 4.03
C GLN C 794 -35.61 56.00 4.79
N LYS C 795 -36.79 56.15 4.19
CA LYS C 795 -38.01 55.73 4.87
C LYS C 795 -38.11 54.21 4.97
N TYR C 796 -37.57 53.47 4.01
CA TYR C 796 -37.66 52.02 4.00
C TYR C 796 -36.33 51.36 4.37
N ARG C 797 -35.51 52.05 5.17
CA ARG C 797 -34.15 51.58 5.45
C ARG C 797 -34.10 50.32 6.31
N ASN C 798 -35.23 49.89 6.88
CA ASN C 798 -35.29 48.66 7.66
C ASN C 798 -35.80 47.48 6.84
N LEU C 799 -35.89 47.63 5.52
CA LEU C 799 -36.37 46.56 4.65
C LEU C 799 -35.31 45.49 4.49
N ILE C 800 -35.71 44.24 4.69
CA ILE C 800 -34.82 43.08 4.65
C ILE C 800 -35.30 42.14 3.55
N VAL C 801 -34.39 41.73 2.68
CA VAL C 801 -34.71 40.84 1.57
C VAL C 801 -33.70 39.71 1.56
N ARG C 802 -34.16 38.54 1.12
CA ARG C 802 -33.30 37.37 0.98
C ARG C 802 -32.62 37.44 -0.38
N ILE C 803 -31.29 37.40 -0.39
CA ILE C 803 -30.51 37.63 -1.60
C ILE C 803 -29.95 36.32 -2.13
N ALA C 804 -28.98 35.74 -1.41
CA ALA C 804 -28.33 34.51 -1.87
C ALA C 804 -27.66 33.84 -0.67
N GLY C 805 -28.42 32.99 0.01
CA GLY C 805 -27.94 32.37 1.23
C GLY C 805 -28.10 33.22 2.46
N TYR C 806 -28.38 34.50 2.32
CA TYR C 806 -28.40 35.44 3.43
C TYR C 806 -29.39 36.56 3.13
N SER C 807 -29.83 37.23 4.17
CA SER C 807 -30.68 38.40 4.05
C SER C 807 -29.88 39.66 4.44
N ALA C 808 -30.29 40.79 3.85
CA ALA C 808 -29.61 42.05 4.08
C ALA C 808 -30.60 43.19 3.95
N TYR C 809 -30.15 44.39 4.31
CA TYR C 809 -30.95 45.59 4.13
C TYR C 809 -30.91 45.99 2.66
N PHE C 810 -32.10 46.15 2.06
CA PHE C 810 -32.20 46.38 0.63
C PHE C 810 -31.49 47.66 0.19
N VAL C 811 -31.50 48.71 1.05
CA VAL C 811 -30.89 49.98 0.66
C VAL C 811 -29.36 49.91 0.67
N ASP C 812 -28.78 48.89 1.31
CA ASP C 812 -27.33 48.73 1.28
C ASP C 812 -26.82 48.15 -0.04
N LEU C 813 -27.72 47.72 -0.91
CA LEU C 813 -27.34 47.04 -2.14
C LEU C 813 -27.16 48.03 -3.27
N THR C 814 -26.22 47.74 -4.17
CA THR C 814 -26.02 48.57 -5.34
C THR C 814 -27.24 48.47 -6.26
N PRO C 815 -27.44 49.47 -7.13
CA PRO C 815 -28.56 49.39 -8.09
C PRO C 815 -28.58 48.12 -8.92
N ASP C 816 -27.42 47.63 -9.34
CA ASP C 816 -27.37 46.39 -10.13
C ASP C 816 -27.99 45.23 -9.35
N LEU C 817 -27.61 45.08 -8.08
CA LEU C 817 -28.15 44.01 -7.26
C LEU C 817 -29.62 44.24 -6.92
N GLN C 818 -30.01 45.50 -6.71
CA GLN C 818 -31.43 45.79 -6.51
C GLN C 818 -32.25 45.40 -7.74
N ASN C 819 -31.70 45.62 -8.94
CA ASN C 819 -32.41 45.23 -10.15
C ASN C 819 -32.59 43.72 -10.22
N ASP C 820 -31.59 42.96 -9.77
CA ASP C 820 -31.75 41.50 -9.68
C ASP C 820 -32.91 41.15 -8.77
N LEU C 821 -32.96 41.75 -7.58
CA LEU C 821 -34.05 41.49 -6.65
C LEU C 821 -35.39 41.87 -7.27
N ILE C 822 -35.45 43.00 -7.97
CA ILE C 822 -36.71 43.45 -8.56
C ILE C 822 -37.12 42.55 -9.73
N ALA C 823 -36.16 42.12 -10.54
CA ALA C 823 -36.47 41.35 -11.74
C ALA C 823 -36.87 39.91 -11.45
N ARG C 824 -36.63 39.40 -10.25
CA ARG C 824 -37.07 38.04 -9.92
C ARG C 824 -38.58 37.95 -9.93
N THR C 825 -39.08 36.87 -10.55
CA THR C 825 -40.52 36.68 -10.66
C THR C 825 -41.17 36.54 -9.29
N GLY C 826 -42.19 37.36 -9.04
CA GLY C 826 -42.98 37.22 -7.84
C GLY C 826 -44.21 36.38 -8.12
N HIS C 827 -44.18 35.11 -7.70
CA HIS C 827 -45.27 34.19 -7.98
C HIS C 827 -46.46 34.46 -7.07
N ASP C 828 -47.60 34.78 -7.68
CA ASP C 828 -48.86 34.99 -6.97
C ASP C 828 -49.65 33.71 -6.80
N GLN C 829 -49.19 32.61 -7.42
CA GLN C 829 -49.85 31.31 -7.40
C GLN C 829 -48.86 30.18 -7.16
N MET C 830 -49.34 29.13 -6.53
CA MET C 830 -48.54 27.91 -6.35
C MET C 830 -49.20 26.72 -7.04
N GLU D 6 -69.26 -8.99 3.57
CA GLU D 6 -68.19 -9.93 3.26
C GLU D 6 -67.65 -9.60 1.87
N ILE D 7 -66.47 -8.99 1.79
CA ILE D 7 -65.88 -8.63 0.51
C ILE D 7 -64.75 -9.62 0.23
N LYS D 8 -64.66 -10.07 -1.01
CA LYS D 8 -63.65 -11.04 -1.43
C LYS D 8 -62.62 -10.39 -2.35
N SER D 9 -61.38 -10.86 -2.25
CA SER D 9 -60.34 -10.40 -3.16
C SER D 9 -60.56 -11.00 -4.53
N PRO D 10 -59.98 -10.41 -5.59
CA PRO D 10 -60.04 -11.04 -6.90
C PRO D 10 -59.56 -12.49 -6.90
N HIS D 11 -58.54 -12.81 -6.11
CA HIS D 11 -58.07 -14.19 -6.02
C HIS D 11 -59.13 -15.10 -5.42
N GLU D 12 -59.82 -14.62 -4.39
CA GLU D 12 -60.90 -15.41 -3.79
C GLU D 12 -62.05 -15.62 -4.79
N GLN D 13 -62.33 -14.61 -5.62
CA GLN D 13 -63.39 -14.75 -6.61
C GLN D 13 -63.01 -15.74 -7.70
N ARG D 14 -61.75 -15.70 -8.16
CA ARG D 14 -61.28 -16.68 -9.13
C ARG D 14 -61.22 -18.08 -8.51
N LEU D 15 -61.00 -18.16 -7.20
CA LEU D 15 -61.07 -19.44 -6.51
C LEU D 15 -62.52 -19.92 -6.42
N GLU D 16 -63.43 -18.98 -6.22
CA GLU D 16 -64.86 -19.30 -6.14
C GLU D 16 -65.39 -19.82 -7.47
N ASP D 17 -65.00 -19.19 -8.58
CA ASP D 17 -65.41 -19.68 -9.90
C ASP D 17 -64.79 -21.04 -10.20
N ASN D 18 -63.52 -21.23 -9.81
CA ASN D 18 -62.84 -22.50 -10.05
C ASN D 18 -63.53 -23.64 -9.32
N ILE D 19 -63.86 -23.42 -8.04
CA ILE D 19 -64.55 -24.46 -7.27
C ILE D 19 -65.92 -24.72 -7.87
N ALA D 20 -66.62 -23.66 -8.30
CA ALA D 20 -67.92 -23.83 -8.92
C ALA D 20 -67.84 -24.47 -10.30
N GLY D 21 -66.65 -24.74 -10.81
CA GLY D 21 -66.50 -25.36 -12.12
C GLY D 21 -66.53 -24.40 -13.30
N LYS D 22 -66.52 -23.09 -13.05
CA LYS D 22 -66.54 -22.13 -14.14
C LYS D 22 -65.16 -21.94 -14.75
N GLU D 23 -65.15 -21.55 -16.03
CA GLU D 23 -63.91 -21.17 -16.68
C GLU D 23 -63.40 -19.86 -16.10
N ASP D 24 -62.08 -19.77 -15.92
CA ASP D 24 -61.48 -18.55 -15.40
C ASP D 24 -61.69 -17.40 -16.38
N ILE D 25 -62.01 -16.22 -15.84
CA ILE D 25 -62.37 -15.09 -16.69
C ILE D 25 -61.21 -14.60 -17.53
N TYR D 26 -59.97 -14.92 -17.17
CA TYR D 26 -58.81 -14.46 -17.94
C TYR D 26 -58.27 -15.52 -18.88
N ARG D 27 -58.96 -16.65 -19.01
CA ARG D 27 -58.43 -17.74 -19.83
C ARG D 27 -58.47 -17.37 -21.32
N GLU D 28 -59.53 -16.68 -21.75
CA GLU D 28 -59.71 -16.42 -23.17
C GLU D 28 -58.62 -15.49 -23.71
N SER D 29 -58.23 -14.50 -22.91
CA SER D 29 -57.17 -13.57 -23.29
C SER D 29 -55.77 -14.06 -22.93
N HIS D 30 -55.64 -15.28 -22.42
CA HIS D 30 -54.35 -15.93 -22.18
C HIS D 30 -54.41 -17.40 -22.59
N LYS D 31 -55.03 -17.67 -23.74
CA LYS D 31 -55.44 -19.04 -24.05
C LYS D 31 -54.25 -19.98 -24.22
N ARG D 32 -53.17 -19.50 -24.85
CA ARG D 32 -52.01 -20.35 -25.09
C ARG D 32 -51.35 -20.77 -23.78
N VAL D 33 -51.11 -19.80 -22.88
CA VAL D 33 -50.40 -20.12 -21.66
C VAL D 33 -51.28 -20.92 -20.70
N PHE D 34 -52.59 -20.70 -20.72
CA PHE D 34 -53.50 -21.53 -19.93
C PHE D 34 -53.44 -22.98 -20.38
N LYS D 35 -53.43 -23.22 -21.69
CA LYS D 35 -53.31 -24.58 -22.20
C LYS D 35 -52.04 -25.26 -21.71
N LEU D 36 -50.94 -24.50 -21.61
CA LEU D 36 -49.67 -25.07 -21.16
C LEU D 36 -49.70 -25.43 -19.68
N LEU D 37 -50.18 -24.51 -18.84
CA LEU D 37 -50.11 -24.74 -17.39
C LEU D 37 -51.11 -25.78 -16.92
N GLU D 38 -52.20 -25.99 -17.66
CA GLU D 38 -53.16 -27.02 -17.30
C GLU D 38 -52.57 -28.42 -17.38
N ARG D 39 -51.44 -28.58 -18.06
CA ARG D 39 -50.83 -29.90 -18.20
C ARG D 39 -50.01 -30.31 -16.98
N PHE D 40 -49.75 -29.39 -16.04
CA PHE D 40 -48.90 -29.74 -14.91
C PHE D 40 -49.27 -29.03 -13.61
N ASP D 41 -50.29 -28.17 -13.59
CA ASP D 41 -50.59 -27.37 -12.41
C ASP D 41 -50.89 -28.26 -11.21
N GLY D 42 -50.10 -28.11 -10.15
CA GLY D 42 -50.30 -28.89 -8.94
C GLY D 42 -49.89 -30.33 -9.08
N GLN D 43 -48.94 -30.63 -9.97
CA GLN D 43 -48.42 -31.97 -10.16
C GLN D 43 -47.18 -32.18 -9.30
N LYS D 44 -47.12 -33.32 -8.62
CA LYS D 44 -45.95 -33.63 -7.82
C LYS D 44 -44.72 -33.69 -8.71
N PRO D 45 -43.71 -32.85 -8.47
CA PRO D 45 -42.56 -32.80 -9.38
C PRO D 45 -41.76 -34.09 -9.37
N ALA D 46 -41.10 -34.36 -10.50
CA ALA D 46 -40.28 -35.54 -10.66
C ALA D 46 -38.81 -35.16 -10.65
N ILE D 47 -37.98 -36.01 -10.02
CA ILE D 47 -36.54 -35.81 -10.02
C ILE D 47 -35.98 -36.21 -11.37
N ASP D 48 -35.17 -35.32 -11.96
CA ASP D 48 -34.47 -35.60 -13.21
C ASP D 48 -32.98 -35.71 -12.93
N VAL D 49 -32.34 -36.73 -13.50
CA VAL D 49 -30.97 -37.07 -13.17
C VAL D 49 -30.00 -36.73 -14.29
N GLU D 50 -30.47 -36.18 -15.41
CA GLU D 50 -29.61 -36.06 -16.59
C GLU D 50 -28.46 -35.08 -16.35
N ARG D 51 -28.77 -33.87 -15.88
CA ARG D 51 -27.70 -32.90 -15.61
C ARG D 51 -26.67 -33.48 -14.67
N ALA D 52 -27.11 -34.07 -13.55
CA ALA D 52 -26.17 -34.60 -12.57
C ALA D 52 -25.37 -35.75 -13.14
N LEU D 53 -26.00 -36.60 -13.97
CA LEU D 53 -25.28 -37.73 -14.54
C LEU D 53 -24.16 -37.27 -15.45
N TYR D 54 -24.46 -36.40 -16.41
CA TYR D 54 -23.44 -35.96 -17.34
C TYR D 54 -22.44 -35.02 -16.68
N PHE D 55 -22.87 -34.26 -15.67
CA PHE D 55 -21.94 -33.48 -14.87
C PHE D 55 -20.94 -34.40 -14.15
N THR D 56 -21.43 -35.48 -13.54
CA THR D 56 -20.57 -36.39 -12.80
C THR D 56 -19.61 -37.13 -13.73
N GLN D 57 -20.07 -37.53 -14.92
CA GLN D 57 -19.19 -38.26 -15.83
C GLN D 57 -17.95 -37.44 -16.17
N SER D 58 -18.13 -36.14 -16.41
CA SER D 58 -17.00 -35.29 -16.77
C SER D 58 -16.11 -35.04 -15.56
N MET D 59 -16.70 -34.67 -14.42
CA MET D 59 -15.92 -34.36 -13.23
C MET D 59 -15.07 -35.55 -12.81
N ALA D 60 -15.61 -36.77 -12.96
CA ALA D 60 -14.87 -37.95 -12.54
C ALA D 60 -13.60 -38.15 -13.35
N GLU D 61 -13.54 -37.60 -14.56
CA GLU D 61 -12.38 -37.76 -15.41
C GLU D 61 -11.44 -36.57 -15.38
N THR D 62 -11.77 -35.52 -14.62
CA THR D 62 -10.94 -34.31 -14.59
C THR D 62 -10.40 -34.00 -13.20
N VAL D 63 -10.46 -34.96 -12.26
CA VAL D 63 -10.03 -34.72 -10.90
C VAL D 63 -8.61 -34.19 -10.88
N GLY D 64 -8.39 -33.12 -10.10
CA GLY D 64 -7.08 -32.53 -9.93
C GLY D 64 -6.83 -31.32 -10.82
N GLN D 65 -7.58 -31.17 -11.90
CA GLN D 65 -7.41 -30.03 -12.80
C GLN D 65 -8.01 -28.78 -12.17
N PRO D 66 -7.71 -27.59 -12.70
CA PRO D 66 -8.31 -26.37 -12.15
C PRO D 66 -9.82 -26.45 -12.12
N LEU D 67 -10.40 -26.04 -10.99
CA LEU D 67 -11.82 -26.30 -10.75
C LEU D 67 -12.72 -25.61 -11.76
N VAL D 68 -12.41 -24.36 -12.11
CA VAL D 68 -13.30 -23.63 -13.01
C VAL D 68 -13.25 -24.25 -14.42
N LEU D 69 -12.09 -24.79 -14.82
CA LEU D 69 -12.01 -25.48 -16.10
C LEU D 69 -12.74 -26.81 -16.05
N ARG D 70 -12.70 -27.50 -14.91
CA ARG D 70 -13.50 -28.72 -14.77
C ARG D 70 -14.99 -28.42 -14.93
N TRP D 71 -15.46 -27.30 -14.35
CA TRP D 71 -16.87 -26.95 -14.49
C TRP D 71 -17.24 -26.71 -15.94
N ALA D 72 -16.38 -26.00 -16.68
CA ALA D 72 -16.67 -25.73 -18.08
C ALA D 72 -16.72 -27.02 -18.89
N LYS D 73 -15.78 -27.93 -18.65
CA LYS D 73 -15.81 -29.22 -19.34
C LYS D 73 -17.08 -30.00 -19.00
N ALA D 74 -17.51 -29.94 -17.74
CA ALA D 74 -18.70 -30.67 -17.33
C ALA D 74 -19.96 -30.06 -17.95
N LEU D 75 -20.03 -28.73 -17.99
CA LEU D 75 -21.18 -28.10 -18.63
C LEU D 75 -21.22 -28.38 -20.13
N MET D 76 -20.06 -28.50 -20.77
CA MET D 76 -20.04 -28.89 -22.17
C MET D 76 -20.51 -30.33 -22.35
N ASN D 77 -20.13 -31.23 -21.45
CA ASN D 77 -20.63 -32.61 -21.54
C ASN D 77 -22.13 -32.65 -21.32
N VAL D 78 -22.63 -31.81 -20.40
CA VAL D 78 -24.07 -31.71 -20.20
C VAL D 78 -24.72 -31.18 -21.47
N ALA D 79 -24.14 -30.14 -22.07
CA ALA D 79 -24.75 -29.50 -23.24
C ALA D 79 -24.82 -30.43 -24.43
N LYS D 80 -23.85 -31.34 -24.56
CA LYS D 80 -23.85 -32.27 -25.70
C LYS D 80 -24.84 -33.41 -25.53
N ASN D 81 -25.16 -33.80 -24.29
CA ASN D 81 -25.89 -35.04 -24.03
C ASN D 81 -27.28 -34.87 -23.44
N ILE D 82 -27.58 -33.74 -22.81
CA ILE D 82 -28.86 -33.62 -22.12
C ILE D 82 -30.01 -33.69 -23.13
N THR D 83 -31.15 -34.18 -22.66
CA THR D 83 -32.34 -34.28 -23.50
C THR D 83 -32.80 -32.90 -23.96
N VAL D 84 -33.00 -32.74 -25.26
CA VAL D 84 -33.53 -31.52 -25.85
C VAL D 84 -34.90 -31.85 -26.44
N MET D 85 -35.90 -31.03 -26.12
CA MET D 85 -37.27 -31.30 -26.54
C MET D 85 -37.96 -30.00 -26.94
N VAL D 86 -39.04 -30.14 -27.70
CA VAL D 86 -39.91 -29.03 -28.10
C VAL D 86 -41.30 -29.33 -27.55
N GLN D 87 -41.74 -28.53 -26.60
CA GLN D 87 -43.06 -28.75 -26.03
C GLN D 87 -44.14 -28.13 -26.90
N ASP D 88 -45.31 -28.74 -26.88
CA ASP D 88 -46.44 -28.26 -27.68
C ASP D 88 -46.86 -26.89 -27.20
N ASP D 89 -47.26 -26.03 -28.15
CA ASP D 89 -47.81 -24.71 -27.86
C ASP D 89 -46.79 -23.75 -27.23
N GLN D 90 -45.59 -24.24 -26.92
CA GLN D 90 -44.57 -23.35 -26.38
C GLN D 90 -43.99 -22.49 -27.50
N LEU D 91 -43.73 -21.23 -27.19
CA LEU D 91 -43.03 -20.32 -28.09
C LEU D 91 -41.56 -20.15 -27.73
N LEU D 92 -41.09 -20.82 -26.68
CA LEU D 92 -39.72 -20.71 -26.21
C LEU D 92 -39.06 -22.08 -26.11
N LEU D 93 -37.76 -22.10 -26.29
CA LEU D 93 -36.93 -23.29 -26.18
C LEU D 93 -36.02 -23.17 -24.96
N GLY D 94 -35.79 -24.29 -24.29
CA GLY D 94 -34.95 -24.30 -23.09
C GLY D 94 -35.57 -25.04 -21.93
N ARG D 95 -34.82 -26.02 -21.39
CA ARG D 95 -35.32 -26.90 -20.34
C ARG D 95 -34.13 -27.63 -19.74
N CYS D 96 -34.26 -28.03 -18.47
CA CYS D 96 -33.17 -28.66 -17.75
C CYS D 96 -33.40 -30.13 -17.44
N GLY D 97 -34.38 -30.76 -18.09
CA GLY D 97 -34.64 -32.16 -17.82
C GLY D 97 -35.45 -32.79 -18.92
N GLY D 98 -35.41 -34.12 -18.95
CA GLY D 98 -36.16 -34.89 -19.93
C GLY D 98 -37.58 -35.20 -19.52
N HIS D 99 -37.89 -35.04 -18.23
CA HIS D 99 -39.25 -35.28 -17.76
C HIS D 99 -40.19 -34.16 -18.22
N ASP D 100 -41.39 -34.55 -18.63
CA ASP D 100 -42.42 -33.57 -18.96
C ASP D 100 -43.20 -33.22 -17.70
N GLY D 101 -43.71 -32.01 -17.65
CA GLY D 101 -44.33 -31.51 -16.44
C GLY D 101 -43.30 -30.88 -15.52
N ARG D 102 -43.64 -30.83 -14.23
CA ARG D 102 -42.74 -30.21 -13.27
C ARG D 102 -41.64 -31.18 -12.86
N TYR D 103 -40.40 -30.67 -12.82
CA TYR D 103 -39.23 -31.47 -12.61
C TYR D 103 -38.20 -30.71 -11.80
N GLY D 104 -37.33 -31.46 -11.14
CA GLY D 104 -36.18 -30.89 -10.45
C GLY D 104 -34.95 -31.71 -10.77
N ILE D 105 -33.79 -31.08 -10.56
CA ILE D 105 -32.52 -31.69 -10.93
C ILE D 105 -31.63 -31.75 -9.68
N LEU D 106 -30.49 -32.42 -9.83
CA LEU D 106 -29.63 -32.74 -8.69
C LEU D 106 -28.26 -32.10 -8.85
N TYR D 107 -27.66 -31.75 -7.71
CA TYR D 107 -26.35 -31.10 -7.67
C TYR D 107 -25.46 -31.89 -6.72
N PRO D 108 -24.94 -33.03 -7.16
CA PRO D 108 -24.19 -33.89 -6.23
C PRO D 108 -22.93 -33.25 -5.70
N GLU D 109 -22.34 -32.31 -6.43
CA GLU D 109 -21.16 -31.61 -5.95
C GLU D 109 -21.44 -30.86 -4.66
N LEU D 110 -22.70 -30.47 -4.45
CA LEU D 110 -23.10 -29.73 -3.26
C LEU D 110 -23.46 -30.67 -2.11
N ASP D 111 -24.45 -31.54 -2.31
CA ASP D 111 -25.03 -32.34 -1.25
C ASP D 111 -25.25 -33.78 -1.72
N GLY D 112 -24.28 -34.33 -2.45
CA GLY D 112 -24.40 -35.69 -2.94
C GLY D 112 -24.47 -36.74 -1.85
N ASP D 113 -23.98 -36.44 -0.66
CA ASP D 113 -24.05 -37.39 0.45
C ASP D 113 -25.47 -37.53 1.00
N PHE D 114 -26.41 -36.72 0.55
CA PHE D 114 -27.81 -36.86 0.92
C PHE D 114 -28.60 -37.66 -0.11
N LEU D 115 -27.94 -38.22 -1.13
CA LEU D 115 -28.67 -38.83 -2.23
C LEU D 115 -29.39 -40.10 -1.81
N ASP D 116 -28.74 -40.96 -1.02
CA ASP D 116 -29.41 -42.16 -0.52
C ASP D 116 -30.60 -41.80 0.35
N ILE D 117 -30.44 -40.79 1.22
CA ILE D 117 -31.56 -40.29 2.00
C ILE D 117 -32.66 -39.78 1.08
N ALA D 118 -32.30 -39.02 0.06
CA ALA D 118 -33.29 -38.45 -0.85
C ALA D 118 -34.02 -39.55 -1.61
N VAL D 119 -33.31 -40.63 -1.96
CA VAL D 119 -33.92 -41.68 -2.77
C VAL D 119 -35.08 -42.32 -2.02
N ARG D 120 -34.96 -42.48 -0.70
CA ARG D 120 -36.02 -43.14 0.07
C ARG D 120 -36.95 -42.17 0.79
N ASP D 121 -36.54 -40.93 1.05
CA ASP D 121 -37.33 -40.03 1.88
C ASP D 121 -38.06 -38.94 1.12
N LEU D 122 -37.60 -38.59 -0.08
CA LEU D 122 -38.20 -37.46 -0.79
C LEU D 122 -39.66 -37.68 -1.19
N PRO D 123 -40.07 -38.83 -1.72
CA PRO D 123 -41.48 -38.94 -2.16
C PRO D 123 -42.52 -38.79 -1.05
N THR D 124 -42.18 -39.08 0.21
CA THR D 124 -43.13 -38.99 1.32
C THR D 124 -42.72 -37.96 2.35
N ARG D 125 -41.82 -37.04 2.00
CA ARG D 125 -41.39 -36.02 2.94
C ARG D 125 -42.51 -34.99 3.15
N PRO D 126 -42.72 -34.53 4.39
CA PRO D 126 -43.80 -33.56 4.63
C PRO D 126 -43.66 -32.28 3.82
N GLN D 127 -42.45 -31.72 3.74
CA GLN D 127 -42.19 -30.50 3.00
C GLN D 127 -41.75 -30.84 1.58
N SER D 128 -42.42 -30.25 0.59
CA SER D 128 -42.04 -30.30 -0.82
C SER D 128 -41.60 -31.69 -1.27
N PRO D 129 -42.51 -32.66 -1.33
CA PRO D 129 -42.11 -34.00 -1.77
C PRO D 129 -41.85 -34.03 -3.26
N ALA D 130 -41.17 -35.09 -3.70
CA ALA D 130 -40.86 -35.26 -5.12
C ALA D 130 -40.80 -36.73 -5.45
N SER D 131 -41.32 -37.09 -6.63
CA SER D 131 -41.27 -38.47 -7.06
C SER D 131 -39.88 -38.83 -7.59
N ILE D 132 -39.60 -40.13 -7.60
CA ILE D 132 -38.35 -40.63 -8.17
C ILE D 132 -38.60 -42.02 -8.76
N SER D 133 -38.50 -42.12 -10.08
CA SER D 133 -38.78 -43.38 -10.76
C SER D 133 -37.72 -44.43 -10.39
N PRO D 134 -38.08 -45.72 -10.50
CA PRO D 134 -37.08 -46.76 -10.18
C PRO D 134 -35.85 -46.73 -11.08
N GLU D 135 -35.99 -46.38 -12.36
CA GLU D 135 -34.82 -46.25 -13.22
C GLU D 135 -33.96 -45.06 -12.82
N ASP D 136 -34.59 -43.93 -12.47
CA ASP D 136 -33.82 -42.78 -12.04
C ASP D 136 -33.09 -43.06 -10.73
N ALA D 137 -33.74 -43.77 -9.80
CA ALA D 137 -33.09 -44.12 -8.55
C ALA D 137 -31.88 -45.01 -8.79
N LYS D 138 -31.97 -45.93 -9.75
CA LYS D 138 -30.85 -46.80 -10.06
C LYS D 138 -29.66 -46.00 -10.58
N ILE D 139 -29.90 -45.08 -11.51
CA ILE D 139 -28.82 -44.25 -12.05
C ILE D 139 -28.17 -43.43 -10.93
N VAL D 140 -28.98 -42.95 -9.99
CA VAL D 140 -28.47 -42.11 -8.91
C VAL D 140 -27.49 -42.90 -8.05
N VAL D 141 -27.93 -44.04 -7.52
CA VAL D 141 -27.12 -44.75 -6.53
C VAL D 141 -25.97 -45.52 -7.14
N GLU D 142 -25.99 -45.78 -8.46
CA GLU D 142 -24.95 -46.58 -9.09
C GLU D 142 -23.94 -45.76 -9.89
N GLN D 143 -24.35 -44.62 -10.46
CA GLN D 143 -23.45 -43.86 -11.32
C GLN D 143 -23.18 -42.43 -10.85
N ILE D 144 -23.99 -41.88 -9.95
CA ILE D 144 -23.81 -40.52 -9.46
C ILE D 144 -23.26 -40.52 -8.04
N ALA D 145 -23.95 -41.19 -7.12
CA ALA D 145 -23.51 -41.21 -5.72
C ALA D 145 -22.12 -41.82 -5.51
N PRO D 146 -21.71 -42.90 -6.19
CA PRO D 146 -20.41 -43.50 -5.87
C PRO D 146 -19.22 -42.57 -6.03
N PHE D 147 -19.18 -41.75 -7.08
CA PHE D 147 -18.03 -40.88 -7.28
C PHE D 147 -17.91 -39.83 -6.19
N TRP D 148 -19.04 -39.28 -5.75
CA TRP D 148 -19.03 -38.13 -4.84
C TRP D 148 -18.84 -38.51 -3.38
N LYS D 149 -18.74 -39.81 -3.05
CA LYS D 149 -18.53 -40.20 -1.67
C LYS D 149 -17.18 -39.69 -1.18
N GLY D 150 -17.20 -38.85 -0.15
CA GLY D 150 -16.02 -38.18 0.34
C GLY D 150 -15.60 -36.96 -0.45
N ARG D 151 -16.43 -36.51 -1.40
CA ARG D 151 -16.07 -35.39 -2.27
C ARG D 151 -17.08 -34.25 -2.28
N THR D 152 -18.24 -34.39 -1.64
CA THR D 152 -19.22 -33.32 -1.71
C THR D 152 -18.81 -32.17 -0.80
N TYR D 153 -19.38 -30.98 -1.08
CA TYR D 153 -19.09 -29.83 -0.25
C TYR D 153 -19.60 -30.04 1.18
N HIS D 154 -20.79 -30.61 1.31
CA HIS D 154 -21.36 -30.81 2.63
C HIS D 154 -20.46 -31.67 3.51
N GLU D 155 -19.84 -32.70 2.93
CA GLU D 155 -18.91 -33.53 3.68
C GLU D 155 -17.71 -32.71 4.16
N ALA D 156 -17.17 -31.85 3.30
CA ALA D 156 -16.03 -31.02 3.68
C ALA D 156 -16.40 -30.05 4.80
N LEU D 157 -17.53 -29.36 4.65
CA LEU D 157 -17.96 -28.41 5.68
C LEU D 157 -18.19 -29.10 7.01
N ASN D 158 -18.80 -30.29 6.99
CA ASN D 158 -19.07 -31.02 8.21
C ASN D 158 -17.78 -31.36 8.95
N LYS D 159 -16.78 -31.85 8.23
CA LYS D 159 -15.51 -32.24 8.84
C LYS D 159 -14.63 -31.05 9.20
N ALA D 160 -14.95 -29.84 8.75
CA ALA D 160 -14.11 -28.68 8.98
C ALA D 160 -14.54 -27.85 10.19
N LEU D 161 -15.72 -28.10 10.74
CA LEU D 161 -16.15 -27.31 11.88
C LEU D 161 -15.53 -27.86 13.17
N PRO D 162 -15.02 -26.99 14.05
CA PRO D 162 -14.57 -27.45 15.36
C PRO D 162 -15.74 -27.92 16.19
N ALA D 163 -15.42 -28.61 17.28
CA ALA D 163 -16.44 -29.27 18.09
C ALA D 163 -17.50 -28.28 18.59
N GLU D 164 -17.06 -27.16 19.17
CA GLU D 164 -18.02 -26.22 19.75
C GLU D 164 -18.87 -25.52 18.69
N VAL D 165 -18.38 -25.41 17.45
CA VAL D 165 -19.21 -24.86 16.39
C VAL D 165 -20.10 -25.95 15.80
N HIS D 166 -19.54 -27.17 15.65
CA HIS D 166 -20.34 -28.29 15.17
C HIS D 166 -21.49 -28.59 16.13
N LYS D 167 -21.27 -28.36 17.42
CA LYS D 167 -22.29 -28.67 18.42
C LYS D 167 -23.54 -27.81 18.24
N LEU D 168 -23.39 -26.60 17.71
CA LEU D 168 -24.52 -25.70 17.45
C LEU D 168 -24.98 -25.73 15.99
N THR D 169 -24.35 -26.54 15.14
CA THR D 169 -24.73 -26.62 13.73
C THR D 169 -25.52 -27.89 13.41
N TYR D 170 -25.02 -29.06 13.78
CA TYR D 170 -25.61 -30.33 13.41
C TYR D 170 -25.92 -31.18 14.64
N ASP D 171 -26.84 -32.12 14.45
CA ASP D 171 -27.21 -33.04 15.53
C ASP D 171 -26.47 -34.37 15.46
N ASP D 172 -26.05 -34.81 14.28
CA ASP D 172 -25.34 -36.07 14.13
C ASP D 172 -23.92 -35.83 13.61
N PRO D 173 -23.01 -36.80 13.78
CA PRO D 173 -21.63 -36.59 13.34
C PRO D 173 -21.46 -36.46 11.83
N ASP D 174 -22.44 -36.88 11.02
CA ASP D 174 -22.32 -36.74 9.58
C ASP D 174 -22.93 -35.45 9.04
N GLY D 175 -23.49 -34.60 9.89
CA GLY D 175 -24.07 -33.36 9.44
C GLY D 175 -25.35 -33.49 8.63
N LEU D 176 -26.01 -34.65 8.71
CA LEU D 176 -27.22 -34.88 7.94
C LEU D 176 -28.44 -34.23 8.58
N ILE D 177 -28.41 -34.00 9.89
CA ILE D 177 -29.51 -33.38 10.63
C ILE D 177 -29.01 -32.11 11.29
N SER D 178 -29.71 -31.01 11.07
CA SER D 178 -29.38 -29.76 11.71
C SER D 178 -29.99 -29.68 13.11
N ARG D 179 -29.44 -28.81 13.94
CA ARG D 179 -30.03 -28.48 15.24
C ARG D 179 -30.87 -27.21 15.20
N PHE D 180 -30.80 -26.43 14.12
CA PHE D 180 -31.57 -25.20 13.96
C PHE D 180 -31.25 -24.19 15.07
N ILE D 181 -29.97 -24.12 15.44
CA ILE D 181 -29.47 -23.13 16.38
C ILE D 181 -28.64 -22.10 15.60
N VAL D 182 -27.47 -22.52 15.13
CA VAL D 182 -26.71 -21.72 14.18
C VAL D 182 -26.68 -22.49 12.86
N ASN D 183 -27.68 -22.28 12.02
CA ASN D 183 -27.89 -23.09 10.83
C ASN D 183 -27.09 -22.51 9.67
N GLU D 184 -26.17 -23.30 9.13
CA GLU D 184 -25.52 -22.96 7.88
C GLU D 184 -26.48 -23.23 6.73
N THR D 185 -26.44 -22.36 5.71
CA THR D 185 -27.30 -22.52 4.55
C THR D 185 -26.51 -22.78 3.28
N SER D 186 -25.20 -22.95 3.37
CA SER D 186 -24.36 -23.19 2.22
C SER D 186 -24.36 -24.63 1.75
N SER D 187 -24.99 -25.54 2.51
CA SER D 187 -24.97 -26.95 2.13
C SER D 187 -26.19 -27.37 1.31
N PHE D 188 -27.24 -26.55 1.26
CA PHE D 188 -28.40 -26.86 0.44
C PHE D 188 -28.63 -25.78 -0.63
N ARG D 189 -27.57 -25.07 -1.01
CA ARG D 189 -27.57 -24.28 -2.24
C ARG D 189 -26.12 -23.97 -2.60
N SER D 190 -25.83 -23.96 -3.91
CA SER D 190 -24.47 -23.72 -4.37
C SER D 190 -23.96 -22.36 -3.90
N SER D 191 -24.82 -21.36 -3.91
CA SER D 191 -24.46 -20.00 -3.53
C SER D 191 -25.71 -19.30 -3.02
N ILE D 192 -25.55 -18.02 -2.66
CA ILE D 192 -26.71 -17.21 -2.34
C ILE D 192 -27.33 -16.75 -3.66
N GLN D 193 -28.33 -15.89 -3.58
CA GLN D 193 -29.00 -15.39 -4.78
C GLN D 193 -28.00 -14.69 -5.71
N TRP D 194 -28.37 -14.60 -6.98
CA TRP D 194 -27.51 -13.98 -7.97
C TRP D 194 -28.35 -13.46 -9.12
N VAL D 195 -27.86 -12.41 -9.77
CA VAL D 195 -28.47 -11.86 -10.97
C VAL D 195 -27.38 -11.73 -12.03
N HIS D 196 -27.54 -12.43 -13.14
CA HIS D 196 -26.61 -12.30 -14.25
C HIS D 196 -26.78 -10.94 -14.93
N ASP D 197 -25.71 -10.50 -15.59
CA ASP D 197 -25.77 -9.31 -16.45
C ASP D 197 -26.38 -9.75 -17.78
N TYR D 198 -27.72 -9.84 -17.79
CA TYR D 198 -28.40 -10.30 -19.00
C TYR D 198 -28.29 -9.28 -20.14
N GLU D 199 -28.15 -8.00 -19.80
CA GLU D 199 -28.12 -6.99 -20.85
C GLU D 199 -26.87 -7.10 -21.71
N VAL D 200 -25.76 -7.60 -21.17
CA VAL D 200 -24.58 -7.77 -22.01
C VAL D 200 -24.78 -8.92 -22.98
N VAL D 201 -25.60 -9.91 -22.60
CA VAL D 201 -25.93 -10.97 -23.55
C VAL D 201 -26.83 -10.42 -24.66
N LEU D 202 -27.76 -9.53 -24.31
CA LEU D 202 -28.64 -8.93 -25.30
C LEU D 202 -27.88 -8.02 -26.26
N LYS D 203 -26.86 -7.33 -25.78
CA LYS D 203 -26.17 -6.33 -26.58
C LYS D 203 -24.93 -6.84 -27.30
N ARG D 204 -24.25 -7.85 -26.74
CA ARG D 204 -23.01 -8.36 -27.30
C ARG D 204 -23.04 -9.85 -27.61
N GLY D 205 -23.90 -10.63 -26.95
CA GLY D 205 -23.97 -12.05 -27.19
C GLY D 205 -22.74 -12.81 -26.72
N PHE D 206 -22.87 -14.12 -26.56
CA PHE D 206 -21.73 -14.92 -26.12
C PHE D 206 -20.63 -14.98 -27.18
N ASN D 207 -20.94 -14.69 -28.44
CA ASN D 207 -19.87 -14.54 -29.43
C ASN D 207 -18.99 -13.34 -29.08
N GLY D 208 -19.60 -12.25 -28.63
CA GLY D 208 -18.82 -11.08 -28.24
C GLY D 208 -17.98 -11.33 -27.01
N LEU D 209 -18.55 -12.00 -26.00
CA LEU D 209 -17.79 -12.35 -24.81
C LEU D 209 -16.65 -13.29 -25.15
N LYS D 210 -16.92 -14.33 -25.95
CA LYS D 210 -15.87 -15.25 -26.35
C LYS D 210 -14.77 -14.52 -27.10
N GLN D 211 -15.13 -13.56 -27.96
CA GLN D 211 -14.13 -12.76 -28.65
C GLN D 211 -13.26 -11.99 -27.67
N GLU D 212 -13.87 -11.38 -26.65
CA GLU D 212 -13.12 -10.65 -25.65
C GLU D 212 -12.19 -11.56 -24.87
N MET D 213 -12.64 -12.77 -24.52
CA MET D 213 -11.81 -13.67 -23.73
C MET D 213 -10.66 -14.23 -24.56
N GLU D 214 -10.87 -14.46 -25.85
CA GLU D 214 -9.78 -14.92 -26.70
C GLU D 214 -8.71 -13.86 -26.89
N GLU D 215 -9.09 -12.58 -26.90
CA GLU D 215 -8.07 -11.53 -26.98
C GLU D 215 -7.20 -11.52 -25.73
N LYS D 216 -7.80 -11.80 -24.57
CA LYS D 216 -7.01 -11.89 -23.34
C LYS D 216 -6.11 -13.11 -23.37
N LEU D 217 -6.59 -14.22 -23.94
CA LEU D 217 -5.77 -15.43 -24.03
C LEU D 217 -4.55 -15.21 -24.92
N ALA D 218 -4.72 -14.43 -25.99
CA ALA D 218 -3.60 -14.13 -26.87
C ALA D 218 -2.67 -13.06 -26.30
N ALA D 219 -3.12 -12.31 -25.29
CA ALA D 219 -2.31 -11.29 -24.65
C ALA D 219 -1.49 -11.83 -23.47
N LEU D 220 -1.70 -13.07 -23.07
CA LEU D 220 -0.94 -13.63 -21.96
C LEU D 220 0.54 -13.76 -22.31
N ASP D 221 1.38 -13.52 -21.33
CA ASP D 221 2.80 -13.79 -21.46
C ASP D 221 3.03 -15.29 -21.39
N PRO D 222 3.53 -15.93 -22.45
CA PRO D 222 3.75 -17.38 -22.39
C PRO D 222 4.77 -17.81 -21.34
N ALA D 223 5.61 -16.89 -20.87
CA ALA D 223 6.61 -17.20 -19.86
C ALA D 223 6.15 -16.91 -18.44
N SER D 224 5.05 -16.17 -18.27
CA SER D 224 4.61 -15.75 -16.94
C SER D 224 3.92 -16.89 -16.19
N PRO D 225 4.46 -17.35 -15.06
CA PRO D 225 3.77 -18.42 -14.31
C PRO D 225 2.40 -18.01 -13.80
N VAL D 226 2.21 -16.75 -13.41
CA VAL D 226 0.90 -16.31 -12.97
C VAL D 226 -0.10 -16.34 -14.11
N ASP D 227 0.31 -15.86 -15.29
CA ASP D 227 -0.60 -15.84 -16.44
C ASP D 227 -1.03 -17.25 -16.83
N GLN D 228 -0.10 -18.20 -16.82
CA GLN D 228 -0.38 -19.52 -17.37
C GLN D 228 -1.05 -20.46 -16.36
N VAL D 229 -0.80 -20.27 -15.07
CA VAL D 229 -1.32 -21.16 -14.04
C VAL D 229 -2.60 -20.62 -13.42
N ASP D 230 -2.68 -19.31 -13.18
CA ASP D 230 -3.85 -18.73 -12.53
C ASP D 230 -4.85 -18.16 -13.51
N LYS D 231 -4.36 -17.45 -14.52
CA LYS D 231 -5.25 -16.76 -15.44
C LYS D 231 -5.73 -17.65 -16.59
N ARG D 232 -4.82 -18.42 -17.20
CA ARG D 232 -5.19 -19.16 -18.42
C ARG D 232 -6.34 -20.15 -18.21
N PRO D 233 -6.33 -21.02 -17.18
CA PRO D 233 -7.47 -21.94 -17.03
C PRO D 233 -8.81 -21.25 -16.90
N PHE D 234 -8.86 -20.09 -16.24
CA PHE D 234 -10.12 -19.34 -16.20
C PHE D 234 -10.54 -18.89 -17.59
N ILE D 235 -9.60 -18.31 -18.35
CA ILE D 235 -9.90 -17.85 -19.69
C ILE D 235 -10.35 -18.99 -20.57
N GLU D 236 -9.65 -20.13 -20.50
CA GLU D 236 -10.07 -21.30 -21.25
C GLU D 236 -11.48 -21.74 -20.88
N ALA D 237 -11.82 -21.65 -19.59
CA ALA D 237 -13.15 -22.07 -19.14
C ALA D 237 -14.24 -21.15 -19.68
N THR D 238 -14.02 -19.83 -19.62
CA THR D 238 -15.04 -18.91 -20.14
C THR D 238 -15.23 -19.09 -21.64
N ILE D 239 -14.14 -19.33 -22.38
CA ILE D 239 -14.26 -19.59 -23.80
C ILE D 239 -15.06 -20.87 -24.04
N LEU D 240 -14.73 -21.93 -23.29
CA LEU D 240 -15.43 -23.20 -23.46
C LEU D 240 -16.89 -23.09 -23.06
N VAL D 241 -17.19 -22.37 -21.98
CA VAL D 241 -18.58 -22.27 -21.55
C VAL D 241 -19.39 -21.45 -22.54
N CYS D 242 -18.75 -20.50 -23.24
CA CYS D 242 -19.41 -19.80 -24.34
C CYS D 242 -19.79 -20.78 -25.44
N ASP D 243 -18.86 -21.65 -25.84
CA ASP D 243 -19.17 -22.69 -26.81
C ASP D 243 -20.22 -23.65 -26.29
N ALA D 244 -20.26 -23.85 -24.97
CA ALA D 244 -21.21 -24.80 -24.40
C ALA D 244 -22.65 -24.31 -24.55
N ILE D 245 -22.92 -23.06 -24.17
CA ILE D 245 -24.31 -22.61 -24.20
C ILE D 245 -24.77 -22.41 -25.62
N VAL D 246 -23.89 -21.98 -26.53
CA VAL D 246 -24.28 -21.84 -27.92
C VAL D 246 -24.58 -23.20 -28.54
N LEU D 247 -23.77 -24.22 -28.22
CA LEU D 247 -24.06 -25.56 -28.70
C LEU D 247 -25.40 -26.04 -28.17
N TRP D 248 -25.71 -25.73 -26.92
CA TRP D 248 -26.96 -26.16 -26.32
C TRP D 248 -28.16 -25.49 -26.99
N ALA D 249 -28.04 -24.20 -27.32
CA ALA D 249 -29.11 -23.55 -28.06
C ALA D 249 -29.22 -24.10 -29.48
N LYS D 250 -28.08 -24.39 -30.11
CA LYS D 250 -28.10 -24.92 -31.47
C LYS D 250 -28.82 -26.27 -31.52
N ARG D 251 -28.67 -27.09 -30.49
CA ARG D 251 -29.40 -28.36 -30.45
C ARG D 251 -30.90 -28.12 -30.37
N HIS D 252 -31.32 -27.04 -29.68
CA HIS D 252 -32.74 -26.72 -29.63
C HIS D 252 -33.25 -26.22 -30.99
N ALA D 253 -32.42 -25.48 -31.73
CA ALA D 253 -32.80 -25.09 -33.08
C ALA D 253 -32.97 -26.31 -33.97
N ASP D 254 -32.07 -27.29 -33.86
CA ASP D 254 -32.20 -28.52 -34.64
C ASP D 254 -33.49 -29.24 -34.32
N ALA D 255 -33.87 -29.28 -33.04
CA ALA D 255 -35.11 -29.95 -32.67
C ALA D 255 -36.32 -29.21 -33.21
N ALA D 256 -36.26 -27.87 -33.21
CA ALA D 256 -37.38 -27.09 -33.70
C ALA D 256 -37.56 -27.24 -35.21
N ARG D 257 -36.46 -27.38 -35.96
CA ARG D 257 -36.58 -27.53 -37.41
C ARG D 257 -37.09 -28.92 -37.79
N LYS D 258 -36.62 -29.95 -37.11
CA LYS D 258 -37.13 -31.29 -37.37
C LYS D 258 -38.61 -31.39 -37.02
N ALA D 259 -39.02 -30.71 -35.94
CA ALA D 259 -40.45 -30.70 -35.60
C ALA D 259 -41.26 -29.93 -36.64
N ALA D 260 -40.69 -28.86 -37.19
CA ALA D 260 -41.42 -28.07 -38.17
C ALA D 260 -41.66 -28.88 -39.45
N GLU D 261 -40.66 -29.65 -39.87
CA GLU D 261 -40.82 -30.50 -41.05
C GLU D 261 -41.88 -31.57 -40.84
N ALA D 262 -42.04 -32.03 -39.61
CA ALA D 262 -43.01 -33.07 -39.28
C ALA D 262 -44.35 -32.51 -38.86
N CYS D 263 -44.54 -31.19 -38.97
CA CYS D 263 -45.76 -30.52 -38.51
C CYS D 263 -46.66 -30.24 -39.71
N ALA D 264 -47.91 -30.73 -39.65
CA ALA D 264 -48.86 -30.47 -40.72
C ALA D 264 -49.54 -29.12 -40.59
N ASP D 265 -49.69 -28.61 -39.38
CA ASP D 265 -50.35 -27.34 -39.11
C ASP D 265 -49.50 -26.17 -39.63
N PRO D 266 -49.96 -25.43 -40.65
CA PRO D 266 -49.14 -24.33 -41.17
C PRO D 266 -48.96 -23.19 -40.18
N VAL D 267 -49.88 -23.01 -39.24
CA VAL D 267 -49.72 -21.94 -38.26
C VAL D 267 -48.64 -22.33 -37.24
N ARG D 268 -48.66 -23.58 -36.78
CA ARG D 268 -47.64 -24.03 -35.85
C ARG D 268 -46.27 -24.15 -36.53
N LYS D 269 -46.25 -24.56 -37.80
CA LYS D 269 -44.98 -24.65 -38.53
C LYS D 269 -44.28 -23.31 -38.60
N ALA D 270 -45.02 -22.23 -38.86
CA ALA D 270 -44.42 -20.90 -38.88
C ALA D 270 -43.82 -20.55 -37.52
N GLU D 271 -44.52 -20.92 -36.44
CA GLU D 271 -44.00 -20.68 -35.09
C GLU D 271 -42.72 -21.46 -34.85
N LEU D 272 -42.68 -22.73 -35.25
CA LEU D 272 -41.49 -23.56 -35.03
C LEU D 272 -40.30 -23.05 -35.83
N ILE D 273 -40.53 -22.58 -37.06
CA ILE D 273 -39.44 -22.02 -37.86
C ILE D 273 -38.88 -20.77 -37.19
N ARG D 274 -39.76 -19.90 -36.70
CA ARG D 274 -39.30 -18.68 -36.02
C ARG D 274 -38.54 -19.03 -34.74
N MET D 275 -39.01 -20.03 -33.99
CA MET D 275 -38.30 -20.45 -32.79
C MET D 275 -36.90 -20.96 -33.13
N ALA D 276 -36.76 -21.72 -34.22
CA ALA D 276 -35.45 -22.18 -34.65
C ALA D 276 -34.55 -21.01 -35.02
N GLU D 277 -35.08 -20.05 -35.79
CA GLU D 277 -34.32 -18.85 -36.14
C GLU D 277 -33.86 -18.11 -34.89
N ASN D 278 -34.72 -18.04 -33.88
CA ASN D 278 -34.34 -17.42 -32.61
C ASN D 278 -33.17 -18.12 -31.98
N ALA D 279 -33.28 -19.44 -31.79
CA ALA D 279 -32.23 -20.21 -31.14
C ALA D 279 -30.94 -20.24 -31.95
N GLU D 280 -31.00 -19.95 -33.25
CA GLU D 280 -29.79 -19.88 -34.05
C GLU D 280 -29.11 -18.51 -33.93
N HIS D 281 -29.84 -17.48 -33.51
CA HIS D 281 -29.25 -16.17 -33.35
C HIS D 281 -28.78 -15.94 -31.91
N VAL D 282 -29.65 -16.23 -30.95
CA VAL D 282 -29.39 -15.93 -29.55
C VAL D 282 -29.22 -17.22 -28.76
N PRO D 283 -28.47 -17.22 -27.64
CA PRO D 283 -27.74 -16.07 -27.08
C PRO D 283 -26.37 -15.85 -27.71
N ALA D 284 -26.10 -16.48 -28.86
CA ALA D 284 -24.79 -16.33 -29.49
C ALA D 284 -24.53 -14.88 -29.91
N ASN D 285 -25.54 -14.22 -30.48
CA ASN D 285 -25.42 -12.91 -31.07
C ASN D 285 -26.39 -11.93 -30.40
N PRO D 286 -26.15 -10.63 -30.53
CA PRO D 286 -27.05 -9.65 -29.91
C PRO D 286 -28.48 -9.82 -30.38
N ALA D 287 -29.42 -9.67 -29.45
CA ALA D 287 -30.83 -9.75 -29.81
C ALA D 287 -31.19 -8.57 -30.72
N ARG D 288 -32.15 -8.82 -31.62
CA ARG D 288 -32.55 -7.83 -32.61
C ARG D 288 -34.01 -7.39 -32.50
N ASP D 289 -34.86 -8.15 -31.82
CA ASP D 289 -36.22 -7.70 -31.52
C ASP D 289 -36.61 -8.20 -30.15
N PHE D 290 -37.84 -7.87 -29.74
CA PHE D 290 -38.30 -8.25 -28.40
C PHE D 290 -38.39 -9.77 -28.25
N TYR D 291 -38.89 -10.46 -29.27
CA TYR D 291 -38.99 -11.91 -29.20
C TYR D 291 -37.62 -12.55 -28.95
N GLU D 292 -36.62 -12.15 -29.73
CA GLU D 292 -35.27 -12.69 -29.56
C GLU D 292 -34.70 -12.35 -28.20
N ALA D 293 -35.04 -11.17 -27.66
CA ALA D 293 -34.53 -10.79 -26.36
C ALA D 293 -35.05 -11.71 -25.26
N VAL D 294 -36.34 -12.03 -25.30
CA VAL D 294 -36.92 -12.96 -24.34
C VAL D 294 -36.25 -14.33 -24.48
N GLN D 295 -36.09 -14.80 -25.73
CA GLN D 295 -35.48 -16.11 -25.95
C GLN D 295 -34.02 -16.13 -25.51
N SER D 296 -33.30 -15.02 -25.69
CA SER D 296 -31.90 -14.96 -25.30
C SER D 296 -31.76 -14.97 -23.78
N GLN D 297 -32.54 -14.14 -23.10
CA GLN D 297 -32.52 -14.13 -21.64
C GLN D 297 -32.94 -15.49 -21.09
N TYR D 298 -33.97 -16.09 -21.69
CA TYR D 298 -34.50 -17.35 -21.19
C TYR D 298 -33.47 -18.47 -21.30
N PHE D 299 -32.73 -18.54 -22.41
CA PHE D 299 -31.66 -19.52 -22.53
C PHE D 299 -30.61 -19.36 -21.44
N THR D 300 -30.23 -18.11 -21.14
CA THR D 300 -29.16 -17.85 -20.19
C THR D 300 -29.56 -18.28 -18.78
N GLN D 301 -30.77 -17.92 -18.35
CA GLN D 301 -31.20 -18.31 -17.02
C GLN D 301 -31.45 -19.82 -16.92
N MET D 302 -31.94 -20.46 -18.00
CA MET D 302 -32.12 -21.91 -17.95
C MET D 302 -30.77 -22.63 -17.93
N PHE D 303 -29.81 -22.15 -18.73
CA PHE D 303 -28.48 -22.74 -18.68
C PHE D 303 -27.83 -22.49 -17.34
N SER D 304 -28.13 -21.35 -16.70
CA SER D 304 -27.60 -21.06 -15.37
C SER D 304 -27.99 -22.15 -14.37
N ARG D 305 -29.23 -22.65 -14.46
CA ARG D 305 -29.66 -23.72 -13.58
C ARG D 305 -28.80 -24.97 -13.74
N LEU D 306 -28.40 -25.27 -14.99
CA LEU D 306 -27.52 -26.42 -15.22
C LEU D 306 -26.14 -26.19 -14.62
N GLU D 307 -25.69 -24.94 -14.54
CA GLU D 307 -24.37 -24.63 -14.00
C GLU D 307 -24.32 -24.83 -12.49
N GLN D 308 -25.28 -24.28 -11.76
CA GLN D 308 -25.24 -24.37 -10.31
C GLN D 308 -26.61 -24.14 -9.71
N LYS D 309 -26.76 -24.53 -8.44
CA LYS D 309 -27.98 -24.32 -7.69
C LYS D 309 -27.88 -22.97 -6.99
N THR D 310 -28.17 -21.93 -7.77
CA THR D 310 -28.17 -20.58 -7.21
C THR D 310 -29.27 -20.47 -6.16
N GLY D 311 -28.93 -19.85 -5.02
CA GLY D 311 -29.89 -19.68 -3.95
C GLY D 311 -31.16 -19.02 -4.43
N THR D 312 -32.30 -19.60 -4.04
CA THR D 312 -33.65 -19.17 -4.41
C THR D 312 -33.93 -19.29 -5.90
N THR D 313 -33.06 -19.96 -6.66
CA THR D 313 -33.07 -20.03 -8.13
C THR D 313 -32.65 -18.70 -8.75
N ILE D 314 -31.90 -18.77 -9.86
CA ILE D 314 -31.29 -17.60 -10.48
C ILE D 314 -32.36 -16.53 -10.72
N SER D 315 -32.05 -15.29 -10.34
CA SER D 315 -32.96 -14.18 -10.55
C SER D 315 -32.68 -13.53 -11.90
N ASN D 316 -33.55 -12.59 -12.29
CA ASN D 316 -33.62 -12.16 -13.68
C ASN D 316 -33.32 -10.68 -13.93
N GLY D 317 -33.28 -9.85 -12.90
CA GLY D 317 -32.92 -8.46 -13.10
C GLY D 317 -34.11 -7.59 -13.50
N ARG D 318 -33.77 -6.39 -13.98
CA ARG D 318 -34.77 -5.37 -14.33
C ARG D 318 -35.28 -5.64 -15.73
N MET D 319 -36.17 -6.64 -15.85
CA MET D 319 -36.69 -7.03 -17.15
C MET D 319 -37.43 -5.87 -17.82
N ASP D 320 -38.20 -5.10 -17.04
CA ASP D 320 -38.93 -3.99 -17.65
C ASP D 320 -38.02 -2.89 -18.15
N GLN D 321 -36.71 -2.98 -17.89
CA GLN D 321 -35.74 -2.01 -18.39
C GLN D 321 -34.99 -2.54 -19.61
N TYR D 322 -34.30 -3.68 -19.49
CA TYR D 322 -33.46 -4.12 -20.60
C TYR D 322 -34.26 -4.73 -21.74
N PHE D 323 -35.51 -5.11 -21.51
CA PHE D 323 -36.38 -5.47 -22.63
C PHE D 323 -37.02 -4.27 -23.29
N TYR D 324 -37.02 -3.09 -22.63
CA TYR D 324 -37.83 -1.98 -23.11
C TYR D 324 -37.38 -1.43 -24.47
N PRO D 325 -36.09 -1.20 -24.74
CA PRO D 325 -35.74 -0.73 -26.10
C PRO D 325 -36.21 -1.65 -27.19
N PHE D 326 -36.14 -2.98 -26.98
CA PHE D 326 -36.68 -3.91 -27.98
C PHE D 326 -38.19 -3.77 -28.09
N TYR D 327 -38.87 -3.63 -26.95
CA TYR D 327 -40.32 -3.49 -26.95
C TYR D 327 -40.75 -2.23 -27.68
N LYS D 328 -40.13 -1.09 -27.34
CA LYS D 328 -40.50 0.17 -27.97
C LYS D 328 -40.24 0.14 -29.46
N LYS D 329 -39.13 -0.46 -29.86
CA LYS D 329 -38.79 -0.52 -31.28
C LYS D 329 -39.79 -1.35 -32.06
N ASP D 330 -40.19 -2.51 -31.52
CA ASP D 330 -41.10 -3.38 -32.23
C ASP D 330 -42.52 -2.82 -32.26
N MET D 331 -42.98 -2.24 -31.14
CA MET D 331 -44.31 -1.66 -31.11
C MET D 331 -44.45 -0.54 -32.14
N GLU D 332 -43.43 0.34 -32.21
CA GLU D 332 -43.46 1.43 -33.17
C GLU D 332 -43.28 0.94 -34.60
N ALA D 333 -42.64 -0.22 -34.79
CA ALA D 333 -42.51 -0.81 -36.11
C ALA D 333 -43.73 -1.62 -36.52
N GLY D 334 -44.72 -1.79 -35.65
CA GLY D 334 -45.89 -2.55 -36.02
C GLY D 334 -45.67 -4.05 -36.13
N ILE D 335 -44.58 -4.56 -35.58
CA ILE D 335 -44.31 -5.99 -35.58
C ILE D 335 -44.60 -6.63 -34.23
N LEU D 336 -45.25 -5.89 -33.33
CA LEU D 336 -45.56 -6.37 -32.00
C LEU D 336 -46.82 -5.68 -31.50
N THR D 337 -47.54 -6.36 -30.61
CA THR D 337 -48.65 -5.79 -29.87
C THR D 337 -48.47 -6.11 -28.40
N ASP D 338 -49.19 -5.37 -27.55
CA ASP D 338 -49.16 -5.66 -26.11
C ASP D 338 -49.61 -7.09 -25.84
N GLU D 339 -50.62 -7.55 -26.56
CA GLU D 339 -51.13 -8.90 -26.33
C GLU D 339 -50.07 -9.94 -26.67
N LYS D 340 -49.30 -9.72 -27.74
CA LYS D 340 -48.23 -10.64 -28.10
C LYS D 340 -47.07 -10.56 -27.11
N THR D 341 -46.79 -9.37 -26.57
CA THR D 341 -45.77 -9.24 -25.53
C THR D 341 -46.09 -10.11 -24.33
N LEU D 342 -47.34 -10.06 -23.86
CA LEU D 342 -47.74 -10.90 -22.73
C LEU D 342 -47.64 -12.38 -23.06
N GLU D 343 -47.85 -12.73 -24.33
CA GLU D 343 -47.76 -14.14 -24.70
C GLU D 343 -46.33 -14.66 -24.61
N TYR D 344 -45.38 -13.85 -25.07
CA TYR D 344 -43.97 -14.22 -24.97
C TYR D 344 -43.55 -14.33 -23.51
N LEU D 345 -43.83 -13.29 -22.72
CA LEU D 345 -43.40 -13.26 -21.33
C LEU D 345 -44.02 -14.40 -20.53
N GLU D 346 -45.31 -14.65 -20.73
CA GLU D 346 -45.99 -15.66 -19.94
C GLU D 346 -45.61 -17.07 -20.36
N CYS D 347 -45.17 -17.26 -21.61
CA CYS D 347 -44.55 -18.53 -21.98
C CYS D 347 -43.28 -18.74 -21.18
N MET D 348 -42.61 -17.65 -20.82
CA MET D 348 -41.44 -17.74 -19.97
C MET D 348 -41.82 -18.12 -18.54
N TRP D 349 -42.92 -17.57 -18.03
CA TRP D 349 -43.35 -17.94 -16.68
C TRP D 349 -43.69 -19.43 -16.60
N VAL D 350 -44.36 -19.96 -17.63
CA VAL D 350 -44.73 -21.37 -17.65
C VAL D 350 -43.48 -22.24 -17.55
N GLY D 351 -42.47 -21.93 -18.37
CA GLY D 351 -41.24 -22.70 -18.32
C GLY D 351 -40.56 -22.64 -16.96
N MET D 352 -40.52 -21.45 -16.37
CA MET D 352 -39.94 -21.31 -15.04
C MET D 352 -40.75 -22.08 -14.01
N ALA D 353 -42.08 -22.10 -14.16
CA ALA D 353 -42.93 -22.81 -13.22
C ALA D 353 -42.78 -24.32 -13.32
N GLU D 354 -42.32 -24.83 -14.47
CA GLU D 354 -42.06 -26.26 -14.60
C GLU D 354 -40.78 -26.68 -13.89
N PHE D 355 -39.81 -25.77 -13.80
CA PHE D 355 -38.59 -26.05 -13.07
C PHE D 355 -38.84 -25.85 -11.58
N ILE D 356 -38.72 -26.92 -10.81
CA ILE D 356 -38.83 -26.86 -9.36
C ILE D 356 -37.43 -26.91 -8.77
N ASP D 357 -37.10 -25.93 -7.94
CA ASP D 357 -35.81 -25.91 -7.26
C ASP D 357 -35.87 -26.87 -6.09
N MET D 358 -35.22 -28.03 -6.23
CA MET D 358 -35.36 -29.12 -5.28
C MET D 358 -34.26 -29.05 -4.21
N TYR D 359 -34.67 -29.12 -2.95
CA TYR D 359 -33.76 -29.19 -1.82
C TYR D 359 -33.87 -30.60 -1.22
N ILE D 360 -32.83 -31.41 -1.42
CA ILE D 360 -32.93 -32.84 -1.08
C ILE D 360 -32.54 -33.14 0.36
N SER D 361 -31.90 -32.20 1.07
CA SER D 361 -31.62 -32.47 2.47
C SER D 361 -32.81 -32.09 3.33
N PRO D 362 -32.94 -32.70 4.51
CA PRO D 362 -34.08 -32.35 5.38
C PRO D 362 -34.11 -30.89 5.78
N ALA D 363 -32.96 -30.29 6.09
CA ALA D 363 -32.93 -28.87 6.42
C ALA D 363 -33.38 -28.02 5.24
N GLY D 364 -32.90 -28.35 4.03
CA GLY D 364 -33.29 -27.59 2.86
C GLY D 364 -34.77 -27.67 2.56
N GLY D 365 -35.39 -28.81 2.83
CA GLY D 365 -36.82 -28.92 2.65
C GLY D 365 -37.60 -28.05 3.63
N ALA D 366 -37.14 -27.99 4.88
CA ALA D 366 -37.83 -27.19 5.89
C ALA D 366 -37.65 -25.70 5.64
N PHE D 367 -36.54 -25.30 5.02
CA PHE D 367 -36.29 -23.90 4.71
C PHE D 367 -37.10 -23.41 3.50
N ASN D 368 -37.60 -24.32 2.66
CA ASN D 368 -38.21 -23.93 1.40
C ASN D 368 -39.51 -24.72 1.18
N GLU D 369 -40.47 -24.54 2.07
CA GLU D 369 -41.73 -25.26 1.97
C GLU D 369 -42.53 -24.81 0.76
N GLY D 370 -43.43 -25.70 0.32
CA GLY D 370 -44.33 -25.40 -0.78
C GLY D 370 -43.64 -25.13 -2.09
N TYR D 371 -42.51 -25.79 -2.35
CA TYR D 371 -41.71 -25.61 -3.56
C TYR D 371 -41.29 -24.15 -3.72
N ALA D 372 -40.74 -23.60 -2.63
CA ALA D 372 -40.43 -22.17 -2.56
C ALA D 372 -39.42 -21.76 -3.62
N HIS D 373 -39.58 -20.53 -4.11
CA HIS D 373 -38.79 -20.02 -5.22
C HIS D 373 -38.79 -18.48 -5.18
N TRP D 374 -37.66 -17.88 -5.52
CA TRP D 374 -37.52 -16.42 -5.54
C TRP D 374 -36.68 -15.97 -6.74
N GLU D 375 -37.15 -16.30 -7.96
CA GLU D 375 -36.49 -15.84 -9.19
C GLU D 375 -36.93 -14.39 -9.46
N ALA D 376 -36.32 -13.46 -8.74
CA ALA D 376 -36.81 -12.09 -8.69
C ALA D 376 -36.83 -11.44 -10.07
N VAL D 377 -37.97 -10.84 -10.41
CA VAL D 377 -38.12 -10.01 -11.59
C VAL D 377 -38.37 -8.59 -11.12
N THR D 378 -37.46 -7.68 -11.46
CA THR D 378 -37.48 -6.32 -10.95
C THR D 378 -38.12 -5.38 -11.98
N ILE D 379 -39.11 -4.60 -11.53
CA ILE D 379 -39.73 -3.58 -12.35
C ILE D 379 -39.74 -2.28 -11.58
N GLY D 380 -39.89 -1.18 -12.30
CA GLY D 380 -39.99 0.12 -11.68
C GLY D 380 -38.66 0.60 -11.14
N GLY D 381 -38.74 1.67 -10.35
CA GLY D 381 -37.57 2.22 -9.72
C GLY D 381 -37.00 3.41 -10.46
N GLN D 382 -35.67 3.51 -10.48
CA GLN D 382 -34.99 4.63 -11.10
C GLN D 382 -34.04 4.16 -12.18
N THR D 383 -33.73 5.07 -13.10
CA THR D 383 -32.75 4.81 -14.14
C THR D 383 -31.35 4.99 -13.58
N PRO D 384 -30.34 4.42 -14.23
CA PRO D 384 -28.95 4.69 -13.81
C PRO D 384 -28.58 6.15 -13.87
N ASP D 385 -29.34 6.98 -14.59
CA ASP D 385 -29.10 8.41 -14.63
C ASP D 385 -29.85 9.18 -13.56
N GLY D 386 -30.78 8.54 -12.85
CA GLY D 386 -31.43 9.14 -11.69
C GLY D 386 -32.89 9.56 -11.89
N ARG D 387 -33.48 9.29 -13.05
CA ARG D 387 -34.88 9.59 -13.27
C ARG D 387 -35.74 8.35 -13.01
N ASP D 388 -37.06 8.58 -12.92
CA ASP D 388 -37.98 7.47 -12.72
C ASP D 388 -37.98 6.54 -13.93
N ALA D 389 -38.09 5.25 -13.67
CA ALA D 389 -37.94 4.23 -14.70
C ALA D 389 -39.24 3.54 -15.08
N THR D 390 -40.39 4.06 -14.66
CA THR D 390 -41.66 3.47 -15.06
C THR D 390 -41.87 3.69 -16.56
N ASN D 391 -42.24 2.61 -17.26
CA ASN D 391 -42.51 2.69 -18.69
C ASN D 391 -43.66 1.73 -19.01
N ASP D 392 -43.97 1.59 -20.31
CA ASP D 392 -45.12 0.79 -20.70
C ASP D 392 -44.91 -0.69 -20.39
N LEU D 393 -43.65 -1.15 -20.39
CA LEU D 393 -43.39 -2.52 -19.96
C LEU D 393 -43.67 -2.72 -18.48
N THR D 394 -43.41 -1.69 -17.66
CA THR D 394 -43.68 -1.78 -16.23
C THR D 394 -45.12 -2.20 -15.98
N TYR D 395 -46.06 -1.53 -16.64
CA TYR D 395 -47.47 -1.83 -16.40
C TYR D 395 -47.87 -3.18 -16.97
N LEU D 396 -47.24 -3.61 -18.06
CA LEU D 396 -47.57 -4.93 -18.60
C LEU D 396 -47.16 -6.05 -17.65
N PHE D 397 -46.03 -5.89 -16.96
CA PHE D 397 -45.62 -6.90 -15.99
C PHE D 397 -46.61 -6.99 -14.84
N LEU D 398 -47.12 -5.85 -14.39
CA LEU D 398 -48.18 -5.87 -13.37
C LEU D 398 -49.45 -6.51 -13.93
N LYS D 399 -49.81 -6.19 -15.18
CA LYS D 399 -50.99 -6.80 -15.77
C LYS D 399 -50.83 -8.31 -15.87
N SER D 400 -49.67 -8.77 -16.30
CA SER D 400 -49.43 -10.20 -16.39
C SER D 400 -49.57 -10.87 -15.03
N LYS D 401 -49.05 -10.24 -13.97
CA LYS D 401 -49.08 -10.89 -12.67
C LYS D 401 -50.51 -11.00 -12.13
N ARG D 402 -51.36 -10.01 -12.42
CA ARG D 402 -52.75 -10.09 -11.98
C ARG D 402 -53.50 -11.20 -12.70
N GLU D 403 -53.31 -11.34 -14.01
CA GLU D 403 -54.14 -12.22 -14.82
C GLU D 403 -53.58 -13.63 -14.98
N PHE D 404 -52.27 -13.78 -14.96
CA PHE D 404 -51.65 -15.09 -15.03
C PHE D 404 -51.88 -15.85 -13.73
N PRO D 405 -52.48 -17.06 -13.78
CA PRO D 405 -52.96 -17.70 -12.54
C PRO D 405 -51.88 -18.35 -11.68
N LEU D 406 -50.67 -18.54 -12.18
CA LEU D 406 -49.63 -19.14 -11.35
C LEU D 406 -48.98 -18.08 -10.46
N HIS D 407 -48.32 -18.54 -9.40
CA HIS D 407 -47.58 -17.61 -8.56
C HIS D 407 -46.20 -17.37 -9.14
N TYR D 408 -46.14 -17.13 -10.45
CA TYR D 408 -44.94 -16.77 -11.19
C TYR D 408 -45.23 -15.56 -12.05
N PRO D 409 -44.23 -14.68 -12.27
CA PRO D 409 -42.89 -14.74 -11.69
C PRO D 409 -42.83 -14.09 -10.31
N ASP D 410 -41.68 -14.18 -9.65
CA ASP D 410 -41.43 -13.52 -8.36
C ASP D 410 -41.29 -12.03 -8.60
N LEU D 411 -42.42 -11.35 -8.76
CA LEU D 411 -42.43 -9.97 -9.19
C LEU D 411 -42.14 -9.05 -8.01
N ALA D 412 -41.13 -8.19 -8.18
CA ALA D 412 -40.73 -7.22 -7.16
C ALA D 412 -40.73 -5.82 -7.78
N ALA D 413 -41.42 -4.90 -7.12
CA ALA D 413 -41.53 -3.52 -7.59
C ALA D 413 -40.64 -2.63 -6.75
N ARG D 414 -39.85 -1.78 -7.41
CA ARG D 414 -38.99 -0.83 -6.73
C ARG D 414 -39.74 0.46 -6.47
N ILE D 415 -39.59 0.99 -5.26
CA ILE D 415 -40.26 2.22 -4.84
C ILE D 415 -39.21 3.24 -4.46
N HIS D 416 -39.40 4.49 -4.91
CA HIS D 416 -38.57 5.60 -4.48
C HIS D 416 -39.48 6.80 -4.23
N SER D 417 -38.88 7.88 -3.70
CA SER D 417 -39.66 9.00 -3.20
C SER D 417 -40.39 9.75 -4.30
N ARG D 418 -39.98 9.63 -5.57
CA ARG D 418 -40.65 10.30 -6.67
C ARG D 418 -41.32 9.31 -7.62
N ALA D 419 -41.77 8.17 -7.10
CA ALA D 419 -42.50 7.21 -7.92
C ALA D 419 -43.84 7.81 -8.34
N PRO D 420 -44.22 7.71 -9.61
CA PRO D 420 -45.47 8.33 -10.05
C PRO D 420 -46.69 7.73 -9.35
N GLU D 421 -47.73 8.54 -9.24
CA GLU D 421 -48.97 8.08 -8.63
C GLU D 421 -49.64 7.00 -9.48
N ARG D 422 -49.60 7.15 -10.81
CA ARG D 422 -50.14 6.12 -11.69
C ARG D 422 -49.45 4.79 -11.42
N TYR D 423 -48.14 4.82 -11.14
CA TYR D 423 -47.40 3.60 -10.85
C TYR D 423 -47.81 3.02 -9.50
N LEU D 424 -47.80 3.85 -8.44
CA LEU D 424 -48.22 3.36 -7.12
C LEU D 424 -49.66 2.87 -7.15
N TRP D 425 -50.53 3.54 -7.91
CA TRP D 425 -51.92 3.12 -7.98
C TRP D 425 -52.04 1.71 -8.57
N ASP D 426 -51.32 1.45 -9.66
CA ASP D 426 -51.40 0.12 -10.28
C ASP D 426 -50.68 -0.93 -9.43
N VAL D 427 -49.60 -0.54 -8.75
CA VAL D 427 -48.96 -1.45 -7.80
C VAL D 427 -49.92 -1.80 -6.67
N ALA D 428 -50.56 -0.79 -6.10
CA ALA D 428 -51.50 -1.04 -5.00
C ALA D 428 -52.66 -1.93 -5.45
N GLU D 429 -53.19 -1.69 -6.65
CA GLU D 429 -54.30 -2.53 -7.11
C GLU D 429 -53.84 -3.94 -7.45
N THR D 430 -52.58 -4.11 -7.87
CA THR D 430 -52.05 -5.45 -8.07
C THR D 430 -51.97 -6.19 -6.74
N ILE D 431 -51.59 -5.48 -5.67
CA ILE D 431 -51.54 -6.07 -4.34
C ILE D 431 -52.94 -6.50 -3.88
N LYS D 432 -53.94 -5.67 -4.18
CA LYS D 432 -55.32 -5.99 -3.77
C LYS D 432 -55.89 -7.20 -4.48
N PHE D 433 -55.19 -7.77 -5.47
CA PHE D 433 -55.71 -8.97 -6.12
C PHE D 433 -55.75 -10.15 -5.15
N GLY D 434 -54.85 -10.17 -4.16
CA GLY D 434 -54.89 -11.18 -3.13
C GLY D 434 -54.00 -12.38 -3.34
N SER D 435 -53.03 -12.31 -4.24
CA SER D 435 -52.07 -13.40 -4.41
C SER D 435 -50.69 -13.04 -3.88
N GLY D 436 -50.53 -11.86 -3.30
CA GLY D 436 -49.28 -11.51 -2.66
C GLY D 436 -48.28 -10.77 -3.52
N PHE D 437 -48.66 -10.34 -4.73
CA PHE D 437 -47.73 -9.70 -5.65
C PHE D 437 -48.09 -8.24 -5.86
N PRO D 438 -47.10 -7.37 -6.05
CA PRO D 438 -45.69 -7.69 -5.89
C PRO D 438 -45.17 -7.37 -4.50
N LYS D 439 -43.98 -7.86 -4.18
CA LYS D 439 -43.27 -7.41 -3.00
C LYS D 439 -42.54 -6.11 -3.33
N LEU D 440 -42.36 -5.27 -2.32
CA LEU D 440 -41.81 -3.94 -2.52
C LEU D 440 -40.39 -3.86 -1.97
N CYS D 441 -39.53 -3.14 -2.70
CA CYS D 441 -38.15 -2.91 -2.28
C CYS D 441 -37.91 -1.40 -2.32
N ASN D 442 -37.31 -0.86 -1.27
CA ASN D 442 -37.21 0.57 -1.08
C ASN D 442 -35.86 1.09 -1.56
N ASP D 443 -35.87 1.81 -2.69
CA ASP D 443 -34.67 2.50 -3.15
C ASP D 443 -34.07 3.40 -2.06
N GLU D 444 -34.92 4.06 -1.28
CA GLU D 444 -34.46 5.07 -0.33
C GLU D 444 -33.66 4.47 0.82
N GLU D 445 -33.77 3.17 1.06
CA GLU D 445 -33.00 2.53 2.11
C GLU D 445 -31.71 1.94 1.58
N CYS D 446 -31.78 1.15 0.52
CA CYS D 446 -30.62 0.36 0.13
C CYS D 446 -29.63 1.11 -0.75
N ILE D 447 -30.08 2.12 -1.49
CA ILE D 447 -29.15 2.89 -2.31
C ILE D 447 -28.18 3.65 -1.41
N PRO D 448 -28.64 4.36 -0.36
CA PRO D 448 -27.65 5.00 0.53
C PRO D 448 -26.74 4.01 1.26
N LEU D 449 -27.27 2.86 1.67
CA LEU D 449 -26.43 1.84 2.30
C LEU D 449 -25.35 1.33 1.34
N TYR D 450 -25.68 1.17 0.05
CA TYR D 450 -24.77 0.54 -0.88
C TYR D 450 -23.69 1.49 -1.39
N VAL D 451 -24.05 2.75 -1.70
CA VAL D 451 -23.01 3.72 -2.05
C VAL D 451 -22.07 3.95 -0.87
N SER D 452 -22.60 3.74 0.35
CA SER D 452 -21.78 3.83 1.55
C SER D 452 -20.76 2.69 1.62
N LYS D 453 -21.09 1.54 1.03
CA LYS D 453 -20.23 0.37 1.07
C LYS D 453 -19.39 0.23 -0.20
N GLY D 454 -19.26 1.30 -0.98
CA GLY D 454 -18.34 1.36 -2.10
C GLY D 454 -18.99 1.46 -3.46
N ALA D 455 -20.31 1.38 -3.55
CA ALA D 455 -20.98 1.38 -4.85
C ALA D 455 -21.05 2.79 -5.41
N THR D 456 -20.92 2.90 -6.72
CA THR D 456 -21.16 4.15 -7.42
C THR D 456 -22.66 4.42 -7.52
N PHE D 457 -23.02 5.67 -7.76
CA PHE D 457 -24.44 5.98 -7.88
C PHE D 457 -25.04 5.33 -9.12
N GLU D 458 -24.26 5.22 -10.21
CA GLU D 458 -24.76 4.54 -11.39
C GLU D 458 -25.02 3.06 -11.11
N GLU D 459 -24.11 2.41 -10.37
CA GLU D 459 -24.29 1.00 -10.05
C GLU D 459 -25.47 0.79 -9.09
N ALA D 460 -25.55 1.61 -8.04
CA ALA D 460 -26.59 1.40 -7.04
C ALA D 460 -27.97 1.73 -7.59
N LEU D 461 -28.07 2.77 -8.42
CA LEU D 461 -29.36 3.16 -8.97
C LEU D 461 -29.91 2.09 -9.89
N ASP D 462 -29.03 1.30 -10.53
CA ASP D 462 -29.43 0.26 -11.46
C ASP D 462 -29.50 -1.12 -10.78
N TYR D 463 -29.75 -1.15 -9.48
CA TYR D 463 -29.77 -2.44 -8.80
C TYR D 463 -30.98 -3.26 -9.23
N ALA D 464 -30.82 -4.58 -9.15
CA ALA D 464 -31.89 -5.53 -9.40
C ALA D 464 -32.20 -6.28 -8.11
N VAL D 465 -33.49 -6.49 -7.84
CA VAL D 465 -33.86 -7.34 -6.72
C VAL D 465 -33.40 -8.76 -7.01
N SER D 466 -32.89 -9.43 -5.99
CA SER D 466 -32.36 -10.77 -6.13
C SER D 466 -32.81 -11.63 -4.96
N GLY D 467 -33.36 -12.80 -5.25
CA GLY D 467 -33.79 -13.68 -4.19
C GLY D 467 -35.03 -13.15 -3.48
N CYS D 468 -35.01 -13.23 -2.15
CA CYS D 468 -36.17 -12.81 -1.35
C CYS D 468 -36.42 -11.31 -1.49
N ILE D 469 -35.45 -10.49 -1.11
CA ILE D 469 -35.58 -9.04 -1.30
C ILE D 469 -34.19 -8.41 -1.29
N GLU D 470 -33.18 -9.22 -1.56
CA GLU D 470 -31.82 -8.70 -1.64
C GLU D 470 -31.62 -7.97 -2.94
N ILE D 471 -30.57 -7.16 -3.00
CA ILE D 471 -30.26 -6.41 -4.21
C ILE D 471 -28.85 -6.77 -4.68
N ARG D 472 -28.65 -6.67 -5.99
CA ARG D 472 -27.37 -7.05 -6.61
C ARG D 472 -27.00 -6.04 -7.68
N MET D 473 -25.70 -5.81 -7.83
CA MET D 473 -25.16 -5.02 -8.93
C MET D 473 -24.31 -5.94 -9.80
N PRO D 474 -24.84 -6.46 -10.90
CA PRO D 474 -24.29 -7.68 -11.51
C PRO D 474 -22.86 -7.57 -12.06
N ASN D 475 -22.25 -6.39 -12.09
CA ASN D 475 -20.85 -6.30 -12.51
C ASN D 475 -19.94 -5.81 -11.38
N ARG D 476 -20.47 -5.65 -10.18
CA ARG D 476 -19.73 -5.21 -9.02
C ARG D 476 -19.83 -6.15 -7.83
N ASP D 477 -21.03 -6.71 -7.57
CA ASP D 477 -21.17 -7.72 -6.54
C ASP D 477 -20.26 -8.92 -6.82
N THR D 478 -19.59 -9.40 -5.77
CA THR D 478 -18.72 -10.56 -5.92
C THR D 478 -18.86 -11.60 -4.80
N TYR D 479 -19.74 -11.38 -3.81
CA TYR D 479 -19.88 -12.32 -2.70
C TYR D 479 -21.00 -13.32 -2.98
N THR D 480 -20.72 -14.60 -2.69
CA THR D 480 -21.64 -15.67 -3.05
C THR D 480 -21.85 -16.74 -1.98
N SER D 481 -21.29 -16.60 -0.78
CA SER D 481 -21.31 -17.67 0.21
C SER D 481 -22.56 -17.61 1.07
N GLY D 482 -23.23 -18.75 1.21
CA GLY D 482 -24.42 -18.81 2.05
C GLY D 482 -24.09 -18.55 3.51
N GLY D 483 -24.92 -17.73 4.15
CA GLY D 483 -24.65 -17.28 5.50
C GLY D 483 -25.33 -18.12 6.57
N ALA D 484 -25.06 -17.75 7.82
CA ALA D 484 -25.63 -18.44 8.95
C ALA D 484 -27.05 -17.95 9.23
N TYR D 485 -27.89 -18.86 9.68
CA TYR D 485 -29.22 -18.54 10.19
C TYR D 485 -29.21 -18.86 11.67
N THR D 486 -29.33 -17.81 12.50
CA THR D 486 -29.06 -17.90 13.92
C THR D 486 -30.35 -17.78 14.71
N ASN D 487 -30.61 -18.78 15.56
CA ASN D 487 -31.86 -18.89 16.33
C ASN D 487 -31.70 -18.14 17.64
N PHE D 488 -32.02 -16.84 17.63
CA PHE D 488 -31.91 -16.07 18.85
C PHE D 488 -33.03 -16.35 19.84
N ALA D 489 -34.12 -17.00 19.40
CA ALA D 489 -35.09 -17.51 20.35
C ALA D 489 -34.49 -18.61 21.22
N SER D 490 -33.56 -19.38 20.67
CA SER D 490 -32.88 -20.39 21.48
C SER D 490 -31.95 -19.75 22.52
N ALA D 491 -31.48 -18.54 22.25
CA ALA D 491 -30.70 -17.81 23.25
C ALA D 491 -31.58 -17.47 24.45
N VAL D 492 -32.85 -17.17 24.21
CA VAL D 492 -33.80 -16.96 25.31
C VAL D 492 -33.97 -18.25 26.10
N GLU D 493 -34.14 -19.37 25.41
CA GLU D 493 -34.32 -20.65 26.09
C GLU D 493 -33.06 -21.03 26.87
N MET D 494 -31.89 -20.82 26.28
CA MET D 494 -30.65 -21.13 26.99
C MET D 494 -30.46 -20.25 28.21
N ALA D 495 -30.90 -18.99 28.15
CA ALA D 495 -30.81 -18.11 29.31
C ALA D 495 -31.72 -18.54 30.44
N LEU D 496 -32.75 -19.32 30.15
CA LEU D 496 -33.63 -19.88 31.18
C LEU D 496 -33.11 -21.17 31.77
N TYR D 497 -32.44 -22.00 30.97
CA TYR D 497 -32.11 -23.37 31.35
C TYR D 497 -30.61 -23.61 31.31
N ASP D 498 -29.82 -22.61 31.69
CA ASP D 498 -28.37 -22.77 31.92
C ASP D 498 -27.67 -23.27 30.66
N GLY D 499 -27.96 -22.61 29.53
CA GLY D 499 -27.34 -22.98 28.28
C GLY D 499 -27.82 -24.29 27.68
N LYS D 500 -28.95 -24.81 28.14
CA LYS D 500 -29.52 -26.04 27.61
C LYS D 500 -30.85 -25.75 26.95
N MET D 501 -31.28 -26.68 26.11
CA MET D 501 -32.58 -26.61 25.45
C MET D 501 -33.32 -27.92 25.70
N LYS D 502 -34.63 -27.82 25.98
CA LYS D 502 -35.41 -29.01 26.27
C LYS D 502 -35.30 -30.05 25.16
N LYS D 503 -35.29 -29.58 23.90
CA LYS D 503 -35.22 -30.47 22.75
C LYS D 503 -33.95 -31.34 22.77
N TYR D 504 -32.87 -30.84 23.36
CA TYR D 504 -31.58 -31.50 23.26
C TYR D 504 -31.08 -32.00 24.61
N GLY D 505 -31.98 -32.16 25.57
CA GLY D 505 -31.66 -32.83 26.82
C GLY D 505 -30.60 -32.09 27.62
N ASP D 506 -29.58 -32.83 28.06
CA ASP D 506 -28.56 -32.28 28.93
C ASP D 506 -27.33 -31.79 28.17
N VAL D 507 -27.40 -31.76 26.83
CA VAL D 507 -26.27 -31.31 26.03
C VAL D 507 -26.01 -29.83 26.31
N GLN D 508 -24.78 -29.51 26.72
CA GLN D 508 -24.41 -28.14 27.05
C GLN D 508 -24.18 -27.37 25.75
N LEU D 509 -25.23 -26.70 25.28
CA LEU D 509 -25.14 -25.98 24.02
C LEU D 509 -24.52 -24.60 24.21
N GLY D 510 -25.01 -23.85 25.19
CA GLY D 510 -24.57 -22.49 25.42
C GLY D 510 -23.79 -22.31 26.71
N ILE D 511 -23.62 -21.05 27.10
CA ILE D 511 -22.91 -20.72 28.33
C ILE D 511 -23.71 -21.21 29.53
N GLN D 512 -22.99 -21.63 30.58
CA GLN D 512 -23.63 -22.02 31.84
C GLN D 512 -23.90 -20.75 32.64
N THR D 513 -25.01 -20.10 32.28
CA THR D 513 -25.40 -18.83 32.88
C THR D 513 -26.18 -19.00 34.18
N GLY D 514 -26.38 -20.24 34.63
CA GLY D 514 -27.02 -20.52 35.90
C GLY D 514 -28.49 -20.83 35.75
N ASP D 515 -29.07 -21.36 36.83
CA ASP D 515 -30.50 -21.64 36.83
C ASP D 515 -31.26 -20.34 36.94
N ALA D 516 -32.09 -20.04 35.93
CA ALA D 516 -32.85 -18.79 35.93
C ALA D 516 -33.88 -18.74 37.04
N ARG D 517 -34.24 -19.89 37.63
CA ARG D 517 -35.14 -19.88 38.79
C ARG D 517 -34.52 -19.13 39.95
N LYS D 518 -33.18 -19.13 40.05
CA LYS D 518 -32.46 -18.48 41.12
C LYS D 518 -32.13 -17.02 40.82
N PHE D 519 -32.58 -16.50 39.68
CA PHE D 519 -32.28 -15.13 39.30
C PHE D 519 -33.07 -14.14 40.15
N LYS D 520 -32.41 -13.04 40.54
CA LYS D 520 -33.01 -12.08 41.46
C LYS D 520 -33.32 -10.73 40.86
N SER D 521 -32.77 -10.39 39.69
CA SER D 521 -33.03 -9.07 39.14
C SER D 521 -33.07 -9.16 37.63
N TRP D 522 -33.64 -8.13 37.01
CA TRP D 522 -33.63 -8.04 35.56
C TRP D 522 -32.20 -8.01 35.04
N ASP D 523 -31.30 -7.31 35.75
CA ASP D 523 -29.90 -7.28 35.36
C ASP D 523 -29.32 -8.68 35.28
N GLU D 524 -29.70 -9.56 36.22
CA GLU D 524 -29.13 -10.90 36.25
C GLU D 524 -29.62 -11.73 35.06
N PHE D 525 -30.87 -11.55 34.64
CA PHE D 525 -31.37 -12.30 33.49
C PHE D 525 -30.89 -11.70 32.18
N TRP D 526 -30.91 -10.37 32.07
CA TRP D 526 -30.43 -9.72 30.85
C TRP D 526 -28.97 -10.08 30.57
N ASN D 527 -28.13 -10.11 31.60
CA ASN D 527 -26.75 -10.53 31.40
C ASN D 527 -26.68 -11.97 30.92
N ALA D 528 -27.54 -12.84 31.45
CA ALA D 528 -27.57 -14.23 31.00
C ALA D 528 -27.92 -14.30 29.52
N TYR D 529 -28.89 -13.50 29.07
CA TYR D 529 -29.25 -13.51 27.66
C TYR D 529 -28.12 -12.99 26.80
N VAL D 530 -27.50 -11.87 27.19
CA VAL D 530 -26.44 -11.27 26.38
C VAL D 530 -25.31 -12.27 26.17
N GLN D 531 -25.05 -13.09 27.18
CA GLN D 531 -23.99 -14.09 27.04
C GLN D 531 -24.34 -15.10 25.95
N GLN D 532 -25.58 -15.59 25.95
CA GLN D 532 -26.02 -16.49 24.89
C GLN D 532 -26.12 -15.75 23.56
N HIS D 533 -26.55 -14.50 23.60
CA HIS D 533 -26.63 -13.70 22.38
C HIS D 533 -25.25 -13.55 21.74
N MET D 534 -24.26 -13.13 22.52
CA MET D 534 -22.92 -12.94 21.96
C MET D 534 -22.27 -14.26 21.56
N LEU D 535 -22.59 -15.36 22.26
CA LEU D 535 -22.06 -16.65 21.87
C LEU D 535 -22.54 -17.03 20.47
N LEU D 536 -23.83 -16.85 20.20
CA LEU D 536 -24.36 -17.13 18.87
C LEU D 536 -23.70 -16.25 17.82
N LEU D 537 -23.43 -14.98 18.14
CA LEU D 537 -22.77 -14.10 17.17
C LEU D 537 -21.36 -14.56 16.87
N ARG D 538 -20.60 -14.95 17.91
CA ARG D 538 -19.26 -15.47 17.68
C ARG D 538 -19.31 -16.76 16.87
N THR D 539 -20.23 -17.67 17.21
CA THR D 539 -20.36 -18.92 16.47
C THR D 539 -20.74 -18.65 15.03
N THR D 540 -21.60 -17.66 14.82
CA THR D 540 -22.07 -17.31 13.48
C THR D 540 -20.91 -16.89 12.59
N PHE D 541 -20.04 -16.01 13.09
CA PHE D 541 -18.95 -15.51 12.27
C PHE D 541 -17.82 -16.52 12.11
N ILE D 542 -17.56 -17.32 13.14
CA ILE D 542 -16.56 -18.37 13.01
C ILE D 542 -16.98 -19.39 11.96
N GLN D 543 -18.25 -19.82 12.03
CA GLN D 543 -18.78 -20.73 11.02
C GLN D 543 -18.71 -20.11 9.63
N GLN D 544 -19.04 -18.81 9.52
CA GLN D 544 -19.06 -18.17 8.21
C GLN D 544 -17.68 -18.16 7.58
N TYR D 545 -16.66 -17.86 8.37
CA TYR D 545 -15.31 -17.79 7.84
C TYR D 545 -14.85 -19.14 7.30
N ILE D 546 -15.25 -20.23 7.97
CA ILE D 546 -14.92 -21.55 7.46
C ILE D 546 -15.68 -21.82 6.17
N VAL D 547 -16.94 -21.37 6.10
CA VAL D 547 -17.73 -21.55 4.89
C VAL D 547 -17.07 -20.86 3.70
N ILE D 548 -16.63 -19.62 3.90
CA ILE D 548 -15.98 -18.88 2.83
C ILE D 548 -14.76 -19.64 2.31
N GLN D 549 -13.93 -20.14 3.22
CA GLN D 549 -12.73 -20.85 2.79
C GLN D 549 -13.07 -22.19 2.15
N THR D 550 -14.10 -22.87 2.68
CA THR D 550 -14.40 -24.21 2.16
C THR D 550 -15.07 -24.14 0.80
N ARG D 551 -15.99 -23.18 0.60
CA ARG D 551 -16.65 -23.03 -0.69
C ARG D 551 -15.66 -22.76 -1.81
N ALA D 552 -14.58 -22.02 -1.51
CA ALA D 552 -13.58 -21.70 -2.52
C ALA D 552 -12.92 -22.95 -3.10
N LYS D 553 -13.01 -24.08 -2.40
CA LYS D 553 -12.43 -25.32 -2.85
C LYS D 553 -13.41 -26.22 -3.59
N HIS D 554 -14.69 -25.86 -3.63
CA HIS D 554 -15.71 -26.78 -4.11
C HIS D 554 -16.62 -26.22 -5.20
N PHE D 555 -16.68 -24.91 -5.39
CA PHE D 555 -17.64 -24.32 -6.32
C PHE D 555 -16.92 -23.43 -7.31
N ALA D 556 -17.37 -23.51 -8.57
CA ALA D 556 -16.95 -22.61 -9.64
C ALA D 556 -18.18 -22.28 -10.47
N GLN D 557 -18.11 -21.19 -11.23
CA GLN D 557 -19.26 -20.67 -11.96
C GLN D 557 -18.79 -20.01 -13.24
N PRO D 558 -18.37 -20.81 -14.24
CA PRO D 558 -17.77 -20.20 -15.45
C PRO D 558 -18.71 -19.28 -16.22
N MET D 559 -19.95 -19.68 -16.46
CA MET D 559 -20.86 -18.81 -17.21
C MET D 559 -21.18 -17.56 -16.41
N GLY D 560 -21.55 -17.73 -15.14
CA GLY D 560 -21.80 -16.57 -14.31
C GLY D 560 -20.61 -15.64 -14.23
N SER D 561 -19.40 -16.21 -14.29
CA SER D 561 -18.19 -15.39 -14.21
C SER D 561 -17.97 -14.59 -15.49
N VAL D 562 -18.18 -15.21 -16.65
CA VAL D 562 -17.98 -14.50 -17.91
C VAL D 562 -19.02 -13.40 -18.11
N LEU D 563 -20.13 -13.43 -17.39
CA LEU D 563 -21.11 -12.36 -17.45
C LEU D 563 -20.78 -11.22 -16.50
N HIS D 564 -19.67 -11.31 -15.79
CA HIS D 564 -19.26 -10.32 -14.79
C HIS D 564 -18.01 -9.61 -15.30
N ALA D 565 -18.11 -8.29 -15.49
CA ALA D 565 -17.00 -7.54 -16.07
C ALA D 565 -15.74 -7.63 -15.21
N LEU D 566 -15.90 -7.65 -13.88
CA LEU D 566 -14.72 -7.75 -13.02
C LEU D 566 -14.08 -9.12 -13.11
N CYS D 567 -14.88 -10.18 -13.26
CA CYS D 567 -14.30 -11.50 -13.44
C CYS D 567 -13.60 -11.63 -14.79
N ARG D 568 -14.15 -11.00 -15.83
CA ARG D 568 -13.46 -10.97 -17.10
C ARG D 568 -12.16 -10.19 -17.00
N LYS D 569 -12.15 -9.11 -16.20
CA LYS D 569 -11.00 -8.23 -16.18
C LYS D 569 -9.83 -8.84 -15.41
N HIS D 570 -10.10 -9.46 -14.26
CA HIS D 570 -9.02 -10.02 -13.44
C HIS D 570 -8.91 -11.52 -13.56
N CYS D 571 -9.78 -12.16 -14.35
CA CYS D 571 -9.67 -13.58 -14.66
C CYS D 571 -9.70 -14.44 -13.40
N ILE D 572 -10.82 -14.37 -12.69
CA ILE D 572 -10.98 -15.14 -11.47
C ILE D 572 -12.46 -15.45 -11.30
N ASP D 573 -12.75 -16.66 -10.79
CA ASP D 573 -14.11 -17.13 -10.64
C ASP D 573 -14.82 -16.42 -9.49
N LEU D 574 -16.16 -16.32 -9.61
CA LEU D 574 -16.94 -15.57 -8.64
C LEU D 574 -16.86 -16.17 -7.24
N HIS D 575 -16.87 -17.51 -7.15
CA HIS D 575 -16.88 -18.20 -5.87
C HIS D 575 -15.55 -18.17 -5.18
N GLN D 576 -14.60 -17.44 -5.70
CA GLN D 576 -13.37 -17.20 -4.95
C GLN D 576 -13.62 -16.11 -3.90
N PRO D 577 -12.86 -16.13 -2.79
CA PRO D 577 -13.19 -15.23 -1.68
C PRO D 577 -13.02 -13.76 -2.02
N GLN D 578 -11.93 -13.40 -2.69
CA GLN D 578 -11.63 -12.00 -2.99
C GLN D 578 -11.39 -11.83 -4.48
N ILE D 579 -12.08 -10.86 -5.06
CA ILE D 579 -11.96 -10.53 -6.48
C ILE D 579 -11.59 -9.05 -6.57
N PRO D 580 -10.53 -8.69 -7.29
CA PRO D 580 -10.10 -7.28 -7.32
C PRO D 580 -11.24 -6.37 -7.78
N GLU D 581 -11.39 -5.25 -7.08
CA GLU D 581 -12.39 -4.21 -7.31
C GLU D 581 -13.81 -4.64 -7.00
N GLY D 582 -14.02 -5.87 -6.53
CA GLY D 582 -15.37 -6.32 -6.23
C GLY D 582 -15.84 -5.86 -4.85
N LEU D 583 -17.17 -5.83 -4.70
CA LEU D 583 -17.80 -5.53 -3.43
C LEU D 583 -18.52 -6.77 -2.91
N ASN D 584 -18.37 -7.04 -1.62
CA ASN D 584 -18.85 -8.28 -1.01
C ASN D 584 -19.94 -7.95 0.00
N PHE D 585 -21.17 -8.34 -0.32
CA PHE D 585 -22.33 -8.13 0.54
C PHE D 585 -22.82 -9.50 1.01
N GLY D 586 -22.41 -9.89 2.22
CA GLY D 586 -22.84 -11.12 2.83
C GLY D 586 -23.84 -10.87 3.96
N TYR D 587 -24.30 -11.97 4.54
CA TYR D 587 -25.38 -11.89 5.51
C TYR D 587 -25.23 -12.94 6.59
N PHE D 588 -25.76 -12.62 7.77
CA PHE D 588 -26.16 -13.60 8.76
C PHE D 588 -27.57 -13.25 9.19
N GLU D 589 -28.32 -14.26 9.62
CA GLU D 589 -29.74 -14.09 9.87
C GLU D 589 -30.02 -13.99 11.37
N PHE D 590 -30.70 -12.93 11.76
CA PHE D 590 -31.31 -12.79 13.07
C PHE D 590 -32.73 -13.36 12.97
N MET D 591 -32.94 -14.54 13.56
CA MET D 591 -34.24 -15.19 13.49
C MET D 591 -35.00 -15.02 14.82
N GLY D 592 -36.29 -14.75 14.72
CA GLY D 592 -37.13 -14.70 15.91
C GLY D 592 -37.15 -13.38 16.65
N LEU D 593 -36.96 -12.26 15.95
CA LEU D 593 -36.88 -10.96 16.60
C LEU D 593 -38.08 -10.70 17.50
N GLY D 594 -39.29 -10.79 16.95
CA GLY D 594 -40.48 -10.52 17.73
C GLY D 594 -40.66 -11.46 18.91
N THR D 595 -40.33 -12.75 18.72
CA THR D 595 -40.42 -13.69 19.83
C THR D 595 -39.42 -13.36 20.92
N VAL D 596 -38.22 -12.93 20.53
CA VAL D 596 -37.19 -12.58 21.51
C VAL D 596 -37.59 -11.31 22.26
N ILE D 597 -38.04 -10.29 21.53
CA ILE D 597 -38.46 -9.05 22.16
C ILE D 597 -39.58 -9.31 23.18
N ASP D 598 -40.66 -9.94 22.73
CA ASP D 598 -41.81 -10.14 23.61
C ASP D 598 -41.47 -11.03 24.81
N SER D 599 -40.59 -12.01 24.62
CA SER D 599 -40.19 -12.87 25.73
C SER D 599 -39.43 -12.07 26.78
N LEU D 600 -38.44 -11.30 26.35
CA LEU D 600 -37.66 -10.51 27.29
C LEU D 600 -38.50 -9.41 27.93
N ALA D 601 -39.40 -8.79 27.16
CA ALA D 601 -40.24 -7.74 27.73
C ALA D 601 -41.17 -8.29 28.81
N ALA D 602 -41.71 -9.49 28.59
CA ALA D 602 -42.61 -10.08 29.59
C ALA D 602 -41.88 -10.33 30.91
N ILE D 603 -40.63 -10.76 30.84
CA ILE D 603 -39.85 -11.01 32.06
C ILE D 603 -39.53 -9.68 32.75
N LYS D 604 -39.04 -8.70 31.98
CA LYS D 604 -38.72 -7.41 32.55
C LYS D 604 -39.95 -6.78 33.19
N LYS D 605 -41.09 -6.84 32.49
CA LYS D 605 -42.32 -6.25 32.99
C LYS D 605 -42.94 -7.05 34.12
N LEU D 606 -43.30 -8.30 33.86
CA LEU D 606 -44.19 -9.02 34.75
C LEU D 606 -43.49 -9.68 35.93
N VAL D 607 -42.17 -9.87 35.87
CA VAL D 607 -41.43 -10.53 36.94
C VAL D 607 -40.73 -9.54 37.84
N PHE D 608 -39.92 -8.64 37.27
CA PHE D 608 -39.01 -7.83 38.07
C PHE D 608 -39.47 -6.39 38.25
N GLU D 609 -40.39 -5.90 37.43
CA GLU D 609 -40.92 -4.55 37.58
C GLU D 609 -42.28 -4.54 38.28
N ASP D 610 -43.24 -5.31 37.79
CA ASP D 610 -44.54 -5.38 38.43
C ASP D 610 -44.62 -6.46 39.50
N LYS D 611 -43.64 -7.38 39.54
CA LYS D 611 -43.57 -8.42 40.55
C LYS D 611 -44.86 -9.22 40.65
N LYS D 612 -45.54 -9.40 39.52
CA LYS D 612 -46.80 -10.14 39.51
C LYS D 612 -46.60 -11.64 39.56
N LEU D 613 -45.39 -12.11 39.29
CA LEU D 613 -45.05 -13.52 39.48
C LEU D 613 -43.53 -13.63 39.61
N THR D 614 -43.08 -14.79 40.06
CA THR D 614 -41.67 -15.07 40.24
C THR D 614 -41.15 -15.91 39.10
N MET D 615 -39.81 -15.95 38.96
CA MET D 615 -39.20 -16.78 37.93
C MET D 615 -39.55 -18.24 38.10
N ASP D 616 -39.73 -18.70 39.35
CA ASP D 616 -40.12 -20.09 39.59
C ASP D 616 -41.49 -20.38 39.02
N GLN D 617 -42.45 -19.51 39.28
CA GLN D 617 -43.80 -19.65 38.72
C GLN D 617 -43.77 -19.59 37.20
N LEU D 618 -43.01 -18.65 36.64
CA LEU D 618 -42.92 -18.52 35.18
C LEU D 618 -42.35 -19.78 34.55
N ILE D 619 -41.20 -20.24 35.05
CA ILE D 619 -40.55 -21.40 34.47
C ILE D 619 -41.37 -22.66 34.75
N ASP D 620 -42.16 -22.65 35.83
CA ASP D 620 -43.12 -23.74 36.04
C ASP D 620 -44.13 -23.81 34.92
N ALA D 621 -44.66 -22.65 34.49
CA ALA D 621 -45.64 -22.64 33.42
C ALA D 621 -45.03 -23.03 32.08
N LEU D 622 -43.78 -22.61 31.84
CA LEU D 622 -43.11 -22.96 30.58
C LEU D 622 -42.84 -24.44 30.49
N GLU D 623 -42.31 -25.03 31.57
CA GLU D 623 -42.00 -26.45 31.55
C GLU D 623 -43.26 -27.32 31.48
N ALA D 624 -44.42 -26.76 31.80
CA ALA D 624 -45.68 -27.48 31.67
C ALA D 624 -46.35 -27.26 30.32
N ASN D 625 -45.73 -26.47 29.43
CA ASN D 625 -46.33 -26.08 28.16
C ASN D 625 -47.70 -25.43 28.36
N PHE D 626 -47.81 -24.65 29.44
CA PHE D 626 -48.99 -23.87 29.83
C PHE D 626 -50.24 -24.71 30.10
N GLU D 627 -50.11 -26.04 30.17
CA GLU D 627 -51.27 -26.87 30.50
C GLU D 627 -51.47 -26.88 32.01
N GLY D 628 -52.62 -26.38 32.45
CA GLY D 628 -52.86 -26.10 33.85
C GLY D 628 -52.35 -24.76 34.33
N TYR D 629 -51.69 -23.99 33.46
CA TYR D 629 -51.19 -22.67 33.79
C TYR D 629 -51.72 -21.65 32.77
N GLU D 630 -52.88 -21.94 32.18
CA GLU D 630 -53.46 -21.07 31.17
C GLU D 630 -53.72 -19.67 31.68
N ASP D 631 -53.85 -19.49 33.00
CA ASP D 631 -53.98 -18.16 33.55
C ASP D 631 -52.69 -17.36 33.41
N ILE D 632 -51.54 -18.03 33.55
CA ILE D 632 -50.27 -17.35 33.43
C ILE D 632 -49.97 -17.03 31.97
N GLN D 633 -50.32 -17.95 31.06
CA GLN D 633 -50.18 -17.68 29.64
C GLN D 633 -50.93 -16.42 29.24
N GLN D 634 -52.17 -16.29 29.70
CA GLN D 634 -52.93 -15.09 29.41
C GLN D 634 -52.30 -13.87 30.09
N LEU D 635 -51.72 -14.06 31.26
CA LEU D 635 -51.05 -12.95 31.95
C LEU D 635 -49.81 -12.50 31.20
N LEU D 636 -49.03 -13.45 30.66
CA LEU D 636 -47.82 -13.08 29.93
C LEU D 636 -48.14 -12.27 28.69
N ARG D 637 -49.29 -12.52 28.06
CA ARG D 637 -49.66 -11.83 26.83
C ARG D 637 -50.11 -10.39 27.06
N THR D 638 -50.11 -9.91 28.31
CA THR D 638 -50.45 -8.52 28.59
C THR D 638 -49.23 -7.60 28.63
N ALA D 639 -48.02 -8.14 28.51
CA ALA D 639 -46.81 -7.33 28.54
C ALA D 639 -46.61 -6.62 27.19
N PRO D 640 -45.87 -5.52 27.18
CA PRO D 640 -45.64 -4.80 25.92
C PRO D 640 -45.00 -5.70 24.86
N CYS D 641 -45.41 -5.51 23.61
CA CYS D 641 -45.00 -6.38 22.51
C CYS D 641 -44.46 -5.56 21.34
N TYR D 642 -43.62 -6.22 20.54
CA TYR D 642 -43.09 -5.61 19.33
C TYR D 642 -44.18 -5.52 18.27
N GLY D 643 -44.21 -4.38 17.57
CA GLY D 643 -45.19 -4.15 16.54
C GLY D 643 -46.35 -3.26 16.93
N ASN D 644 -46.28 -2.58 18.07
CA ASN D 644 -47.34 -1.69 18.53
C ASN D 644 -46.88 -0.25 18.70
N ASP D 645 -45.70 0.11 18.19
CA ASP D 645 -45.07 1.40 18.46
C ASP D 645 -44.95 1.61 19.98
N ASP D 646 -44.60 0.53 20.69
CA ASP D 646 -44.50 0.54 22.15
C ASP D 646 -43.04 0.66 22.53
N GLU D 647 -42.66 1.85 23.04
CA GLU D 647 -41.26 2.11 23.36
C GLU D 647 -40.72 1.13 24.40
N TYR D 648 -41.59 0.59 25.26
CA TYR D 648 -41.12 -0.38 26.24
C TYR D 648 -40.55 -1.62 25.57
N ALA D 649 -41.23 -2.13 24.54
CA ALA D 649 -40.73 -3.29 23.81
C ALA D 649 -39.68 -2.89 22.78
N ASP D 650 -39.90 -1.77 22.09
CA ASP D 650 -39.03 -1.38 21.00
C ASP D 650 -37.63 -0.99 21.49
N GLU D 651 -37.52 -0.46 22.71
CA GLU D 651 -36.18 -0.13 23.22
C GLU D 651 -35.35 -1.39 23.41
N ILE D 652 -36.00 -2.50 23.74
CA ILE D 652 -35.30 -3.78 23.83
C ILE D 652 -34.87 -4.25 22.45
N GLY D 653 -35.80 -4.20 21.49
CA GLY D 653 -35.46 -4.62 20.14
C GLY D 653 -34.34 -3.80 19.53
N ARG D 654 -34.31 -2.50 19.80
CA ARG D 654 -33.23 -1.67 19.27
C ARG D 654 -31.87 -2.12 19.81
N GLU D 655 -31.82 -2.52 21.09
CA GLU D 655 -30.56 -2.95 21.67
C GLU D 655 -30.13 -4.31 21.14
N LEU D 656 -31.09 -5.23 20.96
CA LEU D 656 -30.78 -6.50 20.31
C LEU D 656 -30.19 -6.28 18.93
N ASP D 657 -30.87 -5.46 18.12
CA ASP D 657 -30.35 -5.13 16.79
C ASP D 657 -29.00 -4.44 16.89
N ARG D 658 -28.85 -3.51 17.83
CA ARG D 658 -27.58 -2.81 17.96
C ARG D 658 -26.45 -3.77 18.28
N MET D 659 -26.71 -4.80 19.09
CA MET D 659 -25.67 -5.78 19.38
C MET D 659 -25.28 -6.53 18.11
N ALA D 660 -26.28 -6.88 17.29
CA ALA D 660 -26.00 -7.64 16.07
C ALA D 660 -25.29 -6.78 15.02
N VAL D 661 -25.77 -5.56 14.79
CA VAL D 661 -25.16 -4.71 13.78
C VAL D 661 -23.77 -4.26 14.21
N SER D 662 -23.62 -3.91 15.49
CA SER D 662 -22.31 -3.48 15.99
C SER D 662 -21.29 -4.61 15.90
N PHE D 663 -21.69 -5.84 16.22
CA PHE D 663 -20.79 -6.98 16.07
C PHE D 663 -20.44 -7.17 14.60
N ALA D 664 -21.42 -7.01 13.72
CA ALA D 664 -21.18 -7.15 12.28
C ALA D 664 -20.21 -6.07 11.80
N ALA D 665 -20.36 -4.85 12.31
CA ALA D 665 -19.46 -3.78 11.90
C ALA D 665 -18.03 -4.05 12.35
N LYS D 666 -17.83 -4.74 13.47
CA LYS D 666 -16.49 -4.93 13.99
C LYS D 666 -15.78 -6.12 13.36
N TYR D 667 -16.48 -7.24 13.14
CA TYR D 667 -15.85 -8.49 12.76
C TYR D 667 -16.10 -8.91 11.32
N GLY D 668 -16.86 -8.14 10.54
CA GLY D 668 -17.00 -8.45 9.14
C GLY D 668 -15.73 -8.15 8.35
N LYS D 669 -15.10 -6.99 8.61
CA LYS D 669 -14.04 -6.53 7.73
C LYS D 669 -12.83 -7.46 7.73
N GLU D 670 -12.58 -8.16 8.82
CA GLU D 670 -11.40 -9.04 8.83
C GLU D 670 -11.60 -10.28 7.97
N MET D 671 -12.85 -10.63 7.67
CA MET D 671 -13.12 -11.61 6.63
C MET D 671 -13.13 -10.98 5.25
N GLY D 672 -12.94 -9.66 5.15
CA GLY D 672 -12.91 -9.00 3.87
C GLY D 672 -14.27 -8.83 3.23
N ILE D 673 -15.35 -8.85 4.00
CA ILE D 673 -16.70 -8.75 3.46
C ILE D 673 -17.55 -7.89 4.38
N ASN D 674 -18.70 -7.47 3.87
CA ASN D 674 -19.80 -6.97 4.70
C ASN D 674 -20.63 -8.18 5.10
N ASN D 675 -20.66 -8.50 6.38
CA ASN D 675 -21.47 -9.60 6.88
C ASN D 675 -22.56 -9.00 7.75
N ASP D 676 -23.62 -8.52 7.11
CA ASP D 676 -24.57 -7.63 7.76
C ASP D 676 -25.76 -8.37 8.35
N ALA D 677 -26.39 -7.74 9.34
CA ALA D 677 -27.55 -8.32 10.00
C ALA D 677 -28.77 -8.28 9.10
N ARG D 678 -29.39 -9.44 8.89
CA ARG D 678 -30.51 -9.58 7.98
C ARG D 678 -31.66 -10.27 8.71
N TYR D 679 -32.88 -9.88 8.35
CA TYR D 679 -34.06 -10.44 8.98
C TYR D 679 -35.01 -11.03 7.93
N VAL D 680 -34.48 -11.91 7.08
CA VAL D 680 -35.22 -12.54 6.00
C VAL D 680 -35.25 -14.04 6.26
N PRO D 681 -36.43 -14.65 6.45
CA PRO D 681 -36.49 -15.95 7.12
C PRO D 681 -36.52 -17.17 6.23
N PHE D 682 -36.75 -17.03 4.93
CA PHE D 682 -37.18 -18.17 4.12
C PHE D 682 -38.43 -18.70 4.82
N THR D 683 -38.58 -20.02 5.00
CA THR D 683 -39.55 -20.57 5.94
C THR D 683 -38.87 -21.17 7.17
N SER D 684 -37.63 -20.76 7.44
CA SER D 684 -36.86 -21.32 8.55
C SER D 684 -37.43 -20.98 9.91
N HIS D 685 -38.34 -20.01 10.01
CA HIS D 685 -39.01 -19.72 11.27
C HIS D 685 -39.91 -20.85 11.73
N VAL D 686 -40.21 -21.81 10.87
CA VAL D 686 -41.00 -22.98 11.27
C VAL D 686 -40.08 -24.01 11.93
N PRO D 687 -39.02 -24.51 11.26
CA PRO D 687 -38.14 -25.45 11.97
C PRO D 687 -37.40 -24.82 13.15
N PHE D 688 -37.06 -23.54 13.08
CA PHE D 688 -36.43 -22.87 14.23
C PHE D 688 -37.37 -22.84 15.43
N GLY D 689 -38.66 -22.63 15.17
CA GLY D 689 -39.63 -22.69 16.25
C GLY D 689 -39.84 -24.09 16.79
N LYS D 690 -39.76 -25.09 15.92
CA LYS D 690 -39.99 -26.47 16.34
C LYS D 690 -38.92 -27.00 17.28
N VAL D 691 -37.79 -26.30 17.43
CA VAL D 691 -36.74 -26.72 18.36
C VAL D 691 -36.72 -25.87 19.62
N VAL D 692 -37.59 -24.86 19.72
CA VAL D 692 -37.66 -23.97 20.88
C VAL D 692 -38.91 -24.32 21.68
N SER D 693 -38.74 -24.60 22.97
CA SER D 693 -39.88 -24.93 23.81
C SER D 693 -40.67 -23.66 24.12
N ALA D 694 -41.63 -23.76 25.04
CA ALA D 694 -42.51 -22.63 25.34
C ALA D 694 -41.69 -21.44 25.84
N THR D 695 -42.09 -20.24 25.42
CA THR D 695 -41.34 -19.03 25.67
C THR D 695 -42.14 -18.04 26.53
N PRO D 696 -41.45 -17.12 27.23
CA PRO D 696 -42.15 -16.25 28.19
C PRO D 696 -43.18 -15.30 27.59
N ASN D 697 -43.30 -15.24 26.26
CA ASN D 697 -44.28 -14.36 25.66
C ASN D 697 -45.65 -15.01 25.48
N GLY D 698 -45.81 -16.26 25.89
CA GLY D 698 -47.06 -16.96 25.74
C GLY D 698 -47.08 -17.95 24.60
N ARG D 699 -46.05 -17.97 23.77
CA ARG D 699 -45.98 -18.93 22.67
C ARG D 699 -45.77 -20.33 23.21
N VAL D 700 -46.62 -21.26 22.76
CA VAL D 700 -46.52 -22.66 23.18
C VAL D 700 -45.28 -23.30 22.59
N ALA D 701 -44.91 -24.47 23.09
CA ALA D 701 -43.70 -25.14 22.63
C ALA D 701 -43.85 -25.58 21.16
N TRP D 702 -42.73 -25.52 20.43
CA TRP D 702 -42.58 -25.99 19.06
C TRP D 702 -43.38 -25.19 18.04
N PHE D 703 -43.99 -24.06 18.43
CA PHE D 703 -44.70 -23.24 17.47
C PHE D 703 -43.72 -22.38 16.68
N PRO D 704 -44.02 -22.08 15.41
CA PRO D 704 -43.11 -21.24 14.62
C PRO D 704 -42.80 -19.92 15.30
N LEU D 705 -41.59 -19.42 15.04
CA LEU D 705 -41.17 -18.12 15.55
C LEU D 705 -41.82 -16.99 14.76
N ALA D 706 -41.59 -15.76 15.21
CA ALA D 706 -42.01 -14.61 14.44
C ALA D 706 -41.27 -14.56 13.12
N ASP D 707 -42.01 -14.38 12.02
CA ASP D 707 -41.41 -14.37 10.69
C ASP D 707 -40.72 -13.04 10.44
N GLY D 708 -39.47 -13.10 9.98
CA GLY D 708 -38.72 -11.90 9.64
C GLY D 708 -38.72 -10.89 10.77
N SER D 709 -38.95 -9.63 10.44
CA SER D 709 -39.13 -8.57 11.41
C SER D 709 -40.60 -8.20 11.59
N SER D 710 -41.50 -9.12 11.28
CA SER D 710 -42.92 -8.94 11.53
C SER D 710 -43.22 -9.16 13.00
N PRO D 711 -44.36 -8.68 13.48
CA PRO D 711 -44.73 -8.94 14.89
C PRO D 711 -44.95 -10.43 15.14
N SER D 712 -44.78 -10.81 16.41
CA SER D 712 -45.21 -12.13 16.84
C SER D 712 -46.68 -12.32 16.51
N HIS D 713 -47.05 -13.57 16.25
CA HIS D 713 -48.41 -13.88 15.81
C HIS D 713 -49.45 -13.34 16.78
N GLY D 714 -50.29 -12.43 16.28
CA GLY D 714 -51.36 -11.88 17.08
C GLY D 714 -50.92 -10.90 18.15
N ALA D 715 -49.70 -10.36 18.05
CA ALA D 715 -49.21 -9.42 19.05
C ALA D 715 -49.41 -7.97 18.66
N ASP D 716 -49.84 -7.69 17.42
CA ASP D 716 -49.99 -6.33 16.92
C ASP D 716 -51.45 -5.92 17.11
N HIS D 717 -51.71 -5.15 18.17
CA HIS D 717 -53.05 -4.70 18.52
C HIS D 717 -53.27 -3.23 18.23
N ASN D 718 -52.36 -2.57 17.51
CA ASN D 718 -52.43 -1.13 17.30
C ASN D 718 -52.49 -0.74 15.83
N GLY D 719 -52.94 -1.63 14.95
CA GLY D 719 -53.09 -1.29 13.56
C GLY D 719 -51.84 -1.56 12.76
N PRO D 720 -51.95 -1.48 11.43
CA PRO D 720 -50.80 -1.82 10.58
C PRO D 720 -49.70 -0.76 10.57
N THR D 721 -50.06 0.52 10.71
CA THR D 721 -49.03 1.56 10.69
C THR D 721 -48.08 1.42 11.87
N ALA D 722 -48.57 0.94 13.02
CA ALA D 722 -47.70 0.74 14.18
C ALA D 722 -46.61 -0.29 13.89
N ILE D 723 -46.90 -1.27 13.02
CA ILE D 723 -45.88 -2.24 12.64
C ILE D 723 -44.71 -1.54 11.94
N LEU D 724 -45.01 -0.56 11.08
CA LEU D 724 -43.96 0.19 10.41
C LEU D 724 -43.14 1.00 11.40
N LEU D 725 -43.80 1.67 12.34
CA LEU D 725 -43.07 2.50 13.30
C LEU D 725 -42.23 1.63 14.22
N SER D 726 -42.73 0.44 14.58
CA SER D 726 -41.95 -0.47 15.40
C SER D 726 -40.71 -0.97 14.66
N ASN D 727 -40.86 -1.28 13.37
CA ASN D 727 -39.69 -1.65 12.57
C ASN D 727 -38.67 -0.52 12.54
N HIS D 728 -39.13 0.72 12.37
CA HIS D 728 -38.22 1.86 12.36
C HIS D 728 -37.54 2.04 13.72
N ASN D 729 -38.29 1.83 14.81
CA ASN D 729 -37.78 2.11 16.14
C ASN D 729 -36.80 1.07 16.64
N THR D 730 -36.73 -0.10 16.01
CA THR D 730 -35.81 -1.15 16.43
C THR D 730 -34.57 -1.24 15.53
N LYS D 731 -34.40 -0.30 14.62
CA LYS D 731 -33.23 -0.23 13.78
C LYS D 731 -32.24 0.79 14.33
N ASN D 732 -31.01 0.73 13.80
CA ASN D 732 -29.92 1.60 14.26
C ASN D 732 -29.35 2.31 13.03
N TYR D 733 -30.02 3.39 12.61
CA TYR D 733 -29.62 4.09 11.40
C TYR D 733 -28.27 4.80 11.54
N GLY D 734 -27.70 4.87 12.74
CA GLY D 734 -26.37 5.44 12.86
C GLY D 734 -25.26 4.53 12.36
N MET D 735 -25.57 3.25 12.11
CA MET D 735 -24.61 2.30 11.58
C MET D 735 -25.10 1.78 10.24
N ARG D 736 -24.21 1.07 9.54
CA ARG D 736 -24.51 0.58 8.20
C ARG D 736 -24.43 -0.93 8.06
N ALA D 737 -23.91 -1.65 9.05
CA ALA D 737 -23.75 -3.10 8.93
C ALA D 737 -25.07 -3.84 9.04
N ARG D 738 -26.06 -3.43 8.25
CA ARG D 738 -27.37 -4.06 8.24
C ARG D 738 -27.80 -4.33 6.80
N ALA D 739 -28.74 -5.25 6.64
CA ALA D 739 -29.33 -5.49 5.34
C ALA D 739 -30.86 -5.52 5.46
N ALA D 740 -31.52 -6.33 4.65
CA ALA D 740 -32.97 -6.24 4.58
C ALA D 740 -33.65 -6.80 5.83
N ARG D 741 -34.90 -6.36 6.03
CA ARG D 741 -35.84 -6.92 6.99
C ARG D 741 -37.11 -7.29 6.24
N LEU D 742 -37.58 -8.52 6.43
CA LEU D 742 -38.82 -8.97 5.78
C LEU D 742 -40.02 -8.63 6.65
N ILE D 743 -40.97 -7.90 6.09
CA ILE D 743 -42.20 -7.52 6.78
C ILE D 743 -43.38 -8.15 6.04
N ASN D 744 -44.19 -8.91 6.77
CA ASN D 744 -45.42 -9.46 6.26
C ASN D 744 -46.60 -8.78 6.95
N VAL D 745 -47.50 -8.22 6.15
CA VAL D 745 -48.71 -7.58 6.65
C VAL D 745 -49.91 -8.19 5.93
N LYS D 746 -50.96 -8.50 6.67
CA LYS D 746 -52.16 -9.09 6.12
C LYS D 746 -53.32 -8.12 6.29
N PHE D 747 -54.03 -7.83 5.21
CA PHE D 747 -55.25 -7.04 5.28
C PHE D 747 -56.44 -7.90 4.92
N THR D 748 -57.59 -7.56 5.49
CA THR D 748 -58.82 -8.14 4.97
C THR D 748 -59.21 -7.41 3.67
N PRO D 749 -59.91 -8.09 2.76
CA PRO D 749 -60.37 -7.40 1.55
C PRO D 749 -61.26 -6.21 1.82
N LYS D 750 -62.07 -6.25 2.88
CA LYS D 750 -62.90 -5.10 3.21
C LYS D 750 -62.04 -3.91 3.61
N CYS D 751 -60.89 -4.16 4.23
CA CYS D 751 -60.00 -3.09 4.65
C CYS D 751 -59.57 -2.25 3.46
N VAL D 752 -59.36 -2.87 2.31
CA VAL D 752 -58.81 -2.14 1.18
C VAL D 752 -59.77 -2.09 -0.01
N GLU D 753 -61.08 -2.12 0.26
CA GLU D 753 -62.04 -2.19 -0.83
C GLU D 753 -62.14 -0.86 -1.57
N GLY D 754 -62.31 -0.94 -2.88
CA GLY D 754 -62.65 0.22 -3.70
C GLY D 754 -61.52 1.23 -3.81
N ASP D 755 -61.84 2.32 -4.51
CA ASP D 755 -60.86 3.39 -4.71
C ASP D 755 -60.43 4.02 -3.38
N ALA D 756 -61.32 4.09 -2.40
CA ALA D 756 -60.91 4.54 -1.08
C ALA D 756 -59.86 3.60 -0.50
N GLY D 757 -59.98 2.31 -0.78
CA GLY D 757 -59.01 1.36 -0.29
C GLY D 757 -57.67 1.45 -1.00
N THR D 758 -57.70 1.65 -2.32
CA THR D 758 -56.46 1.76 -3.06
C THR D 758 -55.65 2.98 -2.60
N GLU D 759 -56.34 4.11 -2.37
CA GLU D 759 -55.65 5.31 -1.93
C GLU D 759 -55.03 5.13 -0.55
N LYS D 760 -55.74 4.42 0.34
CA LYS D 760 -55.20 4.17 1.68
C LYS D 760 -53.96 3.30 1.60
N LEU D 761 -53.96 2.29 0.71
CA LEU D 761 -52.81 1.42 0.55
C LEU D 761 -51.64 2.18 -0.04
N VAL D 762 -51.90 3.10 -0.97
CA VAL D 762 -50.85 3.91 -1.57
C VAL D 762 -50.16 4.76 -0.51
N GLN D 763 -50.95 5.42 0.34
CA GLN D 763 -50.38 6.22 1.42
C GLN D 763 -49.62 5.36 2.41
N PHE D 764 -50.05 4.11 2.59
CA PHE D 764 -49.30 3.18 3.43
C PHE D 764 -47.94 2.89 2.82
N ILE D 765 -47.89 2.71 1.50
CA ILE D 765 -46.62 2.45 0.83
C ILE D 765 -45.74 3.69 0.87
N ARG D 766 -46.34 4.86 0.73
CA ARG D 766 -45.56 6.10 0.77
C ARG D 766 -44.99 6.33 2.16
N THR D 767 -45.75 6.01 3.21
CA THR D 767 -45.24 6.12 4.56
C THR D 767 -44.13 5.11 4.82
N TRP D 768 -44.34 3.85 4.40
CA TRP D 768 -43.30 2.84 4.51
C TRP D 768 -42.02 3.29 3.80
N CYS D 769 -42.16 4.02 2.69
CA CYS D 769 -40.98 4.47 1.95
C CYS D 769 -40.27 5.60 2.70
N ASP D 770 -41.02 6.56 3.24
CA ASP D 770 -40.40 7.65 3.99
C ASP D 770 -39.66 7.15 5.22
N LEU D 771 -40.11 6.04 5.80
CA LEU D 771 -39.48 5.44 6.97
C LEU D 771 -38.20 4.67 6.64
N LYS D 772 -37.80 4.63 5.37
CA LYS D 772 -36.57 3.95 4.95
C LYS D 772 -36.59 2.48 5.35
N LEU D 773 -37.76 1.85 5.27
CA LEU D 773 -37.90 0.41 5.50
C LEU D 773 -37.65 -0.34 4.18
N TRP D 774 -36.85 -1.40 4.27
CA TRP D 774 -36.34 -2.06 3.07
C TRP D 774 -37.45 -2.76 2.28
N HIS D 775 -38.33 -3.48 2.96
CA HIS D 775 -39.24 -4.40 2.29
C HIS D 775 -40.61 -4.39 2.96
N ILE D 776 -41.64 -4.73 2.19
CA ILE D 776 -42.96 -5.04 2.75
C ILE D 776 -43.73 -5.87 1.74
N GLN D 777 -44.63 -6.71 2.25
CA GLN D 777 -45.47 -7.62 1.47
C GLN D 777 -46.87 -7.61 2.06
N PHE D 778 -47.84 -8.03 1.26
CA PHE D 778 -49.22 -8.03 1.72
C PHE D 778 -49.94 -9.29 1.29
N ASN D 779 -50.64 -9.90 2.24
CA ASN D 779 -51.74 -10.80 1.97
C ASN D 779 -53.03 -10.00 2.04
N VAL D 780 -53.93 -10.21 1.08
CA VAL D 780 -55.24 -9.59 1.08
C VAL D 780 -56.24 -10.73 0.96
N ILE D 781 -56.73 -11.21 2.09
CA ILE D 781 -57.49 -12.45 2.16
C ILE D 781 -58.30 -12.42 3.45
N ASN D 782 -59.40 -13.17 3.47
CA ASN D 782 -60.19 -13.32 4.67
C ASN D 782 -59.71 -14.54 5.45
N ALA D 783 -59.81 -14.46 6.78
CA ALA D 783 -59.46 -15.60 7.61
C ALA D 783 -60.30 -16.82 7.23
N ASP D 784 -61.52 -16.57 6.73
CA ASP D 784 -62.42 -17.67 6.37
C ASP D 784 -61.83 -18.51 5.24
N THR D 785 -61.16 -17.87 4.29
CA THR D 785 -60.56 -18.61 3.18
C THR D 785 -59.50 -19.58 3.67
N LEU D 786 -58.65 -19.14 4.61
CA LEU D 786 -57.56 -19.98 5.09
C LEU D 786 -58.09 -21.16 5.90
N LYS D 787 -59.05 -20.93 6.78
CA LYS D 787 -59.55 -22.00 7.63
C LYS D 787 -60.33 -23.03 6.81
N LYS D 788 -61.09 -22.58 5.81
CA LYS D 788 -61.78 -23.51 4.94
C LYS D 788 -60.82 -24.35 4.11
N ALA D 789 -59.68 -23.78 3.71
CA ALA D 789 -58.70 -24.54 2.94
C ALA D 789 -58.00 -25.60 3.78
N GLN D 790 -57.82 -25.35 5.08
CA GLN D 790 -57.24 -26.36 5.96
C GLN D 790 -58.17 -27.57 6.07
N LYS D 791 -59.48 -27.33 6.09
CA LYS D 791 -60.44 -28.40 6.29
C LYS D 791 -60.61 -29.24 5.01
N ASP D 792 -60.70 -28.58 3.85
CA ASP D 792 -60.91 -29.24 2.57
C ASP D 792 -59.81 -28.82 1.61
N PRO D 793 -58.62 -29.43 1.71
CA PRO D 793 -57.51 -29.00 0.84
C PRO D 793 -57.74 -29.34 -0.63
N GLN D 794 -58.55 -30.36 -0.92
CA GLN D 794 -58.79 -30.72 -2.32
C GLN D 794 -59.66 -29.68 -3.01
N LYS D 795 -60.64 -29.12 -2.30
CA LYS D 795 -61.51 -28.12 -2.91
C LYS D 795 -60.76 -26.81 -3.16
N TYR D 796 -59.86 -26.44 -2.26
CA TYR D 796 -59.16 -25.16 -2.33
C TYR D 796 -57.71 -25.30 -2.77
N ARG D 797 -57.39 -26.31 -3.57
CA ARG D 797 -55.98 -26.57 -3.87
C ARG D 797 -55.34 -25.48 -4.72
N ASN D 798 -56.13 -24.54 -5.27
CA ASN D 798 -55.58 -23.44 -6.05
C ASN D 798 -55.42 -22.17 -5.22
N LEU D 799 -55.55 -22.26 -3.90
CA LEU D 799 -55.39 -21.09 -3.05
C LEU D 799 -53.92 -20.72 -2.95
N ILE D 800 -53.62 -19.44 -3.15
CA ILE D 800 -52.26 -18.91 -3.16
C ILE D 800 -52.13 -17.86 -2.07
N VAL D 801 -51.10 -18.00 -1.24
CA VAL D 801 -50.85 -17.08 -0.13
C VAL D 801 -49.40 -16.64 -0.14
N ARG D 802 -49.16 -15.41 0.33
CA ARG D 802 -47.81 -14.86 0.43
C ARG D 802 -47.21 -15.31 1.76
N ILE D 803 -46.04 -15.96 1.68
CA ILE D 803 -45.43 -16.59 2.84
C ILE D 803 -44.26 -15.76 3.33
N ALA D 804 -43.18 -15.72 2.55
CA ALA D 804 -41.97 -14.99 2.96
C ALA D 804 -41.12 -14.77 1.70
N GLY D 805 -41.37 -13.66 1.01
CA GLY D 805 -40.70 -13.40 -0.25
C GLY D 805 -41.32 -14.07 -1.45
N TYR D 806 -42.25 -15.01 -1.25
CA TYR D 806 -42.82 -15.78 -2.35
C TYR D 806 -44.23 -16.19 -1.98
N SER D 807 -45.00 -16.53 -3.01
CA SER D 807 -46.34 -17.08 -2.83
C SER D 807 -46.31 -18.56 -3.15
N ALA D 808 -47.21 -19.31 -2.54
CA ALA D 808 -47.24 -20.75 -2.74
C ALA D 808 -48.68 -21.23 -2.59
N TYR D 809 -48.89 -22.49 -2.96
CA TYR D 809 -50.20 -23.11 -2.78
C TYR D 809 -50.36 -23.50 -1.32
N PHE D 810 -51.44 -23.01 -0.71
CA PHE D 810 -51.63 -23.16 0.73
C PHE D 810 -51.70 -24.63 1.14
N VAL D 811 -52.24 -25.50 0.30
CA VAL D 811 -52.38 -26.90 0.66
C VAL D 811 -51.03 -27.62 0.63
N ASP D 812 -50.03 -27.06 -0.05
CA ASP D 812 -48.69 -27.65 -0.09
C ASP D 812 -47.90 -27.44 1.18
N LEU D 813 -48.40 -26.64 2.12
CA LEU D 813 -47.66 -26.28 3.32
C LEU D 813 -47.96 -27.25 4.46
N THR D 814 -46.96 -27.47 5.30
CA THR D 814 -47.16 -28.29 6.49
C THR D 814 -48.14 -27.60 7.45
N PRO D 815 -48.80 -28.37 8.33
CA PRO D 815 -49.70 -27.75 9.31
C PRO D 815 -49.04 -26.66 10.14
N ASP D 816 -47.77 -26.83 10.50
CA ASP D 816 -47.08 -25.81 11.28
C ASP D 816 -47.04 -24.47 10.56
N LEU D 817 -46.66 -24.49 9.27
CA LEU D 817 -46.57 -23.24 8.51
C LEU D 817 -47.95 -22.66 8.22
N GLN D 818 -48.95 -23.51 7.99
CA GLN D 818 -50.32 -23.01 7.82
C GLN D 818 -50.79 -22.27 9.07
N ASN D 819 -50.45 -22.79 10.25
CA ASN D 819 -50.83 -22.12 11.49
C ASN D 819 -50.15 -20.76 11.62
N ASP D 820 -48.91 -20.64 11.15
CA ASP D 820 -48.25 -19.34 11.09
C ASP D 820 -49.03 -18.37 10.22
N LEU D 821 -49.40 -18.80 9.01
CA LEU D 821 -50.19 -17.95 8.11
C LEU D 821 -51.51 -17.56 8.74
N ILE D 822 -52.17 -18.52 9.40
CA ILE D 822 -53.48 -18.27 10.01
C ILE D 822 -53.34 -17.34 11.21
N ALA D 823 -52.29 -17.50 12.00
CA ALA D 823 -52.12 -16.71 13.21
C ALA D 823 -51.70 -15.28 12.95
N ARG D 824 -51.26 -14.96 11.74
CA ARG D 824 -50.92 -13.58 11.43
C ARG D 824 -52.17 -12.70 11.50
N THR D 825 -52.02 -11.53 12.12
CA THR D 825 -53.15 -10.62 12.28
C THR D 825 -53.69 -10.17 10.94
N GLY D 826 -54.99 -10.36 10.74
CA GLY D 826 -55.66 -9.82 9.58
C GLY D 826 -56.26 -8.47 9.92
N HIS D 827 -55.61 -7.40 9.48
CA HIS D 827 -56.03 -6.05 9.83
C HIS D 827 -57.27 -5.67 9.03
N ASP D 828 -58.35 -5.36 9.73
CA ASP D 828 -59.62 -4.96 9.13
C ASP D 828 -59.71 -3.47 8.86
N GLN D 829 -58.80 -2.67 9.43
CA GLN D 829 -58.79 -1.23 9.25
C GLN D 829 -57.37 -0.72 9.19
N MET D 830 -57.19 0.41 8.51
CA MET D 830 -55.89 1.07 8.44
C MET D 830 -55.88 2.44 9.10
#